data_3NM3
#
_entry.id   3NM3
#
_cell.length_a   105.191
_cell.length_b   154.602
_cell.length_c   148.650
_cell.angle_alpha   90.00
_cell.angle_beta   102.10
_cell.angle_gamma   90.00
#
_symmetry.space_group_name_H-M   'P 1 21 1'
#
loop_
_entity.id
_entity.type
_entity.pdbx_description
1 polymer 'Thiamine biosynthetic bifunctional enzyme'
2 non-polymer 'MAGNESIUM ION'
3 non-polymer 'THIAMIN PHOSPHATE'
4 non-polymer 'PYROPHOSPHATE 2-'
#
_entity_poly.entity_id   1
_entity_poly.type   'polypeptide(L)'
_entity_poly.pdbx_seq_one_letter_code
;MKFSKEQFDYSLYLVTDSGMIPEGKTLYGQVEAGLQNGVTLVQIREKDADTKFFIEEALQIKELCHAHNVPLIINDRIDV
AMAIGADGIHVGQDDMPIPMIRKLVGPDMVIGWSVGFPEEVDELSKMGPDMVDYIGVGTLFPTLTKKNPKKAPMGTAGAI
RVLDALERNNAHWCRTVGIGGLHPDNIERVLYQCVSSNGKRSLDGICVVSDIIASLDAAKSTKILRGLIDKTDYKFVNIG
LSTKNSLTTTDEIQSIISNTLKARPLVQHITNKVHQNFGANVTLALGSSPIMSEIQSEVNDLAAIPHATLLLNTGSVAPP
EMLKAAIRAYNDVKRPIVFDPVGYSATETRLLLNNKLLTFGQFSCIKGNSSEILGLAELNKERMKGVDASSGISNELLIQ
ATKIVAFKYKTVAVCTGEFDFIADGTIEGKYSLSKGTNGTSVEDIPCVAVEAGPIEIMGDITASGCSLGSTIACMIGGQP
SEGNLFHAVVAGVMLYKAAGKIASEKCNGSGSFQVELIDALYRLTRENTPVTWAPKLTHT
;
_entity_poly.pdbx_strand_id   A,B,C,D,E,F
#
loop_
_chem_comp.id
_chem_comp.type
_chem_comp.name
_chem_comp.formula
MG non-polymer 'MAGNESIUM ION' 'Mg 2'
POP non-polymer 'PYROPHOSPHATE 2-' 'H2 O7 P2 -2'
TPS non-polymer 'THIAMIN PHOSPHATE' 'C12 H18 N4 O4 P S 1'
#
# COMPACT_ATOMS: atom_id res chain seq x y z
N LYS A 2 23.94 21.32 -47.20
CA LYS A 2 22.55 21.45 -47.56
C LYS A 2 22.16 20.38 -48.58
N PHE A 3 20.92 19.91 -48.49
CA PHE A 3 20.44 18.89 -49.43
C PHE A 3 19.25 19.42 -50.23
N SER A 4 18.92 18.70 -51.29
CA SER A 4 17.76 19.03 -52.11
C SER A 4 16.69 17.97 -51.94
N LYS A 5 15.42 18.38 -51.96
CA LYS A 5 14.29 17.49 -51.73
C LYS A 5 14.43 16.07 -52.29
N GLU A 6 15.16 15.92 -53.40
CA GLU A 6 15.26 14.64 -54.11
C GLU A 6 16.52 13.83 -53.77
N GLN A 7 17.36 14.40 -52.91
CA GLN A 7 18.60 13.76 -52.49
C GLN A 7 18.37 12.94 -51.24
N PHE A 8 17.17 13.04 -50.71
CA PHE A 8 16.75 12.36 -49.48
C PHE A 8 16.55 10.86 -49.67
N ASP A 9 17.41 10.07 -49.00
CA ASP A 9 17.27 8.62 -49.03
C ASP A 9 16.51 8.12 -47.80
N TYR A 10 15.25 7.74 -47.99
CA TYR A 10 14.41 7.31 -46.89
C TYR A 10 14.57 5.81 -46.56
N SER A 11 15.58 5.17 -47.15
CA SER A 11 15.80 3.74 -46.95
C SER A 11 15.57 3.29 -45.50
N LEU A 12 16.58 3.41 -44.68
CA LEU A 12 16.48 3.09 -43.25
C LEU A 12 16.58 4.38 -42.41
N TYR A 13 15.42 4.87 -41.99
CA TYR A 13 15.26 6.19 -41.39
C TYR A 13 15.27 6.04 -39.86
N LEU A 14 16.32 6.55 -39.21
CA LEU A 14 16.50 6.38 -37.77
C LEU A 14 16.06 7.58 -36.91
N VAL A 15 14.94 7.41 -36.20
CA VAL A 15 14.46 8.41 -35.27
C VAL A 15 15.06 8.10 -33.92
N THR A 16 15.47 9.14 -33.18
CA THR A 16 16.19 8.92 -31.93
C THR A 16 15.31 8.89 -30.69
N ASP A 17 15.93 8.57 -29.57
CA ASP A 17 15.27 8.62 -28.27
C ASP A 17 16.38 8.52 -27.24
N SER A 18 16.50 9.53 -26.39
CA SER A 18 17.66 9.59 -25.52
C SER A 18 17.48 8.79 -24.24
N GLY A 19 16.23 8.57 -23.82
CA GLY A 19 15.95 7.84 -22.61
C GLY A 19 15.51 6.42 -22.86
N MET A 20 16.41 5.63 -23.43
CA MET A 20 16.13 4.26 -23.82
C MET A 20 17.46 3.57 -24.10
N ILE A 21 18.53 4.34 -23.94
CA ILE A 21 19.88 3.88 -24.22
C ILE A 21 20.43 3.03 -23.08
N PRO A 22 21.03 1.89 -23.43
CA PRO A 22 21.58 0.94 -22.47
C PRO A 22 22.78 1.53 -21.76
N GLU A 23 22.88 1.30 -20.45
CA GLU A 23 23.95 1.82 -19.64
C GLU A 23 25.32 1.47 -20.24
N GLY A 24 26.16 2.48 -20.40
CA GLY A 24 27.49 2.31 -20.97
C GLY A 24 27.60 2.67 -22.43
N LYS A 25 26.65 3.47 -22.92
CA LYS A 25 26.64 3.90 -24.31
C LYS A 25 26.06 5.30 -24.39
N THR A 26 26.13 5.92 -25.56
CA THR A 26 25.57 7.26 -25.75
C THR A 26 24.65 7.33 -26.96
N LEU A 27 23.89 8.42 -27.05
CA LEU A 27 23.10 8.68 -28.26
C LEU A 27 24.07 8.91 -29.42
N TYR A 28 25.09 9.72 -29.20
CA TYR A 28 26.11 9.91 -30.21
C TYR A 28 26.62 8.54 -30.63
N GLY A 29 26.95 7.72 -29.65
CA GLY A 29 27.51 6.39 -29.90
C GLY A 29 26.66 5.54 -30.81
N GLN A 30 25.38 5.39 -30.47
CA GLN A 30 24.47 4.58 -31.27
C GLN A 30 24.27 5.15 -32.67
N VAL A 31 23.84 6.40 -32.74
CA VAL A 31 23.60 7.04 -34.02
C VAL A 31 24.81 7.00 -34.94
N GLU A 32 26.01 6.89 -34.38
CA GLU A 32 27.17 6.74 -35.24
C GLU A 32 27.23 5.31 -35.77
N ALA A 33 27.07 4.35 -34.86
CA ALA A 33 27.10 2.94 -35.20
C ALA A 33 26.05 2.59 -36.26
N GLY A 34 25.00 3.41 -36.33
CA GLY A 34 23.95 3.21 -37.31
C GLY A 34 24.25 3.91 -38.63
N LEU A 35 25.13 4.91 -38.58
CA LEU A 35 25.50 5.67 -39.77
C LEU A 35 26.58 4.94 -40.56
N GLN A 36 27.30 4.03 -39.90
CA GLN A 36 28.36 3.28 -40.54
C GLN A 36 27.84 1.96 -41.10
N ASN A 37 26.52 1.81 -41.13
CA ASN A 37 25.89 0.59 -41.64
C ASN A 37 24.49 0.79 -42.24
N GLY A 38 24.18 2.01 -42.66
CA GLY A 38 22.85 2.33 -43.15
C GLY A 38 22.34 3.64 -42.56
N VAL A 39 21.41 3.52 -41.61
CA VAL A 39 20.73 4.68 -41.02
C VAL A 39 20.79 5.88 -41.97
N THR A 40 20.37 5.66 -43.20
CA THR A 40 20.54 6.60 -44.30
C THR A 40 19.83 7.95 -44.13
N LEU A 41 19.09 8.12 -43.04
CA LEU A 41 18.42 9.38 -42.72
C LEU A 41 18.19 9.45 -41.21
N VAL A 42 18.26 10.64 -40.61
CA VAL A 42 18.13 10.77 -39.15
C VAL A 42 17.19 11.88 -38.66
N GLN A 43 16.31 11.52 -37.73
CA GLN A 43 15.47 12.48 -37.03
C GLN A 43 15.88 12.58 -35.57
N ILE A 44 15.86 13.78 -35.01
CA ILE A 44 16.12 13.97 -33.59
C ILE A 44 14.78 14.10 -32.90
N ARG A 45 14.63 13.39 -31.79
CA ARG A 45 13.36 13.37 -31.09
C ARG A 45 13.60 13.64 -29.62
N GLU A 46 13.11 14.79 -29.16
CA GLU A 46 13.30 15.20 -27.77
C GLU A 46 12.14 16.06 -27.31
N LYS A 47 11.19 15.44 -26.64
CA LYS A 47 10.00 16.15 -26.21
C LYS A 47 9.87 16.07 -24.71
N ASP A 48 11.01 16.07 -24.03
CA ASP A 48 11.04 16.08 -22.57
C ASP A 48 12.23 16.88 -22.10
N ALA A 49 13.17 17.13 -23.01
CA ALA A 49 14.39 17.83 -22.68
C ALA A 49 14.22 19.36 -22.77
N ASP A 50 15.06 20.08 -22.02
CA ASP A 50 15.14 21.54 -22.08
C ASP A 50 15.51 21.99 -23.49
N THR A 51 14.85 23.05 -23.98
CA THR A 51 15.01 23.44 -25.39
C THR A 51 16.42 24.00 -25.68
N LYS A 52 17.33 23.84 -24.73
CA LYS A 52 18.70 24.29 -24.93
C LYS A 52 19.66 23.10 -24.92
N PHE A 53 19.44 22.14 -24.02
CA PHE A 53 20.17 20.88 -24.09
C PHE A 53 19.86 20.27 -25.47
N PHE A 54 18.65 20.52 -25.95
CA PHE A 54 18.20 20.10 -27.27
C PHE A 54 19.15 20.64 -28.34
N ILE A 55 19.10 21.94 -28.56
CA ILE A 55 19.96 22.62 -29.53
C ILE A 55 21.43 22.18 -29.47
N GLU A 56 21.95 21.92 -28.27
CA GLU A 56 23.32 21.46 -28.14
C GLU A 56 23.47 20.07 -28.75
N GLU A 57 22.60 19.17 -28.32
CA GLU A 57 22.65 17.78 -28.74
C GLU A 57 22.23 17.66 -30.19
N ALA A 58 21.61 18.70 -30.72
CA ALA A 58 21.13 18.71 -32.10
C ALA A 58 22.25 19.12 -33.06
N LEU A 59 23.06 20.09 -32.67
CA LEU A 59 24.21 20.47 -33.49
C LEU A 59 25.34 19.48 -33.36
N GLN A 60 25.48 18.91 -32.17
CA GLN A 60 26.56 17.96 -31.90
C GLN A 60 26.37 16.70 -32.73
N ILE A 61 25.11 16.40 -33.08
CA ILE A 61 24.77 15.24 -33.90
C ILE A 61 24.73 15.56 -35.40
N LYS A 62 24.49 16.82 -35.74
CA LYS A 62 24.48 17.24 -37.15
C LYS A 62 25.88 17.18 -37.78
N GLU A 63 26.92 17.31 -36.96
CA GLU A 63 28.29 17.15 -37.44
C GLU A 63 28.55 15.69 -37.79
N LEU A 64 27.91 14.79 -37.04
CA LEU A 64 28.06 13.37 -37.25
C LEU A 64 27.29 12.96 -38.51
N CYS A 65 26.06 13.42 -38.62
CA CYS A 65 25.22 13.17 -39.78
C CYS A 65 25.84 13.74 -41.05
N HIS A 66 25.96 15.06 -41.09
CA HIS A 66 26.54 15.75 -42.24
C HIS A 66 27.92 15.19 -42.65
N ALA A 67 28.69 14.69 -41.69
CA ALA A 67 29.94 14.01 -41.99
C ALA A 67 29.69 12.84 -42.93
N HIS A 68 28.85 11.91 -42.49
CA HIS A 68 28.50 10.74 -43.31
C HIS A 68 27.55 11.12 -44.45
N ASN A 69 27.33 12.42 -44.65
CA ASN A 69 26.55 12.92 -45.77
C ASN A 69 25.06 12.56 -45.74
N VAL A 70 24.54 12.30 -44.55
CA VAL A 70 23.10 12.07 -44.37
C VAL A 70 22.41 13.29 -43.71
N PRO A 71 21.21 13.64 -44.19
CA PRO A 71 20.47 14.80 -43.66
C PRO A 71 20.11 14.65 -42.17
N LEU A 72 19.58 15.73 -41.59
CA LEU A 72 19.08 15.71 -40.22
C LEU A 72 17.70 16.38 -40.12
N ILE A 73 16.74 15.65 -39.58
CA ILE A 73 15.37 16.12 -39.44
C ILE A 73 15.04 16.30 -37.96
N ILE A 74 14.34 17.37 -37.61
CA ILE A 74 13.99 17.61 -36.22
C ILE A 74 12.49 17.45 -35.97
N ASN A 75 12.14 16.93 -34.80
CA ASN A 75 10.76 16.71 -34.41
C ASN A 75 10.57 17.18 -32.99
N ASP A 76 9.63 18.09 -32.77
CA ASP A 76 8.81 18.68 -33.82
C ASP A 76 8.78 20.19 -33.55
N ARG A 77 9.96 20.70 -33.19
CA ARG A 77 10.11 22.11 -32.85
C ARG A 77 10.71 22.87 -34.03
N ILE A 78 9.87 23.65 -34.69
CA ILE A 78 10.26 24.42 -35.87
C ILE A 78 11.38 25.39 -35.56
N ASP A 79 11.36 25.97 -34.36
CA ASP A 79 12.40 26.92 -33.95
C ASP A 79 13.79 26.27 -33.80
N VAL A 80 13.92 25.26 -32.96
CA VAL A 80 15.17 24.50 -32.91
C VAL A 80 15.54 24.06 -34.32
N ALA A 81 14.54 24.10 -35.20
CA ALA A 81 14.70 23.67 -36.57
C ALA A 81 15.27 24.77 -37.45
N MET A 82 14.67 25.96 -37.40
CA MET A 82 15.21 27.08 -38.15
C MET A 82 16.56 27.47 -37.59
N ALA A 83 16.61 27.57 -36.26
CA ALA A 83 17.79 28.02 -35.54
C ALA A 83 19.07 27.22 -35.78
N ILE A 84 18.99 25.90 -35.84
CA ILE A 84 20.22 25.13 -35.99
C ILE A 84 20.47 24.74 -37.43
N GLY A 85 19.83 25.42 -38.37
CA GLY A 85 19.99 25.13 -39.79
C GLY A 85 19.74 23.67 -40.13
N ALA A 86 18.55 23.18 -39.80
CA ALA A 86 18.19 21.79 -40.01
C ALA A 86 17.87 21.51 -41.47
N ASP A 87 17.84 20.23 -41.83
CA ASP A 87 17.49 19.80 -43.18
C ASP A 87 15.99 19.63 -43.34
N GLY A 88 15.34 19.27 -42.24
CA GLY A 88 13.92 18.98 -42.29
C GLY A 88 13.26 18.85 -40.94
N ILE A 89 11.93 18.94 -40.94
CA ILE A 89 11.17 18.89 -39.72
C ILE A 89 9.96 17.98 -39.89
N HIS A 90 9.80 17.03 -38.97
CA HIS A 90 8.67 16.13 -38.97
C HIS A 90 7.66 16.62 -37.93
N VAL A 91 6.54 17.15 -38.38
CA VAL A 91 5.50 17.51 -37.45
C VAL A 91 4.44 16.41 -37.44
N GLY A 92 3.54 16.49 -36.48
CA GLY A 92 2.47 15.53 -36.34
C GLY A 92 1.10 16.16 -36.49
N GLN A 93 0.06 15.40 -36.17
CA GLN A 93 -1.29 15.85 -36.45
C GLN A 93 -1.75 16.89 -35.44
N ASP A 94 -1.23 16.83 -34.22
CA ASP A 94 -1.67 17.76 -33.18
C ASP A 94 -0.65 18.86 -32.94
N ASP A 95 0.38 18.86 -33.77
CA ASP A 95 1.38 19.92 -33.75
C ASP A 95 0.90 21.08 -34.61
N MET A 96 1.83 21.86 -35.15
CA MET A 96 1.49 23.06 -35.91
C MET A 96 1.05 22.78 -37.35
N PRO A 97 -0.05 23.43 -37.80
CA PRO A 97 -0.61 23.37 -39.16
C PRO A 97 0.48 23.51 -40.21
N ILE A 98 0.32 22.86 -41.35
CA ILE A 98 1.41 22.83 -42.34
C ILE A 98 1.55 24.10 -43.18
N PRO A 99 0.42 24.75 -43.54
CA PRO A 99 0.54 26.07 -44.18
C PRO A 99 1.41 27.05 -43.36
N MET A 100 1.20 27.13 -42.05
CA MET A 100 1.99 27.98 -41.18
C MET A 100 3.48 27.66 -41.23
N ILE A 101 3.81 26.38 -41.03
CA ILE A 101 5.19 25.93 -41.02
C ILE A 101 5.92 26.32 -42.29
N ARG A 102 5.28 26.08 -43.43
CA ARG A 102 5.85 26.44 -44.72
C ARG A 102 6.11 27.94 -44.78
N LYS A 103 5.20 28.74 -44.25
CA LYS A 103 5.37 30.19 -44.29
C LYS A 103 6.60 30.68 -43.51
N LEU A 104 6.91 30.04 -42.38
CA LEU A 104 8.07 30.44 -41.57
C LEU A 104 9.37 29.87 -42.12
N VAL A 105 9.34 28.62 -42.57
CA VAL A 105 10.53 27.97 -43.09
C VAL A 105 10.78 28.26 -44.57
N GLY A 106 9.70 28.56 -45.31
CA GLY A 106 9.79 28.75 -46.76
C GLY A 106 10.24 27.49 -47.47
N PRO A 107 9.95 27.37 -48.77
CA PRO A 107 10.26 26.17 -49.56
C PRO A 107 11.73 25.75 -49.52
N ASP A 108 12.03 24.52 -49.95
CA ASP A 108 13.39 23.95 -49.92
C ASP A 108 13.68 23.09 -48.69
N MET A 109 12.84 23.21 -47.66
CA MET A 109 12.98 22.38 -46.47
C MET A 109 11.91 21.29 -46.42
N VAL A 110 12.34 20.10 -46.05
CA VAL A 110 11.50 18.91 -45.99
C VAL A 110 10.52 18.88 -44.82
N ILE A 111 9.24 18.75 -45.10
CA ILE A 111 8.22 18.66 -44.04
C ILE A 111 7.62 17.26 -43.96
N GLY A 112 7.92 16.54 -42.88
CA GLY A 112 7.29 15.24 -42.64
C GLY A 112 5.98 15.37 -41.88
N TRP A 113 4.95 14.63 -42.29
CA TRP A 113 3.66 14.67 -41.60
C TRP A 113 3.27 13.27 -41.16
N SER A 114 2.77 13.16 -39.94
CA SER A 114 2.30 11.88 -39.43
C SER A 114 0.85 11.65 -39.87
N VAL A 115 0.67 10.60 -40.69
CA VAL A 115 -0.62 10.28 -41.28
C VAL A 115 -1.04 8.85 -40.99
N GLY A 116 -2.18 8.67 -40.34
CA GLY A 116 -2.66 7.34 -40.01
C GLY A 116 -3.87 6.93 -40.83
N PHE A 117 -4.59 7.93 -41.33
CA PHE A 117 -5.88 7.73 -42.00
C PHE A 117 -5.87 8.34 -43.40
N PRO A 118 -6.62 7.72 -44.31
CA PRO A 118 -6.77 8.15 -45.70
C PRO A 118 -7.24 9.59 -45.80
N GLU A 119 -8.25 9.94 -45.01
CA GLU A 119 -8.78 11.29 -44.96
C GLU A 119 -7.67 12.33 -44.94
N GLU A 120 -6.67 12.10 -44.09
CA GLU A 120 -5.58 13.07 -43.88
C GLU A 120 -4.70 13.18 -45.12
N VAL A 121 -4.81 12.21 -46.03
CA VAL A 121 -4.16 12.33 -47.31
C VAL A 121 -4.96 13.28 -48.19
N ASP A 122 -6.27 13.37 -47.94
CA ASP A 122 -7.15 14.28 -48.68
C ASP A 122 -6.86 15.76 -48.40
N GLU A 123 -6.65 16.13 -47.13
CA GLU A 123 -6.21 17.49 -46.79
C GLU A 123 -4.79 17.72 -47.31
N LEU A 124 -3.94 16.71 -47.14
CA LEU A 124 -2.53 16.77 -47.52
C LEU A 124 -2.38 17.18 -48.97
N SER A 125 -3.39 16.80 -49.76
CA SER A 125 -3.34 16.98 -51.21
C SER A 125 -4.26 18.09 -51.71
N LYS A 126 -5.14 18.57 -50.84
CA LYS A 126 -5.87 19.80 -51.14
C LYS A 126 -4.91 21.00 -50.95
N MET A 127 -3.71 20.71 -50.47
CA MET A 127 -2.70 21.75 -50.19
C MET A 127 -1.61 21.87 -51.27
N GLY A 128 -1.42 20.82 -52.06
CA GLY A 128 -0.53 20.90 -53.20
C GLY A 128 0.92 20.56 -52.92
N PRO A 129 1.78 20.68 -53.95
CA PRO A 129 3.21 20.30 -53.94
C PRO A 129 4.04 21.32 -53.18
N ASP A 130 5.17 20.89 -52.64
CA ASP A 130 6.00 21.78 -51.83
C ASP A 130 5.41 22.00 -50.43
N MET A 131 4.18 21.51 -50.21
CA MET A 131 3.60 21.56 -48.87
C MET A 131 4.14 20.39 -48.04
N VAL A 132 3.51 19.22 -48.10
CA VAL A 132 4.10 18.06 -47.46
C VAL A 132 5.07 17.36 -48.42
N ASP A 133 6.15 16.81 -47.88
CA ASP A 133 7.18 16.26 -48.74
C ASP A 133 7.39 14.78 -48.48
N TYR A 134 6.84 14.31 -47.36
CA TYR A 134 6.85 12.90 -47.01
C TYR A 134 5.93 12.67 -45.83
N ILE A 135 5.39 11.46 -45.71
CA ILE A 135 4.61 11.11 -44.53
C ILE A 135 5.04 9.77 -43.95
N GLY A 136 5.00 9.71 -42.63
CA GLY A 136 5.25 8.49 -41.89
C GLY A 136 3.91 7.88 -41.56
N VAL A 137 3.68 6.66 -42.04
CA VAL A 137 2.36 6.05 -41.94
C VAL A 137 2.07 5.49 -40.57
N GLY A 138 0.96 5.98 -40.00
CA GLY A 138 0.33 5.57 -38.74
C GLY A 138 1.20 4.90 -37.71
N THR A 139 0.62 4.01 -36.92
CA THR A 139 1.42 3.09 -36.12
C THR A 139 1.07 1.71 -36.64
N LEU A 140 2.07 0.96 -37.09
CA LEU A 140 1.79 -0.32 -37.74
C LEU A 140 1.52 -1.41 -36.72
N PHE A 141 2.46 -1.57 -35.80
CA PHE A 141 2.34 -2.58 -34.76
C PHE A 141 2.50 -1.93 -33.38
N PRO A 142 2.11 -2.65 -32.32
CA PRO A 142 2.14 -2.07 -30.98
C PRO A 142 3.56 -1.64 -30.61
N THR A 143 3.68 -0.56 -29.85
CA THR A 143 4.98 -0.08 -29.39
C THR A 143 4.93 0.55 -28.00
N LEU A 144 6.07 0.57 -27.32
CA LEU A 144 6.16 1.17 -25.99
C LEU A 144 6.91 2.50 -26.03
N THR A 145 7.27 2.96 -27.21
CA THR A 145 8.15 4.10 -27.34
C THR A 145 7.41 5.42 -27.41
N LYS A 146 6.21 5.38 -27.97
CA LYS A 146 5.35 6.55 -28.09
C LYS A 146 4.32 6.56 -26.95
N LYS A 147 4.33 7.61 -26.12
CA LYS A 147 3.69 7.56 -24.79
C LYS A 147 2.18 7.89 -24.67
N ASN A 148 1.59 8.53 -25.67
CA ASN A 148 0.17 8.86 -25.58
C ASN A 148 -0.69 8.10 -26.60
N PRO A 153 -2.51 0.67 -33.23
CA PRO A 153 -2.08 -0.30 -34.22
C PRO A 153 -3.10 -0.44 -35.33
N MET A 154 -2.62 -0.50 -36.57
CA MET A 154 -3.49 -0.62 -37.74
C MET A 154 -3.00 -1.73 -38.67
N GLY A 155 -1.72 -2.05 -38.57
CA GLY A 155 -1.13 -3.09 -39.41
C GLY A 155 -0.92 -2.74 -40.87
N THR A 156 -0.47 -3.71 -41.66
CA THR A 156 -0.28 -3.50 -43.10
C THR A 156 -1.55 -3.04 -43.83
N ALA A 157 -2.70 -3.57 -43.46
CA ALA A 157 -3.97 -3.18 -44.08
C ALA A 157 -4.26 -1.68 -43.92
N GLY A 158 -3.79 -1.11 -42.83
CA GLY A 158 -4.04 0.29 -42.50
C GLY A 158 -3.21 1.20 -43.38
N ALA A 159 -1.96 0.82 -43.58
CA ALA A 159 -1.06 1.53 -44.50
C ALA A 159 -1.61 1.54 -45.93
N ILE A 160 -2.01 0.37 -46.43
CA ILE A 160 -2.53 0.22 -47.79
C ILE A 160 -3.64 1.18 -48.16
N ARG A 161 -4.61 1.36 -47.28
CA ARG A 161 -5.68 2.34 -47.52
C ARG A 161 -5.09 3.74 -47.64
N VAL A 162 -3.92 3.94 -47.07
CA VAL A 162 -3.24 5.23 -47.18
C VAL A 162 -2.51 5.35 -48.53
N LEU A 163 -1.57 4.46 -48.80
CA LEU A 163 -0.90 4.42 -50.09
C LEU A 163 -1.90 4.53 -51.24
N ASP A 164 -3.12 4.07 -51.03
CA ASP A 164 -4.14 4.14 -52.07
C ASP A 164 -4.74 5.53 -52.25
N ALA A 165 -4.83 6.30 -51.17
CA ALA A 165 -5.30 7.67 -51.26
C ALA A 165 -4.21 8.55 -51.86
N LEU A 166 -2.96 8.13 -51.71
CA LEU A 166 -1.85 8.84 -52.34
C LEU A 166 -1.86 8.64 -53.85
N GLU A 167 -2.85 7.88 -54.32
CA GLU A 167 -2.94 7.55 -55.73
C GLU A 167 -4.20 8.16 -56.31
N ARG A 168 -5.31 7.85 -55.68
CA ARG A 168 -6.59 8.47 -56.02
C ARG A 168 -6.47 9.99 -56.02
N ASN A 169 -5.48 10.51 -55.30
CA ASN A 169 -5.26 11.96 -55.22
C ASN A 169 -4.10 12.42 -56.11
N ASN A 170 -3.46 11.48 -56.78
CA ASN A 170 -2.20 11.75 -57.44
C ASN A 170 -1.32 12.69 -56.64
N ALA A 171 -0.75 12.17 -55.57
CA ALA A 171 0.25 12.90 -54.82
C ALA A 171 1.57 12.22 -55.15
N HIS A 172 2.02 12.45 -56.38
CA HIS A 172 3.29 11.92 -56.82
C HIS A 172 4.41 12.49 -55.98
N TRP A 173 4.14 13.62 -55.32
CA TRP A 173 5.17 14.45 -54.70
C TRP A 173 5.46 14.12 -53.22
N CYS A 174 4.60 13.30 -52.63
CA CYS A 174 4.72 12.91 -51.24
C CYS A 174 5.33 11.50 -51.10
N ARG A 175 6.50 11.38 -50.48
CA ARG A 175 7.12 10.07 -50.25
C ARG A 175 6.56 9.45 -48.96
N THR A 176 6.88 8.18 -48.70
CA THR A 176 6.34 7.50 -47.51
C THR A 176 7.35 6.63 -46.75
N VAL A 177 7.30 6.68 -45.43
CA VAL A 177 7.97 5.67 -44.59
C VAL A 177 6.97 5.02 -43.67
N GLY A 178 7.16 3.73 -43.44
CA GLY A 178 6.30 3.00 -42.53
C GLY A 178 6.95 3.08 -41.18
N ILE A 179 6.16 3.10 -40.11
CA ILE A 179 6.75 3.25 -38.79
C ILE A 179 5.89 2.65 -37.68
N GLY A 180 6.56 2.21 -36.63
CA GLY A 180 5.87 1.75 -35.44
C GLY A 180 5.93 0.25 -35.19
N GLY A 181 6.91 -0.16 -34.39
CA GLY A 181 6.93 -1.50 -33.85
C GLY A 181 7.76 -2.42 -34.71
N LEU A 182 8.44 -1.82 -35.67
CA LEU A 182 9.19 -2.56 -36.69
C LEU A 182 10.45 -3.23 -36.16
N HIS A 183 10.60 -4.51 -36.48
CA HIS A 183 11.73 -5.30 -36.04
C HIS A 183 12.03 -6.34 -37.10
N PRO A 184 13.13 -7.08 -36.94
CA PRO A 184 13.48 -8.16 -37.88
C PRO A 184 12.32 -9.13 -38.13
N ASP A 185 11.63 -9.52 -37.06
CA ASP A 185 10.60 -10.54 -37.13
C ASP A 185 9.43 -10.15 -38.04
N ASN A 186 9.29 -8.86 -38.34
CA ASN A 186 8.17 -8.44 -39.19
C ASN A 186 8.45 -7.36 -40.25
N ILE A 187 9.70 -6.98 -40.40
CA ILE A 187 10.07 -5.96 -41.40
C ILE A 187 9.71 -6.41 -42.83
N GLU A 188 10.19 -7.58 -43.22
CA GLU A 188 9.97 -8.08 -44.56
C GLU A 188 8.48 -8.14 -44.91
N ARG A 189 7.68 -8.76 -44.04
CA ARG A 189 6.24 -8.79 -44.24
C ARG A 189 5.66 -7.40 -44.52
N VAL A 190 6.06 -6.42 -43.71
CA VAL A 190 5.59 -5.04 -43.87
C VAL A 190 5.93 -4.51 -45.25
N LEU A 191 7.21 -4.55 -45.58
CA LEU A 191 7.71 -4.10 -46.87
C LEU A 191 6.94 -4.74 -48.03
N TYR A 192 6.67 -6.02 -47.86
CA TYR A 192 6.07 -6.92 -48.85
C TYR A 192 4.60 -6.66 -49.22
N GLN A 193 3.77 -6.35 -48.22
CA GLN A 193 2.35 -6.12 -48.46
C GLN A 193 1.92 -4.65 -48.33
N CYS A 194 2.88 -3.80 -47.98
CA CYS A 194 2.60 -2.37 -47.92
C CYS A 194 2.79 -1.75 -49.29
N VAL A 195 1.93 -2.16 -50.22
CA VAL A 195 1.96 -1.68 -51.59
C VAL A 195 0.62 -1.05 -51.96
N SER A 196 0.59 -0.32 -53.05
CA SER A 196 -0.64 0.30 -53.50
C SER A 196 -1.52 -0.79 -54.11
N SER A 197 -2.82 -0.53 -54.22
CA SER A 197 -3.72 -1.50 -54.87
C SER A 197 -3.45 -1.60 -56.39
N ASN A 198 -2.95 -0.53 -56.99
CA ASN A 198 -2.56 -0.57 -58.40
C ASN A 198 -1.09 -0.95 -58.63
N GLY A 199 -0.44 -1.47 -57.59
CA GLY A 199 0.94 -1.92 -57.70
C GLY A 199 2.02 -0.88 -57.99
N LYS A 200 1.64 0.39 -58.08
CA LYS A 200 2.59 1.40 -58.53
C LYS A 200 3.34 2.14 -57.42
N ARG A 201 2.87 2.01 -56.19
CA ARG A 201 3.53 2.68 -55.07
C ARG A 201 3.79 1.71 -53.93
N SER A 202 4.89 1.92 -53.23
CA SER A 202 5.13 1.21 -51.97
C SER A 202 6.01 2.05 -51.02
N LEU A 203 6.35 1.46 -49.86
CA LEU A 203 7.07 2.19 -48.82
C LEU A 203 8.49 2.57 -49.26
N ASP A 204 8.75 3.86 -49.28
CA ASP A 204 10.08 4.36 -49.66
C ASP A 204 11.11 4.02 -48.59
N GLY A 205 10.64 3.76 -47.38
CA GLY A 205 11.55 3.39 -46.31
C GLY A 205 10.95 2.82 -45.03
N ILE A 206 11.84 2.35 -44.17
CA ILE A 206 11.47 1.82 -42.89
C ILE A 206 12.08 2.67 -41.77
N CYS A 207 11.28 2.96 -40.76
CA CYS A 207 11.62 3.90 -39.72
C CYS A 207 11.64 3.14 -38.40
N VAL A 208 12.80 3.06 -37.76
CA VAL A 208 12.84 2.39 -36.47
C VAL A 208 13.42 3.29 -35.40
N VAL A 209 13.03 3.02 -34.15
CA VAL A 209 13.65 3.69 -33.02
C VAL A 209 14.18 2.67 -32.00
N SER A 210 13.28 1.91 -31.38
CA SER A 210 13.67 0.97 -30.33
C SER A 210 14.64 -0.14 -30.77
N ASP A 211 14.79 -0.31 -32.07
CA ASP A 211 15.53 -1.45 -32.60
C ASP A 211 17.04 -1.20 -32.62
N ILE A 212 17.41 0.06 -32.71
CA ILE A 212 18.82 0.41 -32.78
C ILE A 212 19.25 1.15 -31.52
N ILE A 213 18.50 2.17 -31.11
CA ILE A 213 18.89 2.94 -29.94
C ILE A 213 19.04 2.04 -28.71
N ALA A 214 18.01 1.26 -28.41
CA ALA A 214 17.99 0.40 -27.24
C ALA A 214 18.71 -0.94 -27.47
N SER A 215 19.48 -1.01 -28.55
CA SER A 215 20.21 -2.23 -28.86
C SER A 215 21.48 -2.28 -28.03
N LEU A 216 21.80 -3.47 -27.52
CA LEU A 216 23.03 -3.65 -26.77
C LEU A 216 24.21 -3.54 -27.71
N ASP A 217 23.95 -3.69 -29.00
CA ASP A 217 24.99 -3.63 -30.02
C ASP A 217 24.44 -3.01 -31.30
N ALA A 218 24.50 -1.67 -31.39
CA ALA A 218 23.85 -0.94 -32.48
C ALA A 218 24.35 -1.34 -33.87
N ALA A 219 25.65 -1.61 -33.99
CA ALA A 219 26.22 -2.00 -35.27
C ALA A 219 25.49 -3.21 -35.85
N LYS A 220 25.50 -4.32 -35.10
CA LYS A 220 24.89 -5.57 -35.57
C LYS A 220 23.42 -5.37 -35.95
N SER A 221 22.64 -4.80 -35.03
CA SER A 221 21.23 -4.55 -35.28
C SER A 221 20.98 -3.79 -36.58
N THR A 222 21.87 -2.86 -36.91
CA THR A 222 21.69 -2.04 -38.11
C THR A 222 22.07 -2.80 -39.39
N LYS A 223 23.19 -3.52 -39.31
CA LYS A 223 23.63 -4.32 -40.45
C LYS A 223 22.49 -5.26 -40.84
N ILE A 224 21.89 -5.89 -39.83
CA ILE A 224 20.77 -6.81 -40.02
C ILE A 224 19.59 -6.20 -40.74
N LEU A 225 19.09 -5.08 -40.21
CA LEU A 225 17.96 -4.37 -40.82
C LEU A 225 18.23 -4.01 -42.27
N ARG A 226 19.43 -3.52 -42.55
CA ARG A 226 19.82 -3.28 -43.93
C ARG A 226 19.53 -4.51 -44.81
N GLY A 227 20.20 -5.62 -44.50
CA GLY A 227 20.06 -6.86 -45.25
C GLY A 227 18.62 -7.15 -45.68
N LEU A 228 17.72 -7.04 -44.72
CA LEU A 228 16.30 -7.22 -44.98
C LEU A 228 15.79 -6.21 -45.99
N ILE A 229 16.21 -4.95 -45.85
CA ILE A 229 15.65 -3.86 -46.64
C ILE A 229 15.94 -3.91 -48.15
N ASP A 230 17.15 -4.32 -48.53
CA ASP A 230 17.50 -4.29 -49.96
C ASP A 230 17.54 -5.66 -50.62
N LYS A 231 17.17 -6.68 -49.87
CA LYS A 231 16.82 -7.96 -50.47
C LYS A 231 15.60 -7.70 -51.35
N THR A 232 15.16 -8.67 -52.15
CA THR A 232 13.94 -8.50 -52.93
C THR A 232 12.95 -9.67 -52.79
N ASP A 233 13.36 -10.69 -52.04
CA ASP A 233 12.54 -11.88 -51.89
C ASP A 233 12.11 -12.14 -50.46
N TYR A 234 10.81 -12.29 -50.27
CA TYR A 234 10.26 -12.85 -49.05
C TYR A 234 9.77 -14.28 -49.38
N LYS A 235 10.60 -15.24 -48.99
CA LYS A 235 10.23 -16.65 -49.03
C LYS A 235 9.61 -17.04 -47.69
N PHE A 236 8.33 -16.71 -47.53
CA PHE A 236 7.62 -16.90 -46.26
C PHE A 236 7.15 -18.33 -46.08
N VAL A 237 7.29 -19.11 -47.15
CA VAL A 237 6.86 -20.49 -47.12
C VAL A 237 7.79 -21.35 -47.96
N ASN A 238 8.11 -22.52 -47.42
CA ASN A 238 9.04 -23.43 -48.08
C ASN A 238 8.39 -24.25 -49.21
N ILE A 239 7.79 -23.54 -50.16
CA ILE A 239 7.18 -24.11 -51.35
C ILE A 239 7.47 -23.17 -52.51
N GLY A 240 7.43 -23.66 -53.74
CA GLY A 240 7.58 -22.76 -54.86
C GLY A 240 6.52 -21.68 -54.82
N LEU A 241 6.84 -20.49 -55.31
CA LEU A 241 5.86 -19.40 -55.42
C LEU A 241 5.75 -18.88 -56.85
N SER A 242 6.49 -19.50 -57.75
CA SER A 242 6.53 -19.11 -59.17
C SER A 242 5.12 -18.92 -59.73
N THR A 243 4.91 -17.83 -60.47
CA THR A 243 3.61 -17.59 -61.09
C THR A 243 3.36 -18.60 -62.21
N LYS A 244 2.26 -19.32 -62.10
CA LYS A 244 1.86 -20.25 -63.15
C LYS A 244 0.58 -19.71 -63.81
N ASN A 245 0.58 -19.68 -65.13
CA ASN A 245 -0.59 -19.25 -65.89
C ASN A 245 -1.20 -20.41 -66.70
N SER A 246 -0.42 -21.47 -66.85
CA SER A 246 -0.91 -22.67 -67.49
C SER A 246 -1.86 -23.35 -66.51
N LEU A 247 -3.12 -23.51 -66.91
CA LEU A 247 -4.06 -24.22 -66.06
C LEU A 247 -3.44 -25.50 -65.51
N THR A 248 -3.85 -25.89 -64.32
CA THR A 248 -3.27 -27.05 -63.68
C THR A 248 -3.63 -28.32 -64.43
N THR A 249 -2.62 -29.03 -64.89
CA THR A 249 -2.86 -30.24 -65.67
C THR A 249 -3.09 -31.41 -64.76
N THR A 250 -3.77 -32.43 -65.28
CA THR A 250 -4.04 -33.66 -64.57
C THR A 250 -2.77 -34.33 -64.03
N ASP A 251 -1.69 -34.27 -64.82
CA ASP A 251 -0.41 -34.86 -64.42
C ASP A 251 0.15 -34.16 -63.18
N GLU A 252 -0.18 -32.88 -63.05
CA GLU A 252 0.22 -32.09 -61.89
C GLU A 252 -0.63 -32.41 -60.67
N ILE A 253 -1.95 -32.33 -60.83
CA ILE A 253 -2.87 -32.68 -59.75
C ILE A 253 -2.53 -34.05 -59.17
N GLN A 254 -2.15 -34.97 -60.05
CA GLN A 254 -1.80 -36.31 -59.67
C GLN A 254 -0.51 -36.34 -58.85
N SER A 255 0.45 -35.51 -59.22
CA SER A 255 1.72 -35.45 -58.51
C SER A 255 1.51 -34.82 -57.14
N ILE A 256 0.53 -33.92 -57.06
CA ILE A 256 0.18 -33.27 -55.80
C ILE A 256 -0.31 -34.30 -54.77
N ILE A 257 -1.32 -35.07 -55.18
CA ILE A 257 -1.94 -36.09 -54.32
C ILE A 257 -0.94 -37.13 -53.87
N SER A 258 -0.08 -37.56 -54.79
CA SER A 258 0.97 -38.53 -54.48
C SER A 258 1.87 -38.03 -53.36
N ASN A 259 2.22 -36.75 -53.44
CA ASN A 259 3.07 -36.14 -52.44
C ASN A 259 2.42 -36.13 -51.08
N THR A 260 1.25 -35.49 -50.98
CA THR A 260 0.53 -35.45 -49.71
C THR A 260 0.31 -36.84 -49.09
N LEU A 261 0.09 -37.85 -49.92
CA LEU A 261 -0.11 -39.20 -49.40
C LEU A 261 1.18 -39.79 -48.85
N LYS A 262 2.28 -39.55 -49.57
CA LYS A 262 3.56 -40.14 -49.21
C LYS A 262 4.21 -39.44 -48.01
N ALA A 263 3.93 -38.15 -47.86
CA ALA A 263 4.54 -37.33 -46.81
C ALA A 263 3.81 -37.40 -45.47
N ARG A 264 2.48 -37.56 -45.51
CA ARG A 264 1.67 -37.59 -44.30
C ARG A 264 1.80 -36.28 -43.51
N PRO A 265 1.29 -35.18 -44.08
CA PRO A 265 1.44 -33.86 -43.47
C PRO A 265 0.71 -33.81 -42.14
N LEU A 266 1.31 -33.24 -41.11
CA LEU A 266 0.63 -33.03 -39.84
C LEU A 266 -0.07 -31.67 -39.84
N VAL A 267 -1.39 -31.68 -40.02
CA VAL A 267 -2.19 -30.46 -40.02
C VAL A 267 -2.78 -30.14 -38.65
N GLN A 268 -2.25 -29.12 -38.00
CA GLN A 268 -2.78 -28.64 -36.73
C GLN A 268 -4.00 -27.78 -36.99
N HIS A 269 -5.09 -28.10 -36.31
CA HIS A 269 -6.36 -27.43 -36.51
C HIS A 269 -6.66 -26.51 -35.36
N ILE A 270 -6.95 -25.25 -35.68
CA ILE A 270 -7.45 -24.32 -34.69
C ILE A 270 -8.79 -23.83 -35.22
N THR A 271 -9.88 -24.32 -34.61
CA THR A 271 -11.20 -24.10 -35.16
C THR A 271 -12.29 -24.26 -34.10
N ASN A 272 -13.54 -24.01 -34.50
CA ASN A 272 -14.70 -24.13 -33.63
C ASN A 272 -14.95 -25.58 -33.25
N LYS A 273 -15.86 -25.79 -32.31
CA LYS A 273 -16.16 -27.15 -31.88
C LYS A 273 -16.76 -28.03 -33.02
N VAL A 274 -17.56 -27.42 -33.90
CA VAL A 274 -18.34 -28.16 -34.92
C VAL A 274 -17.55 -28.68 -36.11
N HIS A 275 -16.40 -28.07 -36.36
CA HIS A 275 -15.56 -28.47 -37.47
C HIS A 275 -14.41 -29.31 -36.94
N GLN A 276 -14.35 -29.42 -35.61
CA GLN A 276 -13.36 -30.26 -34.94
C GLN A 276 -13.46 -31.66 -35.51
N ASN A 277 -14.47 -32.39 -35.06
CA ASN A 277 -14.65 -33.79 -35.46
C ASN A 277 -14.75 -33.97 -36.97
N PHE A 278 -15.40 -33.03 -37.65
CA PHE A 278 -15.53 -33.16 -39.10
C PHE A 278 -14.22 -32.89 -39.84
N GLY A 279 -13.45 -31.92 -39.34
CA GLY A 279 -12.20 -31.53 -39.96
C GLY A 279 -11.14 -32.60 -39.87
N ALA A 280 -11.07 -33.28 -38.74
CA ALA A 280 -10.09 -34.35 -38.53
C ALA A 280 -10.38 -35.56 -39.40
N ASN A 281 -11.63 -35.69 -39.84
CA ASN A 281 -12.01 -36.79 -40.72
C ASN A 281 -11.59 -36.50 -42.17
N VAL A 282 -11.83 -35.27 -42.62
CA VAL A 282 -11.35 -34.85 -43.94
C VAL A 282 -9.84 -35.06 -44.04
N THR A 283 -9.13 -34.70 -42.98
CA THR A 283 -7.68 -34.81 -42.95
C THR A 283 -7.21 -36.28 -42.97
N LEU A 284 -7.93 -37.12 -42.25
CA LEU A 284 -7.59 -38.52 -42.13
C LEU A 284 -7.81 -39.23 -43.46
N ALA A 285 -8.81 -38.74 -44.20
CA ALA A 285 -9.18 -39.27 -45.50
C ALA A 285 -8.15 -38.94 -46.57
N LEU A 286 -7.42 -37.85 -46.36
CA LEU A 286 -6.36 -37.49 -47.29
C LEU A 286 -5.03 -38.11 -46.84
N GLY A 287 -5.13 -39.13 -45.98
CA GLY A 287 -3.99 -39.87 -45.50
C GLY A 287 -2.95 -39.06 -44.72
N SER A 288 -3.41 -38.12 -43.90
CA SER A 288 -2.52 -37.35 -43.03
C SER A 288 -3.12 -37.10 -41.63
N SER A 289 -2.27 -36.90 -40.62
CA SER A 289 -2.73 -36.83 -39.24
C SER A 289 -3.00 -35.42 -38.72
N PRO A 290 -4.16 -35.20 -38.11
CA PRO A 290 -4.53 -33.88 -37.60
C PRO A 290 -4.36 -33.81 -36.09
N ILE A 291 -3.81 -32.69 -35.60
CA ILE A 291 -3.75 -32.44 -34.16
C ILE A 291 -4.64 -31.24 -33.83
N MET A 292 -5.28 -31.27 -32.67
CA MET A 292 -6.17 -30.19 -32.27
C MET A 292 -5.67 -29.36 -31.07
N SER A 293 -4.36 -29.27 -30.91
CA SER A 293 -3.76 -28.51 -29.81
C SER A 293 -4.08 -27.01 -29.83
N GLU A 294 -4.50 -26.47 -28.68
CA GLU A 294 -4.66 -25.03 -28.49
C GLU A 294 -3.79 -24.58 -27.33
N ILE A 295 -2.66 -25.28 -27.19
CA ILE A 295 -1.68 -25.02 -26.14
C ILE A 295 -0.49 -24.24 -26.68
N GLN A 296 -0.19 -23.08 -26.08
CA GLN A 296 0.90 -22.22 -26.51
C GLN A 296 2.29 -22.84 -26.43
N SER A 297 2.64 -23.36 -25.25
CA SER A 297 3.96 -23.99 -25.05
C SER A 297 4.28 -25.10 -26.04
N GLU A 298 3.24 -25.65 -26.66
CA GLU A 298 3.41 -26.67 -27.69
C GLU A 298 3.69 -26.08 -29.07
N VAL A 299 3.12 -24.90 -29.33
CA VAL A 299 3.14 -24.31 -30.65
C VAL A 299 4.48 -24.48 -31.37
N ASN A 300 5.57 -24.25 -30.64
CA ASN A 300 6.87 -24.32 -31.27
C ASN A 300 7.39 -25.73 -31.60
N ASP A 301 7.18 -26.69 -30.70
CA ASP A 301 7.65 -28.05 -30.93
C ASP A 301 6.79 -28.74 -32.00
N LEU A 302 5.61 -28.19 -32.24
CA LEU A 302 4.64 -28.82 -33.13
C LEU A 302 4.93 -28.44 -34.56
N ALA A 303 5.28 -27.18 -34.77
CA ALA A 303 5.53 -26.68 -36.12
C ALA A 303 6.93 -27.04 -36.59
N ALA A 304 7.64 -27.80 -35.76
CA ALA A 304 9.00 -28.22 -36.09
C ALA A 304 9.00 -29.59 -36.72
N ILE A 305 7.89 -30.31 -36.56
CA ILE A 305 7.74 -31.61 -37.21
C ILE A 305 7.74 -31.46 -38.74
N PRO A 306 8.32 -32.44 -39.43
CA PRO A 306 8.36 -32.36 -40.89
C PRO A 306 6.97 -32.23 -41.50
N HIS A 307 6.83 -31.26 -42.41
CA HIS A 307 5.58 -31.02 -43.14
C HIS A 307 4.38 -30.51 -42.30
N ALA A 308 4.65 -29.95 -41.12
CA ALA A 308 3.60 -29.36 -40.29
C ALA A 308 2.83 -28.30 -41.09
N THR A 309 1.58 -28.06 -40.71
CA THR A 309 0.75 -27.10 -41.41
C THR A 309 -0.29 -26.51 -40.46
N LEU A 310 -0.50 -25.21 -40.56
CA LEU A 310 -1.49 -24.54 -39.72
C LEU A 310 -2.78 -24.26 -40.49
N LEU A 311 -3.92 -24.62 -39.88
CA LEU A 311 -5.23 -24.31 -40.42
C LEU A 311 -5.97 -23.49 -39.37
N LEU A 312 -6.39 -22.29 -39.74
CA LEU A 312 -6.93 -21.35 -38.75
C LEU A 312 -8.37 -20.93 -38.94
N ASN A 313 -9.18 -21.13 -37.91
CA ASN A 313 -10.51 -20.55 -37.87
C ASN A 313 -10.61 -19.41 -36.88
N THR A 314 -11.40 -18.42 -37.25
CA THR A 314 -11.74 -17.38 -36.30
C THR A 314 -12.99 -17.87 -35.59
N GLY A 315 -13.34 -17.23 -34.48
CA GLY A 315 -14.47 -17.67 -33.68
C GLY A 315 -14.11 -18.92 -32.91
N SER A 316 -12.83 -19.25 -32.88
CA SER A 316 -12.33 -20.30 -32.00
C SER A 316 -12.18 -19.74 -30.59
N VAL A 317 -12.00 -20.63 -29.62
CA VAL A 317 -12.04 -20.26 -28.22
C VAL A 317 -10.67 -19.82 -27.68
N ALA A 318 -9.62 -20.07 -28.47
CA ALA A 318 -8.25 -19.74 -28.08
C ALA A 318 -8.01 -18.23 -28.04
N PRO A 319 -7.23 -17.77 -27.05
CA PRO A 319 -6.89 -16.36 -26.84
C PRO A 319 -6.03 -15.77 -27.97
N PRO A 320 -6.34 -14.52 -28.39
CA PRO A 320 -5.54 -13.81 -29.38
C PRO A 320 -4.05 -14.06 -29.19
N GLU A 321 -3.57 -14.01 -27.96
CA GLU A 321 -2.16 -14.20 -27.65
C GLU A 321 -1.58 -15.53 -28.15
N MET A 322 -2.41 -16.56 -28.19
CA MET A 322 -1.92 -17.89 -28.56
C MET A 322 -1.95 -18.07 -30.06
N LEU A 323 -2.92 -17.44 -30.72
CA LEU A 323 -2.94 -17.38 -32.18
C LEU A 323 -1.74 -16.58 -32.67
N LYS A 324 -1.55 -15.38 -32.10
CA LYS A 324 -0.34 -14.60 -32.38
C LYS A 324 0.85 -15.53 -32.23
N ALA A 325 0.86 -16.29 -31.14
CA ALA A 325 1.97 -17.21 -30.84
C ALA A 325 2.17 -18.30 -31.87
N ALA A 326 1.09 -18.80 -32.45
CA ALA A 326 1.19 -19.87 -33.43
C ALA A 326 1.51 -19.34 -34.82
N ILE A 327 0.68 -18.44 -35.34
CA ILE A 327 0.92 -17.82 -36.64
C ILE A 327 2.40 -17.43 -36.78
N ARG A 328 2.99 -16.90 -35.71
CA ARG A 328 4.40 -16.52 -35.73
C ARG A 328 5.35 -17.70 -35.75
N ALA A 329 5.04 -18.74 -34.98
CA ALA A 329 5.94 -19.91 -34.90
C ALA A 329 5.92 -20.74 -36.18
N TYR A 330 4.83 -20.68 -36.93
CA TYR A 330 4.75 -21.33 -38.24
C TYR A 330 5.40 -20.50 -39.34
N ASN A 331 5.39 -19.17 -39.17
CA ASN A 331 6.10 -18.27 -40.08
C ASN A 331 7.63 -18.26 -39.87
N ASP A 332 8.08 -18.77 -38.74
CA ASP A 332 9.50 -18.84 -38.44
C ASP A 332 10.14 -20.05 -39.11
N VAL A 333 9.51 -21.20 -38.96
CA VAL A 333 9.98 -22.43 -39.60
C VAL A 333 9.52 -22.53 -41.08
N LYS A 334 8.89 -21.45 -41.55
CA LYS A 334 8.51 -21.27 -42.95
C LYS A 334 7.57 -22.32 -43.53
N ARG A 335 6.62 -22.76 -42.72
CA ARG A 335 5.58 -23.68 -43.18
C ARG A 335 4.29 -22.91 -43.43
N PRO A 336 3.33 -23.56 -44.12
CA PRO A 336 2.15 -22.86 -44.63
C PRO A 336 1.03 -22.65 -43.61
N ILE A 337 0.41 -21.47 -43.62
CA ILE A 337 -0.83 -21.24 -42.88
C ILE A 337 -2.06 -21.07 -43.79
N VAL A 338 -3.16 -21.74 -43.46
CA VAL A 338 -4.43 -21.51 -44.15
C VAL A 338 -5.44 -20.82 -43.23
N PHE A 339 -6.04 -19.75 -43.71
CA PHE A 339 -6.89 -18.91 -42.88
C PHE A 339 -8.31 -18.82 -43.40
N ASP A 340 -9.26 -19.05 -42.51
CA ASP A 340 -10.68 -19.06 -42.82
C ASP A 340 -11.41 -18.11 -41.85
N PRO A 341 -11.67 -16.87 -42.29
CA PRO A 341 -12.35 -15.88 -41.46
C PRO A 341 -13.83 -16.15 -41.53
N VAL A 342 -14.42 -16.65 -40.46
CA VAL A 342 -15.84 -17.00 -40.49
C VAL A 342 -16.72 -15.78 -40.16
N GLY A 343 -16.51 -14.69 -40.90
CA GLY A 343 -17.24 -13.43 -40.72
C GLY A 343 -16.52 -12.26 -41.40
N ALA A 346 -18.76 -9.58 -40.47
CA ALA A 346 -20.10 -10.13 -40.20
C ALA A 346 -20.77 -9.61 -38.92
N THR A 347 -20.03 -9.60 -37.81
CA THR A 347 -20.44 -8.89 -36.59
C THR A 347 -19.27 -8.03 -36.13
N GLU A 348 -19.56 -7.01 -35.35
CA GLU A 348 -18.54 -6.05 -34.94
C GLU A 348 -17.36 -6.75 -34.24
N THR A 349 -17.66 -7.70 -33.36
CA THR A 349 -16.62 -8.41 -32.61
C THR A 349 -15.70 -9.23 -33.50
N ARG A 350 -16.27 -10.11 -34.32
CA ARG A 350 -15.47 -10.93 -35.19
C ARG A 350 -14.63 -10.07 -36.14
N LEU A 351 -15.28 -9.11 -36.79
CA LEU A 351 -14.59 -8.18 -37.69
C LEU A 351 -13.31 -7.58 -37.07
N LEU A 352 -13.38 -7.16 -35.82
CA LEU A 352 -12.22 -6.63 -35.10
C LEU A 352 -11.17 -7.69 -34.84
N LEU A 353 -11.60 -8.91 -34.58
CA LEU A 353 -10.68 -9.95 -34.17
C LEU A 353 -9.92 -10.49 -35.37
N ASN A 354 -10.57 -10.49 -36.52
CA ASN A 354 -9.92 -10.95 -37.73
C ASN A 354 -8.87 -9.99 -38.20
N ASN A 355 -9.24 -8.73 -38.32
CA ASN A 355 -8.28 -7.73 -38.75
C ASN A 355 -7.00 -7.81 -37.93
N LYS A 356 -7.13 -8.18 -36.66
CA LYS A 356 -5.99 -8.29 -35.76
C LYS A 356 -5.17 -9.57 -35.97
N LEU A 357 -5.79 -10.61 -36.51
CA LEU A 357 -5.08 -11.83 -36.89
C LEU A 357 -4.31 -11.62 -38.20
N LEU A 358 -4.86 -10.80 -39.08
CA LEU A 358 -4.23 -10.56 -40.38
C LEU A 358 -2.98 -9.68 -40.22
N THR A 359 -2.71 -9.28 -39.00
CA THR A 359 -1.50 -8.52 -38.74
C THR A 359 -0.49 -9.35 -37.97
N PHE A 360 -0.84 -10.59 -37.67
CA PHE A 360 0.04 -11.42 -36.85
C PHE A 360 1.16 -12.08 -37.66
N GLY A 361 0.86 -12.42 -38.91
CA GLY A 361 1.84 -13.01 -39.80
C GLY A 361 1.39 -12.99 -41.24
N GLN A 362 2.09 -13.79 -42.06
CA GLN A 362 1.83 -13.89 -43.49
C GLN A 362 1.25 -15.27 -43.81
N PHE A 363 0.08 -15.31 -44.43
CA PHE A 363 -0.64 -16.58 -44.67
C PHE A 363 -0.47 -17.10 -46.09
N SER A 364 -0.16 -18.38 -46.23
CA SER A 364 -0.12 -19.02 -47.55
C SER A 364 -1.45 -18.96 -48.33
N CYS A 365 -2.57 -19.12 -47.62
CA CYS A 365 -3.90 -19.14 -48.25
C CYS A 365 -5.05 -18.60 -47.37
N ILE A 366 -5.94 -17.78 -47.95
CA ILE A 366 -7.15 -17.25 -47.29
C ILE A 366 -8.42 -17.71 -48.02
N LYS A 367 -9.28 -18.45 -47.33
CA LYS A 367 -10.45 -19.08 -47.94
C LYS A 367 -11.80 -18.62 -47.37
N GLY A 368 -12.59 -17.91 -48.17
CA GLY A 368 -13.88 -17.44 -47.73
C GLY A 368 -14.97 -17.72 -48.74
N ASN A 369 -16.18 -17.25 -48.46
CA ASN A 369 -17.28 -17.36 -49.42
C ASN A 369 -17.79 -15.99 -49.83
N SER A 370 -18.78 -15.99 -50.72
CA SER A 370 -19.32 -14.75 -51.26
C SER A 370 -19.24 -13.56 -50.30
N SER A 371 -19.81 -13.71 -49.10
CA SER A 371 -19.89 -12.61 -48.14
C SER A 371 -18.54 -12.29 -47.46
N GLU A 372 -17.85 -13.34 -47.04
CA GLU A 372 -16.55 -13.20 -46.38
C GLU A 372 -15.48 -12.68 -47.33
N ILE A 373 -15.59 -12.99 -48.63
CA ILE A 373 -14.66 -12.43 -49.59
C ILE A 373 -14.98 -10.98 -49.94
N LEU A 374 -16.24 -10.70 -50.26
CA LEU A 374 -16.67 -9.32 -50.47
C LEU A 374 -16.24 -8.43 -49.31
N GLY A 375 -16.48 -8.88 -48.08
CA GLY A 375 -16.19 -8.09 -46.90
C GLY A 375 -14.71 -7.81 -46.70
N LEU A 376 -13.89 -8.82 -46.95
CA LEU A 376 -12.43 -8.71 -46.88
C LEU A 376 -11.85 -7.76 -47.94
N ALA A 377 -12.47 -7.76 -49.13
CA ALA A 377 -12.05 -6.92 -50.25
C ALA A 377 -12.42 -5.47 -50.03
N GLU A 378 -13.25 -5.23 -49.01
CA GLU A 378 -13.72 -3.88 -48.69
C GLU A 378 -14.61 -3.33 -49.80
N LEU A 379 -15.72 -4.03 -50.05
CA LEU A 379 -16.72 -3.64 -51.04
C LEU A 379 -17.15 -2.19 -50.88
N SER A 394 -23.59 -10.94 -57.85
CA SER A 394 -23.04 -11.01 -59.20
C SER A 394 -22.01 -12.13 -59.35
N ASN A 395 -21.37 -12.21 -60.53
CA ASN A 395 -20.35 -13.23 -60.76
C ASN A 395 -19.00 -12.61 -61.12
N GLU A 396 -19.04 -11.56 -61.93
CA GLU A 396 -17.83 -10.82 -62.24
C GLU A 396 -17.38 -10.12 -60.97
N LEU A 397 -18.35 -9.73 -60.14
CA LEU A 397 -18.04 -9.08 -58.89
C LEU A 397 -17.11 -9.93 -58.04
N LEU A 398 -17.56 -11.14 -57.70
CA LEU A 398 -16.77 -12.06 -56.89
C LEU A 398 -15.35 -12.25 -57.44
N ILE A 399 -15.21 -12.33 -58.75
CA ILE A 399 -13.88 -12.49 -59.33
C ILE A 399 -13.00 -11.28 -59.06
N GLN A 400 -13.55 -10.08 -59.27
CA GLN A 400 -12.80 -8.86 -58.97
C GLN A 400 -12.43 -8.85 -57.48
N ALA A 401 -13.37 -9.26 -56.65
CA ALA A 401 -13.13 -9.33 -55.21
C ALA A 401 -12.07 -10.36 -54.83
N THR A 402 -12.18 -11.57 -55.38
CA THR A 402 -11.23 -12.62 -55.05
C THR A 402 -9.78 -12.22 -55.33
N LYS A 403 -9.58 -11.40 -56.36
CA LYS A 403 -8.24 -10.93 -56.71
C LYS A 403 -7.78 -9.84 -55.73
N ILE A 404 -8.69 -8.91 -55.45
CA ILE A 404 -8.38 -7.80 -54.56
C ILE A 404 -7.89 -8.34 -53.23
N VAL A 405 -8.52 -9.42 -52.76
CA VAL A 405 -8.12 -10.01 -51.51
C VAL A 405 -6.78 -10.74 -51.60
N ALA A 406 -6.53 -11.39 -52.73
CA ALA A 406 -5.32 -12.20 -52.90
C ALA A 406 -4.10 -11.30 -52.96
N PHE A 407 -4.24 -10.18 -53.66
CA PHE A 407 -3.18 -9.18 -53.77
C PHE A 407 -3.02 -8.38 -52.48
N LYS A 408 -4.14 -7.97 -51.90
CA LYS A 408 -4.10 -7.18 -50.69
C LYS A 408 -3.20 -7.87 -49.67
N TYR A 409 -3.54 -9.11 -49.33
CA TYR A 409 -2.86 -9.83 -48.27
C TYR A 409 -1.69 -10.68 -48.78
N LYS A 410 -1.35 -10.48 -50.06
CA LYS A 410 -0.35 -11.29 -50.76
C LYS A 410 -0.48 -12.79 -50.46
N THR A 411 -1.51 -13.42 -51.01
CA THR A 411 -1.88 -14.79 -50.63
C THR A 411 -2.64 -15.48 -51.76
N VAL A 412 -2.70 -16.81 -51.73
CA VAL A 412 -3.65 -17.51 -52.58
C VAL A 412 -5.02 -17.35 -51.97
N ALA A 413 -5.97 -16.85 -52.74
CA ALA A 413 -7.33 -16.62 -52.22
C ALA A 413 -8.31 -17.56 -52.86
N VAL A 414 -9.18 -18.15 -52.03
CA VAL A 414 -10.26 -18.99 -52.54
C VAL A 414 -11.58 -18.35 -52.20
N CYS A 415 -12.55 -18.45 -53.10
CA CYS A 415 -13.90 -17.99 -52.80
C CYS A 415 -14.92 -18.98 -53.31
N THR A 416 -15.65 -19.60 -52.38
CA THR A 416 -16.56 -20.68 -52.72
C THR A 416 -17.98 -20.23 -53.06
N GLY A 417 -18.60 -20.97 -53.99
CA GLY A 417 -19.96 -20.74 -54.45
C GLY A 417 -20.28 -21.87 -55.39
N GLU A 418 -21.29 -21.71 -56.26
CA GLU A 418 -21.52 -22.70 -57.31
C GLU A 418 -20.21 -22.81 -58.07
N PHE A 419 -19.59 -21.65 -58.27
CA PHE A 419 -18.26 -21.55 -58.85
C PHE A 419 -17.25 -21.21 -57.76
N ASP A 420 -16.07 -21.83 -57.85
CA ASP A 420 -14.96 -21.53 -56.94
C ASP A 420 -13.89 -20.75 -57.68
N PHE A 421 -13.58 -19.57 -57.19
CA PHE A 421 -12.54 -18.76 -57.80
C PHE A 421 -11.27 -18.86 -57.01
N ILE A 422 -10.15 -18.96 -57.70
CA ILE A 422 -8.86 -18.98 -57.05
C ILE A 422 -7.93 -17.96 -57.71
N ALA A 423 -7.53 -16.94 -56.95
CA ALA A 423 -6.55 -15.96 -57.43
C ALA A 423 -5.23 -16.13 -56.69
N ASP A 424 -4.12 -15.97 -57.39
CA ASP A 424 -2.80 -15.92 -56.73
C ASP A 424 -2.22 -14.50 -56.74
N GLY A 425 -2.15 -13.91 -55.56
CA GLY A 425 -1.55 -12.61 -55.39
C GLY A 425 -0.20 -12.60 -54.68
N THR A 426 0.57 -13.67 -54.78
CA THR A 426 1.86 -13.69 -54.10
C THR A 426 2.97 -12.94 -54.86
N ILE A 427 2.86 -12.90 -56.18
CA ILE A 427 3.88 -12.27 -57.01
C ILE A 427 5.27 -12.74 -56.61
N GLU A 428 5.46 -14.06 -56.63
CA GLU A 428 6.78 -14.65 -56.45
C GLU A 428 7.58 -14.13 -55.26
N GLY A 429 6.90 -13.51 -54.30
CA GLY A 429 7.55 -13.02 -53.10
C GLY A 429 8.39 -11.76 -53.27
N LYS A 430 7.98 -10.90 -54.18
CA LYS A 430 8.76 -9.71 -54.52
C LYS A 430 8.35 -8.46 -53.73
N TYR A 431 9.34 -7.80 -53.13
CA TYR A 431 9.13 -6.47 -52.55
C TYR A 431 10.26 -5.53 -52.91
N SER A 432 9.92 -4.27 -53.10
CA SER A 432 10.90 -3.26 -53.45
C SER A 432 10.51 -1.91 -52.87
N LEU A 433 11.50 -1.05 -52.70
CA LEU A 433 11.24 0.26 -52.17
C LEU A 433 10.63 1.20 -53.20
N SER A 434 9.55 1.87 -52.79
CA SER A 434 8.80 2.86 -53.59
C SER A 434 8.33 2.45 -54.99
N LYS A 435 8.85 1.33 -55.50
CA LYS A 435 8.64 0.95 -56.90
C LYS A 435 7.18 0.97 -57.39
N GLY A 436 6.28 0.16 -56.80
CA GLY A 436 6.62 -0.78 -55.76
C GLY A 436 6.59 -2.21 -56.28
N THR A 437 5.52 -2.54 -56.98
CA THR A 437 5.48 -3.82 -57.67
C THR A 437 5.94 -3.57 -59.11
N ASN A 438 6.30 -4.64 -59.82
CA ASN A 438 6.78 -4.48 -61.20
C ASN A 438 5.63 -4.30 -62.19
N GLY A 439 4.85 -3.23 -62.01
CA GLY A 439 3.74 -2.93 -62.90
C GLY A 439 2.74 -4.06 -62.96
N THR A 440 2.64 -4.80 -61.86
CA THR A 440 1.68 -5.87 -61.67
C THR A 440 0.60 -5.40 -60.71
N SER A 441 -0.54 -4.96 -61.22
CA SER A 441 -1.60 -4.49 -60.36
C SER A 441 -2.54 -5.63 -59.96
N VAL A 442 -3.49 -5.34 -59.08
CA VAL A 442 -4.55 -6.29 -58.74
C VAL A 442 -5.15 -6.91 -59.98
N GLU A 443 -5.34 -6.06 -61.00
CA GLU A 443 -6.19 -6.39 -62.14
C GLU A 443 -5.74 -7.61 -62.95
N ASP A 444 -4.45 -7.93 -62.87
CA ASP A 444 -3.88 -8.94 -63.79
C ASP A 444 -3.08 -10.09 -63.17
N ILE A 445 -3.44 -10.53 -61.97
CA ILE A 445 -2.86 -11.74 -61.40
C ILE A 445 -3.70 -12.93 -61.84
N PRO A 446 -3.10 -14.15 -61.79
CA PRO A 446 -3.80 -15.34 -62.28
C PRO A 446 -4.98 -15.70 -61.39
N CYS A 447 -6.18 -15.60 -61.95
CA CYS A 447 -7.39 -16.05 -61.28
C CYS A 447 -8.13 -17.08 -62.15
N VAL A 448 -8.17 -18.32 -61.69
CA VAL A 448 -8.91 -19.35 -62.38
C VAL A 448 -10.33 -19.51 -61.82
N ALA A 449 -11.01 -20.56 -62.23
CA ALA A 449 -12.33 -20.86 -61.69
C ALA A 449 -12.56 -22.37 -61.77
N VAL A 450 -13.32 -22.89 -60.81
CA VAL A 450 -13.73 -24.29 -60.81
C VAL A 450 -15.25 -24.35 -60.69
N GLU A 451 -15.87 -25.35 -61.31
CA GLU A 451 -17.32 -25.51 -61.23
C GLU A 451 -17.78 -26.86 -61.78
N ALA A 452 -18.76 -27.46 -61.12
CA ALA A 452 -19.27 -28.76 -61.56
C ALA A 452 -20.79 -28.82 -61.59
N GLY A 453 -21.43 -27.67 -61.73
CA GLY A 453 -22.89 -27.60 -61.76
C GLY A 453 -23.47 -27.57 -60.37
N PRO A 454 -24.79 -27.29 -60.27
CA PRO A 454 -25.53 -27.11 -59.01
C PRO A 454 -25.51 -28.35 -58.11
N ILE A 455 -25.47 -28.16 -56.80
CA ILE A 455 -25.37 -29.29 -55.86
C ILE A 455 -26.27 -29.13 -54.63
N GLY A 465 -17.90 -26.71 -46.73
CA GLY A 465 -17.63 -25.58 -45.86
C GLY A 465 -16.16 -25.51 -45.46
N CYS A 466 -15.90 -25.56 -44.15
CA CYS A 466 -14.54 -25.51 -43.60
C CYS A 466 -13.73 -26.76 -43.90
N SER A 467 -14.41 -27.80 -44.41
CA SER A 467 -13.76 -29.02 -44.84
C SER A 467 -12.78 -28.67 -45.95
N LEU A 468 -13.20 -27.78 -46.84
CA LEU A 468 -12.32 -27.29 -47.90
C LEU A 468 -11.04 -26.73 -47.31
N GLY A 469 -11.15 -26.01 -46.20
CA GLY A 469 -9.99 -25.48 -45.48
C GLY A 469 -9.02 -26.58 -45.06
N SER A 470 -9.54 -27.79 -44.85
CA SER A 470 -8.69 -28.91 -44.45
C SER A 470 -8.10 -29.61 -45.65
N THR A 471 -8.88 -29.69 -46.73
CA THR A 471 -8.37 -30.24 -47.98
C THR A 471 -7.20 -29.39 -48.46
N ILE A 472 -7.50 -28.13 -48.78
CA ILE A 472 -6.47 -27.15 -49.13
C ILE A 472 -5.25 -27.24 -48.22
N ALA A 473 -5.47 -27.47 -46.92
CA ALA A 473 -4.35 -27.53 -45.99
C ALA A 473 -3.51 -28.79 -46.13
N CYS A 474 -4.16 -29.89 -46.51
CA CYS A 474 -3.45 -31.14 -46.70
C CYS A 474 -2.53 -31.13 -47.90
N MET A 475 -3.03 -30.64 -49.02
CA MET A 475 -2.24 -30.59 -50.25
C MET A 475 -1.02 -29.67 -50.08
N ILE A 476 -1.28 -28.41 -49.77
CA ILE A 476 -0.22 -27.46 -49.55
C ILE A 476 0.84 -28.07 -48.67
N GLY A 477 0.41 -28.88 -47.71
CA GLY A 477 1.29 -29.46 -46.72
C GLY A 477 2.29 -30.47 -47.27
N GLY A 478 1.83 -31.30 -48.20
CA GLY A 478 2.64 -32.38 -48.74
C GLY A 478 3.64 -31.95 -49.78
N GLN A 479 3.53 -30.70 -50.26
CA GLN A 479 4.47 -30.18 -51.26
C GLN A 479 5.92 -30.18 -50.77
N PRO A 480 6.85 -30.62 -51.65
CA PRO A 480 8.28 -30.58 -51.38
C PRO A 480 8.86 -29.20 -51.72
N SER A 481 10.14 -29.00 -51.48
CA SER A 481 10.78 -27.71 -51.67
C SER A 481 10.58 -27.19 -53.09
N GLU A 482 10.31 -28.11 -54.01
CA GLU A 482 10.28 -27.81 -55.43
C GLU A 482 8.85 -27.82 -56.01
N GLY A 483 7.87 -27.82 -55.12
CA GLY A 483 6.47 -27.82 -55.52
C GLY A 483 5.98 -26.45 -55.93
N ASN A 484 4.66 -26.28 -55.93
CA ASN A 484 4.05 -24.98 -56.22
C ASN A 484 2.81 -24.75 -55.37
N LEU A 485 2.78 -23.59 -54.71
CA LEU A 485 1.65 -23.23 -53.85
C LEU A 485 0.35 -22.98 -54.62
N PHE A 486 0.40 -22.29 -55.76
CA PHE A 486 -0.84 -21.98 -56.47
C PHE A 486 -1.52 -23.22 -57.06
N HIS A 487 -0.73 -24.21 -57.45
CA HIS A 487 -1.31 -25.46 -57.96
C HIS A 487 -1.84 -26.33 -56.82
N ALA A 488 -1.08 -26.43 -55.74
CA ALA A 488 -1.55 -27.21 -54.60
C ALA A 488 -2.95 -26.78 -54.22
N VAL A 489 -3.22 -25.48 -54.29
CA VAL A 489 -4.54 -24.98 -53.89
C VAL A 489 -5.61 -25.30 -54.90
N VAL A 490 -5.30 -25.17 -56.18
CA VAL A 490 -6.29 -25.54 -57.18
C VAL A 490 -6.55 -27.06 -57.19
N ALA A 491 -5.56 -27.85 -56.80
CA ALA A 491 -5.75 -29.30 -56.66
C ALA A 491 -6.67 -29.64 -55.48
N GLY A 492 -6.52 -28.92 -54.38
CA GLY A 492 -7.42 -29.05 -53.26
C GLY A 492 -8.84 -28.70 -53.65
N VAL A 493 -9.03 -27.57 -54.32
CA VAL A 493 -10.37 -27.11 -54.66
C VAL A 493 -11.09 -28.06 -55.62
N MET A 494 -10.31 -28.68 -56.49
CA MET A 494 -10.84 -29.65 -57.45
C MET A 494 -11.20 -30.95 -56.73
N LEU A 495 -10.24 -31.51 -56.00
CA LEU A 495 -10.48 -32.74 -55.23
C LEU A 495 -11.78 -32.64 -54.44
N TYR A 496 -11.89 -31.61 -53.62
CA TYR A 496 -13.09 -31.41 -52.82
C TYR A 496 -14.32 -31.26 -53.69
N LYS A 497 -14.36 -30.19 -54.49
CA LYS A 497 -15.48 -29.95 -55.39
C LYS A 497 -15.82 -31.19 -56.23
N ALA A 498 -14.86 -32.10 -56.36
CA ALA A 498 -15.03 -33.33 -57.14
C ALA A 498 -15.65 -34.45 -56.31
N ALA A 499 -15.09 -34.68 -55.12
CA ALA A 499 -15.67 -35.59 -54.15
C ALA A 499 -17.03 -35.06 -53.69
N GLY A 500 -17.42 -33.91 -54.22
CA GLY A 500 -18.67 -33.26 -53.87
C GLY A 500 -19.80 -33.60 -54.83
N LYS A 501 -19.46 -33.81 -56.10
CA LYS A 501 -20.44 -34.28 -57.08
C LYS A 501 -20.75 -35.74 -56.78
N ILE A 502 -19.72 -36.52 -56.45
CA ILE A 502 -19.89 -37.94 -56.12
C ILE A 502 -20.78 -38.17 -54.90
N ALA A 503 -20.63 -37.35 -53.88
CA ALA A 503 -21.42 -37.56 -52.67
C ALA A 503 -22.87 -37.07 -52.80
N SER A 504 -23.11 -36.07 -53.62
CA SER A 504 -24.47 -35.56 -53.75
C SER A 504 -25.30 -36.48 -54.64
N GLU A 505 -24.66 -37.49 -55.21
CA GLU A 505 -25.36 -38.52 -55.98
C GLU A 505 -25.62 -39.77 -55.14
N LYS A 506 -24.60 -40.23 -54.42
CA LYS A 506 -24.71 -41.44 -53.59
C LYS A 506 -25.34 -41.22 -52.21
N CYS A 507 -26.20 -40.22 -52.06
CA CYS A 507 -26.67 -39.82 -50.73
C CYS A 507 -28.18 -39.69 -50.63
N ASN A 508 -28.71 -39.96 -49.43
CA ASN A 508 -30.14 -39.90 -49.15
C ASN A 508 -30.60 -38.63 -48.42
N GLY A 509 -29.64 -37.77 -48.04
CA GLY A 509 -29.92 -36.59 -47.25
C GLY A 509 -28.65 -36.02 -46.63
N SER A 510 -28.81 -35.00 -45.78
CA SER A 510 -27.67 -34.31 -45.17
C SER A 510 -26.74 -35.26 -44.43
N GLY A 511 -27.32 -36.13 -43.61
CA GLY A 511 -26.54 -37.06 -42.82
C GLY A 511 -25.61 -37.94 -43.63
N SER A 512 -26.15 -38.57 -44.66
CA SER A 512 -25.33 -39.44 -45.47
C SER A 512 -24.43 -38.62 -46.41
N PHE A 513 -24.90 -37.46 -46.87
CA PHE A 513 -24.08 -36.65 -47.77
C PHE A 513 -22.69 -36.44 -47.19
N GLN A 514 -22.66 -36.27 -45.88
CA GLN A 514 -21.46 -35.91 -45.17
C GLN A 514 -20.52 -37.11 -45.03
N VAL A 515 -21.07 -38.28 -44.76
CA VAL A 515 -20.25 -39.48 -44.64
C VAL A 515 -19.75 -39.93 -46.01
N GLU A 516 -20.53 -39.63 -47.05
CA GLU A 516 -20.13 -39.99 -48.39
C GLU A 516 -19.09 -39.02 -48.96
N LEU A 517 -19.08 -37.79 -48.45
CA LEU A 517 -18.06 -36.84 -48.90
C LEU A 517 -16.70 -37.34 -48.47
N ILE A 518 -16.61 -37.80 -47.23
CA ILE A 518 -15.35 -38.31 -46.71
C ILE A 518 -14.91 -39.59 -47.44
N ASP A 519 -15.84 -40.48 -47.72
CA ASP A 519 -15.49 -41.65 -48.52
C ASP A 519 -14.94 -41.22 -49.88
N ALA A 520 -15.69 -40.35 -50.56
CA ALA A 520 -15.28 -39.84 -51.86
C ALA A 520 -13.84 -39.33 -51.87
N LEU A 521 -13.51 -38.46 -50.94
CA LEU A 521 -12.14 -37.98 -50.80
C LEU A 521 -11.16 -39.13 -50.57
N TYR A 522 -11.60 -40.16 -49.85
CA TYR A 522 -10.74 -41.32 -49.61
C TYR A 522 -10.41 -42.05 -50.91
N ARG A 523 -11.46 -42.50 -51.61
CA ARG A 523 -11.31 -43.17 -52.89
C ARG A 523 -10.52 -42.33 -53.91
N LEU A 524 -11.12 -41.22 -54.37
CA LEU A 524 -10.46 -40.30 -55.29
C LEU A 524 -8.94 -40.25 -55.16
N THR A 525 -8.43 -40.19 -53.93
CA THR A 525 -6.99 -40.06 -53.69
C THR A 525 -6.23 -41.39 -53.66
N ARG A 526 -6.89 -42.47 -53.29
CA ARG A 526 -6.23 -43.78 -53.32
C ARG A 526 -6.11 -44.32 -54.74
N GLU A 527 -6.62 -43.55 -55.71
CA GLU A 527 -6.48 -43.88 -57.14
C GLU A 527 -6.30 -42.61 -57.99
N ASN A 528 -5.16 -41.94 -57.85
CA ASN A 528 -4.86 -40.78 -58.69
C ASN A 528 -5.23 -41.03 -60.14
N THR A 529 -6.42 -40.61 -60.54
CA THR A 529 -6.77 -40.60 -61.95
C THR A 529 -7.64 -39.40 -62.23
N PRO A 530 -7.09 -38.21 -61.96
CA PRO A 530 -7.74 -36.91 -62.15
C PRO A 530 -8.42 -36.73 -63.50
N VAL A 531 -8.09 -37.58 -64.48
CA VAL A 531 -8.76 -37.59 -65.80
C VAL A 531 -10.22 -38.01 -65.66
N THR A 532 -10.54 -38.57 -64.50
CA THR A 532 -11.86 -39.10 -64.17
C THR A 532 -12.83 -38.04 -63.62
N TRP A 533 -12.29 -37.04 -62.92
CA TRP A 533 -13.09 -36.10 -62.13
C TRP A 533 -13.99 -35.15 -62.92
N ALA A 534 -15.19 -34.93 -62.40
CA ALA A 534 -16.23 -34.11 -63.01
C ALA A 534 -16.01 -32.59 -63.05
N PRO A 535 -15.13 -32.06 -62.18
CA PRO A 535 -14.94 -30.60 -62.17
C PRO A 535 -14.23 -30.07 -63.41
N LYS A 536 -14.70 -28.90 -63.86
CA LYS A 536 -14.17 -28.24 -65.05
C LYS A 536 -13.40 -26.96 -64.70
N LEU A 537 -12.08 -27.04 -64.81
CA LEU A 537 -11.17 -25.95 -64.47
C LEU A 537 -10.95 -24.96 -65.62
N THR A 538 -11.53 -23.77 -65.50
CA THR A 538 -11.41 -22.76 -66.56
C THR A 538 -10.59 -21.54 -66.12
N HIS A 539 -10.18 -20.70 -67.08
CA HIS A 539 -9.65 -19.39 -66.75
C HIS A 539 -10.83 -18.46 -66.44
N THR A 540 -10.56 -17.37 -65.74
CA THR A 540 -11.62 -16.47 -65.27
C THR A 540 -11.51 -15.08 -65.89
N LYS B 2 50.47 -24.41 9.98
CA LYS B 2 49.90 -24.52 11.32
C LYS B 2 50.59 -23.59 12.32
N PHE B 3 49.80 -22.95 13.17
CA PHE B 3 50.32 -21.99 14.12
C PHE B 3 50.16 -22.50 15.56
N SER B 4 50.72 -21.76 16.50
CA SER B 4 50.58 -22.08 17.91
C SER B 4 49.98 -20.89 18.64
N LYS B 5 49.14 -21.18 19.64
CA LYS B 5 48.33 -20.18 20.30
C LYS B 5 49.01 -18.81 20.53
N GLU B 6 50.34 -18.81 20.69
CA GLU B 6 51.10 -17.58 20.98
C GLU B 6 51.61 -16.85 19.73
N GLN B 7 51.45 -17.45 18.55
CA GLN B 7 51.86 -16.83 17.30
C GLN B 7 50.77 -15.95 16.72
N PHE B 8 49.57 -16.02 17.31
CA PHE B 8 48.43 -15.28 16.81
C PHE B 8 48.59 -13.78 17.09
N ASP B 9 48.48 -12.98 16.04
CA ASP B 9 48.62 -11.53 16.14
C ASP B 9 47.27 -10.83 15.95
N TYR B 10 46.61 -10.51 17.06
CA TYR B 10 45.24 -10.00 17.00
C TYR B 10 45.17 -8.53 16.59
N SER B 11 46.31 -7.94 16.28
CA SER B 11 46.41 -6.49 15.98
C SER B 11 45.23 -5.94 15.17
N LEU B 12 45.17 -6.31 13.89
CA LEU B 12 44.05 -5.93 13.05
C LEU B 12 43.42 -7.20 12.52
N TYR B 13 42.23 -7.50 13.03
CA TYR B 13 41.55 -8.77 12.84
C TYR B 13 40.36 -8.58 11.89
N LEU B 14 40.35 -9.26 10.76
CA LEU B 14 39.31 -9.02 9.76
C LEU B 14 38.25 -10.12 9.68
N VAL B 15 37.00 -9.76 9.93
CA VAL B 15 35.90 -10.70 9.83
C VAL B 15 35.17 -10.44 8.53
N THR B 16 34.89 -11.50 7.77
CA THR B 16 34.33 -11.37 6.42
C THR B 16 32.80 -11.40 6.38
N ASP B 17 32.27 -10.71 5.38
CA ASP B 17 30.87 -10.79 5.06
C ASP B 17 30.81 -10.86 3.55
N SER B 18 30.02 -11.79 3.03
CA SER B 18 29.94 -11.98 1.60
C SER B 18 28.96 -10.99 0.98
N GLY B 19 27.88 -10.70 1.69
CA GLY B 19 26.86 -9.78 1.22
C GLY B 19 26.99 -8.39 1.79
N MET B 20 27.88 -7.61 1.19
CA MET B 20 28.23 -6.29 1.69
C MET B 20 29.35 -5.76 0.81
N ILE B 21 29.80 -6.62 -0.10
CA ILE B 21 30.87 -6.33 -1.03
C ILE B 21 30.32 -5.50 -2.18
N PRO B 22 30.95 -4.35 -2.44
CA PRO B 22 30.56 -3.40 -3.48
C PRO B 22 30.60 -4.05 -4.86
N GLU B 23 29.71 -3.64 -5.76
CA GLU B 23 29.68 -4.23 -7.09
C GLU B 23 30.99 -3.96 -7.83
N GLY B 24 31.64 -5.03 -8.27
CA GLY B 24 32.86 -4.91 -9.02
C GLY B 24 34.00 -5.57 -8.29
N LYS B 25 33.70 -6.14 -7.13
CA LYS B 25 34.73 -6.78 -6.32
C LYS B 25 34.24 -8.09 -5.76
N THR B 26 35.18 -8.85 -5.21
CA THR B 26 34.90 -10.13 -4.59
C THR B 26 35.45 -10.13 -3.18
N LEU B 27 35.04 -11.13 -2.40
CA LEU B 27 35.61 -11.35 -1.07
C LEU B 27 37.12 -11.53 -1.19
N TYR B 28 37.53 -12.50 -1.99
CA TYR B 28 38.95 -12.74 -2.21
C TYR B 28 39.66 -11.42 -2.46
N GLY B 29 39.20 -10.69 -3.47
CA GLY B 29 39.80 -9.42 -3.86
C GLY B 29 39.89 -8.42 -2.73
N GLN B 30 38.96 -8.49 -1.77
CA GLN B 30 39.01 -7.62 -0.60
C GLN B 30 39.94 -8.18 0.47
N VAL B 31 39.72 -9.42 0.86
CA VAL B 31 40.53 -10.05 1.89
C VAL B 31 42.00 -10.06 1.50
N GLU B 32 42.27 -9.93 0.21
CA GLU B 32 43.65 -9.84 -0.29
C GLU B 32 44.22 -8.44 -0.06
N ALA B 33 43.47 -7.42 -0.46
CA ALA B 33 43.86 -6.03 -0.28
C ALA B 33 44.07 -5.73 1.20
N GLY B 34 43.36 -6.46 2.05
CA GLY B 34 43.45 -6.31 3.48
C GLY B 34 44.72 -6.92 4.05
N LEU B 35 45.11 -8.08 3.53
CA LEU B 35 46.32 -8.78 3.98
C LEU B 35 47.62 -8.05 3.60
N GLN B 36 47.60 -7.34 2.47
CA GLN B 36 48.77 -6.66 1.96
C GLN B 36 49.10 -5.39 2.73
N ASN B 37 48.27 -5.06 3.72
CA ASN B 37 48.48 -3.82 4.49
C ASN B 37 48.21 -3.94 6.00
N GLY B 38 48.12 -5.17 6.52
CA GLY B 38 47.79 -5.41 7.93
C GLY B 38 46.90 -6.64 8.09
N VAL B 39 45.61 -6.40 8.28
CA VAL B 39 44.66 -7.48 8.53
C VAL B 39 45.41 -8.74 8.94
N THR B 40 46.07 -8.64 10.10
CA THR B 40 46.99 -9.66 10.61
C THR B 40 46.34 -10.96 11.14
N LEU B 41 45.03 -11.08 10.94
CA LEU B 41 44.30 -12.30 11.31
C LEU B 41 42.93 -12.25 10.63
N VAL B 42 42.43 -13.40 10.16
CA VAL B 42 41.20 -13.42 9.36
C VAL B 42 40.17 -14.46 9.80
N GLN B 43 38.91 -14.02 9.92
CA GLN B 43 37.80 -14.91 10.23
C GLN B 43 36.76 -14.90 9.12
N ILE B 44 36.33 -16.09 8.71
CA ILE B 44 35.27 -16.26 7.71
C ILE B 44 33.93 -16.35 8.41
N ARG B 45 32.95 -15.61 7.89
CA ARG B 45 31.64 -15.53 8.53
C ARG B 45 30.51 -15.70 7.53
N GLU B 46 29.90 -16.88 7.51
CA GLU B 46 28.76 -17.13 6.65
C GLU B 46 27.62 -17.74 7.44
N LYS B 47 26.58 -16.94 7.67
CA LYS B 47 25.48 -17.42 8.49
C LYS B 47 24.26 -17.73 7.63
N ASP B 48 24.40 -17.58 6.32
CA ASP B 48 23.28 -17.78 5.41
C ASP B 48 23.63 -18.64 4.20
N ALA B 49 24.90 -19.01 4.08
CA ALA B 49 25.38 -19.72 2.88
C ALA B 49 25.28 -21.25 2.94
N ASP B 50 25.12 -21.86 1.78
CA ASP B 50 25.12 -23.32 1.61
C ASP B 50 26.37 -23.93 2.21
N THR B 51 26.24 -24.89 3.12
CA THR B 51 27.42 -25.40 3.83
C THR B 51 28.37 -26.19 2.93
N LYS B 52 28.30 -25.95 1.63
CA LYS B 52 29.29 -26.49 0.71
C LYS B 52 30.01 -25.35 0.04
N PHE B 53 29.26 -24.38 -0.47
CA PHE B 53 29.86 -23.16 -0.98
C PHE B 53 30.67 -22.52 0.14
N PHE B 54 30.32 -22.85 1.37
CA PHE B 54 31.08 -22.39 2.53
C PHE B 54 32.44 -23.05 2.46
N ILE B 55 32.46 -24.38 2.44
CA ILE B 55 33.70 -25.14 2.46
C ILE B 55 34.61 -24.88 1.27
N GLU B 56 34.05 -24.46 0.15
CA GLU B 56 34.87 -24.13 -1.01
C GLU B 56 35.48 -22.75 -0.84
N GLU B 57 34.66 -21.78 -0.41
CA GLU B 57 35.08 -20.39 -0.27
C GLU B 57 36.14 -20.25 0.80
N ALA B 58 36.14 -21.19 1.75
CA ALA B 58 37.08 -21.20 2.88
C ALA B 58 38.44 -21.81 2.54
N LEU B 59 38.45 -22.85 1.71
CA LEU B 59 39.71 -23.45 1.31
C LEU B 59 40.42 -22.60 0.28
N GLN B 60 39.66 -21.73 -0.37
CA GLN B 60 40.20 -20.84 -1.39
C GLN B 60 40.78 -19.61 -0.71
N ILE B 61 40.21 -19.25 0.44
CA ILE B 61 40.67 -18.11 1.22
C ILE B 61 41.76 -18.51 2.21
N LYS B 62 41.80 -19.78 2.61
CA LYS B 62 42.89 -20.27 3.44
C LYS B 62 44.22 -20.22 2.71
N GLU B 63 44.25 -20.66 1.45
CA GLU B 63 45.47 -20.52 0.67
C GLU B 63 45.96 -19.09 0.70
N LEU B 64 45.05 -18.14 0.50
CA LEU B 64 45.41 -16.72 0.48
C LEU B 64 46.03 -16.28 1.81
N CYS B 65 45.48 -16.75 2.92
CA CYS B 65 45.98 -16.36 4.24
C CYS B 65 47.29 -17.04 4.60
N HIS B 66 47.30 -18.38 4.60
CA HIS B 66 48.54 -19.13 4.84
C HIS B 66 49.70 -18.59 4.00
N ALA B 67 49.39 -18.13 2.80
CA ALA B 67 50.39 -17.49 1.94
C ALA B 67 51.01 -16.26 2.59
N HIS B 68 50.20 -15.40 3.19
CA HIS B 68 50.69 -14.19 3.83
C HIS B 68 51.04 -14.48 5.30
N ASN B 69 51.05 -15.77 5.62
CA ASN B 69 51.44 -16.23 6.95
C ASN B 69 50.51 -15.77 8.07
N VAL B 70 49.23 -15.68 7.77
CA VAL B 70 48.24 -15.33 8.79
C VAL B 70 47.18 -16.41 8.91
N PRO B 71 46.79 -16.75 10.15
CA PRO B 71 45.83 -17.83 10.41
C PRO B 71 44.43 -17.56 9.84
N LEU B 72 43.59 -18.59 9.87
CA LEU B 72 42.20 -18.49 9.42
C LEU B 72 41.27 -19.07 10.48
N ILE B 73 40.32 -18.25 10.92
CA ILE B 73 39.37 -18.67 11.95
C ILE B 73 37.96 -18.77 11.35
N ILE B 74 37.18 -19.73 11.81
CA ILE B 74 35.86 -19.97 11.24
C ILE B 74 34.77 -19.74 12.26
N ASN B 75 33.73 -19.00 11.87
CA ASN B 75 32.61 -18.71 12.74
C ASN B 75 31.33 -19.08 12.00
N ASP B 76 30.56 -19.99 12.56
CA ASP B 76 30.82 -20.62 13.85
C ASP B 76 30.50 -22.10 13.69
N ARG B 77 30.87 -22.62 12.53
CA ARG B 77 30.61 -24.01 12.19
C ARG B 77 31.83 -24.88 12.49
N ILE B 78 31.87 -25.43 13.71
CA ILE B 78 32.95 -26.31 14.13
C ILE B 78 33.21 -27.43 13.09
N ASP B 79 32.13 -27.94 12.48
CA ASP B 79 32.23 -29.02 11.49
C ASP B 79 32.95 -28.61 10.20
N VAL B 80 32.85 -27.34 9.83
CA VAL B 80 33.56 -26.85 8.67
C VAL B 80 35.03 -26.62 9.01
N ALA B 81 35.30 -26.41 10.29
CA ALA B 81 36.67 -26.10 10.72
C ALA B 81 37.52 -27.37 10.74
N MET B 82 37.04 -28.40 11.41
CA MET B 82 37.73 -29.67 11.42
C MET B 82 37.93 -30.14 9.99
N ALA B 83 36.92 -29.97 9.16
CA ALA B 83 36.94 -30.47 7.79
C ALA B 83 38.00 -29.83 6.89
N ILE B 84 38.18 -28.51 6.96
CA ILE B 84 39.16 -27.86 6.10
C ILE B 84 40.47 -27.57 6.81
N GLY B 85 40.64 -28.13 8.00
CA GLY B 85 41.87 -27.95 8.77
C GLY B 85 42.18 -26.48 9.05
N ALA B 86 41.25 -25.83 9.73
CA ALA B 86 41.35 -24.41 10.00
C ALA B 86 42.24 -24.19 11.20
N ASP B 87 42.50 -22.93 11.51
CA ASP B 87 43.41 -22.58 12.59
C ASP B 87 42.67 -22.27 13.89
N GLY B 88 41.40 -21.91 13.77
CA GLY B 88 40.61 -21.57 14.94
C GLY B 88 39.15 -21.40 14.63
N ILE B 89 38.33 -21.34 15.66
CA ILE B 89 36.89 -21.18 15.49
C ILE B 89 36.33 -20.18 16.50
N HIS B 90 35.66 -19.14 15.99
CA HIS B 90 35.02 -18.15 16.85
C HIS B 90 33.57 -18.56 17.07
N VAL B 91 33.18 -18.78 18.31
CA VAL B 91 31.81 -19.18 18.59
C VAL B 91 31.17 -18.18 19.54
N GLY B 92 29.84 -18.16 19.51
CA GLY B 92 29.08 -17.21 20.30
C GLY B 92 28.44 -17.83 21.52
N GLN B 93 27.64 -17.02 22.20
CA GLN B 93 27.06 -17.40 23.47
C GLN B 93 25.91 -18.39 23.24
N ASP B 94 25.15 -18.17 22.17
CA ASP B 94 24.03 -19.04 21.83
C ASP B 94 24.44 -20.19 20.87
N ASP B 95 25.75 -20.34 20.69
CA ASP B 95 26.32 -21.39 19.83
C ASP B 95 26.80 -22.55 20.73
N MET B 96 27.59 -23.49 20.19
CA MET B 96 28.01 -24.68 20.94
C MET B 96 28.83 -24.36 22.18
N PRO B 97 28.53 -25.03 23.32
CA PRO B 97 29.26 -24.78 24.57
C PRO B 97 30.73 -25.19 24.45
N ILE B 98 31.62 -24.43 25.08
CA ILE B 98 33.06 -24.60 24.88
C ILE B 98 33.62 -25.98 25.27
N PRO B 99 33.26 -26.50 26.47
CA PRO B 99 33.69 -27.86 26.83
C PRO B 99 33.54 -28.83 25.67
N MET B 100 32.40 -28.77 24.99
CA MET B 100 32.14 -29.71 23.89
C MET B 100 32.95 -29.39 22.64
N ILE B 101 33.21 -28.11 22.40
CA ILE B 101 34.01 -27.74 21.24
C ILE B 101 35.39 -28.33 21.42
N ARG B 102 35.93 -28.15 22.62
CA ARG B 102 37.28 -28.59 22.93
C ARG B 102 37.40 -30.10 22.78
N LYS B 103 36.42 -30.83 23.31
CA LYS B 103 36.46 -32.28 23.28
C LYS B 103 36.57 -32.81 21.84
N LEU B 104 36.02 -32.07 20.87
CA LEU B 104 36.02 -32.49 19.48
C LEU B 104 37.27 -32.05 18.72
N VAL B 105 37.65 -30.78 18.88
CA VAL B 105 38.79 -30.23 18.14
C VAL B 105 40.14 -30.52 18.79
N GLY B 106 40.14 -30.92 20.07
CA GLY B 106 41.36 -31.23 20.80
C GLY B 106 42.26 -30.02 20.98
N PRO B 107 42.82 -29.85 22.19
CA PRO B 107 43.68 -28.70 22.51
C PRO B 107 44.72 -28.45 21.41
N ASP B 108 45.19 -27.20 21.30
CA ASP B 108 46.13 -26.75 20.25
C ASP B 108 45.46 -25.83 19.21
N MET B 109 44.14 -25.81 19.20
CA MET B 109 43.40 -24.92 18.30
C MET B 109 42.77 -23.79 19.10
N VAL B 110 42.71 -22.61 18.47
CA VAL B 110 42.20 -21.42 19.15
C VAL B 110 40.67 -21.45 19.23
N ILE B 111 40.12 -20.82 20.27
CA ILE B 111 38.68 -20.79 20.44
C ILE B 111 38.23 -19.39 20.85
N GLY B 112 37.37 -18.79 20.03
CA GLY B 112 36.95 -17.41 20.22
C GLY B 112 35.53 -17.26 20.72
N TRP B 113 35.38 -16.76 21.93
CA TRP B 113 34.08 -16.66 22.58
C TRP B 113 33.61 -15.22 22.64
N SER B 114 32.42 -14.96 22.07
CA SER B 114 31.78 -13.63 22.12
C SER B 114 31.33 -13.26 23.53
N VAL B 115 31.85 -12.15 24.06
CA VAL B 115 31.65 -11.83 25.47
C VAL B 115 31.31 -10.36 25.67
N GLY B 116 30.15 -10.07 26.26
CA GLY B 116 29.71 -8.69 26.43
C GLY B 116 29.61 -8.25 27.88
N PHE B 117 29.44 -9.24 28.76
CA PHE B 117 29.19 -9.01 30.17
C PHE B 117 30.19 -9.76 31.04
N PRO B 118 30.69 -9.09 32.10
CA PRO B 118 31.61 -9.65 33.11
C PRO B 118 31.20 -11.03 33.60
N GLU B 119 29.90 -11.23 33.83
CA GLU B 119 29.35 -12.51 34.27
C GLU B 119 29.81 -13.68 33.41
N GLU B 120 30.12 -13.39 32.16
CA GLU B 120 30.55 -14.40 31.21
C GLU B 120 32.07 -14.63 31.23
N VAL B 121 32.80 -13.70 31.87
CA VAL B 121 34.25 -13.86 32.06
C VAL B 121 34.51 -14.74 33.27
N ASP B 122 33.59 -14.71 34.22
CA ASP B 122 33.62 -15.61 35.36
C ASP B 122 33.49 -17.07 34.89
N GLU B 123 32.45 -17.34 34.08
CA GLU B 123 32.23 -18.66 33.48
C GLU B 123 33.46 -19.13 32.71
N LEU B 124 34.06 -18.20 31.98
CA LEU B 124 35.26 -18.44 31.18
C LEU B 124 36.44 -18.90 32.04
N SER B 125 36.44 -18.45 33.28
CA SER B 125 37.52 -18.72 34.21
C SER B 125 37.35 -20.05 34.94
N LYS B 126 36.17 -20.28 35.50
CA LYS B 126 35.86 -21.56 36.14
C LYS B 126 36.16 -22.73 35.18
N MET B 127 36.53 -22.39 33.96
CA MET B 127 36.86 -23.38 32.94
C MET B 127 38.36 -23.65 32.81
N GLY B 128 39.18 -22.68 33.19
CA GLY B 128 40.63 -22.85 33.16
C GLY B 128 41.26 -22.51 31.82
N PRO B 129 42.57 -22.76 31.68
CA PRO B 129 43.32 -22.48 30.46
C PRO B 129 43.06 -23.56 29.42
N ASP B 130 43.51 -23.34 28.18
CA ASP B 130 43.25 -24.31 27.11
C ASP B 130 41.77 -24.30 26.68
N MET B 131 40.89 -23.77 27.51
CA MET B 131 39.49 -23.66 27.12
C MET B 131 39.32 -22.47 26.19
N VAL B 132 38.96 -21.31 26.72
CA VAL B 132 38.86 -20.12 25.88
C VAL B 132 40.23 -19.48 25.68
N ASP B 133 40.51 -19.03 24.46
CA ASP B 133 41.84 -18.56 24.12
C ASP B 133 41.84 -17.06 23.88
N TYR B 134 40.69 -16.54 23.47
CA TYR B 134 40.57 -15.11 23.23
C TYR B 134 39.11 -14.78 23.20
N ILE B 135 38.75 -13.56 23.56
CA ILE B 135 37.35 -13.17 23.54
C ILE B 135 37.17 -11.91 22.70
N GLY B 136 36.07 -11.88 21.95
CA GLY B 136 35.64 -10.68 21.25
C GLY B 136 34.69 -9.89 22.13
N VAL B 137 35.16 -8.80 22.72
CA VAL B 137 34.33 -8.08 23.65
C VAL B 137 33.18 -7.33 23.00
N GLY B 138 31.98 -7.80 23.37
CA GLY B 138 30.70 -7.12 23.22
C GLY B 138 30.37 -6.57 21.86
N THR B 139 29.51 -5.55 21.85
CA THR B 139 29.37 -4.71 20.69
C THR B 139 29.59 -3.32 21.23
N LEU B 140 30.66 -2.67 20.81
CA LEU B 140 31.02 -1.39 21.40
C LEU B 140 30.15 -0.24 20.92
N PHE B 141 29.95 -0.16 19.61
CA PHE B 141 29.13 0.90 19.05
C PHE B 141 28.03 0.36 18.14
N PRO B 142 27.01 1.17 17.84
CA PRO B 142 25.89 0.72 17.01
C PRO B 142 26.40 0.19 15.66
N THR B 143 25.88 -0.95 15.22
CA THR B 143 26.29 -1.53 13.93
C THR B 143 25.12 -2.13 13.15
N LEU B 144 25.17 -2.01 11.83
CA LEU B 144 24.14 -2.58 10.97
C LEU B 144 24.45 -4.02 10.56
N THR B 145 25.68 -4.45 10.80
CA THR B 145 26.14 -5.69 10.19
C THR B 145 25.59 -6.98 10.85
N LYS B 146 25.61 -7.03 12.17
CA LYS B 146 24.99 -8.15 12.87
C LYS B 146 23.47 -7.90 12.92
N PRO B 153 24.55 -1.85 22.31
CA PRO B 153 25.65 -0.93 22.57
C PRO B 153 26.16 -1.07 23.99
N MET B 154 27.48 -0.93 24.17
CA MET B 154 28.10 -1.03 25.48
C MET B 154 29.20 0.00 25.66
N GLY B 155 29.52 0.71 24.58
CA GLY B 155 30.56 1.73 24.62
C GLY B 155 31.82 1.24 25.29
N THR B 156 32.80 2.13 25.42
CA THR B 156 34.07 1.79 26.05
C THR B 156 33.85 1.38 27.49
N ALA B 157 32.93 2.04 28.15
CA ALA B 157 32.66 1.79 29.56
C ALA B 157 32.48 0.30 29.85
N GLY B 158 31.50 -0.30 29.18
CA GLY B 158 31.21 -1.70 29.37
C GLY B 158 32.38 -2.62 29.08
N ALA B 159 33.20 -2.25 28.09
CA ALA B 159 34.39 -3.03 27.75
C ALA B 159 35.34 -3.10 28.94
N ILE B 160 35.46 -1.99 29.65
CA ILE B 160 36.30 -1.93 30.84
C ILE B 160 35.87 -2.92 31.92
N ARG B 161 34.58 -2.96 32.20
CA ARG B 161 34.05 -3.91 33.18
C ARG B 161 34.48 -5.35 32.86
N VAL B 162 34.62 -5.64 31.58
CA VAL B 162 35.04 -6.98 31.14
C VAL B 162 36.53 -7.24 31.42
N LEU B 163 37.38 -6.32 30.97
CA LEU B 163 38.81 -6.42 31.21
C LEU B 163 39.05 -6.57 32.71
N ASP B 164 38.46 -5.68 33.48
CA ASP B 164 38.57 -5.73 34.92
C ASP B 164 38.26 -7.11 35.48
N ALA B 165 37.25 -7.77 34.95
CA ALA B 165 36.93 -9.12 35.39
C ALA B 165 38.01 -10.10 34.96
N LEU B 166 38.61 -9.84 33.80
CA LEU B 166 39.70 -10.67 33.27
C LEU B 166 40.92 -10.64 34.17
N GLU B 167 40.91 -9.70 35.11
CA GLU B 167 42.04 -9.44 35.98
C GLU B 167 41.71 -10.04 37.33
N ARG B 168 40.67 -9.50 37.94
CA ARG B 168 40.09 -10.06 39.16
C ARG B 168 40.12 -11.59 39.15
N ASN B 169 39.93 -12.21 37.99
CA ASN B 169 39.89 -13.67 37.91
C ASN B 169 41.23 -14.28 37.50
N ASN B 170 42.19 -13.40 37.23
CA ASN B 170 43.50 -13.83 36.79
C ASN B 170 43.39 -14.79 35.62
N ALA B 171 42.95 -14.26 34.48
CA ALA B 171 42.81 -15.04 33.26
C ALA B 171 43.90 -14.65 32.27
N HIS B 172 45.15 -14.83 32.71
CA HIS B 172 46.31 -14.43 31.91
C HIS B 172 46.34 -15.05 30.52
N TRP B 173 45.62 -16.16 30.33
CA TRP B 173 45.77 -16.95 29.12
C TRP B 173 44.87 -16.49 27.98
N CYS B 174 43.87 -15.69 28.32
CA CYS B 174 42.84 -15.30 27.36
C CYS B 174 43.05 -13.88 26.83
N ARG B 175 43.21 -13.75 25.52
CA ARG B 175 43.44 -12.46 24.86
C ARG B 175 42.13 -11.70 24.61
N THR B 176 42.21 -10.48 24.09
CA THR B 176 41.00 -9.71 23.82
C THR B 176 41.06 -8.90 22.51
N VAL B 177 39.94 -8.86 21.79
CA VAL B 177 39.78 -7.90 20.69
C VAL B 177 38.45 -7.16 20.81
N GLY B 178 38.45 -5.85 20.59
CA GLY B 178 37.20 -5.10 20.60
C GLY B 178 36.52 -5.32 19.27
N ILE B 179 35.22 -5.08 19.18
CA ILE B 179 34.53 -5.24 17.89
C ILE B 179 33.21 -4.49 17.77
N GLY B 180 32.76 -4.30 16.53
CA GLY B 180 31.42 -3.83 16.24
C GLY B 180 31.26 -2.33 16.19
N GLY B 181 31.34 -1.78 14.98
CA GLY B 181 31.07 -0.38 14.76
C GLY B 181 32.32 0.45 14.89
N LEU B 182 33.46 -0.23 14.79
CA LEU B 182 34.74 0.45 14.86
C LEU B 182 35.10 1.04 13.51
N HIS B 183 35.49 2.31 13.52
CA HIS B 183 35.84 3.02 12.30
C HIS B 183 36.94 4.02 12.64
N PRO B 184 37.54 4.63 11.61
CA PRO B 184 38.61 5.62 11.83
C PRO B 184 38.19 6.69 12.83
N ASP B 185 36.91 7.05 12.82
CA ASP B 185 36.43 8.17 13.61
C ASP B 185 36.35 7.89 15.12
N ASN B 186 36.73 6.69 15.55
CA ASN B 186 36.65 6.37 16.97
C ASN B 186 37.59 5.27 17.43
N ILE B 187 38.26 4.63 16.49
CA ILE B 187 39.14 3.53 16.84
C ILE B 187 40.15 3.94 17.91
N GLU B 188 40.73 5.13 17.76
CA GLU B 188 41.75 5.55 18.70
C GLU B 188 41.20 5.72 20.11
N ARG B 189 40.06 6.39 20.24
CA ARG B 189 39.45 6.54 21.56
C ARG B 189 39.04 5.20 22.17
N VAL B 190 38.76 4.19 21.32
CA VAL B 190 38.51 2.84 21.83
C VAL B 190 39.78 2.25 22.44
N LEU B 191 40.84 2.12 21.64
CA LEU B 191 42.15 1.65 22.13
C LEU B 191 42.62 2.41 23.38
N TYR B 192 42.21 3.66 23.46
CA TYR B 192 42.71 4.61 24.46
C TYR B 192 42.08 4.44 25.84
N GLN B 193 40.78 4.15 25.88
CA GLN B 193 40.10 4.01 27.18
C GLN B 193 39.70 2.58 27.52
N CYS B 194 39.91 1.65 26.59
CA CYS B 194 39.71 0.24 26.91
C CYS B 194 40.93 -0.38 27.56
N VAL B 195 41.18 0.01 28.81
CA VAL B 195 42.26 -0.58 29.62
C VAL B 195 41.73 -1.06 30.96
N SER B 196 42.32 -2.13 31.46
CA SER B 196 42.06 -2.62 32.80
C SER B 196 42.13 -1.44 33.78
N SER B 197 41.44 -1.53 34.91
CA SER B 197 41.45 -0.44 35.88
C SER B 197 42.78 -0.41 36.63
N ASN B 198 43.47 -1.55 36.66
CA ASN B 198 44.78 -1.63 37.28
C ASN B 198 45.93 -1.43 36.30
N GLY B 199 45.61 -0.97 35.09
CA GLY B 199 46.63 -0.62 34.12
C GLY B 199 47.33 -1.74 33.36
N LYS B 200 47.18 -2.97 33.80
CA LYS B 200 48.02 -4.04 33.26
C LYS B 200 47.46 -4.78 32.04
N ARG B 201 46.24 -4.45 31.63
CA ARG B 201 45.63 -5.13 30.48
C ARG B 201 44.91 -4.15 29.56
N SER B 202 44.93 -4.43 28.26
CA SER B 202 44.23 -3.62 27.28
C SER B 202 43.87 -4.46 26.05
N LEU B 203 43.13 -3.86 25.13
CA LEU B 203 42.66 -4.57 23.95
C LEU B 203 43.84 -5.11 23.14
N ASP B 204 43.86 -6.43 22.91
CA ASP B 204 44.92 -7.03 22.08
C ASP B 204 44.77 -6.68 20.59
N GLY B 205 43.54 -6.39 20.16
CA GLY B 205 43.34 -5.96 18.79
C GLY B 205 42.05 -5.20 18.53
N ILE B 206 41.86 -4.86 17.26
CA ILE B 206 40.61 -4.27 16.81
C ILE B 206 39.98 -5.10 15.69
N CYS B 207 38.66 -5.22 15.69
CA CYS B 207 37.97 -6.11 14.77
C CYS B 207 37.05 -5.34 13.82
N VAL B 208 37.21 -5.56 12.52
CA VAL B 208 36.38 -4.85 11.55
C VAL B 208 35.68 -5.73 10.54
N VAL B 209 34.55 -5.26 10.03
CA VAL B 209 33.83 -5.95 9.00
C VAL B 209 33.50 -4.96 7.90
N SER B 210 32.51 -4.12 8.12
CA SER B 210 32.08 -3.15 7.12
C SER B 210 33.16 -2.13 6.71
N ASP B 211 34.12 -1.88 7.58
CA ASP B 211 35.10 -0.83 7.30
C ASP B 211 36.12 -1.19 6.21
N ILE B 212 36.29 -2.49 5.98
CA ILE B 212 37.26 -2.95 5.00
C ILE B 212 36.58 -3.71 3.87
N ILE B 213 35.66 -4.60 4.24
CA ILE B 213 34.95 -5.40 3.25
C ILE B 213 34.08 -4.52 2.34
N ALA B 214 33.36 -3.58 2.95
CA ALA B 214 32.42 -2.75 2.22
C ALA B 214 33.04 -1.46 1.70
N SER B 215 34.34 -1.30 1.88
CA SER B 215 35.04 -0.12 1.39
C SER B 215 35.17 -0.13 -0.13
N LEU B 216 35.11 1.05 -0.74
CA LEU B 216 35.30 1.18 -2.17
C LEU B 216 36.77 0.96 -2.55
N ASP B 217 37.67 1.16 -1.59
CA ASP B 217 39.08 0.89 -1.78
C ASP B 217 39.65 0.24 -0.51
N ALA B 218 39.66 -1.09 -0.49
CA ALA B 218 40.06 -1.84 0.69
C ALA B 218 41.52 -1.62 1.08
N ALA B 219 42.42 -1.56 0.09
CA ALA B 219 43.83 -1.32 0.36
C ALA B 219 44.07 -0.05 1.19
N LYS B 220 43.33 1.01 0.87
CA LYS B 220 43.48 2.31 1.54
C LYS B 220 42.86 2.28 2.91
N SER B 221 41.70 1.62 3.02
CA SER B 221 40.98 1.53 4.29
C SER B 221 41.74 0.73 5.33
N THR B 222 42.47 -0.29 4.89
CA THR B 222 43.33 -1.06 5.79
C THR B 222 44.57 -0.26 6.19
N LYS B 223 45.12 0.49 5.24
CA LYS B 223 46.32 1.29 5.50
C LYS B 223 46.08 2.36 6.57
N ILE B 224 44.90 2.96 6.54
CA ILE B 224 44.49 3.96 7.54
C ILE B 224 44.31 3.36 8.93
N LEU B 225 43.60 2.23 9.03
CA LEU B 225 43.42 1.54 10.30
C LEU B 225 44.74 1.03 10.86
N ARG B 226 45.66 0.58 10.00
CA ARG B 226 46.98 0.21 10.49
C ARG B 226 47.58 1.37 11.23
N GLY B 227 47.76 2.49 10.53
CA GLY B 227 48.26 3.72 11.13
C GLY B 227 47.74 3.94 12.55
N LEU B 228 46.41 4.02 12.66
CA LEU B 228 45.77 4.26 13.94
C LEU B 228 46.21 3.27 15.03
N ILE B 229 46.30 1.98 14.67
CA ILE B 229 46.60 0.93 15.64
C ILE B 229 48.04 0.87 16.18
N ASP B 230 49.04 1.09 15.33
CA ASP B 230 50.42 1.00 15.81
C ASP B 230 51.09 2.37 16.01
N LYS B 231 50.28 3.41 16.10
CA LYS B 231 50.69 4.69 16.66
C LYS B 231 50.53 4.55 18.18
N THR B 232 50.91 5.57 18.94
CA THR B 232 50.70 5.49 20.39
C THR B 232 50.33 6.81 21.07
N ASP B 233 50.02 7.81 20.27
CA ASP B 233 49.60 9.09 20.81
C ASP B 233 48.20 9.44 20.30
N TYR B 234 47.24 9.50 21.23
CA TYR B 234 45.95 10.10 20.93
C TYR B 234 45.95 11.54 21.43
N LYS B 235 46.45 12.45 20.59
CA LYS B 235 46.36 13.87 20.89
C LYS B 235 44.94 14.33 20.61
N PHE B 236 44.05 14.14 21.59
CA PHE B 236 42.60 14.38 21.42
C PHE B 236 42.22 15.83 21.62
N VAL B 237 43.14 16.61 22.18
CA VAL B 237 42.91 18.03 22.33
C VAL B 237 44.18 18.77 21.95
N ASN B 238 44.02 19.93 21.32
CA ASN B 238 45.17 20.70 20.91
C ASN B 238 45.76 21.55 22.06
N ILE B 239 45.98 20.88 23.18
CA ILE B 239 46.68 21.44 24.32
C ILE B 239 47.65 20.36 24.80
N GLY B 240 48.64 20.75 25.58
CA GLY B 240 49.59 19.77 26.09
C GLY B 240 48.92 18.86 27.09
N LEU B 241 49.41 17.62 27.19
CA LEU B 241 48.84 16.66 28.13
C LEU B 241 49.88 16.13 29.10
N SER B 242 51.09 16.69 29.00
CA SER B 242 52.22 16.31 29.84
C SER B 242 51.84 16.13 31.32
N THR B 243 52.36 15.07 31.93
CA THR B 243 52.09 14.80 33.34
C THR B 243 52.96 15.70 34.24
N LYS B 244 52.32 16.58 34.97
CA LYS B 244 53.03 17.48 35.87
C LYS B 244 52.73 17.07 37.31
N ASN B 245 53.79 16.91 38.09
CA ASN B 245 53.65 16.61 39.51
C ASN B 245 53.90 17.82 40.39
N SER B 246 54.56 18.83 39.82
CA SER B 246 54.77 20.09 40.52
C SER B 246 53.46 20.86 40.62
N LEU B 247 52.93 20.97 41.84
CA LEU B 247 51.75 21.79 42.07
C LEU B 247 51.80 23.00 41.17
N THR B 248 50.63 23.47 40.77
CA THR B 248 50.53 24.63 39.92
C THR B 248 51.06 25.83 40.68
N THR B 249 52.03 26.53 40.11
CA THR B 249 52.63 27.68 40.79
C THR B 249 51.87 28.94 40.44
N THR B 250 51.97 29.92 41.33
CA THR B 250 51.39 31.22 41.11
C THR B 250 51.68 31.79 39.72
N ASP B 251 52.89 31.59 39.24
CA ASP B 251 53.29 32.14 37.96
C ASP B 251 52.65 31.39 36.80
N GLU B 252 52.36 30.11 37.02
CA GLU B 252 51.64 29.32 36.02
C GLU B 252 50.20 29.78 35.90
N ILE B 253 49.50 29.86 37.04
CA ILE B 253 48.14 30.38 37.10
C ILE B 253 48.04 31.74 36.42
N GLN B 254 49.04 32.58 36.63
CA GLN B 254 49.08 33.91 36.05
C GLN B 254 49.07 33.87 34.52
N SER B 255 50.02 33.13 33.95
CA SER B 255 50.12 32.98 32.51
C SER B 255 48.84 32.36 31.91
N ILE B 256 48.21 31.45 32.66
CA ILE B 256 46.96 30.84 32.23
C ILE B 256 45.91 31.91 31.99
N ILE B 257 45.67 32.72 33.02
CA ILE B 257 44.65 33.77 32.96
C ILE B 257 44.93 34.78 31.86
N SER B 258 46.20 35.08 31.61
CA SER B 258 46.56 36.02 30.57
C SER B 258 46.18 35.46 29.21
N ASN B 259 46.60 34.23 28.96
CA ASN B 259 46.26 33.56 27.72
C ASN B 259 44.77 33.61 27.45
N THR B 260 43.98 33.01 28.34
CA THR B 260 42.53 33.10 28.19
C THR B 260 42.11 34.55 27.90
N LEU B 261 42.60 35.50 28.69
CA LEU B 261 42.24 36.91 28.49
C LEU B 261 42.59 37.47 27.12
N LYS B 262 43.78 37.13 26.63
CA LYS B 262 44.27 37.61 25.34
C LYS B 262 43.61 36.85 24.18
N ALA B 263 43.11 35.66 24.48
CA ALA B 263 42.60 34.79 23.44
C ALA B 263 41.09 34.95 23.20
N ARG B 264 40.40 35.73 24.03
CA ARG B 264 38.93 35.79 24.00
C ARG B 264 38.26 34.51 23.44
N PRO B 265 38.31 33.42 24.22
CA PRO B 265 37.74 32.15 23.75
C PRO B 265 36.23 32.20 23.61
N LEU B 266 35.73 31.72 22.47
CA LEU B 266 34.30 31.42 22.31
C LEU B 266 33.97 30.09 22.98
N VAL B 267 33.10 30.14 23.98
CA VAL B 267 32.65 28.96 24.69
C VAL B 267 31.21 28.71 24.30
N GLN B 268 30.96 27.61 23.61
CA GLN B 268 29.60 27.22 23.27
C GLN B 268 28.95 26.45 24.41
N HIS B 269 27.81 26.94 24.87
CA HIS B 269 27.14 26.40 26.05
C HIS B 269 25.92 25.54 25.68
N ILE B 270 25.96 24.27 26.07
CA ILE B 270 24.80 23.42 25.95
C ILE B 270 24.38 22.96 27.34
N THR B 271 23.34 23.59 27.87
CA THR B 271 22.93 23.35 29.24
C THR B 271 21.51 23.84 29.49
N ASN B 272 20.95 23.53 30.66
CA ASN B 272 19.56 23.85 31.03
C ASN B 272 19.21 25.32 30.90
N LYS B 273 17.94 25.64 31.12
CA LYS B 273 17.50 27.03 31.11
C LYS B 273 18.11 27.84 32.26
N VAL B 274 18.20 27.25 33.45
CA VAL B 274 18.66 27.95 34.66
C VAL B 274 20.13 28.37 34.64
N HIS B 275 20.91 27.69 33.80
CA HIS B 275 22.34 27.94 33.73
C HIS B 275 22.70 28.77 32.50
N GLN B 276 21.78 28.83 31.55
CA GLN B 276 21.97 29.67 30.37
C GLN B 276 22.44 31.03 30.82
N ASN B 277 21.55 31.80 31.44
CA ASN B 277 21.81 33.19 31.78
C ASN B 277 22.93 33.40 32.81
N PHE B 278 22.97 32.59 33.85
CA PHE B 278 24.02 32.73 34.85
C PHE B 278 25.38 32.31 34.29
N GLY B 279 25.37 31.28 33.45
CA GLY B 279 26.60 30.74 32.89
C GLY B 279 27.25 31.62 31.86
N ALA B 280 26.45 32.44 31.18
CA ALA B 280 26.94 33.34 30.14
C ALA B 280 27.61 34.56 30.76
N ASN B 281 27.26 34.85 32.00
CA ASN B 281 27.83 36.00 32.71
C ASN B 281 29.22 35.69 33.26
N VAL B 282 29.36 34.51 33.86
CA VAL B 282 30.66 34.01 34.29
C VAL B 282 31.64 33.97 33.13
N THR B 283 31.13 33.83 31.91
CA THR B 283 31.98 33.77 30.73
C THR B 283 32.40 35.16 30.28
N LEU B 284 31.44 36.07 30.22
CA LEU B 284 31.72 37.48 29.94
C LEU B 284 32.70 38.01 30.97
N ALA B 285 32.44 37.72 32.24
CA ALA B 285 33.35 38.08 33.30
C ALA B 285 34.79 37.73 32.96
N LEU B 286 34.99 36.54 32.42
CA LEU B 286 36.34 36.06 32.15
C LEU B 286 36.90 36.47 30.79
N GLY B 287 36.39 37.58 30.25
CA GLY B 287 36.86 38.13 29.00
C GLY B 287 36.77 37.19 27.80
N SER B 288 35.68 36.43 27.71
CA SER B 288 35.48 35.51 26.61
C SER B 288 34.01 35.46 26.24
N SER B 289 33.70 35.10 25.00
CA SER B 289 32.36 35.22 24.45
C SER B 289 31.55 33.91 24.40
N PRO B 290 30.33 33.90 24.97
CA PRO B 290 29.54 32.68 25.03
C PRO B 290 28.55 32.65 23.89
N ILE B 291 28.29 31.46 23.37
CA ILE B 291 27.21 31.22 22.41
C ILE B 291 26.30 30.13 22.95
N MET B 292 24.99 30.28 22.75
CA MET B 292 24.03 29.32 23.31
C MET B 292 23.32 28.51 22.25
N SER B 293 23.95 28.39 21.09
CA SER B 293 23.40 27.59 19.98
C SER B 293 23.18 26.13 20.37
N GLU B 294 22.00 25.62 20.05
CA GLU B 294 21.68 24.19 20.20
C GLU B 294 21.32 23.62 18.83
N ILE B 295 21.84 24.25 17.79
CA ILE B 295 21.51 23.93 16.40
C ILE B 295 22.54 23.00 15.76
N GLN B 296 22.07 21.97 15.05
CA GLN B 296 22.98 20.96 14.47
C GLN B 296 23.89 21.48 13.35
N SER B 297 23.32 22.08 12.31
CA SER B 297 24.09 22.57 11.17
C SER B 297 25.20 23.57 11.52
N GLU B 298 25.06 24.22 12.67
CA GLU B 298 25.99 25.24 13.12
C GLU B 298 27.21 24.66 13.85
N VAL B 299 27.07 23.41 14.29
CA VAL B 299 28.03 22.84 15.21
C VAL B 299 29.45 22.83 14.65
N ASN B 300 29.60 22.41 13.39
CA ASN B 300 30.90 22.43 12.73
C ASN B 300 31.43 23.84 12.48
N ASP B 301 30.63 24.69 11.85
CA ASP B 301 31.00 26.09 11.62
C ASP B 301 31.51 26.77 12.91
N LEU B 302 30.80 26.57 14.02
CA LEU B 302 31.18 27.17 15.32
C LEU B 302 32.49 26.64 15.88
N ALA B 303 32.68 25.32 15.84
CA ALA B 303 33.87 24.68 16.43
C ALA B 303 35.13 24.92 15.60
N ALA B 304 34.95 25.64 14.51
CA ALA B 304 36.06 26.01 13.64
C ALA B 304 36.69 27.32 14.08
N ILE B 305 35.88 28.22 14.66
CA ILE B 305 36.39 29.49 15.15
C ILE B 305 37.54 29.24 16.15
N PRO B 306 38.58 30.09 16.14
CA PRO B 306 39.76 29.87 16.97
C PRO B 306 39.44 29.83 18.46
N HIS B 307 40.17 28.99 19.18
CA HIS B 307 40.01 28.84 20.63
C HIS B 307 38.61 28.46 21.12
N ALA B 308 37.79 27.88 20.24
CA ALA B 308 36.44 27.47 20.62
C ALA B 308 36.47 26.37 21.65
N THR B 309 35.38 26.21 22.39
CA THR B 309 35.30 25.28 23.52
C THR B 309 33.87 24.81 23.74
N LEU B 310 33.70 23.53 23.99
CA LEU B 310 32.34 23.04 24.28
C LEU B 310 32.16 22.76 25.75
N LEU B 311 31.15 23.38 26.35
CA LEU B 311 30.73 23.09 27.72
C LEU B 311 29.38 22.38 27.68
N LEU B 312 29.33 21.19 28.27
CA LEU B 312 28.18 20.30 28.09
C LEU B 312 27.43 19.91 29.37
N ASN B 313 26.12 20.14 29.36
CA ASN B 313 25.24 19.68 30.44
C ASN B 313 24.34 18.54 30.04
N THR B 314 24.03 17.68 30.99
CA THR B 314 22.97 16.73 30.78
C THR B 314 21.69 17.47 31.11
N GLY B 315 20.54 16.84 30.87
CA GLY B 315 19.26 17.47 31.16
C GLY B 315 19.04 18.74 30.37
N SER B 316 19.85 18.93 29.32
CA SER B 316 19.61 19.99 28.35
C SER B 316 18.48 19.52 27.43
N VAL B 317 17.81 20.47 26.80
CA VAL B 317 16.63 20.16 26.00
C VAL B 317 16.96 19.63 24.60
N ALA B 318 18.24 19.70 24.23
CA ALA B 318 18.68 19.23 22.91
C ALA B 318 18.59 17.72 22.77
N PRO B 319 18.28 17.24 21.55
CA PRO B 319 18.14 15.81 21.25
C PRO B 319 19.49 15.11 21.24
N PRO B 320 19.56 13.86 21.74
CA PRO B 320 20.84 13.14 21.71
C PRO B 320 21.56 13.25 20.36
N GLU B 321 20.83 13.06 19.27
CA GLU B 321 21.43 13.12 17.92
C GLU B 321 22.28 14.37 17.68
N MET B 322 21.98 15.46 18.37
CA MET B 322 22.73 16.70 18.18
C MET B 322 23.90 16.80 19.17
N LEU B 323 23.73 16.27 20.37
CA LEU B 323 24.85 16.13 21.30
C LEU B 323 25.93 15.26 20.66
N LYS B 324 25.52 14.12 20.11
CA LYS B 324 26.43 13.27 19.37
C LYS B 324 27.14 14.06 18.28
N ALA B 325 26.43 15.01 17.68
CA ALA B 325 27.00 15.77 16.57
C ALA B 325 28.07 16.75 17.01
N ALA B 326 27.89 17.33 18.20
CA ALA B 326 28.79 18.38 18.68
C ALA B 326 30.04 17.78 19.31
N ILE B 327 29.86 16.82 20.20
CA ILE B 327 30.99 16.08 20.74
C ILE B 327 31.93 15.70 19.60
N ARG B 328 31.42 14.92 18.65
CA ARG B 328 32.17 14.57 17.44
C ARG B 328 32.76 15.78 16.71
N ALA B 329 31.97 16.83 16.54
CA ALA B 329 32.43 18.00 15.78
C ALA B 329 33.61 18.72 16.42
N TYR B 330 33.66 18.72 17.75
CA TYR B 330 34.77 19.33 18.47
C TYR B 330 35.99 18.40 18.56
N ASN B 331 35.76 17.10 18.67
CA ASN B 331 36.87 16.15 18.67
C ASN B 331 37.60 16.18 17.36
N ASP B 332 36.89 16.51 16.30
CA ASP B 332 37.47 16.50 14.95
C ASP B 332 38.43 17.65 14.73
N VAL B 333 38.14 18.79 15.35
CA VAL B 333 39.01 19.96 15.27
C VAL B 333 39.94 19.95 16.48
N LYS B 334 39.92 18.85 17.22
CA LYS B 334 40.70 18.67 18.44
C LYS B 334 40.61 19.85 19.42
N ARG B 335 39.40 20.33 19.65
CA ARG B 335 39.15 21.42 20.60
C ARG B 335 38.47 20.86 21.83
N PRO B 336 38.61 21.56 22.97
CA PRO B 336 38.29 20.99 24.29
C PRO B 336 36.82 20.99 24.69
N ILE B 337 36.37 19.85 25.22
CA ILE B 337 35.02 19.69 25.78
C ILE B 337 35.03 19.51 27.31
N VAL B 338 34.22 20.30 28.01
CA VAL B 338 33.96 20.08 29.43
C VAL B 338 32.58 19.48 29.65
N PHE B 339 32.53 18.27 30.19
CA PHE B 339 31.27 17.57 30.37
C PHE B 339 30.82 17.60 31.81
N ASP B 340 29.59 18.03 32.02
CA ASP B 340 29.02 18.26 33.33
C ASP B 340 27.71 17.47 33.51
N PRO B 341 27.82 16.26 34.09
CA PRO B 341 26.73 15.28 34.27
C PRO B 341 25.92 15.56 35.52
N VAL B 342 24.76 16.20 35.38
CA VAL B 342 23.91 16.52 36.52
C VAL B 342 22.97 15.35 36.85
N GLY B 343 23.55 14.27 37.41
CA GLY B 343 22.85 13.01 37.69
C GLY B 343 23.76 11.78 37.56
N ALA B 346 21.22 9.61 39.32
CA ALA B 346 20.23 10.41 40.05
C ALA B 346 18.77 10.01 39.79
N THR B 347 18.46 9.69 38.53
CA THR B 347 17.16 9.17 38.13
C THR B 347 17.40 8.27 36.92
N GLU B 348 16.65 7.18 36.83
CA GLU B 348 16.93 6.15 35.83
C GLU B 348 17.14 6.70 34.39
N THR B 349 16.34 7.69 33.99
CA THR B 349 16.46 8.23 32.64
C THR B 349 17.75 9.03 32.38
N ARG B 350 18.24 9.73 33.40
CA ARG B 350 19.47 10.51 33.27
C ARG B 350 20.71 9.62 33.34
N LEU B 351 20.64 8.55 34.12
CA LEU B 351 21.71 7.55 34.13
C LEU B 351 21.92 6.94 32.75
N LEU B 352 20.82 6.69 32.04
CA LEU B 352 20.86 6.16 30.67
C LEU B 352 21.41 7.17 29.67
N LEU B 353 20.98 8.42 29.80
CA LEU B 353 21.34 9.44 28.84
C LEU B 353 22.82 9.79 28.98
N ASN B 354 23.28 9.92 30.22
CA ASN B 354 24.68 10.23 30.49
C ASN B 354 25.61 9.18 29.93
N ASN B 355 25.33 7.92 30.24
CA ASN B 355 26.21 6.87 29.81
C ASN B 355 26.33 6.82 28.29
N LYS B 356 25.24 7.17 27.62
CA LYS B 356 25.20 7.23 26.17
C LYS B 356 26.12 8.34 25.67
N LEU B 357 26.15 9.46 26.39
CA LEU B 357 26.91 10.62 25.96
C LEU B 357 28.40 10.42 26.12
N LEU B 358 28.79 9.57 27.06
CA LEU B 358 30.21 9.34 27.31
C LEU B 358 30.78 8.35 26.30
N THR B 359 29.93 7.92 25.36
CA THR B 359 30.37 7.03 24.30
C THR B 359 30.47 7.72 22.93
N PHE B 360 30.14 9.02 22.89
CA PHE B 360 30.19 9.79 21.64
C PHE B 360 31.56 10.35 21.28
N GLY B 361 32.37 10.64 22.30
CA GLY B 361 33.70 11.17 22.10
C GLY B 361 34.62 11.08 23.31
N GLN B 362 35.65 11.91 23.32
CA GLN B 362 36.64 11.93 24.38
C GLN B 362 36.61 13.31 24.97
N PHE B 363 36.38 13.41 26.27
CA PHE B 363 36.22 14.71 26.92
C PHE B 363 37.51 15.21 27.57
N SER B 364 37.81 16.48 27.39
CA SER B 364 38.94 17.09 28.09
C SER B 364 38.74 17.10 29.60
N CYS B 365 37.51 17.35 30.06
CA CYS B 365 37.22 17.47 31.49
C CYS B 365 35.82 17.05 31.90
N ILE B 366 35.72 16.15 32.88
CA ILE B 366 34.43 15.76 33.48
C ILE B 366 34.27 16.36 34.90
N LYS B 367 33.25 17.20 35.09
CA LYS B 367 33.03 17.94 36.34
C LYS B 367 31.78 17.52 37.14
N GLY B 368 31.97 17.04 38.37
CA GLY B 368 30.84 16.66 39.20
C GLY B 368 30.96 16.99 40.67
N ASN B 369 29.91 16.69 41.43
CA ASN B 369 29.96 16.80 42.88
C ASN B 369 29.89 15.43 43.55
N SER B 370 29.96 15.41 44.88
CA SER B 370 30.04 14.16 45.64
C SER B 370 29.16 13.03 45.10
N SER B 371 27.87 13.28 44.92
CA SER B 371 26.96 12.26 44.39
C SER B 371 27.39 11.81 43.01
N GLU B 372 27.49 12.79 42.11
CA GLU B 372 27.80 12.56 40.71
C GLU B 372 29.12 11.81 40.52
N ILE B 373 30.17 12.24 41.20
CA ILE B 373 31.47 11.57 41.10
C ILE B 373 31.45 10.16 41.67
N LEU B 374 30.65 9.94 42.71
CA LEU B 374 30.55 8.60 43.29
C LEU B 374 29.85 7.62 42.35
N GLY B 375 28.70 8.03 41.82
CA GLY B 375 27.96 7.19 40.88
C GLY B 375 28.75 6.85 39.62
N LEU B 376 29.46 7.84 39.09
CA LEU B 376 30.33 7.69 37.92
C LEU B 376 31.47 6.68 38.13
N ALA B 377 32.07 6.73 39.32
CA ALA B 377 33.13 5.81 39.68
C ALA B 377 32.57 4.40 39.86
N GLU B 378 31.27 4.34 40.17
CA GLU B 378 30.55 3.08 40.35
C GLU B 378 30.77 2.52 41.74
N LEU B 379 30.66 3.40 42.73
CA LEU B 379 30.79 3.01 44.13
C LEU B 379 30.02 1.73 44.41
N SER B 394 32.51 10.64 53.50
CA SER B 394 33.95 10.56 53.83
C SER B 394 34.84 11.47 52.98
N ASN B 395 36.10 11.61 53.36
CA ASN B 395 37.05 12.38 52.57
C ASN B 395 38.01 11.57 51.71
N GLU B 396 38.52 10.46 52.26
CA GLU B 396 39.44 9.62 51.51
C GLU B 396 38.71 8.90 50.38
N LEU B 397 37.41 8.69 50.56
CA LEU B 397 36.60 8.01 49.56
C LEU B 397 36.46 8.88 48.31
N LEU B 398 36.02 10.13 48.49
CA LEU B 398 35.92 11.08 47.40
C LEU B 398 37.19 11.14 46.57
N ILE B 399 38.33 11.19 47.23
CA ILE B 399 39.60 11.19 46.53
C ILE B 399 39.74 9.97 45.62
N GLN B 400 39.60 8.77 46.18
CA GLN B 400 39.77 7.56 45.39
C GLN B 400 38.77 7.47 44.25
N ALA B 401 37.59 8.08 44.45
CA ALA B 401 36.55 8.13 43.44
C ALA B 401 36.86 9.13 42.32
N THR B 402 37.42 10.29 42.68
CA THR B 402 37.81 11.25 41.65
C THR B 402 38.92 10.67 40.80
N LYS B 403 39.78 9.89 41.42
CA LYS B 403 40.85 9.22 40.68
C LYS B 403 40.28 8.12 39.78
N ILE B 404 39.32 7.36 40.31
CA ILE B 404 38.70 6.30 39.52
C ILE B 404 38.03 6.89 38.28
N VAL B 405 37.32 8.00 38.47
CA VAL B 405 36.62 8.65 37.37
C VAL B 405 37.56 9.22 36.31
N ALA B 406 38.65 9.84 36.75
CA ALA B 406 39.58 10.48 35.83
C ALA B 406 40.23 9.44 34.94
N PHE B 407 40.73 8.38 35.56
CA PHE B 407 41.39 7.30 34.84
C PHE B 407 40.43 6.64 33.87
N LYS B 408 39.27 6.20 34.39
CA LYS B 408 38.26 5.49 33.61
C LYS B 408 37.97 6.20 32.30
N TYR B 409 37.62 7.49 32.36
CA TYR B 409 37.28 8.23 31.16
C TYR B 409 38.47 9.00 30.59
N LYS B 410 39.66 8.66 31.10
CA LYS B 410 40.92 9.26 30.63
C LYS B 410 40.76 10.76 30.46
N THR B 411 40.72 11.49 31.56
CA THR B 411 40.38 12.89 31.50
C THR B 411 40.68 13.59 32.83
N VAL B 412 40.77 14.92 32.80
CA VAL B 412 40.86 15.69 34.03
C VAL B 412 39.51 15.64 34.74
N ALA B 413 39.51 15.22 36.01
CA ALA B 413 38.27 15.05 36.76
C ALA B 413 38.21 15.98 37.95
N VAL B 414 37.19 16.83 37.98
CA VAL B 414 36.98 17.73 39.12
C VAL B 414 35.81 17.25 39.97
N CYS B 415 36.02 17.21 41.28
CA CYS B 415 34.95 16.86 42.22
C CYS B 415 34.78 18.00 43.22
N THR B 416 33.58 18.56 43.31
CA THR B 416 33.37 19.74 44.17
C THR B 416 32.71 19.49 45.54
N GLY B 417 33.38 19.95 46.59
CA GLY B 417 32.92 19.86 47.97
C GLY B 417 33.50 21.01 48.77
N GLU B 418 33.55 20.89 50.10
CA GLU B 418 34.24 21.91 50.89
C GLU B 418 35.67 21.92 50.37
N PHE B 419 36.13 20.72 50.05
CA PHE B 419 37.38 20.50 49.35
C PHE B 419 37.05 20.19 47.90
N ASP B 420 37.88 20.65 46.97
CA ASP B 420 37.73 20.33 45.55
C ASP B 420 38.93 19.51 45.12
N PHE B 421 38.70 18.30 44.63
CA PHE B 421 39.80 17.45 44.21
C PHE B 421 39.90 17.39 42.69
N ILE B 422 41.10 17.62 42.17
CA ILE B 422 41.36 17.49 40.74
C ILE B 422 42.31 16.33 40.49
N ALA B 423 41.93 15.42 39.60
CA ALA B 423 42.80 14.29 39.26
C ALA B 423 43.05 14.25 37.75
N ASP B 424 44.26 13.93 37.34
CA ASP B 424 44.57 13.83 35.92
C ASP B 424 44.66 12.35 35.53
N GLY B 425 43.80 11.93 34.63
CA GLY B 425 43.86 10.57 34.15
C GLY B 425 44.07 10.50 32.65
N THR B 426 44.66 11.53 32.06
CA THR B 426 44.91 11.51 30.64
C THR B 426 46.09 10.62 30.28
N ILE B 427 47.13 10.62 31.11
CA ILE B 427 48.30 9.79 30.87
C ILE B 427 48.99 10.17 29.55
N GLU B 428 49.00 11.47 29.25
CA GLU B 428 49.73 11.98 28.11
C GLU B 428 49.27 11.39 26.79
N GLY B 429 48.01 10.99 26.74
CA GLY B 429 47.43 10.44 25.54
C GLY B 429 48.09 9.16 25.07
N LYS B 430 48.52 8.34 26.02
CA LYS B 430 49.20 7.10 25.67
C LYS B 430 48.20 5.96 25.54
N TYR B 431 48.34 5.18 24.48
CA TYR B 431 47.67 3.89 24.40
C TYR B 431 48.62 2.87 23.78
N SER B 432 48.26 1.60 23.88
CA SER B 432 49.02 0.53 23.23
C SER B 432 48.32 -0.80 23.43
N LEU B 433 48.57 -1.74 22.53
CA LEU B 433 47.89 -3.02 22.52
C LEU B 433 48.26 -3.99 23.65
N SER B 434 47.24 -4.63 24.24
CA SER B 434 47.39 -5.65 25.31
C SER B 434 48.30 -5.31 26.50
N LYS B 435 48.99 -4.18 26.41
CA LYS B 435 50.12 -3.84 27.30
C LYS B 435 49.89 -3.77 28.82
N GLY B 436 48.98 -2.91 29.30
CA GLY B 436 48.19 -2.02 28.46
C GLY B 436 48.64 -0.59 28.63
N THR B 437 48.71 -0.15 29.87
CA THR B 437 49.28 1.15 30.18
C THR B 437 50.67 0.84 30.72
N ASN B 438 51.52 1.85 30.84
CA ASN B 438 52.84 1.59 31.37
C ASN B 438 52.74 1.23 32.85
N GLY B 439 51.87 0.27 33.18
CA GLY B 439 51.60 -0.13 34.55
C GLY B 439 51.00 0.96 35.43
N THR B 440 50.70 2.11 34.82
CA THR B 440 50.06 3.21 35.52
C THR B 440 48.65 2.78 35.92
N SER B 441 48.37 2.77 37.22
CA SER B 441 47.05 2.37 37.69
C SER B 441 46.26 3.55 38.26
N VAL B 442 44.99 3.33 38.56
CA VAL B 442 44.15 4.36 39.15
C VAL B 442 44.86 4.98 40.33
N GLU B 443 45.53 4.14 41.11
CA GLU B 443 46.07 4.50 42.42
C GLU B 443 47.14 5.59 42.40
N ASP B 444 47.90 5.65 41.32
CA ASP B 444 49.07 6.54 41.28
C ASP B 444 49.03 7.62 40.20
N ILE B 445 47.83 8.07 39.81
CA ILE B 445 47.72 9.25 38.94
C ILE B 445 47.70 10.51 39.79
N PRO B 446 48.12 11.66 39.23
CA PRO B 446 48.20 12.88 40.05
C PRO B 446 46.85 13.42 40.53
N CYS B 447 46.70 13.56 41.85
CA CYS B 447 45.52 14.19 42.43
C CYS B 447 45.88 15.24 43.48
N VAL B 448 45.42 16.46 43.24
CA VAL B 448 45.66 17.57 44.15
C VAL B 448 44.38 17.90 44.90
N ALA B 449 44.40 18.95 45.70
CA ALA B 449 43.20 19.34 46.43
C ALA B 449 43.19 20.82 46.80
N VAL B 450 42.10 21.48 46.45
CA VAL B 450 41.92 22.90 46.72
C VAL B 450 40.87 23.07 47.80
N GLU B 451 41.25 23.75 48.88
CA GLU B 451 40.28 24.11 49.91
C GLU B 451 40.49 25.54 50.40
N ALA B 452 39.45 26.13 50.96
CA ALA B 452 39.52 27.50 51.45
C ALA B 452 38.56 27.72 52.63
N GLY B 453 38.24 26.64 53.33
CA GLY B 453 37.35 26.71 54.49
C GLY B 453 35.89 26.60 54.11
N PRO B 454 35.01 26.62 55.13
CA PRO B 454 33.54 26.58 54.95
C PRO B 454 32.98 27.86 54.29
N ILE B 455 31.88 27.73 53.56
CA ILE B 455 31.26 28.86 52.86
C ILE B 455 29.73 28.76 52.80
N GLY B 465 28.44 25.97 41.51
CA GLY B 465 27.42 25.29 40.76
C GLY B 465 27.93 24.98 39.36
N CYS B 466 27.15 25.34 38.34
CA CYS B 466 27.57 25.22 36.93
C CYS B 466 28.47 26.37 36.51
N SER B 467 28.75 27.27 37.46
CA SER B 467 29.62 28.41 37.24
C SER B 467 31.03 27.91 37.09
N LEU B 468 31.38 26.89 37.88
CA LEU B 468 32.69 26.25 37.81
C LEU B 468 32.95 25.57 36.46
N GLY B 469 31.92 24.92 35.91
CA GLY B 469 31.99 24.39 34.55
C GLY B 469 32.45 25.46 33.59
N SER B 470 31.76 26.60 33.58
CA SER B 470 32.08 27.70 32.68
C SER B 470 33.44 28.35 32.96
N THR B 471 33.89 28.28 34.20
CA THR B 471 35.19 28.84 34.49
C THR B 471 36.24 27.89 33.95
N ILE B 472 36.21 26.64 34.40
CA ILE B 472 37.07 25.62 33.84
C ILE B 472 37.14 25.71 32.31
N ALA B 473 36.02 25.98 31.65
CA ALA B 473 36.00 26.05 30.18
C ALA B 473 36.81 27.21 29.60
N CYS B 474 36.73 28.38 30.22
CA CYS B 474 37.47 29.53 29.74
C CYS B 474 38.98 29.41 29.98
N MET B 475 39.38 28.63 30.97
CA MET B 475 40.81 28.44 31.21
C MET B 475 41.39 27.46 30.22
N ILE B 476 40.71 26.35 30.00
CA ILE B 476 41.16 25.37 29.02
C ILE B 476 41.10 25.97 27.61
N GLY B 477 40.21 26.94 27.45
CA GLY B 477 39.95 27.55 26.15
C GLY B 477 41.11 28.39 25.62
N GLY B 478 41.60 29.29 26.45
CA GLY B 478 42.62 30.26 26.07
C GLY B 478 44.03 29.72 25.94
N GLN B 479 44.22 28.48 26.34
CA GLN B 479 45.52 27.80 26.22
C GLN B 479 46.00 27.68 24.77
N PRO B 480 47.31 27.89 24.56
CA PRO B 480 48.02 27.74 23.28
C PRO B 480 48.46 26.30 23.08
N SER B 481 48.96 25.99 21.89
CA SER B 481 49.45 24.65 21.60
C SER B 481 50.50 24.16 22.60
N GLU B 482 51.12 25.10 23.33
CA GLU B 482 52.19 24.77 24.27
C GLU B 482 51.71 24.79 25.71
N GLY B 483 50.42 25.05 25.91
CA GLY B 483 49.84 25.09 27.24
C GLY B 483 49.81 23.75 27.95
N ASN B 484 48.95 23.62 28.95
CA ASN B 484 48.85 22.36 29.68
C ASN B 484 47.52 22.19 30.37
N LEU B 485 46.80 21.13 29.98
CA LEU B 485 45.44 20.88 30.44
C LEU B 485 45.29 20.80 31.96
N PHE B 486 46.09 19.96 32.61
CA PHE B 486 45.92 19.72 34.04
C PHE B 486 46.18 20.94 34.93
N HIS B 487 46.97 21.90 34.43
CA HIS B 487 47.16 23.14 35.17
C HIS B 487 46.03 24.10 34.89
N ALA B 488 45.57 24.09 33.63
CA ALA B 488 44.49 24.97 33.24
C ALA B 488 43.28 24.71 34.12
N VAL B 489 43.04 23.43 34.40
CA VAL B 489 41.87 23.06 35.17
C VAL B 489 42.08 23.44 36.63
N VAL B 490 43.28 23.24 37.15
CA VAL B 490 43.54 23.65 38.51
C VAL B 490 43.38 25.16 38.68
N ALA B 491 43.93 25.94 37.76
CA ALA B 491 43.77 27.40 37.79
C ALA B 491 42.30 27.86 37.74
N GLY B 492 41.46 27.10 37.04
CA GLY B 492 40.05 27.42 36.96
C GLY B 492 39.33 27.16 38.28
N VAL B 493 39.77 26.14 39.01
CA VAL B 493 39.13 25.80 40.28
C VAL B 493 39.61 26.69 41.45
N MET B 494 40.82 27.22 41.33
CA MET B 494 41.31 28.18 42.31
C MET B 494 40.63 29.52 42.08
N LEU B 495 40.59 29.96 40.83
CA LEU B 495 39.93 31.20 40.48
C LEU B 495 38.51 31.22 41.05
N TYR B 496 37.74 30.18 40.72
CA TYR B 496 36.36 30.07 41.17
C TYR B 496 36.24 29.95 42.69
N LYS B 497 37.08 29.14 43.30
CA LYS B 497 37.06 28.96 44.76
C LYS B 497 37.46 30.23 45.50
N ALA B 498 38.28 31.06 44.84
CA ALA B 498 38.77 32.32 45.40
C ALA B 498 37.73 33.43 45.27
N ALA B 499 37.13 33.57 44.09
CA ALA B 499 36.02 34.51 43.90
C ALA B 499 34.86 34.12 44.80
N GLY B 500 34.93 32.91 45.35
CA GLY B 500 33.89 32.35 46.19
C GLY B 500 34.02 32.76 47.64
N LYS B 501 35.24 32.85 48.15
CA LYS B 501 35.45 33.35 49.50
C LYS B 501 35.19 34.86 49.54
N ILE B 502 35.66 35.57 48.52
CA ILE B 502 35.44 37.02 48.42
C ILE B 502 33.95 37.38 48.38
N ALA B 503 33.23 36.76 47.45
CA ALA B 503 31.83 37.08 47.27
C ALA B 503 31.01 36.69 48.51
N SER B 504 31.43 35.66 49.21
CA SER B 504 30.68 35.19 50.37
C SER B 504 30.80 36.12 51.57
N GLU B 505 31.64 37.14 51.48
CA GLU B 505 31.74 38.09 52.57
C GLU B 505 31.20 39.46 52.18
N LYS B 506 31.46 39.87 50.94
CA LYS B 506 30.93 41.14 50.46
C LYS B 506 29.40 41.14 50.31
N CYS B 507 28.77 40.01 50.61
CA CYS B 507 27.37 39.80 50.20
C CYS B 507 26.34 39.84 51.32
N ASN B 508 25.07 40.03 50.93
CA ASN B 508 23.95 40.14 51.89
C ASN B 508 22.99 38.95 51.94
N GLY B 509 23.26 37.91 51.17
CA GLY B 509 22.37 36.76 51.10
C GLY B 509 22.50 36.08 49.75
N SER B 510 21.70 35.04 49.52
CA SER B 510 21.77 34.28 48.28
C SER B 510 21.78 35.19 47.07
N GLY B 511 21.01 36.27 47.17
CA GLY B 511 20.83 37.19 46.07
C GLY B 511 22.09 37.88 45.60
N SER B 512 22.68 38.69 46.47
CA SER B 512 23.89 39.41 46.13
C SER B 512 25.11 38.50 46.06
N PHE B 513 25.07 37.34 46.72
CA PHE B 513 26.19 36.42 46.65
C PHE B 513 26.52 36.06 45.23
N GLN B 514 25.52 36.20 44.37
CA GLN B 514 25.59 35.71 43.00
C GLN B 514 26.12 36.80 42.08
N VAL B 515 25.61 38.01 42.25
CA VAL B 515 26.12 39.16 41.52
C VAL B 515 27.50 39.56 42.01
N GLU B 516 27.91 39.09 43.18
CA GLU B 516 29.24 39.37 43.70
C GLU B 516 30.22 38.27 43.30
N LEU B 517 29.69 37.12 42.93
CA LEU B 517 30.55 36.03 42.52
C LEU B 517 31.07 36.39 41.14
N ILE B 518 30.25 37.07 40.35
CA ILE B 518 30.67 37.49 39.02
C ILE B 518 31.63 38.68 39.06
N ASP B 519 31.34 39.68 39.89
CA ASP B 519 32.28 40.77 40.10
C ASP B 519 33.64 40.23 40.54
N ALA B 520 33.64 39.47 41.63
CA ALA B 520 34.87 38.85 42.16
C ALA B 520 35.66 38.04 41.13
N LEU B 521 34.98 37.56 40.09
CA LEU B 521 35.67 36.87 39.01
C LEU B 521 36.26 37.87 38.05
N TYR B 522 35.49 38.93 37.75
CA TYR B 522 35.93 39.98 36.86
C TYR B 522 37.17 40.67 37.40
N ARG B 523 37.08 41.17 38.63
CA ARG B 523 38.18 41.85 39.30
C ARG B 523 39.43 40.97 39.47
N LEU B 524 39.24 39.73 39.91
CA LEU B 524 40.38 38.82 40.12
C LEU B 524 41.24 38.61 38.89
N THR B 525 40.63 38.64 37.71
CA THR B 525 41.34 38.34 36.46
C THR B 525 41.90 39.58 35.76
N ARG B 526 41.28 40.74 35.95
CA ARG B 526 41.82 41.98 35.41
C ARG B 526 43.11 42.38 36.09
N GLU B 527 43.51 41.63 37.12
CA GLU B 527 44.76 41.88 37.83
C GLU B 527 45.39 40.56 38.26
N ASN B 528 46.19 39.95 37.40
CA ASN B 528 46.78 38.66 37.75
C ASN B 528 47.70 38.74 38.94
N THR B 529 47.16 38.66 40.14
CA THR B 529 48.04 38.54 41.30
C THR B 529 47.64 37.34 42.15
N PRO B 530 47.70 36.14 41.54
CA PRO B 530 47.42 34.86 42.20
C PRO B 530 48.03 34.76 43.60
N VAL B 531 49.13 35.49 43.83
CA VAL B 531 49.79 35.49 45.14
C VAL B 531 48.83 36.03 46.22
N THR B 532 47.82 36.76 45.77
CA THR B 532 46.79 37.33 46.65
C THR B 532 45.74 36.33 47.14
N TRP B 533 45.46 35.30 46.33
CA TRP B 533 44.27 34.46 46.54
C TRP B 533 44.33 33.50 47.73
N ALA B 534 43.19 33.37 48.40
CA ALA B 534 43.04 32.62 49.66
C ALA B 534 43.13 31.08 49.57
N PRO B 535 42.54 30.46 48.52
CA PRO B 535 42.55 29.00 48.35
C PRO B 535 43.94 28.35 48.39
N LYS B 536 44.08 27.35 49.25
CA LYS B 536 45.36 26.74 49.55
C LYS B 536 45.51 25.41 48.81
N LEU B 537 46.34 25.41 47.78
CA LEU B 537 46.56 24.23 46.96
C LEU B 537 47.53 23.24 47.62
N THR B 538 47.09 22.01 47.83
CA THR B 538 47.96 20.98 48.41
C THR B 538 48.00 19.70 47.56
N HIS B 539 48.78 18.73 47.98
CA HIS B 539 48.75 17.41 47.36
C HIS B 539 47.70 16.55 48.06
N THR B 540 47.16 15.56 47.35
CA THR B 540 46.11 14.71 47.90
C THR B 540 46.65 13.36 48.39
N LYS C 2 -0.25 46.06 -33.92
CA LYS C 2 1.19 46.10 -33.66
C LYS C 2 1.58 47.32 -32.79
N PHE C 3 2.37 47.08 -31.74
CA PHE C 3 2.86 48.13 -30.84
C PHE C 3 4.35 48.38 -31.06
N SER C 4 4.86 49.48 -30.53
CA SER C 4 6.28 49.75 -30.58
C SER C 4 6.86 49.68 -29.18
N LYS C 5 8.07 49.13 -29.06
CA LYS C 5 8.70 48.93 -27.75
C LYS C 5 8.35 49.97 -26.65
N GLU C 6 8.16 51.23 -27.04
CA GLU C 6 7.90 52.27 -26.06
C GLU C 6 6.40 52.48 -25.77
N GLN C 7 5.58 51.50 -26.13
CA GLN C 7 4.14 51.57 -25.88
C GLN C 7 3.72 50.48 -24.88
N PHE C 8 4.69 49.66 -24.50
CA PHE C 8 4.42 48.52 -23.63
C PHE C 8 4.28 48.98 -22.19
N ASP C 9 3.04 49.02 -21.70
CA ASP C 9 2.77 49.39 -20.31
C ASP C 9 2.88 48.19 -19.38
N TYR C 10 4.00 48.08 -18.69
CA TYR C 10 4.27 46.91 -17.85
C TYR C 10 3.56 46.91 -16.49
N SER C 11 2.73 47.93 -16.23
CA SER C 11 2.13 48.10 -14.91
C SER C 11 1.61 46.80 -14.28
N LEU C 12 0.47 46.31 -14.75
CA LEU C 12 -0.01 45.04 -14.27
C LEU C 12 0.10 44.04 -15.41
N TYR C 13 1.01 43.08 -15.26
CA TYR C 13 1.38 42.13 -16.31
C TYR C 13 0.83 40.75 -15.97
N LEU C 14 -0.13 40.28 -16.75
CA LEU C 14 -0.82 39.02 -16.46
C LEU C 14 -0.32 37.84 -17.28
N VAL C 15 0.26 36.86 -16.60
CA VAL C 15 0.67 35.63 -17.26
C VAL C 15 -0.39 34.56 -16.99
N THR C 16 -0.68 33.75 -17.99
CA THR C 16 -1.79 32.81 -17.91
C THR C 16 -1.37 31.37 -17.61
N ASP C 17 -2.29 30.60 -17.04
CA ASP C 17 -2.04 29.20 -16.75
C ASP C 17 -3.35 28.45 -16.91
N SER C 18 -3.42 27.63 -17.95
CA SER C 18 -4.67 26.97 -18.31
C SER C 18 -5.30 26.15 -17.19
N GLY C 19 -4.61 25.10 -16.73
CA GLY C 19 -5.21 24.16 -15.79
C GLY C 19 -5.25 24.57 -14.33
N MET C 20 -5.67 25.80 -14.07
CA MET C 20 -5.70 26.32 -12.72
C MET C 20 -6.93 27.19 -12.54
N ILE C 21 -7.73 27.25 -13.60
CA ILE C 21 -8.94 28.05 -13.61
C ILE C 21 -10.06 27.33 -12.87
N PRO C 22 -10.87 28.09 -12.11
CA PRO C 22 -11.93 27.53 -11.26
C PRO C 22 -13.03 26.89 -12.06
N GLU C 23 -13.64 25.85 -11.53
CA GLU C 23 -14.74 25.20 -12.22
C GLU C 23 -15.87 26.20 -12.44
N GLY C 24 -16.31 26.29 -13.68
CA GLY C 24 -17.35 27.23 -14.06
C GLY C 24 -16.82 28.34 -14.94
N LYS C 25 -15.51 28.51 -14.97
CA LYS C 25 -14.90 29.63 -15.67
C LYS C 25 -13.97 29.21 -16.81
N THR C 26 -13.60 30.18 -17.63
CA THR C 26 -12.75 29.93 -18.79
C THR C 26 -11.49 30.79 -18.74
N LEU C 27 -10.49 30.41 -19.55
CA LEU C 27 -9.28 31.21 -19.69
C LEU C 27 -9.62 32.50 -20.41
N TYR C 28 -10.57 32.44 -21.32
CA TYR C 28 -11.05 33.66 -21.95
C TYR C 28 -11.69 34.57 -20.89
N GLY C 29 -12.58 34.01 -20.09
CA GLY C 29 -13.33 34.78 -19.11
C GLY C 29 -12.50 35.47 -18.05
N GLN C 30 -11.42 34.82 -17.63
CA GLN C 30 -10.53 35.40 -16.63
C GLN C 30 -9.74 36.55 -17.23
N VAL C 31 -9.13 36.31 -18.39
CA VAL C 31 -8.33 37.33 -19.07
C VAL C 31 -9.16 38.54 -19.50
N GLU C 32 -10.45 38.34 -19.70
CA GLU C 32 -11.32 39.45 -20.08
C GLU C 32 -11.65 40.31 -18.89
N ALA C 33 -11.97 39.67 -17.76
CA ALA C 33 -12.24 40.38 -16.51
C ALA C 33 -11.08 41.30 -16.12
N GLY C 34 -9.87 40.85 -16.38
CA GLY C 34 -8.69 41.59 -16.01
C GLY C 34 -8.42 42.77 -16.91
N LEU C 35 -8.74 42.63 -18.19
CA LEU C 35 -8.48 43.70 -19.15
C LEU C 35 -9.35 44.91 -18.89
N GLN C 36 -10.51 44.66 -18.28
CA GLN C 36 -11.46 45.72 -17.96
C GLN C 36 -11.03 46.49 -16.70
N ASN C 37 -10.25 45.85 -15.85
CA ASN C 37 -9.77 46.47 -14.61
C ASN C 37 -8.25 46.66 -14.53
N GLY C 38 -7.56 46.76 -15.68
CA GLY C 38 -6.11 46.86 -15.71
C GLY C 38 -5.45 45.80 -16.60
N VAL C 39 -4.73 44.88 -15.97
CA VAL C 39 -4.04 43.83 -16.72
C VAL C 39 -3.47 44.39 -18.02
N THR C 40 -2.69 45.45 -17.91
CA THR C 40 -2.25 46.22 -19.08
C THR C 40 -1.23 45.52 -20.00
N LEU C 41 -1.01 44.22 -19.79
CA LEU C 41 -0.15 43.40 -20.64
C LEU C 41 -0.41 41.92 -20.37
N VAL C 42 -0.35 41.09 -21.41
CA VAL C 42 -0.70 39.69 -21.26
C VAL C 42 0.33 38.73 -21.87
N GLN C 43 0.59 37.62 -21.19
CA GLN C 43 1.44 36.56 -21.71
C GLN C 43 0.65 35.26 -21.72
N ILE C 44 0.83 34.47 -22.77
CA ILE C 44 0.23 33.14 -22.81
C ILE C 44 1.28 32.06 -22.52
N ARG C 45 0.93 31.19 -21.57
CA ARG C 45 1.88 30.22 -21.03
C ARG C 45 1.27 28.83 -21.04
N GLU C 46 1.74 28.00 -21.96
CA GLU C 46 1.34 26.61 -22.01
C GLU C 46 2.59 25.76 -22.06
N LYS C 47 2.79 24.96 -21.02
CA LYS C 47 4.02 24.18 -20.94
C LYS C 47 3.70 22.73 -21.20
N ASP C 48 2.46 22.48 -21.61
CA ASP C 48 1.99 21.10 -21.77
C ASP C 48 1.07 20.86 -22.98
N ALA C 49 0.31 21.87 -23.37
CA ALA C 49 -0.71 21.71 -24.40
C ALA C 49 -0.15 21.33 -25.77
N ASP C 50 -0.95 20.63 -26.57
CA ASP C 50 -0.63 20.37 -27.97
C ASP C 50 -0.23 21.68 -28.62
N THR C 51 0.81 21.69 -29.45
CA THR C 51 1.21 22.94 -30.05
C THR C 51 0.16 23.44 -31.06
N LYS C 52 -0.95 22.71 -31.16
CA LYS C 52 -2.07 23.13 -31.99
C LYS C 52 -3.13 23.88 -31.20
N PHE C 53 -3.62 23.25 -30.13
CA PHE C 53 -4.55 23.90 -29.21
C PHE C 53 -3.90 25.15 -28.63
N PHE C 54 -2.58 25.18 -28.66
CA PHE C 54 -1.82 26.35 -28.22
C PHE C 54 -2.12 27.50 -29.16
N ILE C 55 -1.97 27.23 -30.45
CA ILE C 55 -2.16 28.23 -31.50
C ILE C 55 -3.60 28.77 -31.58
N GLU C 56 -4.59 27.90 -31.39
CA GLU C 56 -5.99 28.32 -31.44
C GLU C 56 -6.35 29.23 -30.26
N GLU C 57 -5.85 28.86 -29.08
CA GLU C 57 -6.11 29.60 -27.86
C GLU C 57 -5.33 30.92 -27.89
N ALA C 58 -4.17 30.89 -28.53
CA ALA C 58 -3.33 32.06 -28.71
C ALA C 58 -4.06 33.13 -29.51
N LEU C 59 -4.57 32.75 -30.67
CA LEU C 59 -5.31 33.67 -31.53
C LEU C 59 -6.59 34.19 -30.86
N GLN C 60 -7.35 33.29 -30.25
CA GLN C 60 -8.62 33.67 -29.61
C GLN C 60 -8.41 34.76 -28.57
N ILE C 61 -7.31 34.64 -27.83
CA ILE C 61 -7.02 35.62 -26.79
C ILE C 61 -6.42 36.89 -27.38
N LYS C 62 -5.67 36.77 -28.47
CA LYS C 62 -5.09 37.95 -29.10
C LYS C 62 -6.15 38.98 -29.51
N GLU C 63 -7.32 38.51 -29.93
CA GLU C 63 -8.41 39.43 -30.25
C GLU C 63 -8.89 40.16 -29.00
N LEU C 64 -9.29 39.38 -27.99
CA LEU C 64 -9.67 39.95 -26.70
C LEU C 64 -8.70 41.05 -26.33
N CYS C 65 -7.41 40.73 -26.42
CA CYS C 65 -6.37 41.69 -26.07
C CYS C 65 -6.34 42.88 -27.02
N HIS C 66 -5.97 42.65 -28.27
CA HIS C 66 -5.89 43.71 -29.27
C HIS C 66 -7.09 44.66 -29.24
N ALA C 67 -8.25 44.14 -28.81
CA ALA C 67 -9.48 44.94 -28.70
C ALA C 67 -9.44 45.95 -27.54
N HIS C 68 -8.82 45.57 -26.43
CA HIS C 68 -8.62 46.48 -25.32
C HIS C 68 -7.32 47.25 -25.52
N ASN C 69 -6.83 47.22 -26.75
CA ASN C 69 -5.56 47.83 -27.12
C ASN C 69 -4.38 47.42 -26.22
N VAL C 70 -4.30 46.12 -25.92
CA VAL C 70 -3.22 45.60 -25.09
C VAL C 70 -2.46 44.50 -25.83
N PRO C 71 -1.12 44.59 -25.83
CA PRO C 71 -0.21 43.63 -26.46
C PRO C 71 -0.28 42.20 -25.89
N LEU C 72 0.18 41.23 -26.67
CA LEU C 72 0.19 39.82 -26.25
C LEU C 72 1.56 39.18 -26.47
N ILE C 73 2.09 38.56 -25.42
CA ILE C 73 3.42 37.94 -25.44
C ILE C 73 3.32 36.43 -25.27
N ILE C 74 4.36 35.72 -25.72
CA ILE C 74 4.30 34.26 -25.77
C ILE C 74 5.54 33.60 -25.19
N ASN C 75 5.33 32.69 -24.25
CA ASN C 75 6.40 31.96 -23.59
C ASN C 75 6.21 30.46 -23.75
N ASP C 76 7.10 29.78 -24.45
CA ASP C 76 8.39 30.29 -24.90
C ASP C 76 8.77 29.72 -26.27
N ARG C 77 7.75 29.51 -27.10
CA ARG C 77 7.95 28.98 -28.43
C ARG C 77 8.01 30.13 -29.42
N ILE C 78 9.12 30.21 -30.15
CA ILE C 78 9.37 31.28 -31.11
C ILE C 78 8.46 31.18 -32.33
N ASP C 79 8.36 29.97 -32.88
CA ASP C 79 7.49 29.67 -34.02
C ASP C 79 6.02 30.08 -33.82
N VAL C 80 5.42 29.67 -32.70
CA VAL C 80 4.04 30.06 -32.40
C VAL C 80 3.88 31.58 -32.44
N ALA C 81 4.87 32.28 -31.90
CA ALA C 81 4.87 33.74 -31.89
C ALA C 81 4.93 34.32 -33.30
N MET C 82 5.92 33.88 -34.08
CA MET C 82 6.01 34.29 -35.46
C MET C 82 4.74 33.91 -36.19
N ALA C 83 4.35 32.66 -36.05
CA ALA C 83 3.21 32.11 -36.76
C ALA C 83 1.90 32.84 -36.50
N ILE C 84 1.73 33.38 -35.29
CA ILE C 84 0.47 34.02 -34.95
C ILE C 84 0.56 35.55 -34.83
N GLY C 85 1.68 36.11 -35.29
CA GLY C 85 1.87 37.55 -35.27
C GLY C 85 1.75 38.07 -33.86
N ALA C 86 2.59 37.52 -32.98
CA ALA C 86 2.57 37.87 -31.57
C ALA C 86 3.42 39.12 -31.37
N ASP C 87 3.24 39.81 -30.25
CA ASP C 87 3.89 41.09 -30.05
C ASP C 87 5.25 41.00 -29.37
N GLY C 88 5.52 39.88 -28.72
CA GLY C 88 6.81 39.62 -28.13
C GLY C 88 6.88 38.19 -27.64
N ILE C 89 8.03 37.79 -27.09
CA ILE C 89 8.19 36.43 -26.59
C ILE C 89 9.11 36.35 -25.38
N HIS C 90 8.58 35.90 -24.25
CA HIS C 90 9.41 35.73 -23.08
C HIS C 90 10.01 34.33 -23.08
N VAL C 91 11.31 34.24 -22.90
CA VAL C 91 11.98 32.96 -22.76
C VAL C 91 12.80 32.96 -21.46
N GLY C 92 13.24 31.79 -21.04
CA GLY C 92 14.03 31.70 -19.83
C GLY C 92 15.51 31.50 -20.09
N GLN C 93 16.16 30.84 -19.14
CA GLN C 93 17.61 30.69 -19.12
C GLN C 93 18.07 29.36 -19.68
N ASP C 94 17.13 28.46 -19.91
CA ASP C 94 17.46 27.15 -20.47
C ASP C 94 16.74 26.97 -21.80
N ASP C 95 16.24 28.08 -22.33
CA ASP C 95 15.54 28.10 -23.60
C ASP C 95 16.47 28.62 -24.68
N MET C 96 15.91 29.16 -25.76
CA MET C 96 16.70 29.53 -26.93
C MET C 96 17.54 30.79 -26.80
N PRO C 97 18.88 30.65 -26.93
CA PRO C 97 19.83 31.76 -26.76
C PRO C 97 19.36 33.02 -27.47
N ILE C 98 19.63 34.18 -26.90
CA ILE C 98 19.00 35.42 -27.36
C ILE C 98 19.44 35.89 -28.77
N PRO C 99 20.75 35.84 -29.07
CA PRO C 99 21.23 36.06 -30.45
C PRO C 99 20.38 35.34 -31.51
N MET C 100 20.23 34.03 -31.37
CA MET C 100 19.44 33.25 -32.30
C MET C 100 18.00 33.73 -32.40
N ILE C 101 17.43 34.18 -31.29
CA ILE C 101 16.03 34.59 -31.30
C ILE C 101 15.84 35.83 -32.14
N ARG C 102 16.75 36.78 -32.00
CA ARG C 102 16.60 38.06 -32.65
C ARG C 102 16.71 37.89 -34.16
N LYS C 103 17.50 36.90 -34.58
CA LYS C 103 17.74 36.66 -36.00
C LYS C 103 16.52 36.09 -36.74
N LEU C 104 15.65 35.39 -36.00
CA LEU C 104 14.47 34.78 -36.60
C LEU C 104 13.29 35.74 -36.60
N VAL C 105 13.11 36.46 -35.50
CA VAL C 105 12.02 37.41 -35.41
C VAL C 105 12.42 38.81 -35.90
N GLY C 106 13.70 39.10 -35.86
CA GLY C 106 14.22 40.40 -36.25
C GLY C 106 13.70 41.56 -35.40
N PRO C 107 14.48 42.65 -35.29
CA PRO C 107 14.06 43.79 -34.47
C PRO C 107 12.57 44.17 -34.66
N ASP C 108 12.02 44.96 -33.75
CA ASP C 108 10.60 45.34 -33.77
C ASP C 108 9.72 44.51 -32.82
N MET C 109 10.12 43.27 -32.56
CA MET C 109 9.39 42.41 -31.61
C MET C 109 10.05 42.44 -30.23
N VAL C 110 9.23 42.39 -29.17
CA VAL C 110 9.75 42.45 -27.80
C VAL C 110 10.32 41.10 -27.37
N ILE C 111 11.37 41.13 -26.55
CA ILE C 111 11.96 39.91 -26.00
C ILE C 111 12.20 39.97 -24.49
N GLY C 112 11.36 39.30 -23.71
CA GLY C 112 11.54 39.21 -22.27
C GLY C 112 12.49 38.08 -21.90
N TRP C 113 13.34 38.31 -20.89
CA TRP C 113 14.25 37.29 -20.38
C TRP C 113 14.03 37.06 -18.89
N SER C 114 14.11 35.80 -18.47
CA SER C 114 13.92 35.45 -17.07
C SER C 114 15.24 35.54 -16.30
N VAL C 115 15.51 36.73 -15.76
CA VAL C 115 16.76 37.01 -15.06
C VAL C 115 16.62 36.81 -13.54
N GLY C 116 17.61 36.17 -12.94
CA GLY C 116 17.55 35.87 -11.51
C GLY C 116 18.80 36.20 -10.70
N PHE C 117 19.90 36.51 -11.39
CA PHE C 117 21.17 36.88 -10.75
C PHE C 117 21.77 38.04 -11.53
N PRO C 118 22.81 38.69 -10.98
CA PRO C 118 23.43 39.83 -11.66
C PRO C 118 24.37 39.43 -12.81
N GLU C 119 25.02 38.27 -12.70
CA GLU C 119 25.86 37.73 -13.77
C GLU C 119 25.09 37.69 -15.08
N GLU C 120 23.80 37.34 -14.99
CA GLU C 120 22.97 37.21 -16.16
C GLU C 120 22.61 38.58 -16.74
N VAL C 121 22.94 39.64 -16.01
CA VAL C 121 22.73 40.99 -16.52
C VAL C 121 23.98 41.42 -17.27
N ASP C 122 25.13 40.92 -16.83
CA ASP C 122 26.39 41.19 -17.53
C ASP C 122 26.28 40.69 -18.97
N GLU C 123 25.76 39.48 -19.13
CA GLU C 123 25.50 38.91 -20.45
C GLU C 123 24.52 39.78 -21.23
N LEU C 124 23.38 40.05 -20.61
CA LEU C 124 22.31 40.88 -21.18
C LEU C 124 22.82 42.22 -21.69
N SER C 125 23.88 42.71 -21.05
CA SER C 125 24.44 44.03 -21.32
C SER C 125 25.48 44.06 -22.45
N LYS C 126 26.42 43.11 -22.41
CA LYS C 126 27.39 42.93 -23.48
C LYS C 126 26.67 42.41 -24.74
N MET C 127 25.38 42.71 -24.85
CA MET C 127 24.57 42.37 -26.02
C MET C 127 24.03 43.61 -26.74
N GLY C 128 24.17 44.78 -26.12
CA GLY C 128 23.64 46.00 -26.70
C GLY C 128 22.12 46.01 -26.67
N PRO C 129 21.52 47.11 -27.15
CA PRO C 129 20.07 47.29 -27.25
C PRO C 129 19.46 46.52 -28.42
N ASP C 130 18.13 46.42 -28.46
CA ASP C 130 17.44 45.65 -29.49
C ASP C 130 17.59 44.13 -29.23
N MET C 131 18.38 43.77 -28.22
CA MET C 131 18.44 42.37 -27.77
C MET C 131 17.34 42.07 -26.76
N VAL C 132 17.63 42.20 -25.46
CA VAL C 132 16.58 42.03 -24.45
C VAL C 132 15.86 43.36 -24.25
N ASP C 133 14.55 43.33 -24.10
CA ASP C 133 13.77 44.56 -24.02
C ASP C 133 13.09 44.74 -22.68
N TYR C 134 13.04 43.65 -21.90
CA TYR C 134 12.52 43.66 -20.55
C TYR C 134 12.92 42.36 -19.84
N ILE C 135 12.99 42.40 -18.53
CA ILE C 135 13.28 41.19 -17.77
C ILE C 135 12.31 41.04 -16.61
N GLY C 136 11.96 39.80 -16.30
CA GLY C 136 11.25 39.52 -15.08
C GLY C 136 12.33 39.18 -14.10
N VAL C 137 12.17 39.59 -12.85
CA VAL C 137 13.19 39.32 -11.84
C VAL C 137 12.92 38.07 -11.00
N GLY C 138 13.90 37.16 -11.09
CA GLY C 138 14.06 35.94 -10.31
C GLY C 138 12.81 35.15 -10.03
N THR C 139 12.78 34.52 -8.86
CA THR C 139 11.51 34.13 -8.27
C THR C 139 11.53 34.78 -6.90
N LEU C 140 10.74 35.83 -6.74
CA LEU C 140 10.81 36.65 -5.53
C LEU C 140 10.44 35.86 -4.27
N PHE C 141 9.34 35.13 -4.34
CA PHE C 141 8.85 34.40 -3.17
C PHE C 141 8.55 32.96 -3.53
N PRO C 142 8.18 32.14 -2.54
CA PRO C 142 7.85 30.77 -2.90
C PRO C 142 6.53 30.76 -3.64
N THR C 143 6.40 29.91 -4.66
CA THR C 143 5.19 29.80 -5.46
C THR C 143 4.93 28.35 -5.86
N LEU C 144 3.66 28.01 -6.09
CA LEU C 144 3.32 26.68 -6.55
C LEU C 144 3.11 26.62 -8.06
N THR C 145 3.16 27.78 -8.72
CA THR C 145 2.83 27.87 -10.13
C THR C 145 3.96 27.43 -11.07
N LYS C 146 5.20 27.44 -10.58
CA LYS C 146 6.29 26.85 -11.37
C LYS C 146 6.70 25.50 -10.79
N LYS C 147 6.80 24.50 -11.67
CA LYS C 147 6.87 23.10 -11.25
C LYS C 147 8.29 22.52 -11.02
N ASN C 148 9.33 23.19 -11.49
CA ASN C 148 10.68 22.67 -11.31
C ASN C 148 11.60 23.65 -10.57
N LYS C 151 16.44 27.19 -8.18
CA LYS C 151 17.13 27.80 -7.04
C LYS C 151 16.17 28.68 -6.23
N MET C 154 15.06 34.00 -2.60
CA MET C 154 15.56 34.98 -3.59
C MET C 154 15.32 36.32 -2.96
N GLY C 155 14.05 36.63 -2.80
CA GLY C 155 13.62 37.76 -2.01
C GLY C 155 13.80 39.07 -2.71
N THR C 156 13.38 40.13 -2.04
CA THR C 156 13.53 41.48 -2.53
C THR C 156 15.01 41.85 -2.54
N ALA C 157 15.75 41.31 -1.57
CA ALA C 157 17.18 41.56 -1.47
C ALA C 157 17.90 41.12 -2.75
N GLY C 158 17.57 39.92 -3.22
CA GLY C 158 18.14 39.40 -4.44
C GLY C 158 17.68 40.19 -5.65
N ALA C 159 16.54 40.88 -5.50
CA ALA C 159 15.98 41.69 -6.58
C ALA C 159 16.79 42.96 -6.79
N ILE C 160 17.09 43.63 -5.69
CA ILE C 160 17.95 44.80 -5.71
C ILE C 160 19.26 44.46 -6.41
N ARG C 161 19.98 43.45 -5.90
CA ARG C 161 21.22 43.00 -6.53
C ARG C 161 21.21 43.09 -8.06
N VAL C 162 20.07 42.79 -8.67
CA VAL C 162 19.92 42.78 -10.13
C VAL C 162 19.58 44.16 -10.66
N LEU C 163 18.70 44.87 -9.97
CA LEU C 163 18.39 46.26 -10.31
C LEU C 163 19.65 47.12 -10.23
N ASP C 164 20.65 46.66 -9.49
CA ASP C 164 21.92 47.37 -9.38
C ASP C 164 22.80 47.12 -10.60
N ALA C 165 22.87 45.86 -11.01
CA ALA C 165 23.62 45.49 -12.22
C ALA C 165 23.07 46.23 -13.44
N LEU C 166 21.76 46.44 -13.47
CA LEU C 166 21.12 47.19 -14.56
C LEU C 166 21.55 48.64 -14.60
N GLU C 167 22.38 49.04 -13.64
CA GLU C 167 22.82 50.42 -13.56
C GLU C 167 24.35 50.52 -13.61
N ARG C 168 25.03 49.58 -12.96
CA ARG C 168 26.47 49.47 -13.11
C ARG C 168 26.86 49.19 -14.57
N ASN C 169 25.90 48.74 -15.38
CA ASN C 169 26.18 48.47 -16.80
C ASN C 169 25.49 49.45 -17.73
N ASN C 170 24.69 50.33 -17.15
CA ASN C 170 23.86 51.27 -17.90
C ASN C 170 23.02 50.65 -19.04
N ALA C 171 22.13 49.76 -18.66
CA ALA C 171 21.23 49.14 -19.61
C ALA C 171 19.90 49.89 -19.61
N HIS C 172 19.92 51.14 -20.06
CA HIS C 172 18.73 51.99 -20.08
C HIS C 172 17.56 51.42 -20.89
N TRP C 173 17.87 50.57 -21.86
CA TRP C 173 16.87 50.06 -22.80
C TRP C 173 15.94 49.04 -22.15
N CYS C 174 16.44 48.37 -21.13
CA CYS C 174 15.79 47.21 -20.55
C CYS C 174 14.85 47.57 -19.41
N ARG C 175 13.55 47.29 -19.57
CA ARG C 175 12.57 47.47 -18.49
C ARG C 175 12.57 46.25 -17.57
N THR C 176 11.85 46.33 -16.45
CA THR C 176 11.85 45.25 -15.48
C THR C 176 10.48 45.01 -14.88
N VAL C 177 10.20 43.75 -14.55
CA VAL C 177 8.98 43.39 -13.82
C VAL C 177 9.33 42.42 -12.72
N GLY C 178 8.54 42.45 -11.65
CA GLY C 178 8.66 41.44 -10.61
C GLY C 178 7.71 40.27 -10.83
N ILE C 179 8.20 39.06 -10.60
CA ILE C 179 7.35 37.88 -10.71
C ILE C 179 7.67 36.88 -9.59
N GLY C 180 6.64 36.23 -9.06
CA GLY C 180 6.84 35.11 -8.16
C GLY C 180 6.25 35.21 -6.76
N GLY C 181 4.96 34.90 -6.65
CA GLY C 181 4.32 34.88 -5.35
C GLY C 181 3.77 36.24 -5.00
N LEU C 182 3.59 37.08 -6.01
CA LEU C 182 3.15 38.45 -5.81
C LEU C 182 1.64 38.55 -5.56
N HIS C 183 1.28 38.92 -4.33
CA HIS C 183 -0.11 38.96 -3.86
C HIS C 183 -0.39 40.26 -3.13
N PRO C 184 -1.66 40.55 -2.81
CA PRO C 184 -1.94 41.75 -2.03
C PRO C 184 -1.21 41.80 -0.68
N ASP C 185 -0.91 40.64 -0.10
CA ASP C 185 -0.24 40.58 1.20
C ASP C 185 1.22 41.06 1.19
N ASN C 186 1.74 41.39 0.01
CA ASN C 186 3.15 41.74 -0.12
C ASN C 186 3.49 42.51 -1.40
N ILE C 187 2.47 42.95 -2.12
CA ILE C 187 2.72 43.67 -3.36
C ILE C 187 3.35 45.04 -3.09
N GLU C 188 2.93 45.68 -2.00
CA GLU C 188 3.46 46.99 -1.66
C GLU C 188 4.85 46.93 -1.08
N ARG C 189 5.12 45.92 -0.26
CA ARG C 189 6.50 45.69 0.21
C ARG C 189 7.50 45.40 -0.94
N VAL C 190 7.06 44.66 -1.96
CA VAL C 190 7.93 44.38 -3.11
C VAL C 190 8.17 45.64 -3.93
N LEU C 191 7.08 46.36 -4.20
CA LEU C 191 7.12 47.62 -4.93
C LEU C 191 7.96 48.68 -4.20
N TYR C 192 7.84 48.69 -2.87
CA TYR C 192 8.48 49.69 -2.04
C TYR C 192 9.99 49.51 -1.93
N GLN C 193 10.42 48.34 -1.44
CA GLN C 193 11.84 48.12 -1.19
C GLN C 193 12.61 47.52 -2.38
N CYS C 194 11.99 47.55 -3.56
CA CYS C 194 12.65 47.19 -4.81
C CYS C 194 13.04 48.41 -5.66
N VAL C 195 14.03 49.14 -5.16
CA VAL C 195 14.61 50.30 -5.83
C VAL C 195 16.07 49.99 -6.03
N SER C 196 16.69 50.70 -6.96
CA SER C 196 18.13 50.57 -7.16
C SER C 196 18.84 51.07 -5.92
N SER C 197 20.13 50.80 -5.79
CA SER C 197 20.90 51.38 -4.70
C SER C 197 21.13 52.89 -4.89
N ASN C 198 21.19 53.34 -6.14
CA ASN C 198 21.33 54.77 -6.43
C ASN C 198 19.97 55.46 -6.55
N GLY C 199 18.90 54.73 -6.24
CA GLY C 199 17.55 55.27 -6.25
C GLY C 199 17.02 55.81 -7.57
N LYS C 200 17.60 55.38 -8.68
CA LYS C 200 17.16 55.90 -9.97
C LYS C 200 16.26 54.92 -10.74
N ARG C 201 16.34 53.65 -10.38
CA ARG C 201 15.54 52.63 -11.06
C ARG C 201 14.68 51.81 -10.10
N SER C 202 13.47 51.48 -10.54
CA SER C 202 12.61 50.55 -9.80
C SER C 202 11.88 49.58 -10.73
N LEU C 203 10.96 48.80 -10.16
CA LEU C 203 10.16 47.87 -10.95
C LEU C 203 9.16 48.62 -11.81
N ASP C 204 9.18 48.35 -13.10
CA ASP C 204 8.27 49.01 -14.05
C ASP C 204 6.88 48.38 -14.01
N GLY C 205 6.75 47.27 -13.30
CA GLY C 205 5.47 46.61 -13.17
C GLY C 205 5.52 45.33 -12.38
N ILE C 206 4.35 44.72 -12.21
CA ILE C 206 4.21 43.52 -11.39
C ILE C 206 3.58 42.37 -12.18
N CYS C 207 4.10 41.16 -11.97
CA CYS C 207 3.57 39.95 -12.59
C CYS C 207 2.73 39.07 -11.68
N VAL C 208 1.51 38.78 -12.07
CA VAL C 208 0.76 37.77 -11.34
C VAL C 208 0.41 36.62 -12.27
N VAL C 209 0.01 35.51 -11.67
CA VAL C 209 -0.63 34.42 -12.40
C VAL C 209 -1.72 33.86 -11.52
N SER C 210 -1.33 33.11 -10.49
CA SER C 210 -2.28 32.45 -9.63
C SER C 210 -3.06 33.45 -8.76
N ASP C 211 -2.98 34.73 -9.11
CA ASP C 211 -3.70 35.72 -8.34
C ASP C 211 -4.92 36.28 -9.08
N ILE C 212 -4.98 36.03 -10.37
CA ILE C 212 -6.09 36.50 -11.18
C ILE C 212 -6.71 35.33 -11.93
N ILE C 213 -5.85 34.48 -12.48
CA ILE C 213 -6.29 33.30 -13.20
C ILE C 213 -7.07 32.34 -12.31
N ALA C 214 -6.54 32.04 -11.12
CA ALA C 214 -7.15 31.06 -10.23
C ALA C 214 -8.16 31.69 -9.28
N SER C 215 -8.41 32.97 -9.46
CA SER C 215 -9.33 33.71 -8.60
C SER C 215 -10.79 33.34 -8.82
N LEU C 216 -11.51 33.08 -7.73
CA LEU C 216 -12.94 32.81 -7.79
C LEU C 216 -13.73 34.04 -8.24
N ASP C 217 -13.03 35.16 -8.41
CA ASP C 217 -13.58 36.38 -9.00
C ASP C 217 -12.44 37.29 -9.48
N ALA C 218 -12.15 37.22 -10.78
CA ALA C 218 -10.98 37.88 -11.36
C ALA C 218 -11.14 39.38 -11.62
N ALA C 219 -12.37 39.88 -11.60
CA ALA C 219 -12.57 41.31 -11.73
C ALA C 219 -12.16 41.99 -10.43
N LYS C 220 -12.57 41.39 -9.31
CA LYS C 220 -12.30 41.94 -7.99
C LYS C 220 -10.80 41.92 -7.69
N SER C 221 -10.17 40.77 -7.89
CA SER C 221 -8.76 40.63 -7.62
C SER C 221 -7.91 41.64 -8.41
N THR C 222 -8.31 41.90 -9.66
CA THR C 222 -7.55 42.81 -10.52
C THR C 222 -7.64 44.24 -10.01
N LYS C 223 -8.86 44.70 -9.78
CA LYS C 223 -9.06 46.07 -9.34
C LYS C 223 -8.30 46.35 -8.04
N ILE C 224 -8.09 45.29 -7.24
CA ILE C 224 -7.30 45.41 -6.01
C ILE C 224 -5.83 45.62 -6.34
N LEU C 225 -5.25 44.66 -7.06
CA LEU C 225 -3.86 44.78 -7.51
C LEU C 225 -3.63 46.15 -8.13
N ARG C 226 -4.64 46.65 -8.82
CA ARG C 226 -4.49 47.92 -9.50
C ARG C 226 -4.45 49.08 -8.54
N GLY C 227 -5.15 48.95 -7.41
CA GLY C 227 -5.12 49.96 -6.36
C GLY C 227 -3.74 50.07 -5.74
N LEU C 228 -3.16 48.92 -5.39
CA LEU C 228 -1.85 48.83 -4.75
C LEU C 228 -0.70 49.31 -5.63
N ILE C 229 -0.76 49.01 -6.92
CA ILE C 229 0.31 49.37 -7.83
C ILE C 229 0.47 50.87 -8.00
N ASP C 230 -0.63 51.55 -8.31
CA ASP C 230 -0.59 52.98 -8.65
C ASP C 230 -1.00 53.89 -7.49
N LYS C 231 -0.80 53.38 -6.27
CA LYS C 231 -0.76 54.19 -5.06
C LYS C 231 0.72 54.47 -4.84
N THR C 232 1.05 55.48 -4.04
CA THR C 232 2.46 55.82 -3.82
C THR C 232 2.86 55.94 -2.34
N ASP C 233 2.05 55.39 -1.44
CA ASP C 233 2.32 55.46 0.00
C ASP C 233 2.22 54.13 0.71
N TYR C 234 3.34 53.61 1.20
CA TYR C 234 3.29 52.39 2.00
C TYR C 234 3.44 52.67 3.50
N LYS C 235 2.33 53.07 4.13
CA LYS C 235 2.30 53.22 5.58
C LYS C 235 2.36 51.86 6.26
N PHE C 236 3.58 51.35 6.47
CA PHE C 236 3.76 49.98 6.99
C PHE C 236 3.75 49.93 8.51
N VAL C 237 3.71 51.10 9.11
CA VAL C 237 3.68 51.22 10.55
C VAL C 237 2.85 52.42 10.91
N ASN C 238 1.97 52.23 11.88
CA ASN C 238 1.03 53.25 12.35
C ASN C 238 1.75 54.36 13.16
N ILE C 239 2.75 54.97 12.52
CA ILE C 239 3.54 56.03 13.11
C ILE C 239 4.00 56.99 12.03
N GLY C 240 4.29 58.23 12.41
CA GLY C 240 4.82 59.21 11.49
C GLY C 240 6.11 58.75 10.86
N LEU C 241 6.23 58.95 9.55
CA LEU C 241 7.44 58.57 8.84
C LEU C 241 8.15 59.74 8.19
N SER C 242 7.66 60.95 8.49
CA SER C 242 8.23 62.17 7.92
C SER C 242 9.74 62.18 8.07
N THR C 243 10.41 62.74 7.07
CA THR C 243 11.86 62.85 7.12
C THR C 243 12.23 64.10 7.90
N LYS C 244 12.90 63.89 9.04
CA LYS C 244 13.42 65.00 9.80
C LYS C 244 14.93 65.05 9.58
N ASN C 245 15.46 66.25 9.32
CA ASN C 245 16.92 66.44 9.29
C ASN C 245 17.36 67.23 10.50
N SER C 246 16.40 67.86 11.16
CA SER C 246 16.67 68.54 12.42
C SER C 246 17.03 67.49 13.46
N LEU C 247 18.16 67.70 14.14
CA LEU C 247 18.62 66.80 15.19
C LEU C 247 17.60 66.65 16.30
N THR C 248 17.45 65.46 16.85
CA THR C 248 16.42 65.21 17.84
C THR C 248 16.67 66.09 19.06
N THR C 249 15.74 67.00 19.34
CA THR C 249 15.88 67.92 20.46
C THR C 249 15.60 67.24 21.79
N THR C 250 16.01 67.90 22.87
CA THR C 250 15.75 67.38 24.21
C THR C 250 14.24 67.34 24.49
N ASP C 251 13.52 68.31 23.95
CA ASP C 251 12.07 68.37 24.12
C ASP C 251 11.39 67.18 23.46
N GLU C 252 11.90 66.75 22.32
CA GLU C 252 11.34 65.59 21.63
C GLU C 252 11.61 64.28 22.41
N ILE C 253 12.86 64.04 22.75
CA ILE C 253 13.24 62.87 23.55
C ILE C 253 12.40 62.79 24.83
N GLN C 254 12.08 63.95 25.37
CA GLN C 254 11.30 64.05 26.60
C GLN C 254 9.83 63.73 26.36
N SER C 255 9.35 64.04 25.16
CA SER C 255 7.99 63.66 24.79
C SER C 255 7.93 62.17 24.42
N ILE C 256 8.98 61.67 23.78
CA ILE C 256 9.08 60.24 23.48
C ILE C 256 8.92 59.44 24.77
N ILE C 257 9.69 59.78 25.79
CA ILE C 257 9.72 59.00 27.03
C ILE C 257 8.45 59.09 27.85
N SER C 258 7.82 60.25 27.86
CA SER C 258 6.53 60.40 28.52
C SER C 258 5.54 59.44 27.90
N ASN C 259 5.55 59.39 26.58
CA ASN C 259 4.61 58.59 25.82
C ASN C 259 4.69 57.10 26.13
N THR C 260 5.91 56.59 26.18
CA THR C 260 6.10 55.16 26.36
C THR C 260 5.84 54.71 27.81
N LEU C 261 5.87 55.66 28.73
CA LEU C 261 5.48 55.39 30.12
C LEU C 261 3.97 55.42 30.23
N LYS C 262 3.37 56.48 29.69
CA LYS C 262 1.92 56.68 29.70
C LYS C 262 1.18 55.58 28.93
N ALA C 263 1.87 54.94 27.99
CA ALA C 263 1.26 53.95 27.09
C ALA C 263 1.43 52.48 27.50
N ARG C 264 2.43 52.21 28.33
CA ARG C 264 2.74 50.85 28.78
C ARG C 264 2.77 49.86 27.62
N PRO C 265 3.66 50.09 26.65
CA PRO C 265 3.68 49.27 25.42
C PRO C 265 3.93 47.81 25.74
N LEU C 266 3.35 46.92 24.92
CA LEU C 266 3.52 45.48 25.08
C LEU C 266 4.57 44.98 24.09
N VAL C 267 5.71 44.55 24.62
CA VAL C 267 6.84 44.16 23.77
C VAL C 267 7.03 42.67 23.77
N GLN C 268 6.66 42.03 22.66
CA GLN C 268 6.82 40.60 22.51
C GLN C 268 8.22 40.25 22.03
N HIS C 269 8.96 39.49 22.85
CA HIS C 269 10.32 39.09 22.55
C HIS C 269 10.37 37.69 21.95
N ILE C 270 11.06 37.52 20.84
CA ILE C 270 11.36 36.20 20.37
C ILE C 270 12.88 36.07 20.30
N THR C 271 13.50 35.62 21.38
CA THR C 271 14.96 35.64 21.49
C THR C 271 15.54 34.40 22.17
N ASN C 272 16.87 34.26 22.15
CA ASN C 272 17.56 33.12 22.78
C ASN C 272 17.24 33.03 24.25
N LYS C 273 17.82 32.05 24.94
CA LYS C 273 17.51 31.86 26.36
C LYS C 273 18.24 32.82 27.31
N VAL C 274 19.37 33.37 26.86
CA VAL C 274 20.20 34.24 27.71
C VAL C 274 19.79 35.70 27.69
N HIS C 275 19.05 36.09 26.67
CA HIS C 275 18.52 37.46 26.57
C HIS C 275 17.10 37.53 27.13
N GLN C 276 16.43 36.38 27.22
CA GLN C 276 15.08 36.31 27.77
C GLN C 276 15.05 37.14 29.04
N ASN C 277 15.78 36.65 30.04
CA ASN C 277 15.72 37.26 31.36
C ASN C 277 16.12 38.72 31.29
N PHE C 278 17.34 38.98 30.84
CA PHE C 278 17.85 40.35 30.84
C PHE C 278 16.99 41.31 30.02
N GLY C 279 16.40 40.81 28.94
CA GLY C 279 15.58 41.63 28.05
C GLY C 279 14.25 42.03 28.68
N ALA C 280 13.67 41.10 29.41
CA ALA C 280 12.45 41.36 30.17
C ALA C 280 12.69 42.45 31.21
N ASN C 281 13.88 42.43 31.79
CA ASN C 281 14.23 43.39 32.82
C ASN C 281 14.27 44.81 32.26
N VAL C 282 14.92 44.97 31.12
CA VAL C 282 15.04 46.28 30.51
C VAL C 282 13.66 46.80 30.16
N THR C 283 12.84 45.92 29.60
CA THR C 283 11.49 46.31 29.23
C THR C 283 10.71 46.71 30.48
N LEU C 284 10.94 45.98 31.56
CA LEU C 284 10.29 46.25 32.85
C LEU C 284 10.66 47.61 33.43
N ALA C 285 11.96 47.83 33.62
CA ALA C 285 12.47 49.12 34.04
C ALA C 285 11.86 50.26 33.22
N LEU C 286 11.78 50.08 31.91
CA LEU C 286 11.24 51.11 31.04
C LEU C 286 9.72 51.26 31.18
N GLY C 287 9.15 50.58 32.18
CA GLY C 287 7.75 50.73 32.50
C GLY C 287 6.76 50.22 31.45
N SER C 288 7.07 49.08 30.85
CA SER C 288 6.15 48.41 29.93
C SER C 288 6.26 46.90 30.13
N SER C 289 5.38 46.14 29.51
CA SER C 289 5.27 44.72 29.83
C SER C 289 5.75 43.77 28.73
N PRO C 290 6.66 42.86 29.08
CA PRO C 290 7.32 41.90 28.20
C PRO C 290 6.54 40.61 28.08
N ILE C 291 6.39 40.10 26.86
CA ILE C 291 5.84 38.78 26.63
C ILE C 291 6.87 37.90 25.96
N MET C 292 7.04 36.67 26.40
CA MET C 292 8.03 35.80 25.76
C MET C 292 7.36 34.64 25.03
N SER C 293 6.31 34.98 24.27
CA SER C 293 5.52 34.00 23.53
C SER C 293 6.15 33.59 22.19
N GLU C 294 6.39 32.29 22.04
CA GLU C 294 6.83 31.71 20.77
C GLU C 294 5.78 30.72 20.27
N ILE C 295 4.53 31.06 20.54
CA ILE C 295 3.39 30.23 20.20
C ILE C 295 2.67 30.86 19.01
N GLN C 296 2.48 30.07 17.95
CA GLN C 296 1.84 30.51 16.70
C GLN C 296 0.39 30.98 16.84
N SER C 297 -0.45 30.11 17.37
CA SER C 297 -1.87 30.41 17.55
C SER C 297 -2.13 31.79 18.16
N GLU C 298 -1.37 32.09 19.21
CA GLU C 298 -1.48 33.34 19.96
C GLU C 298 -1.02 34.55 19.15
N VAL C 299 -0.20 34.32 18.14
CA VAL C 299 0.46 35.41 17.42
C VAL C 299 -0.52 36.52 17.05
N ASN C 300 -1.66 36.16 16.49
CA ASN C 300 -2.62 37.17 16.06
C ASN C 300 -3.31 37.94 17.18
N ASP C 301 -3.61 37.25 18.28
CA ASP C 301 -4.29 37.84 19.43
C ASP C 301 -3.37 38.79 20.21
N LEU C 302 -2.08 38.45 20.30
CA LEU C 302 -1.07 39.34 20.90
C LEU C 302 -0.99 40.69 20.17
N ALA C 303 -0.79 40.66 18.86
CA ALA C 303 -0.60 41.88 18.07
C ALA C 303 -1.84 42.77 18.05
N ALA C 304 -2.95 42.23 18.52
CA ALA C 304 -4.22 42.96 18.55
C ALA C 304 -4.25 43.98 19.70
N ILE C 305 -3.58 43.63 20.80
CA ILE C 305 -3.46 44.51 21.96
C ILE C 305 -2.89 45.86 21.54
N PRO C 306 -3.33 46.94 22.21
CA PRO C 306 -2.87 48.30 21.89
C PRO C 306 -1.41 48.55 22.23
N HIS C 307 -0.71 49.22 21.32
CA HIS C 307 0.71 49.52 21.47
C HIS C 307 1.60 48.29 21.61
N ALA C 308 1.38 47.31 20.75
CA ALA C 308 2.19 46.10 20.71
C ALA C 308 3.41 46.29 19.79
N THR C 309 4.47 45.56 20.09
CA THR C 309 5.75 45.75 19.42
C THR C 309 6.46 44.41 19.40
N LEU C 310 7.11 44.09 18.29
CA LEU C 310 7.81 42.83 18.18
C LEU C 310 9.32 43.07 18.22
N LEU C 311 10.01 42.37 19.12
CA LEU C 311 11.47 42.36 19.12
C LEU C 311 11.90 40.97 18.64
N LEU C 312 12.71 40.92 17.59
CA LEU C 312 12.95 39.67 16.89
C LEU C 312 14.41 39.28 16.79
N ASN C 313 14.85 38.27 17.56
CA ASN C 313 16.20 37.74 17.45
C ASN C 313 16.33 36.55 16.52
N THR C 314 17.48 36.43 15.87
CA THR C 314 17.80 35.22 15.14
C THR C 314 18.17 34.21 16.20
N GLY C 315 18.44 32.97 15.78
CA GLY C 315 18.97 31.96 16.69
C GLY C 315 18.11 31.72 17.92
N SER C 316 16.89 32.25 17.90
CA SER C 316 15.86 31.82 18.82
C SER C 316 15.53 30.39 18.41
N VAL C 317 14.79 29.68 19.25
CA VAL C 317 14.50 28.26 18.98
C VAL C 317 13.21 28.07 18.14
N ALA C 318 12.43 29.15 17.99
CA ALA C 318 11.19 29.12 17.22
C ALA C 318 11.42 28.72 15.77
N PRO C 319 10.51 27.90 15.21
CA PRO C 319 10.55 27.45 13.81
C PRO C 319 10.26 28.59 12.84
N PRO C 320 11.02 28.68 11.74
CA PRO C 320 10.88 29.76 10.76
C PRO C 320 9.44 29.98 10.32
N GLU C 321 8.65 28.92 10.29
CA GLU C 321 7.24 29.04 9.96
C GLU C 321 6.49 29.97 10.92
N MET C 322 6.99 30.06 12.15
CA MET C 322 6.33 30.85 13.20
C MET C 322 6.78 32.32 13.20
N LEU C 323 8.07 32.56 12.97
CA LEU C 323 8.56 33.92 12.84
C LEU C 323 7.88 34.57 11.63
N LYS C 324 7.62 33.76 10.60
CA LYS C 324 6.83 34.21 9.44
C LYS C 324 5.43 34.61 9.89
N ALA C 325 4.80 33.71 10.66
CA ALA C 325 3.47 33.93 11.24
C ALA C 325 3.36 35.29 11.91
N ALA C 326 4.34 35.55 12.78
CA ALA C 326 4.39 36.75 13.62
C ALA C 326 4.75 38.01 12.84
N ILE C 327 5.86 37.98 12.11
CA ILE C 327 6.21 39.13 11.29
C ILE C 327 4.99 39.58 10.51
N ARG C 328 4.29 38.60 9.94
CA ARG C 328 3.08 38.91 9.17
C ARG C 328 1.99 39.50 10.07
N ALA C 329 1.73 38.85 11.20
CA ALA C 329 0.70 39.31 12.12
C ALA C 329 0.84 40.78 12.50
N TYR C 330 2.08 41.23 12.76
CA TYR C 330 2.34 42.62 13.14
C TYR C 330 2.26 43.61 11.99
N ASN C 331 2.57 43.17 10.79
CA ASN C 331 2.49 44.03 9.60
C ASN C 331 1.05 44.26 9.17
N ASP C 332 0.21 43.28 9.46
CA ASP C 332 -1.20 43.33 9.07
C ASP C 332 -1.96 44.34 9.91
N VAL C 333 -1.50 44.55 11.14
CA VAL C 333 -2.10 45.51 12.07
C VAL C 333 -1.23 46.78 12.14
N LYS C 334 -0.25 46.84 11.25
CA LYS C 334 0.62 48.01 11.08
C LYS C 334 1.28 48.48 12.36
N ARG C 335 1.94 47.55 13.04
CA ARG C 335 2.71 47.85 14.23
C ARG C 335 4.20 47.57 13.96
N PRO C 336 5.09 48.11 14.82
CA PRO C 336 6.55 48.17 14.61
C PRO C 336 7.29 46.87 14.93
N ILE C 337 8.21 46.49 14.05
CA ILE C 337 9.07 45.34 14.30
C ILE C 337 10.53 45.78 14.46
N VAL C 338 11.22 45.21 15.43
CA VAL C 338 12.63 45.51 15.62
C VAL C 338 13.41 44.24 15.36
N PHE C 339 14.31 44.31 14.40
CA PHE C 339 15.06 43.16 13.98
C PHE C 339 16.46 43.22 14.59
N ASP C 340 16.95 42.06 15.03
CA ASP C 340 18.27 42.01 15.63
C ASP C 340 19.03 40.78 15.17
N PRO C 341 19.65 40.85 13.98
CA PRO C 341 20.47 39.72 13.52
C PRO C 341 21.63 39.52 14.48
N VAL C 342 21.85 38.30 14.94
CA VAL C 342 22.98 38.02 15.81
C VAL C 342 24.01 37.16 15.05
N GLY C 343 24.34 37.60 13.84
CA GLY C 343 25.23 36.88 12.93
C GLY C 343 24.99 37.26 11.46
N ALA C 346 27.85 35.27 9.53
CA ALA C 346 28.67 34.82 10.67
C ALA C 346 28.94 33.31 10.68
N THR C 347 27.94 32.55 10.25
CA THR C 347 28.04 31.10 10.04
C THR C 347 26.97 30.69 9.01
N GLU C 348 27.38 29.92 8.01
CA GLU C 348 26.49 29.54 6.91
C GLU C 348 25.01 29.36 7.28
N THR C 349 24.71 28.61 8.34
CA THR C 349 23.32 28.35 8.71
C THR C 349 22.57 29.60 9.18
N ARG C 350 23.25 30.49 9.91
CA ARG C 350 22.64 31.72 10.39
C ARG C 350 22.48 32.75 9.29
N LEU C 351 23.41 32.76 8.35
CA LEU C 351 23.30 33.61 7.17
C LEU C 351 22.04 33.25 6.37
N LEU C 352 21.81 31.97 6.16
CA LEU C 352 20.60 31.51 5.50
C LEU C 352 19.34 31.97 6.21
N LEU C 353 19.24 31.62 7.48
CA LEU C 353 18.06 31.88 8.29
C LEU C 353 17.68 33.36 8.25
N ASN C 354 18.65 34.21 8.44
CA ASN C 354 18.40 35.65 8.49
C ASN C 354 17.91 36.24 7.18
N ASN C 355 18.63 36.00 6.10
CA ASN C 355 18.21 36.51 4.81
C ASN C 355 16.79 36.09 4.53
N LYS C 356 16.44 34.90 5.02
CA LYS C 356 15.09 34.39 4.84
C LYS C 356 14.07 35.27 5.56
N LEU C 357 14.31 35.57 6.82
CA LEU C 357 13.41 36.39 7.59
C LEU C 357 13.20 37.75 6.95
N LEU C 358 14.27 38.34 6.42
CA LEU C 358 14.21 39.70 5.87
C LEU C 358 13.32 39.81 4.64
N THR C 359 12.57 38.76 4.36
CA THR C 359 11.64 38.73 3.25
C THR C 359 10.27 38.28 3.72
N PHE C 360 10.12 38.05 5.02
CA PHE C 360 8.80 37.74 5.59
C PHE C 360 7.97 39.00 5.77
N GLY C 361 8.64 40.14 5.92
CA GLY C 361 7.97 41.40 6.15
C GLY C 361 8.82 42.66 6.11
N GLN C 362 8.25 43.74 6.62
CA GLN C 362 8.78 45.07 6.51
C GLN C 362 9.18 45.56 7.89
N PHE C 363 10.47 45.65 8.15
CA PHE C 363 10.92 45.98 9.50
C PHE C 363 10.98 47.49 9.74
N SER C 364 10.76 47.89 10.98
CA SER C 364 10.75 49.30 11.34
C SER C 364 12.10 49.77 11.86
N CYS C 365 12.97 48.82 12.18
CA CYS C 365 14.33 49.16 12.55
C CYS C 365 15.22 47.93 12.65
N ILE C 366 16.42 48.00 12.09
CA ILE C 366 17.37 46.91 12.22
C ILE C 366 18.56 47.35 13.08
N LYS C 367 19.06 46.45 13.91
CA LYS C 367 20.09 46.79 14.88
C LYS C 367 21.21 45.76 14.87
N GLY C 368 22.44 46.22 14.70
CA GLY C 368 23.56 45.31 14.70
C GLY C 368 24.88 46.01 14.95
N ASN C 369 25.93 45.24 15.17
CA ASN C 369 27.25 45.80 15.41
C ASN C 369 28.13 45.79 14.18
N SER C 370 29.22 46.54 14.23
CA SER C 370 30.23 46.58 13.18
C SER C 370 30.18 45.38 12.22
N SER C 371 30.32 44.17 12.76
CA SER C 371 30.28 42.95 11.95
C SER C 371 28.94 42.75 11.24
N GLU C 372 27.90 42.60 12.04
CA GLU C 372 26.57 42.33 11.52
C GLU C 372 26.05 43.40 10.55
N ILE C 373 26.55 44.62 10.65
CA ILE C 373 26.10 45.68 9.73
C ILE C 373 26.90 45.70 8.44
N LEU C 374 28.20 45.46 8.55
CA LEU C 374 29.02 45.37 7.36
C LEU C 374 28.48 44.30 6.40
N GLY C 375 28.33 43.08 6.90
CA GLY C 375 27.81 41.96 6.13
C GLY C 375 26.45 42.19 5.49
N LEU C 376 25.56 42.87 6.21
CA LEU C 376 24.22 43.19 5.71
C LEU C 376 24.26 44.17 4.54
N ALA C 377 25.19 45.12 4.60
CA ALA C 377 25.41 46.04 3.48
C ALA C 377 26.19 45.38 2.35
N GLU C 378 26.71 44.19 2.62
CA GLU C 378 27.46 43.41 1.65
C GLU C 378 28.77 44.09 1.26
N LEU C 379 29.67 44.25 2.24
CA LEU C 379 30.98 44.85 2.03
C LEU C 379 31.79 44.03 1.04
N SER C 394 37.07 50.60 10.53
CA SER C 394 37.07 52.01 10.15
C SER C 394 35.83 52.71 10.70
N ASN C 395 35.63 53.99 10.36
CA ASN C 395 34.51 54.75 10.90
C ASN C 395 33.68 55.41 9.80
N GLU C 396 34.33 55.86 8.73
CA GLU C 396 33.62 56.40 7.58
C GLU C 396 32.92 55.25 6.86
N LEU C 397 33.45 54.04 7.06
CA LEU C 397 32.95 52.83 6.44
C LEU C 397 31.67 52.38 7.13
N LEU C 398 31.68 52.46 8.45
CA LEU C 398 30.51 52.11 9.26
C LEU C 398 29.37 53.07 8.98
N ILE C 399 29.69 54.30 8.61
CA ILE C 399 28.62 55.24 8.25
C ILE C 399 28.02 54.92 6.90
N GLN C 400 28.86 54.52 5.95
CA GLN C 400 28.39 54.18 4.62
C GLN C 400 27.57 52.88 4.69
N ALA C 401 28.06 51.92 5.47
CA ALA C 401 27.38 50.64 5.67
C ALA C 401 26.02 50.82 6.35
N THR C 402 25.98 51.67 7.37
CA THR C 402 24.71 51.90 8.07
C THR C 402 23.68 52.62 7.19
N LYS C 403 24.14 53.51 6.31
CA LYS C 403 23.25 54.16 5.35
C LYS C 403 22.76 53.16 4.30
N ILE C 404 23.67 52.33 3.81
CA ILE C 404 23.33 51.28 2.85
C ILE C 404 22.23 50.37 3.41
N VAL C 405 22.48 49.82 4.60
CA VAL C 405 21.56 48.87 5.20
C VAL C 405 20.19 49.48 5.46
N ALA C 406 20.16 50.75 5.81
CA ALA C 406 18.88 51.40 6.10
C ALA C 406 18.07 51.61 4.83
N PHE C 407 18.74 51.99 3.76
CA PHE C 407 18.06 52.21 2.50
C PHE C 407 17.65 50.88 1.87
N LYS C 408 18.55 49.89 1.94
CA LYS C 408 18.32 48.58 1.36
C LYS C 408 16.99 48.01 1.81
N TYR C 409 16.81 47.92 3.13
CA TYR C 409 15.66 47.28 3.75
C TYR C 409 14.57 48.27 4.13
N LYS C 410 14.68 49.49 3.60
CA LYS C 410 13.74 50.58 3.85
C LYS C 410 13.31 50.68 5.30
N THR C 411 14.23 51.16 6.12
CA THR C 411 14.09 51.01 7.55
C THR C 411 14.99 52.01 8.26
N VAL C 412 14.90 52.08 9.60
CA VAL C 412 15.88 52.81 10.39
C VAL C 412 16.92 51.80 10.88
N ALA C 413 18.16 51.93 10.43
CA ALA C 413 19.22 51.00 10.82
C ALA C 413 20.14 51.57 11.90
N VAL C 414 20.53 50.71 12.84
CA VAL C 414 21.35 51.11 13.95
C VAL C 414 22.61 50.29 14.00
N CYS C 415 23.75 50.97 13.88
CA CYS C 415 25.06 50.35 14.04
C CYS C 415 25.64 50.70 15.39
N THR C 416 25.92 49.70 16.22
CA THR C 416 26.43 49.91 17.57
C THR C 416 27.95 49.72 17.70
N GLY C 417 28.55 50.44 18.65
CA GLY C 417 30.00 50.45 18.89
C GLY C 417 30.39 51.52 19.90
N GLU C 418 31.59 52.08 19.77
CA GLU C 418 32.00 53.22 20.61
C GLU C 418 31.13 54.39 20.21
N PHE C 419 30.96 54.52 18.90
CA PHE C 419 29.96 55.40 18.33
C PHE C 419 28.77 54.55 17.86
N ASP C 420 27.56 55.06 18.03
CA ASP C 420 26.38 54.41 17.50
C ASP C 420 25.82 55.26 16.35
N PHE C 421 25.67 54.66 15.17
CA PHE C 421 25.17 55.40 14.02
C PHE C 421 23.72 55.03 13.74
N ILE C 422 22.92 56.03 13.39
CA ILE C 422 21.51 55.81 13.09
C ILE C 422 21.11 56.44 11.76
N ALA C 423 20.66 55.61 10.81
CA ALA C 423 20.32 56.07 9.46
C ALA C 423 18.85 55.81 9.10
N ASP C 424 18.15 56.84 8.61
CA ASP C 424 16.73 56.74 8.30
C ASP C 424 16.52 56.52 6.81
N GLY C 425 16.39 55.26 6.42
CA GLY C 425 16.24 54.96 5.01
C GLY C 425 14.81 54.62 4.61
N THR C 426 13.83 55.26 5.25
CA THR C 426 12.43 54.93 4.99
C THR C 426 11.84 55.78 3.89
N ILE C 427 12.43 56.94 3.63
CA ILE C 427 11.95 57.79 2.56
C ILE C 427 10.45 58.05 2.65
N GLU C 428 9.91 58.05 3.87
CA GLU C 428 8.51 58.40 4.09
C GLU C 428 7.54 57.38 3.49
N GLY C 429 8.03 56.18 3.22
CA GLY C 429 7.20 55.12 2.67
C GLY C 429 6.74 55.38 1.25
N LYS C 430 7.63 55.92 0.42
CA LYS C 430 7.31 56.27 -0.96
C LYS C 430 7.74 55.18 -1.92
N TYR C 431 6.84 54.81 -2.82
CA TYR C 431 7.20 53.97 -3.94
C TYR C 431 6.52 54.46 -5.20
N SER C 432 7.08 54.05 -6.33
CA SER C 432 6.52 54.38 -7.63
C SER C 432 7.12 53.47 -8.71
N LEU C 433 6.38 53.30 -9.79
CA LEU C 433 6.84 52.47 -10.87
C LEU C 433 8.03 53.10 -11.60
N SER C 434 9.10 52.32 -11.75
CA SER C 434 10.24 52.68 -12.60
C SER C 434 11.00 53.97 -12.25
N LYS C 435 10.31 54.96 -11.69
CA LYS C 435 10.86 56.31 -11.48
C LYS C 435 12.28 56.40 -10.89
N GLY C 436 12.55 55.73 -9.77
CA GLY C 436 11.56 54.99 -9.00
C GLY C 436 11.53 55.53 -7.59
N THR C 437 12.61 56.23 -7.23
CA THR C 437 12.65 57.05 -6.03
C THR C 437 12.82 58.49 -6.50
N ASN C 438 12.59 59.44 -5.62
CA ASN C 438 12.74 60.85 -5.96
C ASN C 438 14.18 61.32 -5.78
N GLY C 439 15.10 60.66 -6.49
CA GLY C 439 16.51 61.02 -6.47
C GLY C 439 17.26 60.70 -5.18
N THR C 440 16.53 60.33 -4.14
CA THR C 440 17.11 59.94 -2.86
C THR C 440 17.91 58.65 -2.99
N SER C 441 19.23 58.72 -2.87
CA SER C 441 20.07 57.54 -3.04
C SER C 441 20.51 56.95 -1.71
N VAL C 442 21.32 55.90 -1.77
CA VAL C 442 21.91 55.33 -0.57
C VAL C 442 22.70 56.39 0.20
N GLU C 443 23.33 57.30 -0.54
CA GLU C 443 24.30 58.22 0.04
C GLU C 443 23.73 59.41 0.84
N ASP C 444 22.49 59.80 0.56
CA ASP C 444 21.98 61.06 1.10
C ASP C 444 20.73 60.99 2.00
N ILE C 445 20.47 59.82 2.58
CA ILE C 445 19.44 59.69 3.62
C ILE C 445 19.96 60.18 4.98
N PRO C 446 19.13 60.92 5.73
CA PRO C 446 19.55 61.40 7.06
C PRO C 446 20.25 60.32 7.91
N CYS C 447 21.41 60.66 8.46
CA CYS C 447 22.17 59.75 9.31
C CYS C 447 22.91 60.54 10.42
N VAL C 448 22.73 60.12 11.66
CA VAL C 448 23.34 60.81 12.80
C VAL C 448 24.25 59.88 13.62
N ALA C 449 25.08 60.45 14.49
CA ALA C 449 25.97 59.67 15.33
C ALA C 449 25.79 59.94 16.83
N VAL C 450 26.10 58.95 17.65
CA VAL C 450 25.92 59.05 19.08
C VAL C 450 27.12 58.45 19.81
N GLU C 451 27.75 59.23 20.68
CA GLU C 451 28.90 58.76 21.42
C GLU C 451 28.92 59.28 22.85
N ALA C 452 29.54 58.53 23.74
CA ALA C 452 29.63 58.93 25.13
C ALA C 452 30.97 58.51 25.72
N GLY C 453 31.98 58.48 24.86
CA GLY C 453 33.32 58.09 25.28
C GLY C 453 33.41 56.60 25.51
N PRO C 454 34.63 56.09 25.64
CA PRO C 454 34.88 54.67 25.88
C PRO C 454 34.25 54.20 27.19
N ILE C 455 33.91 52.91 27.30
CA ILE C 455 33.30 52.37 28.52
C ILE C 455 33.79 50.97 28.87
N GLY C 465 24.13 45.01 24.68
CA GLY C 465 23.97 44.44 23.36
C GLY C 465 22.51 44.37 22.96
N CYS C 466 21.86 43.26 23.29
CA CYS C 466 20.46 43.03 22.93
C CYS C 466 19.50 43.74 23.87
N SER C 467 20.07 44.47 24.83
CA SER C 467 19.30 45.33 25.70
C SER C 467 18.89 46.56 24.90
N LEU C 468 19.78 47.00 24.02
CA LEU C 468 19.49 48.09 23.11
C LEU C 468 18.27 47.77 22.23
N GLY C 469 18.16 46.52 21.81
CA GLY C 469 17.00 46.08 21.07
C GLY C 469 15.73 46.31 21.86
N SER C 470 15.68 45.82 23.10
CA SER C 470 14.49 45.98 23.92
C SER C 470 14.17 47.45 24.20
N THR C 471 15.22 48.25 24.40
CA THR C 471 15.09 49.68 24.66
C THR C 471 14.46 50.41 23.48
N ILE C 472 15.02 50.19 22.29
CA ILE C 472 14.43 50.76 21.07
C ILE C 472 13.00 50.29 20.85
N ALA C 473 12.79 48.98 20.99
CA ALA C 473 11.45 48.43 20.87
C ALA C 473 10.47 49.17 21.76
N CYS C 474 10.92 49.49 22.98
CA CYS C 474 10.11 50.19 23.97
C CYS C 474 9.86 51.65 23.61
N MET C 475 10.81 52.27 22.91
CA MET C 475 10.64 53.66 22.54
C MET C 475 9.66 53.87 21.39
N ILE C 476 9.86 53.14 20.28
CA ILE C 476 8.91 53.14 19.17
C ILE C 476 7.53 52.68 19.59
N GLY C 477 7.50 51.70 20.49
CA GLY C 477 6.26 51.13 20.96
C GLY C 477 5.23 52.15 21.37
N GLY C 478 5.67 53.15 22.14
CA GLY C 478 4.79 54.13 22.74
C GLY C 478 4.36 55.31 21.88
N GLN C 479 5.05 55.49 20.75
CA GLN C 479 4.71 56.58 19.83
C GLN C 479 3.28 56.51 19.33
N PRO C 480 2.58 57.65 19.35
CA PRO C 480 1.20 57.78 18.90
C PRO C 480 1.16 57.85 17.39
N SER C 481 -0.05 57.96 16.83
CA SER C 481 -0.25 58.02 15.39
C SER C 481 0.47 59.20 14.73
N GLU C 482 0.83 60.20 15.54
CA GLU C 482 1.35 61.47 15.05
C GLU C 482 2.85 61.62 15.25
N GLY C 483 3.45 60.72 16.01
CA GLY C 483 4.85 60.83 16.38
C GLY C 483 5.85 60.74 15.25
N ASN C 484 7.03 60.18 15.55
CA ASN C 484 8.08 60.00 14.56
C ASN C 484 8.95 58.78 14.85
N LEU C 485 9.07 57.89 13.87
CA LEU C 485 9.82 56.65 14.02
C LEU C 485 11.30 56.93 14.21
N PHE C 486 11.82 57.87 13.42
CA PHE C 486 13.24 58.18 13.42
C PHE C 486 13.73 58.67 14.77
N HIS C 487 13.10 59.73 15.30
CA HIS C 487 13.48 60.25 16.61
C HIS C 487 13.36 59.17 17.66
N ALA C 488 12.25 58.43 17.62
CA ALA C 488 12.03 57.33 18.54
C ALA C 488 13.29 56.50 18.70
N VAL C 489 13.83 56.01 17.59
CA VAL C 489 15.05 55.21 17.62
C VAL C 489 16.21 55.97 18.28
N VAL C 490 16.47 57.19 17.81
CA VAL C 490 17.53 58.00 18.39
C VAL C 490 17.33 58.16 19.90
N ALA C 491 16.14 58.57 20.31
CA ALA C 491 15.79 58.64 21.73
C ALA C 491 16.29 57.40 22.45
N GLY C 492 15.85 56.24 21.99
CA GLY C 492 16.24 54.97 22.58
C GLY C 492 17.73 54.72 22.64
N VAL C 493 18.44 55.06 21.57
CA VAL C 493 19.88 54.88 21.56
C VAL C 493 20.52 55.84 22.56
N MET C 494 20.01 57.07 22.61
CA MET C 494 20.42 58.06 23.59
C MET C 494 20.32 57.49 25.00
N LEU C 495 19.11 57.06 25.34
CA LEU C 495 18.83 56.51 26.66
C LEU C 495 19.79 55.38 27.05
N TYR C 496 19.94 54.39 26.17
CA TYR C 496 20.73 53.21 26.49
C TYR C 496 22.19 53.57 26.75
N LYS C 497 22.71 54.49 25.93
CA LYS C 497 24.09 54.91 26.03
C LYS C 497 24.26 55.74 27.29
N ALA C 498 23.34 56.66 27.53
CA ALA C 498 23.34 57.45 28.75
C ALA C 498 23.33 56.54 29.98
N ALA C 499 22.38 55.60 30.02
CA ALA C 499 22.30 54.64 31.11
C ALA C 499 23.55 53.76 31.23
N GLY C 500 24.43 53.84 30.23
CA GLY C 500 25.65 53.07 30.23
C GLY C 500 26.76 53.77 30.97
N LYS C 501 26.97 55.05 30.67
CA LYS C 501 27.95 55.85 31.40
C LYS C 501 27.64 55.77 32.89
N ILE C 502 26.46 56.24 33.27
CA ILE C 502 26.05 56.21 34.67
C ILE C 502 26.35 54.87 35.37
N ALA C 503 26.08 53.77 34.69
CA ALA C 503 26.31 52.44 35.27
C ALA C 503 27.78 52.16 35.52
N SER C 504 28.61 52.40 34.51
CA SER C 504 30.03 52.08 34.57
C SER C 504 30.71 52.75 35.76
N GLU C 505 30.08 53.80 36.25
CA GLU C 505 30.62 54.61 37.33
C GLU C 505 30.15 54.10 38.69
N LYS C 506 29.09 53.29 38.70
CA LYS C 506 28.48 52.85 39.95
C LYS C 506 28.75 51.38 40.25
N CYS C 507 29.58 50.73 39.46
CA CYS C 507 29.75 49.28 39.58
C CYS C 507 31.16 48.85 40.03
N ASN C 508 31.31 47.56 40.29
CA ASN C 508 32.60 46.99 40.70
C ASN C 508 33.04 45.82 39.85
N GLY C 509 32.41 45.65 38.70
CA GLY C 509 32.65 44.51 37.84
C GLY C 509 31.48 44.26 36.92
N SER C 510 31.56 43.20 36.11
CA SER C 510 30.52 42.89 35.14
C SER C 510 29.21 42.72 35.85
N GLY C 511 29.25 41.92 36.91
CA GLY C 511 28.07 41.59 37.70
C GLY C 511 27.18 42.78 37.99
N SER C 512 27.72 43.74 38.74
CA SER C 512 26.92 44.88 39.14
C SER C 512 26.68 45.89 38.03
N PHE C 513 27.46 45.81 36.94
CA PHE C 513 27.24 46.71 35.81
C PHE C 513 25.92 46.40 35.13
N GLN C 514 25.58 45.13 35.11
CA GLN C 514 24.34 44.72 34.53
C GLN C 514 23.18 45.27 35.37
N VAL C 515 23.18 44.98 36.67
CA VAL C 515 22.13 45.48 37.54
C VAL C 515 22.08 47.02 37.61
N GLU C 516 23.23 47.68 37.62
CA GLU C 516 23.25 49.14 37.62
C GLU C 516 22.78 49.74 36.29
N LEU C 517 22.95 48.99 35.20
CA LEU C 517 22.46 49.41 33.90
C LEU C 517 20.94 49.49 33.93
N ILE C 518 20.32 48.41 34.38
CA ILE C 518 18.87 48.37 34.49
C ILE C 518 18.37 49.45 35.42
N ASP C 519 19.08 49.64 36.54
CA ASP C 519 18.74 50.69 37.48
C ASP C 519 18.76 52.06 36.83
N ALA C 520 19.88 52.42 36.23
CA ALA C 520 19.98 53.73 35.58
C ALA C 520 18.88 53.98 34.55
N LEU C 521 18.50 52.94 33.80
CA LEU C 521 17.40 53.03 32.85
C LEU C 521 16.07 53.36 33.51
N TYR C 522 15.91 52.86 34.74
CA TYR C 522 14.69 53.07 35.51
C TYR C 522 14.62 54.48 36.09
N ARG C 523 15.71 54.91 36.73
CA ARG C 523 15.79 56.22 37.38
C ARG C 523 15.75 57.32 36.35
N LEU C 524 16.29 57.01 35.17
CA LEU C 524 16.57 58.02 34.15
C LEU C 524 15.32 58.45 33.40
N THR C 525 14.39 57.52 33.25
CA THR C 525 13.12 57.76 32.56
C THR C 525 12.04 58.23 33.56
N ARG C 526 12.20 57.82 34.81
CA ARG C 526 11.31 58.28 35.87
C ARG C 526 11.50 59.78 36.14
N GLU C 527 12.63 60.32 35.71
CA GLU C 527 12.83 61.77 35.71
C GLU C 527 13.23 62.21 34.30
N ASN C 528 12.26 62.61 33.49
CA ASN C 528 12.54 63.09 32.14
C ASN C 528 13.34 64.36 32.09
N THR C 529 14.66 64.22 32.13
CA THR C 529 15.53 65.37 32.11
C THR C 529 16.63 65.12 31.10
N PRO C 530 16.25 64.97 29.83
CA PRO C 530 17.27 64.74 28.80
C PRO C 530 18.34 65.83 28.76
N VAL C 531 18.06 67.02 29.29
CA VAL C 531 19.11 68.03 29.43
C VAL C 531 20.30 67.48 30.21
N THR C 532 20.03 66.58 31.15
CA THR C 532 21.04 65.97 32.03
C THR C 532 22.03 64.98 31.39
N TRP C 533 21.64 64.31 30.30
CA TRP C 533 22.37 63.11 29.83
C TRP C 533 23.78 63.28 29.19
N ALA C 534 24.57 62.21 29.26
CA ALA C 534 25.99 62.22 28.87
C ALA C 534 26.33 62.15 27.36
N PRO C 535 25.53 61.40 26.57
CA PRO C 535 25.83 61.17 25.14
C PRO C 535 25.54 62.37 24.24
N LYS C 536 26.48 62.65 23.33
CA LYS C 536 26.42 63.82 22.48
C LYS C 536 25.91 63.47 21.07
N LEU C 537 24.83 64.12 20.65
CA LEU C 537 24.15 63.78 19.40
C LEU C 537 24.47 64.72 18.25
N THR C 538 25.28 64.24 17.30
CA THR C 538 25.73 65.07 16.18
C THR C 538 25.31 64.50 14.81
N HIS C 539 25.57 65.25 13.75
CA HIS C 539 25.31 64.80 12.38
C HIS C 539 26.43 63.88 11.90
N THR C 540 26.12 62.98 10.98
CA THR C 540 27.14 62.15 10.35
C THR C 540 27.32 62.55 8.90
N LYS D 2 -41.25 -4.02 40.01
CA LYS D 2 -41.58 -2.63 39.69
C LYS D 2 -41.24 -1.69 40.83
N PHE D 3 -40.33 -0.75 40.59
CA PHE D 3 -39.95 0.23 41.61
C PHE D 3 -40.67 1.56 41.41
N SER D 4 -40.27 2.53 42.22
CA SER D 4 -40.82 3.87 42.16
C SER D 4 -39.69 4.90 42.18
N LYS D 5 -39.84 5.93 41.37
CA LYS D 5 -38.81 6.95 41.17
C LYS D 5 -37.88 7.17 42.38
N GLU D 6 -38.45 7.20 43.59
CA GLU D 6 -37.62 7.51 44.76
C GLU D 6 -36.83 6.31 45.31
N GLN D 7 -37.04 5.13 44.72
CA GLN D 7 -36.34 3.92 45.16
C GLN D 7 -35.00 3.72 44.45
N PHE D 8 -34.80 4.45 43.36
CA PHE D 8 -33.65 4.26 42.49
C PHE D 8 -32.36 4.70 43.15
N ASP D 9 -31.48 3.73 43.40
CA ASP D 9 -30.19 4.02 44.01
C ASP D 9 -29.10 4.25 42.95
N TYR D 10 -28.79 5.52 42.71
CA TYR D 10 -27.84 5.88 41.67
C TYR D 10 -26.39 5.82 42.12
N SER D 11 -26.13 5.19 43.27
CA SER D 11 -24.79 5.18 43.85
C SER D 11 -23.71 4.81 42.84
N LEU D 12 -23.72 3.54 42.41
CA LEU D 12 -22.78 3.05 41.44
C LEU D 12 -23.55 2.49 40.25
N TYR D 13 -23.72 3.30 39.20
CA TYR D 13 -24.59 3.01 38.07
C TYR D 13 -23.78 2.32 37.01
N LEU D 14 -24.08 1.05 36.72
CA LEU D 14 -23.31 0.34 35.70
C LEU D 14 -23.99 0.37 34.33
N VAL D 15 -23.24 0.73 33.29
CA VAL D 15 -23.76 0.71 31.93
C VAL D 15 -23.02 -0.40 31.18
N THR D 16 -23.74 -1.20 30.38
CA THR D 16 -23.13 -2.32 29.68
C THR D 16 -22.75 -2.06 28.22
N ASP D 17 -21.83 -2.86 27.73
CA ASP D 17 -21.42 -2.83 26.34
C ASP D 17 -20.96 -4.25 25.96
N SER D 18 -21.71 -4.91 25.08
CA SER D 18 -21.40 -6.30 24.78
C SER D 18 -20.01 -6.48 24.16
N GLY D 19 -19.69 -5.70 23.13
CA GLY D 19 -18.45 -5.86 22.40
C GLY D 19 -17.26 -5.22 23.08
N MET D 20 -16.84 -5.80 24.20
CA MET D 20 -15.77 -5.21 25.00
C MET D 20 -15.44 -6.15 26.14
N ILE D 21 -16.12 -7.29 26.12
CA ILE D 21 -15.97 -8.29 27.17
C ILE D 21 -14.70 -9.10 26.99
N PRO D 22 -13.90 -9.24 28.07
CA PRO D 22 -12.67 -10.02 28.04
C PRO D 22 -12.91 -11.46 27.60
N GLU D 23 -12.09 -11.97 26.69
CA GLU D 23 -12.27 -13.32 26.16
C GLU D 23 -12.36 -14.34 27.30
N GLY D 24 -13.40 -15.15 27.26
CA GLY D 24 -13.61 -16.17 28.28
C GLY D 24 -14.64 -15.77 29.33
N LYS D 25 -15.36 -14.69 29.07
CA LYS D 25 -16.35 -14.20 30.02
C LYS D 25 -17.62 -13.77 29.31
N THR D 26 -18.73 -13.72 30.04
CA THR D 26 -20.00 -13.27 29.45
C THR D 26 -20.49 -11.93 30.00
N LEU D 27 -21.37 -11.27 29.26
CA LEU D 27 -21.93 -10.00 29.71
C LEU D 27 -22.68 -10.22 31.01
N TYR D 28 -23.29 -11.39 31.13
CA TYR D 28 -24.05 -11.77 32.31
C TYR D 28 -23.11 -11.97 33.47
N GLY D 29 -22.07 -12.77 33.26
CA GLY D 29 -21.09 -13.01 34.30
C GLY D 29 -20.57 -11.71 34.90
N GLN D 30 -20.15 -10.78 34.04
CA GLN D 30 -19.68 -9.48 34.51
C GLN D 30 -20.79 -8.76 35.26
N VAL D 31 -21.90 -8.47 34.59
CA VAL D 31 -23.00 -7.72 35.22
C VAL D 31 -23.47 -8.38 36.50
N GLU D 32 -23.13 -9.66 36.69
CA GLU D 32 -23.48 -10.36 37.92
C GLU D 32 -22.52 -10.01 39.05
N ALA D 33 -21.24 -10.31 38.84
CA ALA D 33 -20.20 -10.05 39.83
C ALA D 33 -20.19 -8.59 40.29
N GLY D 34 -20.96 -7.75 39.61
CA GLY D 34 -21.02 -6.34 39.95
C GLY D 34 -22.21 -6.06 40.85
N LEU D 35 -23.25 -6.89 40.72
CA LEU D 35 -24.43 -6.77 41.57
C LEU D 35 -24.15 -7.33 42.97
N GLN D 36 -23.16 -8.23 43.05
CA GLN D 36 -22.75 -8.81 44.31
C GLN D 36 -21.85 -7.85 45.12
N ASN D 37 -21.42 -6.76 44.49
CA ASN D 37 -20.52 -5.82 45.14
C ASN D 37 -20.85 -4.33 44.92
N GLY D 38 -22.11 -4.02 44.65
CA GLY D 38 -22.51 -2.63 44.44
C GLY D 38 -23.42 -2.49 43.22
N VAL D 39 -22.82 -2.12 42.09
CA VAL D 39 -23.55 -1.86 40.86
C VAL D 39 -25.06 -1.79 41.14
N THR D 40 -25.46 -0.78 41.90
CA THR D 40 -26.82 -0.64 42.42
C THR D 40 -27.85 -0.15 41.39
N LEU D 41 -27.44 -0.04 40.13
CA LEU D 41 -28.35 0.30 39.03
C LEU D 41 -27.73 -0.20 37.72
N VAL D 42 -28.57 -0.65 36.77
CA VAL D 42 -28.09 -1.21 35.50
C VAL D 42 -28.80 -0.70 34.24
N GLN D 43 -28.01 -0.16 33.31
CA GLN D 43 -28.48 0.22 32.00
C GLN D 43 -27.95 -0.79 30.95
N ILE D 44 -28.84 -1.28 30.11
CA ILE D 44 -28.47 -2.12 28.97
C ILE D 44 -28.23 -1.25 27.76
N ARG D 45 -27.07 -1.39 27.13
CA ARG D 45 -26.70 -0.56 25.99
C ARG D 45 -26.32 -1.36 24.76
N GLU D 46 -27.19 -1.37 23.76
CA GLU D 46 -26.83 -2.01 22.51
C GLU D 46 -26.95 -1.04 21.35
N LYS D 47 -25.80 -0.52 20.92
CA LYS D 47 -25.81 0.44 19.84
C LYS D 47 -25.83 -0.23 18.47
N ASP D 48 -25.57 -1.55 18.43
CA ASP D 48 -25.35 -2.24 17.16
C ASP D 48 -26.10 -3.56 16.94
N ALA D 49 -26.47 -4.26 18.00
CA ALA D 49 -27.03 -5.59 17.87
C ALA D 49 -28.42 -5.60 17.23
N ASP D 50 -28.84 -6.78 16.74
CA ASP D 50 -30.17 -6.97 16.15
C ASP D 50 -31.24 -6.70 17.20
N THR D 51 -32.25 -5.91 16.84
CA THR D 51 -33.22 -5.46 17.83
C THR D 51 -34.00 -6.64 18.43
N LYS D 52 -33.58 -7.85 18.09
CA LYS D 52 -34.18 -9.06 18.65
C LYS D 52 -33.26 -9.63 19.69
N PHE D 53 -32.03 -9.93 19.27
CA PHE D 53 -31.00 -10.35 20.21
C PHE D 53 -30.92 -9.36 21.37
N PHE D 54 -31.16 -8.09 21.08
CA PHE D 54 -31.30 -7.04 22.09
C PHE D 54 -32.35 -7.40 23.15
N ILE D 55 -33.55 -7.75 22.70
CA ILE D 55 -34.65 -8.09 23.61
C ILE D 55 -34.34 -9.36 24.40
N GLU D 56 -33.68 -10.31 23.76
CA GLU D 56 -33.34 -11.58 24.41
C GLU D 56 -32.35 -11.38 25.54
N GLU D 57 -31.30 -10.61 25.28
CA GLU D 57 -30.25 -10.35 26.26
C GLU D 57 -30.79 -9.44 27.34
N ALA D 58 -31.71 -8.56 26.96
CA ALA D 58 -32.32 -7.62 27.89
C ALA D 58 -33.25 -8.32 28.89
N LEU D 59 -34.05 -9.26 28.40
CA LEU D 59 -34.89 -10.05 29.30
C LEU D 59 -33.99 -10.87 30.22
N GLN D 60 -32.96 -11.46 29.65
CA GLN D 60 -32.08 -12.35 30.39
C GLN D 60 -31.43 -11.63 31.57
N ILE D 61 -31.18 -10.33 31.42
CA ILE D 61 -30.52 -9.55 32.46
C ILE D 61 -31.50 -8.88 33.44
N LYS D 62 -32.76 -8.76 33.05
CA LYS D 62 -33.77 -8.22 33.94
C LYS D 62 -34.17 -9.23 35.00
N GLU D 63 -33.86 -10.50 34.78
CA GLU D 63 -34.13 -11.51 35.79
C GLU D 63 -33.03 -11.51 36.84
N LEU D 64 -31.78 -11.48 36.36
CA LEU D 64 -30.61 -11.34 37.22
C LEU D 64 -30.71 -10.05 38.04
N CYS D 65 -31.12 -8.96 37.38
CA CYS D 65 -31.29 -7.67 38.05
C CYS D 65 -32.34 -7.72 39.13
N HIS D 66 -33.60 -7.82 38.73
CA HIS D 66 -34.70 -7.87 39.68
C HIS D 66 -34.39 -8.83 40.83
N ALA D 67 -33.66 -9.91 40.53
CA ALA D 67 -33.24 -10.87 41.56
C ALA D 67 -32.52 -10.16 42.71
N HIS D 68 -31.47 -9.40 42.40
CA HIS D 68 -30.73 -8.61 43.39
C HIS D 68 -31.44 -7.28 43.72
N ASN D 69 -32.70 -7.17 43.30
CA ASN D 69 -33.55 -6.04 43.65
C ASN D 69 -33.07 -4.67 43.12
N VAL D 70 -32.41 -4.67 41.96
CA VAL D 70 -32.01 -3.43 41.31
C VAL D 70 -32.67 -3.30 39.94
N PRO D 71 -33.15 -2.08 39.60
CA PRO D 71 -33.86 -1.79 38.35
C PRO D 71 -33.01 -1.94 37.10
N LEU D 72 -33.68 -2.01 35.94
CA LEU D 72 -33.01 -2.12 34.65
C LEU D 72 -33.45 -0.96 33.77
N ILE D 73 -32.49 -0.34 33.08
CA ILE D 73 -32.80 0.77 32.20
C ILE D 73 -32.32 0.48 30.79
N ILE D 74 -32.99 1.04 29.80
CA ILE D 74 -32.67 0.69 28.42
C ILE D 74 -32.44 1.92 27.54
N ASN D 75 -31.52 1.78 26.60
CA ASN D 75 -30.92 2.91 25.91
C ASN D 75 -30.55 2.52 24.51
N ASP D 76 -31.18 3.15 23.54
CA ASP D 76 -32.14 4.21 23.78
C ASP D 76 -33.41 3.87 23.02
N ARG D 77 -33.76 2.58 23.05
CA ARG D 77 -34.92 2.11 22.32
C ARG D 77 -36.15 2.08 23.22
N ILE D 78 -37.00 3.09 23.06
CA ILE D 78 -38.24 3.19 23.81
C ILE D 78 -39.09 1.95 23.63
N ASP D 79 -39.30 1.53 22.39
CA ASP D 79 -40.10 0.33 22.11
C ASP D 79 -39.63 -0.91 22.88
N VAL D 80 -38.35 -1.21 22.79
CA VAL D 80 -37.75 -2.32 23.54
C VAL D 80 -38.02 -2.22 25.05
N ALA D 81 -38.05 -1.00 25.57
CA ALA D 81 -38.33 -0.79 26.99
C ALA D 81 -39.75 -1.21 27.31
N MET D 82 -40.69 -0.70 26.53
CA MET D 82 -42.10 -1.05 26.72
C MET D 82 -42.26 -2.54 26.56
N ALA D 83 -41.72 -3.06 25.47
CA ALA D 83 -41.78 -4.48 25.14
C ALA D 83 -41.44 -5.44 26.28
N ILE D 84 -40.38 -5.15 27.02
CA ILE D 84 -39.88 -6.12 28.00
C ILE D 84 -40.12 -5.79 29.48
N GLY D 85 -40.85 -4.71 29.77
CA GLY D 85 -41.16 -4.38 31.15
C GLY D 85 -40.02 -3.65 31.87
N ALA D 86 -39.36 -2.77 31.14
CA ALA D 86 -38.24 -2.01 31.66
C ALA D 86 -38.70 -1.06 32.74
N ASP D 87 -37.78 -0.69 33.64
CA ASP D 87 -38.07 0.20 34.75
C ASP D 87 -37.78 1.65 34.39
N GLY D 88 -37.03 1.84 33.30
CA GLY D 88 -36.69 3.17 32.85
C GLY D 88 -35.86 3.16 31.58
N ILE D 89 -35.86 4.28 30.87
CA ILE D 89 -35.09 4.39 29.65
C ILE D 89 -34.20 5.62 29.68
N HIS D 90 -32.99 5.50 29.14
CA HIS D 90 -32.07 6.63 28.99
C HIS D 90 -31.99 7.09 27.53
N VAL D 91 -32.27 8.37 27.28
CA VAL D 91 -32.19 8.86 25.91
C VAL D 91 -31.24 10.04 25.79
N GLY D 92 -30.75 10.27 24.58
CA GLY D 92 -29.75 11.29 24.33
C GLY D 92 -30.33 12.54 23.69
N GLN D 93 -29.46 13.49 23.40
CA GLN D 93 -29.90 14.80 22.90
C GLN D 93 -30.30 14.73 21.43
N ASP D 94 -29.89 13.66 20.76
CA ASP D 94 -30.18 13.44 19.35
C ASP D 94 -31.14 12.26 19.18
N ASP D 95 -31.83 11.89 20.26
CA ASP D 95 -32.83 10.82 20.21
C ASP D 95 -34.23 11.40 20.44
N MET D 96 -35.25 10.54 20.42
CA MET D 96 -36.63 10.98 20.51
C MET D 96 -36.83 12.00 21.64
N PRO D 97 -37.54 13.11 21.33
CA PRO D 97 -37.83 14.18 22.30
C PRO D 97 -38.50 13.65 23.58
N ILE D 98 -38.19 14.27 24.72
CA ILE D 98 -38.75 13.80 25.99
C ILE D 98 -40.28 13.81 25.99
N PRO D 99 -40.90 14.93 25.58
CA PRO D 99 -42.37 14.97 25.58
C PRO D 99 -43.01 13.78 24.85
N MET D 100 -42.48 13.41 23.69
CA MET D 100 -43.02 12.28 22.90
C MET D 100 -42.87 10.95 23.64
N ILE D 101 -41.77 10.79 24.36
CA ILE D 101 -41.52 9.55 25.06
C ILE D 101 -42.55 9.37 26.15
N ARG D 102 -42.73 10.43 26.92
CA ARG D 102 -43.59 10.42 28.09
C ARG D 102 -45.03 10.07 27.70
N LYS D 103 -45.47 10.57 26.55
CA LYS D 103 -46.81 10.30 26.06
C LYS D 103 -47.01 8.81 25.74
N LEU D 104 -45.95 8.15 25.31
CA LEU D 104 -46.00 6.73 24.98
C LEU D 104 -45.86 5.84 26.20
N VAL D 105 -45.07 6.28 27.18
CA VAL D 105 -44.76 5.45 28.34
C VAL D 105 -45.59 5.80 29.56
N GLY D 106 -46.08 7.04 29.63
CA GLY D 106 -46.81 7.50 30.79
C GLY D 106 -45.98 7.57 32.06
N PRO D 107 -46.35 8.50 32.97
CA PRO D 107 -45.62 8.77 34.24
C PRO D 107 -45.39 7.50 35.04
N ASP D 108 -44.37 7.52 35.90
CA ASP D 108 -44.00 6.38 36.75
C ASP D 108 -42.79 5.59 36.22
N MET D 109 -42.47 5.76 34.94
CA MET D 109 -41.26 5.17 34.38
C MET D 109 -40.15 6.24 34.34
N VAL D 110 -38.98 5.88 34.86
CA VAL D 110 -37.83 6.77 34.92
C VAL D 110 -37.35 7.19 33.53
N ILE D 111 -36.87 8.42 33.41
CA ILE D 111 -36.28 8.85 32.14
C ILE D 111 -34.93 9.52 32.31
N GLY D 112 -33.89 8.88 31.78
CA GLY D 112 -32.57 9.47 31.72
C GLY D 112 -32.45 10.36 30.50
N TRP D 113 -31.63 11.39 30.63
CA TRP D 113 -31.34 12.30 29.53
C TRP D 113 -29.88 12.63 29.64
N SER D 114 -29.16 12.58 28.51
CA SER D 114 -27.74 12.92 28.49
C SER D 114 -27.52 14.44 28.29
N VAL D 115 -27.00 15.07 29.34
CA VAL D 115 -26.87 16.52 29.36
C VAL D 115 -25.43 16.91 29.57
N GLY D 116 -24.93 17.83 28.73
CA GLY D 116 -23.55 18.27 28.82
C GLY D 116 -23.39 19.77 29.00
N PHE D 117 -24.47 20.51 28.77
CA PHE D 117 -24.43 21.96 28.85
C PHE D 117 -25.52 22.48 29.76
N PRO D 118 -25.33 23.70 30.31
CA PRO D 118 -26.34 24.35 31.16
C PRO D 118 -27.59 24.75 30.36
N GLU D 119 -27.41 25.10 29.09
CA GLU D 119 -28.53 25.46 28.21
C GLU D 119 -29.55 24.34 28.05
N GLU D 120 -29.12 23.11 28.28
CA GLU D 120 -30.00 21.94 28.19
C GLU D 120 -30.72 21.71 29.52
N VAL D 121 -30.17 22.25 30.60
CA VAL D 121 -30.86 22.17 31.89
C VAL D 121 -32.02 23.16 31.86
N ASP D 122 -31.88 24.21 31.05
CA ASP D 122 -32.91 25.23 30.92
C ASP D 122 -34.17 24.65 30.29
N GLU D 123 -33.98 23.79 29.29
CA GLU D 123 -35.11 23.12 28.63
C GLU D 123 -35.72 22.03 29.51
N LEU D 124 -34.86 21.30 30.23
CA LEU D 124 -35.28 20.25 31.15
C LEU D 124 -36.22 20.84 32.19
N SER D 125 -36.01 22.13 32.49
CA SER D 125 -36.76 22.82 33.52
C SER D 125 -38.09 23.37 33.03
N LYS D 126 -38.09 23.94 31.82
CA LYS D 126 -39.32 24.41 31.20
C LYS D 126 -40.25 23.23 30.80
N MET D 127 -40.00 22.03 31.34
CA MET D 127 -40.86 20.86 31.12
C MET D 127 -41.53 20.40 32.41
N GLY D 128 -40.96 20.80 33.56
CA GLY D 128 -41.56 20.51 34.85
C GLY D 128 -41.38 19.07 35.25
N PRO D 129 -41.70 18.74 36.51
CA PRO D 129 -41.49 17.40 37.07
C PRO D 129 -42.09 16.36 36.19
N ASP D 130 -41.79 15.09 36.49
CA ASP D 130 -42.41 13.97 35.79
C ASP D 130 -41.92 13.83 34.35
N MET D 131 -41.22 14.86 33.86
CA MET D 131 -40.55 14.77 32.58
C MET D 131 -39.22 14.05 32.76
N VAL D 132 -38.15 14.79 32.99
CA VAL D 132 -36.85 14.15 33.19
C VAL D 132 -36.66 13.82 34.66
N ASP D 133 -36.09 12.65 34.95
CA ASP D 133 -35.92 12.23 36.33
C ASP D 133 -34.46 12.19 36.77
N TYR D 134 -33.57 11.95 35.82
CA TYR D 134 -32.14 11.97 36.11
C TYR D 134 -31.35 12.24 34.85
N ILE D 135 -30.30 13.05 34.98
CA ILE D 135 -29.41 13.27 33.86
C ILE D 135 -28.03 12.62 34.07
N GLY D 136 -27.42 12.20 32.98
CA GLY D 136 -26.03 11.75 32.99
C GLY D 136 -25.20 12.89 32.47
N VAL D 137 -24.28 13.40 33.30
CA VAL D 137 -23.63 14.65 32.98
C VAL D 137 -22.46 14.51 32.03
N GLY D 138 -22.65 15.10 30.85
CA GLY D 138 -21.65 15.33 29.80
C GLY D 138 -20.74 14.16 29.54
N THR D 139 -19.60 14.41 28.90
CA THR D 139 -18.51 13.45 28.98
C THR D 139 -17.36 14.08 29.73
N LEU D 140 -17.22 13.71 31.00
CA LEU D 140 -16.25 14.36 31.88
C LEU D 140 -14.81 14.23 31.39
N PHE D 141 -14.43 13.02 30.97
CA PHE D 141 -13.06 12.78 30.53
C PHE D 141 -12.99 11.98 29.24
N PRO D 142 -11.86 12.08 28.52
CA PRO D 142 -11.73 11.38 27.24
C PRO D 142 -11.97 9.89 27.43
N THR D 143 -12.83 9.32 26.59
CA THR D 143 -13.14 7.89 26.66
C THR D 143 -13.09 7.23 25.29
N LEU D 144 -12.75 5.95 25.25
CA LEU D 144 -12.75 5.21 23.98
C LEU D 144 -14.01 4.37 23.78
N THR D 145 -15.05 4.63 24.56
CA THR D 145 -16.25 3.81 24.50
C THR D 145 -17.28 4.39 23.53
N LYS D 146 -17.48 5.69 23.58
CA LYS D 146 -18.45 6.33 22.70
C LYS D 146 -17.74 6.69 21.39
N LYS D 147 -18.32 6.25 20.26
CA LYS D 147 -17.63 6.26 18.97
C LYS D 147 -17.86 7.50 18.10
N ASN D 148 -18.69 8.43 18.57
CA ASN D 148 -18.95 9.67 17.82
C ASN D 148 -18.59 10.91 18.64
N LYS D 150 -19.45 14.62 20.00
CA LYS D 150 -20.11 15.83 19.55
C LYS D 150 -19.20 16.97 19.93
N LYS D 151 -18.90 17.06 21.22
CA LYS D 151 -17.89 17.97 21.73
C LYS D 151 -17.51 17.53 23.13
N MET D 154 -14.42 18.74 28.88
CA MET D 154 -15.67 18.89 29.67
C MET D 154 -15.14 19.16 31.06
N GLY D 155 -14.78 18.07 31.73
CA GLY D 155 -14.08 18.14 33.00
C GLY D 155 -15.07 18.39 34.11
N THR D 156 -14.58 18.45 35.35
CA THR D 156 -15.46 18.75 36.47
C THR D 156 -16.03 20.16 36.33
N ALA D 157 -15.18 21.08 35.87
CA ALA D 157 -15.56 22.47 35.64
C ALA D 157 -16.84 22.57 34.85
N GLY D 158 -16.94 21.77 33.80
CA GLY D 158 -18.14 21.76 32.96
C GLY D 158 -19.34 21.16 33.66
N ALA D 159 -19.09 20.22 34.58
CA ALA D 159 -20.19 19.57 35.28
C ALA D 159 -20.71 20.49 36.37
N ILE D 160 -19.83 21.30 36.93
CA ILE D 160 -20.28 22.29 37.88
C ILE D 160 -21.26 23.22 37.21
N ARG D 161 -20.93 23.70 36.01
CA ARG D 161 -21.81 24.62 35.31
C ARG D 161 -23.24 24.07 35.17
N VAL D 162 -23.37 22.75 35.10
CA VAL D 162 -24.66 22.08 34.98
C VAL D 162 -25.36 21.92 36.35
N LEU D 163 -24.64 21.48 37.36
CA LEU D 163 -25.23 21.35 38.69
C LEU D 163 -25.76 22.71 39.13
N ASP D 164 -25.09 23.77 38.69
CA ASP D 164 -25.48 25.15 39.01
C ASP D 164 -26.76 25.58 38.33
N ALA D 165 -26.99 25.09 37.11
CA ALA D 165 -28.22 25.37 36.38
C ALA D 165 -29.39 24.53 36.90
N LEU D 166 -29.06 23.49 37.67
CA LEU D 166 -30.07 22.64 38.30
C LEU D 166 -30.59 23.29 39.56
N GLU D 167 -29.92 24.36 39.96
CA GLU D 167 -30.22 25.06 41.21
C GLU D 167 -30.88 26.41 40.91
N ARG D 168 -30.28 27.15 39.98
CA ARG D 168 -30.87 28.40 39.49
C ARG D 168 -32.31 28.17 39.04
N ASN D 169 -32.54 27.04 38.36
CA ASN D 169 -33.87 26.63 37.88
C ASN D 169 -34.66 25.80 38.88
N ASN D 170 -34.10 25.65 40.08
CA ASN D 170 -34.67 24.78 41.11
C ASN D 170 -35.40 23.55 40.57
N ALA D 171 -34.66 22.68 39.90
CA ALA D 171 -35.21 21.43 39.41
C ALA D 171 -34.99 20.35 40.45
N HIS D 172 -35.69 20.47 41.58
CA HIS D 172 -35.49 19.57 42.72
C HIS D 172 -35.72 18.10 42.38
N TRP D 173 -36.52 17.85 41.34
CA TRP D 173 -37.03 16.50 41.09
C TRP D 173 -36.04 15.63 40.33
N CYS D 174 -34.93 16.24 39.93
CA CYS D 174 -34.06 15.67 38.93
C CYS D 174 -32.67 15.31 39.48
N ARG D 175 -32.33 14.02 39.48
CA ARG D 175 -31.06 13.56 40.04
C ARG D 175 -29.97 13.59 38.98
N THR D 176 -28.73 13.37 39.41
CA THR D 176 -27.59 13.40 38.50
C THR D 176 -26.57 12.31 38.73
N VAL D 177 -25.98 11.84 37.65
CA VAL D 177 -24.80 10.98 37.72
C VAL D 177 -23.73 11.56 36.80
N GLY D 178 -22.49 11.33 37.16
CA GLY D 178 -21.38 11.70 36.30
C GLY D 178 -20.92 10.50 35.51
N ILE D 179 -20.58 10.71 34.25
CA ILE D 179 -20.22 9.57 33.41
C ILE D 179 -19.09 9.89 32.43
N GLY D 180 -18.24 8.90 32.17
CA GLY D 180 -17.30 8.94 31.05
C GLY D 180 -15.83 9.13 31.35
N GLY D 181 -15.07 8.06 31.20
CA GLY D 181 -13.64 8.09 31.46
C GLY D 181 -13.40 8.00 32.94
N LEU D 182 -14.42 7.52 33.66
CA LEU D 182 -14.37 7.42 35.11
C LEU D 182 -13.71 6.13 35.58
N HIS D 183 -12.60 6.27 36.29
CA HIS D 183 -11.81 5.13 36.74
C HIS D 183 -11.39 5.38 38.17
N PRO D 184 -10.66 4.43 38.79
CA PRO D 184 -10.30 4.63 40.19
C PRO D 184 -9.26 5.76 40.35
N ASP D 185 -8.63 6.16 39.25
CA ASP D 185 -7.58 7.16 39.33
C ASP D 185 -8.11 8.59 39.30
N ASN D 186 -9.41 8.77 39.46
CA ASN D 186 -9.98 10.11 39.37
C ASN D 186 -11.41 10.20 39.87
N ILE D 187 -11.89 9.13 40.48
CA ILE D 187 -13.25 9.12 41.02
C ILE D 187 -13.41 10.05 42.21
N GLU D 188 -12.54 9.91 43.20
CA GLU D 188 -12.54 10.83 44.34
C GLU D 188 -12.45 12.28 43.88
N ARG D 189 -11.47 12.61 43.04
CA ARG D 189 -11.39 13.98 42.52
C ARG D 189 -12.74 14.44 41.92
N VAL D 190 -13.34 13.60 41.07
CA VAL D 190 -14.61 13.94 40.41
C VAL D 190 -15.72 14.15 41.41
N LEU D 191 -15.83 13.22 42.34
CA LEU D 191 -16.87 13.28 43.36
C LEU D 191 -16.64 14.51 44.25
N TYR D 192 -15.37 14.85 44.41
CA TYR D 192 -14.94 15.86 45.37
C TYR D 192 -15.12 17.27 44.85
N GLN D 193 -14.82 17.50 43.57
CA GLN D 193 -14.95 18.85 43.05
C GLN D 193 -16.21 19.09 42.22
N CYS D 194 -17.03 18.06 42.07
CA CYS D 194 -18.36 18.20 41.49
C CYS D 194 -19.44 18.53 42.52
N VAL D 195 -19.46 19.78 42.99
CA VAL D 195 -20.56 20.28 43.82
C VAL D 195 -21.08 21.58 43.25
N SER D 196 -22.35 21.86 43.49
CA SER D 196 -22.94 23.11 43.04
C SER D 196 -22.25 24.24 43.79
N SER D 197 -22.30 25.45 43.23
CA SER D 197 -21.67 26.60 43.85
C SER D 197 -22.18 26.86 45.28
N ASN D 198 -23.50 26.75 45.48
CA ASN D 198 -24.09 27.01 46.79
C ASN D 198 -23.91 25.85 47.77
N GLY D 199 -23.23 24.80 47.32
CA GLY D 199 -22.85 23.70 48.18
C GLY D 199 -23.97 22.73 48.46
N LYS D 200 -25.13 22.96 47.86
CA LYS D 200 -26.30 22.15 48.17
C LYS D 200 -26.42 20.86 47.36
N ARG D 201 -26.01 20.87 46.11
CA ARG D 201 -26.16 19.66 45.30
C ARG D 201 -24.85 19.09 44.79
N SER D 202 -24.73 17.76 44.83
CA SER D 202 -23.61 17.08 44.17
C SER D 202 -24.12 15.86 43.37
N LEU D 203 -23.19 15.09 42.80
CA LEU D 203 -23.61 13.97 41.97
C LEU D 203 -24.21 12.90 42.87
N ASP D 204 -25.34 12.35 42.44
CA ASP D 204 -26.03 11.33 43.21
C ASP D 204 -25.38 9.97 42.96
N GLY D 205 -24.56 9.89 41.92
CA GLY D 205 -23.91 8.65 41.56
C GLY D 205 -22.89 8.71 40.44
N ILE D 206 -22.18 7.60 40.29
CA ILE D 206 -21.08 7.48 39.36
C ILE D 206 -21.37 6.41 38.30
N CYS D 207 -20.98 6.70 37.06
CA CYS D 207 -21.20 5.79 35.95
C CYS D 207 -19.91 5.17 35.44
N VAL D 208 -19.92 3.88 35.21
CA VAL D 208 -18.78 3.25 34.59
C VAL D 208 -19.22 2.34 33.49
N VAL D 209 -18.31 2.08 32.57
CA VAL D 209 -18.49 1.03 31.57
C VAL D 209 -17.21 0.21 31.41
N SER D 210 -16.16 0.82 30.85
CA SER D 210 -14.94 0.09 30.56
C SER D 210 -14.21 -0.30 31.84
N ASP D 211 -14.75 0.06 33.00
CA ASP D 211 -14.02 -0.21 34.23
C ASP D 211 -14.39 -1.54 34.85
N ILE D 212 -15.65 -1.96 34.68
CA ILE D 212 -16.08 -3.26 35.15
C ILE D 212 -16.23 -4.24 33.99
N ILE D 213 -17.05 -3.86 33.01
CA ILE D 213 -17.32 -4.68 31.83
C ILE D 213 -16.04 -5.17 31.13
N ALA D 214 -15.06 -4.29 30.99
CA ALA D 214 -13.83 -4.63 30.27
C ALA D 214 -12.81 -5.29 31.19
N SER D 215 -13.20 -5.52 32.43
CA SER D 215 -12.27 -5.96 33.46
C SER D 215 -12.00 -7.46 33.43
N LEU D 216 -10.72 -7.82 33.54
CA LEU D 216 -10.30 -9.21 33.64
C LEU D 216 -10.73 -9.79 34.99
N ASP D 217 -11.19 -8.91 35.87
CA ASP D 217 -11.76 -9.32 37.16
C ASP D 217 -12.76 -8.26 37.61
N ALA D 218 -14.00 -8.39 37.15
CA ALA D 218 -15.04 -7.43 37.49
C ALA D 218 -15.39 -7.45 38.97
N ALA D 219 -15.25 -8.62 39.60
CA ALA D 219 -15.58 -8.74 41.01
C ALA D 219 -14.77 -7.74 41.83
N LYS D 220 -13.46 -7.71 41.59
CA LYS D 220 -12.55 -6.83 42.32
C LYS D 220 -12.73 -5.36 41.92
N SER D 221 -12.78 -5.10 40.62
CA SER D 221 -12.90 -3.73 40.10
C SER D 221 -14.12 -3.02 40.66
N THR D 222 -15.19 -3.77 40.88
CA THR D 222 -16.44 -3.21 41.40
C THR D 222 -16.32 -2.94 42.89
N LYS D 223 -15.65 -3.83 43.61
CA LYS D 223 -15.46 -3.67 45.04
C LYS D 223 -14.62 -2.43 45.33
N ILE D 224 -13.67 -2.15 44.43
CA ILE D 224 -12.80 -0.97 44.53
C ILE D 224 -13.55 0.35 44.36
N LEU D 225 -14.33 0.46 43.28
CA LEU D 225 -15.15 1.65 43.06
C LEU D 225 -16.08 1.91 44.24
N ARG D 226 -16.67 0.84 44.78
CA ARG D 226 -17.45 0.96 46.01
C ARG D 226 -16.64 1.64 47.09
N GLY D 227 -15.46 1.08 47.38
CA GLY D 227 -14.55 1.66 48.36
C GLY D 227 -14.55 3.18 48.32
N LEU D 228 -14.22 3.72 47.15
CA LEU D 228 -14.14 5.17 46.96
C LEU D 228 -15.48 5.90 47.05
N ILE D 229 -16.50 5.37 46.39
CA ILE D 229 -17.78 6.07 46.26
C ILE D 229 -18.43 6.47 47.58
N ASP D 230 -18.38 5.60 48.59
CA ASP D 230 -19.03 5.92 49.85
C ASP D 230 -18.06 6.20 50.99
N LYS D 231 -16.77 6.28 50.66
CA LYS D 231 -15.79 6.92 51.54
C LYS D 231 -16.18 8.41 51.63
N THR D 232 -15.55 9.19 52.51
CA THR D 232 -15.82 10.63 52.53
C THR D 232 -14.58 11.54 52.65
N ASP D 233 -13.39 10.95 52.67
CA ASP D 233 -12.17 11.75 52.73
C ASP D 233 -11.35 11.65 51.46
N TYR D 234 -11.14 12.77 50.79
CA TYR D 234 -10.17 12.81 49.71
C TYR D 234 -8.87 13.45 50.22
N LYS D 235 -8.02 12.65 50.85
CA LYS D 235 -6.70 13.12 51.30
C LYS D 235 -5.76 13.15 50.12
N PHE D 236 -5.79 14.25 49.37
CA PHE D 236 -5.04 14.35 48.11
C PHE D 236 -3.61 14.81 48.33
N VAL D 237 -3.39 15.54 49.42
CA VAL D 237 -2.07 15.98 49.81
C VAL D 237 -1.72 15.44 51.19
N ASN D 238 -0.47 15.06 51.36
CA ASN D 238 0.00 14.51 52.63
C ASN D 238 0.30 15.62 53.65
N ILE D 239 -0.64 16.53 53.82
CA ILE D 239 -0.56 17.57 54.84
C ILE D 239 -1.86 17.55 55.62
N GLY D 240 -1.97 18.36 56.66
CA GLY D 240 -3.25 18.55 57.31
C GLY D 240 -4.13 19.41 56.42
N LEU D 241 -5.45 19.20 56.45
CA LEU D 241 -6.38 20.03 55.69
C LEU D 241 -7.42 20.68 56.59
N SER D 242 -7.27 20.45 57.90
CA SER D 242 -8.12 21.03 58.94
C SER D 242 -8.47 22.47 58.61
N THR D 243 -9.72 22.85 58.86
CA THR D 243 -10.14 24.23 58.66
C THR D 243 -9.73 25.07 59.87
N LYS D 244 -8.85 26.04 59.65
CA LYS D 244 -8.44 26.94 60.74
C LYS D 244 -9.05 28.32 60.52
N ASN D 245 -9.84 28.79 61.48
CA ASN D 245 -10.43 30.10 61.35
C ASN D 245 -9.66 31.15 62.11
N SER D 246 -8.84 30.69 63.04
CA SER D 246 -7.95 31.58 63.75
C SER D 246 -6.87 32.05 62.80
N LEU D 247 -6.58 33.35 62.80
CA LEU D 247 -5.48 33.89 62.02
C LEU D 247 -4.18 33.13 62.30
N THR D 248 -3.23 33.26 61.39
CA THR D 248 -1.96 32.59 61.55
C THR D 248 -1.04 33.37 62.51
N THR D 249 -0.66 32.71 63.59
CA THR D 249 0.09 33.34 64.66
C THR D 249 1.58 33.35 64.35
N THR D 250 2.31 34.27 64.99
CA THR D 250 3.75 34.42 64.83
C THR D 250 4.50 33.11 65.07
N ASP D 251 4.05 32.35 66.07
CA ASP D 251 4.64 31.07 66.39
C ASP D 251 4.39 30.07 65.26
N GLU D 252 3.18 30.09 64.70
CA GLU D 252 2.87 29.23 63.57
C GLU D 252 3.80 29.53 62.38
N ILE D 253 3.83 30.79 61.93
CA ILE D 253 4.70 31.20 60.82
C ILE D 253 6.14 30.76 61.04
N GLN D 254 6.61 30.88 62.27
CA GLN D 254 7.98 30.51 62.61
C GLN D 254 8.24 29.01 62.47
N SER D 255 7.25 28.20 62.82
CA SER D 255 7.44 26.77 62.78
C SER D 255 7.29 26.26 61.35
N ILE D 256 6.57 27.02 60.53
CA ILE D 256 6.46 26.65 59.13
C ILE D 256 7.84 26.76 58.50
N ILE D 257 8.56 27.84 58.83
CA ILE D 257 9.86 28.12 58.24
C ILE D 257 10.97 27.18 58.71
N SER D 258 10.95 26.81 59.99
CA SER D 258 11.93 25.86 60.50
C SER D 258 11.84 24.52 59.75
N ASN D 259 10.60 24.09 59.48
CA ASN D 259 10.35 22.86 58.75
C ASN D 259 10.85 22.92 57.31
N THR D 260 10.41 23.94 56.58
CA THR D 260 10.89 24.13 55.21
C THR D 260 12.42 24.33 55.14
N LEU D 261 13.03 24.87 56.19
CA LEU D 261 14.50 24.97 56.23
C LEU D 261 15.18 23.65 56.59
N LYS D 262 14.55 22.88 57.47
CA LYS D 262 15.12 21.64 57.97
C LYS D 262 14.88 20.43 57.04
N ALA D 263 13.96 20.56 56.11
CA ALA D 263 13.61 19.40 55.28
C ALA D 263 14.00 19.56 53.81
N ARG D 264 14.66 20.67 53.50
CA ARG D 264 15.19 20.93 52.15
C ARG D 264 14.29 20.39 51.03
N PRO D 265 13.12 21.01 50.85
CA PRO D 265 12.15 20.61 49.83
C PRO D 265 12.81 20.59 48.47
N LEU D 266 12.39 19.68 47.60
CA LEU D 266 12.84 19.66 46.22
C LEU D 266 11.68 20.17 45.40
N VAL D 267 11.84 21.32 44.79
CA VAL D 267 10.76 21.93 44.05
C VAL D 267 11.01 21.90 42.56
N GLN D 268 10.22 21.10 41.87
CA GLN D 268 10.30 21.01 40.42
C GLN D 268 9.55 22.17 39.79
N HIS D 269 10.23 22.94 38.96
CA HIS D 269 9.61 24.08 38.29
C HIS D 269 9.35 23.75 36.83
N ILE D 270 8.09 23.70 36.44
CA ILE D 270 7.73 23.68 35.03
C ILE D 270 7.14 25.05 34.66
N THR D 271 7.97 25.92 34.10
CA THR D 271 7.56 27.30 33.83
C THR D 271 8.29 27.90 32.62
N ASN D 272 7.97 29.15 32.25
CA ASN D 272 8.62 29.84 31.12
C ASN D 272 10.10 30.13 31.37
N LYS D 273 10.80 30.52 30.31
CA LYS D 273 12.24 30.80 30.41
C LYS D 273 12.61 32.09 31.19
N VAL D 274 11.65 32.98 31.37
CA VAL D 274 11.91 34.25 32.07
C VAL D 274 11.90 34.11 33.58
N HIS D 275 11.15 33.13 34.08
CA HIS D 275 11.09 32.85 35.50
C HIS D 275 12.07 31.74 35.88
N GLN D 276 12.40 30.87 34.93
CA GLN D 276 13.37 29.80 35.15
C GLN D 276 14.38 30.27 36.18
N ASN D 277 15.33 31.10 35.74
CA ASN D 277 16.41 31.57 36.61
C ASN D 277 15.89 32.26 37.89
N PHE D 278 15.08 33.29 37.74
CA PHE D 278 14.60 34.02 38.92
C PHE D 278 14.01 33.07 39.97
N GLY D 279 13.05 32.27 39.54
CA GLY D 279 12.39 31.29 40.39
C GLY D 279 13.34 30.33 41.07
N ALA D 280 14.40 29.94 40.39
CA ALA D 280 15.40 29.08 40.99
C ALA D 280 16.07 29.80 42.16
N ASN D 281 16.29 31.11 42.00
CA ASN D 281 16.96 31.89 43.03
C ASN D 281 16.12 32.06 44.30
N VAL D 282 14.82 32.23 44.13
CA VAL D 282 13.92 32.31 45.27
C VAL D 282 13.96 30.97 46.01
N THR D 283 14.05 29.89 45.27
CA THR D 283 14.09 28.58 45.91
C THR D 283 15.37 28.39 46.71
N LEU D 284 16.50 28.70 46.09
CA LEU D 284 17.80 28.63 46.78
C LEU D 284 17.82 29.49 48.05
N ALA D 285 17.20 30.66 47.98
CA ALA D 285 17.09 31.55 49.13
C ALA D 285 16.34 30.86 50.26
N LEU D 286 15.23 30.20 49.93
CA LEU D 286 14.37 29.56 50.93
C LEU D 286 14.92 28.21 51.40
N GLY D 287 16.20 27.98 51.13
CA GLY D 287 16.90 26.81 51.64
C GLY D 287 16.39 25.50 51.08
N SER D 288 16.16 25.45 49.77
CA SER D 288 15.64 24.24 49.15
C SER D 288 16.17 24.12 47.73
N SER D 289 16.22 22.90 47.20
CA SER D 289 16.79 22.68 45.88
C SER D 289 15.74 22.69 44.77
N PRO D 290 16.00 23.43 43.68
CA PRO D 290 15.11 23.55 42.52
C PRO D 290 15.58 22.66 41.37
N ILE D 291 14.65 21.96 40.72
CA ILE D 291 14.94 21.20 39.51
C ILE D 291 14.03 21.64 38.36
N MET D 292 14.59 21.87 37.17
CA MET D 292 13.82 22.40 36.04
C MET D 292 13.57 21.39 34.92
N SER D 293 13.15 20.19 35.29
CA SER D 293 12.93 19.12 34.33
C SER D 293 11.54 19.14 33.71
N GLU D 294 11.48 19.05 32.38
CA GLU D 294 10.22 18.84 31.65
C GLU D 294 10.28 17.51 30.91
N ILE D 295 10.77 16.49 31.60
CA ILE D 295 11.02 15.20 31.01
C ILE D 295 10.01 14.21 31.55
N GLN D 296 9.22 13.63 30.65
CA GLN D 296 8.12 12.73 31.03
C GLN D 296 8.55 11.51 31.84
N SER D 297 9.57 10.80 31.37
CA SER D 297 10.04 9.59 32.03
C SER D 297 10.55 9.85 33.47
N GLU D 298 11.29 10.94 33.63
CA GLU D 298 11.79 11.34 34.94
C GLU D 298 10.69 11.59 35.97
N VAL D 299 9.58 12.13 35.50
CA VAL D 299 8.52 12.68 36.34
C VAL D 299 8.17 11.82 37.56
N ASN D 300 8.02 10.53 37.35
CA ASN D 300 7.68 9.64 38.47
C ASN D 300 8.80 9.40 39.49
N ASP D 301 10.05 9.44 39.02
CA ASP D 301 11.21 9.31 39.90
C ASP D 301 11.44 10.60 40.68
N LEU D 302 11.23 11.72 39.99
CA LEU D 302 11.39 13.03 40.61
C LEU D 302 10.44 13.18 41.80
N ALA D 303 9.15 12.97 41.57
CA ALA D 303 8.14 13.06 42.62
C ALA D 303 8.27 11.99 43.72
N ALA D 304 9.21 11.06 43.56
CA ALA D 304 9.40 10.02 44.57
C ALA D 304 10.24 10.52 45.72
N ILE D 305 11.09 11.52 45.42
CA ILE D 305 12.03 12.12 46.38
C ILE D 305 11.35 12.86 47.53
N PRO D 306 11.83 12.62 48.77
CA PRO D 306 11.19 13.17 49.98
C PRO D 306 10.90 14.67 49.94
N HIS D 307 9.71 15.05 50.42
CA HIS D 307 9.27 16.44 50.48
C HIS D 307 9.30 17.18 49.14
N ALA D 308 9.03 16.47 48.04
CA ALA D 308 9.02 17.08 46.71
C ALA D 308 7.76 17.89 46.45
N THR D 309 7.87 18.87 45.58
CA THR D 309 6.73 19.72 45.26
C THR D 309 6.74 20.09 43.79
N LEU D 310 5.56 20.35 43.22
CA LEU D 310 5.45 20.75 41.83
C LEU D 310 4.83 22.14 41.70
N LEU D 311 5.59 23.07 41.13
CA LEU D 311 5.11 24.41 40.85
C LEU D 311 4.97 24.46 39.35
N LEU D 312 3.97 25.14 38.82
CA LEU D 312 3.55 24.84 37.47
C LEU D 312 2.98 26.03 36.72
N ASN D 313 3.64 26.47 35.66
CA ASN D 313 3.12 27.56 34.86
C ASN D 313 2.30 27.14 33.67
N THR D 314 1.82 28.13 32.94
CA THR D 314 1.26 27.90 31.64
C THR D 314 2.17 28.66 30.70
N GLY D 315 2.07 28.40 29.40
CA GLY D 315 2.96 29.04 28.45
C GLY D 315 4.33 28.37 28.47
N SER D 316 4.52 27.42 29.37
CA SER D 316 5.69 26.56 29.34
C SER D 316 5.71 25.85 27.99
N VAL D 317 6.91 25.51 27.52
CA VAL D 317 7.04 24.90 26.20
C VAL D 317 6.64 23.42 26.22
N ALA D 318 6.58 22.84 27.41
CA ALA D 318 6.26 21.43 27.56
C ALA D 318 4.91 21.08 26.93
N PRO D 319 4.83 19.92 26.26
CA PRO D 319 3.60 19.43 25.63
C PRO D 319 2.58 19.03 26.68
N PRO D 320 1.29 19.30 26.43
CA PRO D 320 0.25 18.99 27.42
C PRO D 320 0.35 17.54 27.88
N GLU D 321 0.75 16.66 26.96
CA GLU D 321 0.86 15.24 27.27
C GLU D 321 1.91 14.94 28.36
N MET D 322 2.77 15.90 28.68
CA MET D 322 3.77 15.70 29.73
C MET D 322 3.28 16.31 31.02
N LEU D 323 2.56 17.43 30.92
CA LEU D 323 1.90 18.05 32.07
C LEU D 323 0.92 17.07 32.70
N LYS D 324 0.05 16.49 31.88
CA LYS D 324 -0.89 15.49 32.35
C LYS D 324 -0.17 14.37 33.09
N ALA D 325 1.02 14.01 32.62
CA ALA D 325 1.78 12.92 33.24
C ALA D 325 2.41 13.35 34.56
N ALA D 326 2.87 14.60 34.61
CA ALA D 326 3.56 15.12 35.78
C ALA D 326 2.57 15.35 36.90
N ILE D 327 1.53 16.11 36.58
CA ILE D 327 0.43 16.39 37.51
C ILE D 327 -0.04 15.11 38.21
N ARG D 328 -0.40 14.12 37.40
CA ARG D 328 -0.82 12.82 37.91
C ARG D 328 0.26 12.20 38.80
N ALA D 329 1.51 12.27 38.37
CA ALA D 329 2.60 11.62 39.11
C ALA D 329 2.78 12.15 40.53
N TYR D 330 2.45 13.41 40.74
CA TYR D 330 2.54 14.00 42.07
C TYR D 330 1.33 13.64 42.92
N ASN D 331 0.16 13.56 42.30
CA ASN D 331 -1.06 13.20 43.01
C ASN D 331 -1.04 11.74 43.47
N ASP D 332 -0.34 10.90 42.72
CA ASP D 332 -0.25 9.47 43.02
C ASP D 332 0.57 9.21 44.27
N VAL D 333 1.54 10.08 44.54
CA VAL D 333 2.33 10.01 45.77
C VAL D 333 1.84 11.04 46.82
N LYS D 334 0.76 11.73 46.46
CA LYS D 334 0.09 12.68 47.34
C LYS D 334 0.97 13.83 47.80
N ARG D 335 1.61 14.50 46.84
CA ARG D 335 2.40 15.70 47.13
C ARG D 335 1.76 16.94 46.50
N PRO D 336 2.09 18.13 47.05
CA PRO D 336 1.51 19.43 46.70
C PRO D 336 1.84 19.93 45.28
N ILE D 337 0.81 20.37 44.57
CA ILE D 337 0.97 21.05 43.30
C ILE D 337 0.56 22.52 43.45
N VAL D 338 1.46 23.43 43.12
CA VAL D 338 1.07 24.83 43.08
C VAL D 338 0.84 25.23 41.63
N PHE D 339 -0.37 25.63 41.31
CA PHE D 339 -0.72 26.01 39.95
C PHE D 339 -0.66 27.53 39.83
N ASP D 340 -0.20 28.03 38.68
CA ASP D 340 -0.25 29.46 38.36
C ASP D 340 -0.46 29.68 36.88
N PRO D 341 -1.69 30.00 36.47
CA PRO D 341 -2.05 30.14 35.07
C PRO D 341 -1.92 31.59 34.64
N VAL D 342 -0.88 31.92 33.88
CA VAL D 342 -0.66 33.30 33.46
C VAL D 342 -1.56 33.64 32.28
N GLY D 343 -2.86 33.79 32.53
CA GLY D 343 -3.89 33.99 31.50
C GLY D 343 -5.29 33.57 31.98
N ALA D 346 -7.32 35.24 28.95
CA ALA D 346 -6.34 36.20 28.44
C ALA D 346 -6.20 36.19 26.90
N THR D 347 -5.78 35.06 26.35
CA THR D 347 -5.85 34.84 24.90
C THR D 347 -6.50 33.49 24.64
N GLU D 348 -7.04 33.33 23.45
CA GLU D 348 -7.88 32.18 23.13
C GLU D 348 -7.15 30.84 23.32
N THR D 349 -5.88 30.79 22.93
CA THR D 349 -5.13 29.54 23.05
C THR D 349 -4.88 29.18 24.51
N ARG D 350 -4.39 30.15 25.29
CA ARG D 350 -4.08 29.91 26.70
C ARG D 350 -5.32 29.57 27.52
N LEU D 351 -6.44 30.21 27.18
CA LEU D 351 -7.71 29.86 27.81
C LEU D 351 -7.95 28.35 27.70
N LEU D 352 -7.95 27.85 26.47
CA LEU D 352 -8.09 26.41 26.26
C LEU D 352 -7.09 25.58 27.04
N LEU D 353 -5.81 25.93 26.93
CA LEU D 353 -4.76 25.15 27.60
C LEU D 353 -4.95 25.12 29.10
N ASN D 354 -5.26 26.26 29.70
CA ASN D 354 -5.46 26.34 31.13
C ASN D 354 -6.60 25.49 31.66
N ASN D 355 -7.74 25.54 30.98
CA ASN D 355 -8.87 24.70 31.36
C ASN D 355 -8.63 23.22 31.16
N LYS D 356 -7.80 22.86 30.18
CA LYS D 356 -7.44 21.45 29.98
C LYS D 356 -6.58 20.96 31.13
N LEU D 357 -5.65 21.81 31.57
CA LEU D 357 -4.77 21.46 32.68
C LEU D 357 -5.55 21.24 33.98
N LEU D 358 -6.63 22.01 34.15
CA LEU D 358 -7.38 22.01 35.41
C LEU D 358 -8.18 20.73 35.59
N THR D 359 -8.03 19.80 34.65
CA THR D 359 -8.81 18.58 34.67
C THR D 359 -7.87 17.40 34.72
N PHE D 360 -6.62 17.69 35.01
CA PHE D 360 -5.61 16.65 35.00
C PHE D 360 -5.42 16.07 36.39
N GLY D 361 -5.78 16.83 37.42
CA GLY D 361 -5.58 16.41 38.80
C GLY D 361 -6.08 17.45 39.81
N GLN D 362 -5.65 17.30 41.07
CA GLN D 362 -6.12 18.16 42.16
C GLN D 362 -4.96 19.02 42.61
N PHE D 363 -5.17 20.33 42.71
CA PHE D 363 -4.10 21.24 43.10
C PHE D 363 -4.23 21.70 44.56
N SER D 364 -3.09 21.95 45.20
CA SER D 364 -3.08 22.42 46.58
C SER D 364 -3.17 23.93 46.63
N CYS D 365 -2.83 24.59 45.54
CA CYS D 365 -2.90 26.05 45.49
C CYS D 365 -2.98 26.60 44.07
N ILE D 366 -3.86 27.58 43.87
CA ILE D 366 -3.98 28.27 42.60
C ILE D 366 -3.73 29.75 42.79
N LYS D 367 -2.63 30.24 42.23
CA LYS D 367 -2.16 31.60 42.45
C LYS D 367 -2.41 32.46 41.22
N GLY D 368 -2.91 33.68 41.41
CA GLY D 368 -3.15 34.56 40.28
C GLY D 368 -3.24 36.03 40.63
N ASN D 369 -3.15 36.89 39.64
CA ASN D 369 -3.40 38.31 39.86
C ASN D 369 -4.85 38.67 39.51
N SER D 370 -5.21 39.94 39.66
CA SER D 370 -6.60 40.34 39.44
C SER D 370 -7.25 39.70 38.20
N SER D 371 -6.69 39.95 37.02
CA SER D 371 -7.29 39.45 35.78
C SER D 371 -7.45 37.92 35.75
N GLU D 372 -6.37 37.21 36.08
CA GLU D 372 -6.35 35.75 36.04
C GLU D 372 -7.31 35.12 37.07
N ILE D 373 -7.67 35.88 38.12
CA ILE D 373 -8.59 35.39 39.14
C ILE D 373 -10.03 35.66 38.76
N LEU D 374 -10.33 36.88 38.34
CA LEU D 374 -11.67 37.22 37.86
C LEU D 374 -12.08 36.34 36.70
N GLY D 375 -11.09 35.94 35.90
CA GLY D 375 -11.31 35.04 34.80
C GLY D 375 -11.67 33.65 35.28
N LEU D 376 -10.81 33.08 36.12
CA LEU D 376 -11.04 31.73 36.67
C LEU D 376 -12.38 31.59 37.42
N ALA D 377 -12.88 32.68 37.99
CA ALA D 377 -14.12 32.66 38.73
C ALA D 377 -15.31 32.74 37.77
N GLU D 378 -15.03 33.20 36.56
CA GLU D 378 -16.06 33.36 35.55
C GLU D 378 -16.95 34.53 35.95
N LEU D 379 -16.31 35.68 36.20
CA LEU D 379 -16.99 36.92 36.57
C LEU D 379 -18.08 37.27 35.56
N SER D 394 -12.35 46.71 41.63
CA SER D 394 -12.92 46.78 42.99
C SER D 394 -12.02 46.10 44.01
N ASN D 395 -12.54 45.90 45.22
CA ASN D 395 -11.84 45.14 46.27
C ASN D 395 -12.76 44.11 46.92
N GLU D 396 -14.01 44.49 47.13
CA GLU D 396 -15.00 43.55 47.61
C GLU D 396 -15.18 42.49 46.53
N LEU D 397 -14.85 42.86 45.29
CA LEU D 397 -15.01 41.96 44.16
C LEU D 397 -13.95 40.86 44.13
N LEU D 398 -12.69 41.26 44.25
CA LEU D 398 -11.59 40.31 44.28
C LEU D 398 -11.83 39.26 45.34
N ILE D 399 -12.21 39.72 46.53
CA ILE D 399 -12.47 38.83 47.63
C ILE D 399 -13.50 37.77 47.26
N GLN D 400 -14.65 38.20 46.75
CA GLN D 400 -15.67 37.24 46.36
C GLN D 400 -15.17 36.31 45.27
N ALA D 401 -14.30 36.81 44.39
CA ALA D 401 -13.80 36.03 43.28
C ALA D 401 -12.75 35.02 43.71
N THR D 402 -11.92 35.41 44.67
CA THR D 402 -10.91 34.51 45.21
C THR D 402 -11.60 33.32 45.86
N LYS D 403 -12.74 33.58 46.52
CA LYS D 403 -13.44 32.53 47.23
C LYS D 403 -14.07 31.56 46.24
N ILE D 404 -14.60 32.08 45.14
CA ILE D 404 -15.22 31.24 44.12
C ILE D 404 -14.19 30.28 43.52
N VAL D 405 -13.07 30.83 43.05
CA VAL D 405 -11.96 29.98 42.61
C VAL D 405 -11.63 28.96 43.68
N ALA D 406 -11.34 29.44 44.88
CA ALA D 406 -10.98 28.54 45.97
C ALA D 406 -11.96 27.39 46.06
N PHE D 407 -13.25 27.71 46.15
CA PHE D 407 -14.26 26.68 46.30
C PHE D 407 -14.31 25.82 45.03
N LYS D 408 -14.59 26.43 43.89
CA LYS D 408 -14.72 25.71 42.62
C LYS D 408 -13.69 24.59 42.41
N TYR D 409 -12.40 24.91 42.52
CA TYR D 409 -11.34 23.93 42.27
C TYR D 409 -10.81 23.31 43.56
N LYS D 410 -11.67 23.29 44.58
CA LYS D 410 -11.38 22.78 45.93
C LYS D 410 -9.91 22.97 46.32
N THR D 411 -9.50 24.22 46.43
CA THR D 411 -8.11 24.54 46.62
C THR D 411 -7.92 25.87 47.35
N VAL D 412 -6.72 26.06 47.88
CA VAL D 412 -6.30 27.34 48.45
C VAL D 412 -5.96 28.29 47.31
N ALA D 413 -6.73 29.36 47.18
CA ALA D 413 -6.49 30.33 46.11
C ALA D 413 -5.83 31.61 46.64
N VAL D 414 -4.84 32.10 45.92
CA VAL D 414 -4.19 33.36 46.26
C VAL D 414 -4.44 34.37 45.17
N CYS D 415 -4.88 35.57 45.56
CA CYS D 415 -5.05 36.65 44.59
C CYS D 415 -4.16 37.85 44.92
N THR D 416 -3.16 38.07 44.06
CA THR D 416 -2.15 39.10 44.30
C THR D 416 -2.50 40.49 43.73
N GLY D 417 -2.14 41.50 44.51
CA GLY D 417 -2.39 42.89 44.16
C GLY D 417 -1.72 43.74 45.23
N GLU D 418 -2.29 44.90 45.54
CA GLU D 418 -1.79 45.69 46.66
C GLU D 418 -2.09 44.90 47.91
N PHE D 419 -3.32 44.38 47.96
CA PHE D 419 -3.72 43.44 48.99
C PHE D 419 -3.54 42.04 48.44
N ASP D 420 -3.38 41.07 49.33
CA ASP D 420 -3.34 39.65 48.93
C ASP D 420 -4.43 38.88 49.63
N PHE D 421 -5.33 38.28 48.86
CA PHE D 421 -6.41 37.53 49.47
C PHE D 421 -6.16 36.05 49.33
N ILE D 422 -6.13 35.33 50.46
CA ILE D 422 -6.09 33.88 50.45
C ILE D 422 -7.45 33.34 50.86
N ALA D 423 -7.84 32.19 50.31
CA ALA D 423 -9.11 31.54 50.66
C ALA D 423 -8.96 30.03 50.67
N ASP D 424 -9.55 29.37 51.66
CA ASP D 424 -9.45 27.92 51.78
C ASP D 424 -10.77 27.24 51.38
N GLY D 425 -10.76 26.58 50.25
CA GLY D 425 -11.94 25.89 49.78
C GLY D 425 -11.71 24.40 49.75
N THR D 426 -10.73 23.93 50.51
CA THR D 426 -10.43 22.51 50.54
C THR D 426 -11.50 21.74 51.34
N ILE D 427 -12.08 22.39 52.35
CA ILE D 427 -13.17 21.80 53.13
C ILE D 427 -12.77 20.47 53.77
N GLU D 428 -11.55 20.41 54.28
CA GLU D 428 -11.04 19.24 54.99
C GLU D 428 -10.99 17.95 54.16
N GLY D 429 -11.29 18.06 52.87
CA GLY D 429 -11.24 16.93 51.95
C GLY D 429 -12.52 16.10 51.91
N LYS D 430 -13.66 16.76 52.13
CA LYS D 430 -14.92 16.04 52.22
C LYS D 430 -15.71 16.02 50.92
N TYR D 431 -16.22 14.84 50.58
CA TYR D 431 -17.24 14.75 49.56
C TYR D 431 -18.34 13.84 50.08
N SER D 432 -19.48 13.89 49.40
CA SER D 432 -20.56 12.97 49.66
C SER D 432 -21.46 12.95 48.44
N LEU D 433 -22.25 11.89 48.30
CA LEU D 433 -23.18 11.79 47.19
C LEU D 433 -24.40 12.70 47.40
N SER D 434 -24.75 13.45 46.36
CA SER D 434 -25.91 14.34 46.34
C SER D 434 -26.01 15.38 47.46
N LYS D 435 -25.46 15.06 48.62
CA LYS D 435 -25.71 15.86 49.84
C LYS D 435 -25.89 17.36 49.62
N GLY D 436 -24.86 18.09 49.16
CA GLY D 436 -23.59 17.52 48.74
C GLY D 436 -22.44 17.92 49.64
N THR D 437 -22.21 19.21 49.80
CA THR D 437 -21.33 19.65 50.87
C THR D 437 -22.21 19.90 52.10
N ASN D 438 -21.60 20.04 53.27
CA ASN D 438 -22.39 20.14 54.49
C ASN D 438 -22.94 21.54 54.74
N GLY D 439 -23.69 22.06 53.78
CA GLY D 439 -24.21 23.42 53.84
C GLY D 439 -23.12 24.48 53.77
N THR D 440 -21.90 24.05 53.44
CA THR D 440 -20.75 24.94 53.33
C THR D 440 -20.70 25.55 51.94
N SER D 441 -21.11 26.80 51.81
CA SER D 441 -21.21 27.41 50.48
C SER D 441 -20.03 28.31 50.14
N VAL D 442 -19.93 28.68 48.86
CA VAL D 442 -18.92 29.64 48.41
C VAL D 442 -18.76 30.73 49.46
N GLU D 443 -19.88 31.33 49.87
CA GLU D 443 -19.89 32.59 50.61
C GLU D 443 -19.13 32.57 51.94
N ASP D 444 -18.98 31.41 52.56
CA ASP D 444 -18.50 31.38 53.93
C ASP D 444 -17.28 30.50 54.19
N ILE D 445 -16.44 30.28 53.16
CA ILE D 445 -15.17 29.60 53.38
C ILE D 445 -14.16 30.63 53.86
N PRO D 446 -13.20 30.21 54.70
CA PRO D 446 -12.29 31.20 55.30
C PRO D 446 -11.54 31.98 54.23
N CYS D 447 -11.50 33.31 54.36
CA CYS D 447 -10.72 34.14 53.45
C CYS D 447 -10.08 35.29 54.21
N VAL D 448 -8.76 35.41 54.08
CA VAL D 448 -7.98 36.37 54.84
C VAL D 448 -7.21 37.28 53.90
N ALA D 449 -6.91 38.48 54.35
CA ALA D 449 -6.13 39.44 53.56
C ALA D 449 -4.74 39.64 54.13
N VAL D 450 -3.85 40.21 53.32
CA VAL D 450 -2.51 40.58 53.76
C VAL D 450 -2.15 41.84 53.00
N GLU D 451 -1.65 42.85 53.71
CA GLU D 451 -1.20 44.07 53.05
C GLU D 451 0.01 44.68 53.73
N ALA D 452 0.66 45.60 53.05
CA ALA D 452 1.82 46.29 53.61
C ALA D 452 2.05 47.64 52.93
N GLY D 453 0.97 48.28 52.48
CA GLY D 453 1.05 49.58 51.83
C GLY D 453 1.55 49.48 50.40
N PRO D 454 1.44 50.58 49.64
CA PRO D 454 1.88 50.65 48.25
C PRO D 454 3.38 50.32 48.09
N ILE D 455 3.76 49.75 46.94
CA ILE D 455 5.18 49.44 46.68
C ILE D 455 5.58 49.71 45.24
N GLY D 465 5.50 38.41 41.76
CA GLY D 465 5.05 37.88 40.49
C GLY D 465 4.95 36.37 40.54
N CYS D 466 5.82 35.68 39.80
CA CYS D 466 5.91 34.21 39.82
C CYS D 466 6.88 33.76 40.91
N SER D 467 7.45 34.74 41.61
CA SER D 467 8.40 34.49 42.67
C SER D 467 7.63 34.00 43.89
N LEU D 468 6.42 34.52 44.04
CA LEU D 468 5.48 34.10 45.08
C LEU D 468 5.17 32.62 44.98
N GLY D 469 4.75 32.20 43.78
CA GLY D 469 4.52 30.80 43.52
C GLY D 469 5.67 29.95 44.01
N SER D 470 6.89 30.42 43.79
CA SER D 470 8.07 29.67 44.22
C SER D 470 8.14 29.63 45.74
N THR D 471 7.80 30.76 46.36
CA THR D 471 7.80 30.85 47.82
C THR D 471 6.72 29.97 48.41
N ILE D 472 5.47 30.22 48.04
CA ILE D 472 4.36 29.34 48.41
C ILE D 472 4.77 27.87 48.29
N ALA D 473 5.34 27.51 47.14
CA ALA D 473 5.82 26.14 46.86
C ALA D 473 6.76 25.57 47.92
N CYS D 474 7.70 26.36 48.41
CA CYS D 474 8.67 25.90 49.38
C CYS D 474 8.08 25.68 50.78
N MET D 475 7.15 26.55 51.17
CA MET D 475 6.55 26.50 52.49
C MET D 475 5.66 25.27 52.61
N ILE D 476 4.84 25.04 51.59
CA ILE D 476 4.03 23.85 51.57
C ILE D 476 4.92 22.61 51.50
N GLY D 477 6.07 22.77 50.85
CA GLY D 477 6.93 21.64 50.56
C GLY D 477 7.52 20.98 51.79
N GLY D 478 7.93 21.80 52.76
CA GLY D 478 8.58 21.30 53.95
C GLY D 478 7.62 20.77 55.02
N GLN D 479 6.38 21.25 55.00
CA GLN D 479 5.39 20.80 55.97
C GLN D 479 5.33 19.27 56.07
N PRO D 480 5.18 18.77 57.31
CA PRO D 480 5.13 17.36 57.70
C PRO D 480 3.70 16.86 57.69
N SER D 481 3.52 15.58 58.00
CA SER D 481 2.18 14.99 58.03
C SER D 481 1.21 15.88 58.81
N GLU D 482 1.65 16.34 59.96
CA GLU D 482 0.77 17.06 60.88
C GLU D 482 0.73 18.56 60.61
N GLY D 483 1.24 18.99 59.46
CA GLY D 483 1.21 20.40 59.12
C GLY D 483 -0.19 20.90 58.82
N ASN D 484 -0.27 22.09 58.27
CA ASN D 484 -1.52 22.57 57.69
C ASN D 484 -1.30 23.34 56.40
N LEU D 485 -2.08 22.98 55.38
CA LEU D 485 -1.92 23.57 54.06
C LEU D 485 -2.31 25.04 54.03
N PHE D 486 -3.29 25.45 54.85
CA PHE D 486 -3.70 26.85 54.84
C PHE D 486 -2.59 27.71 55.40
N HIS D 487 -2.24 27.48 56.67
CA HIS D 487 -1.21 28.30 57.31
C HIS D 487 0.08 28.38 56.49
N ALA D 488 0.35 27.33 55.72
CA ALA D 488 1.53 27.32 54.87
C ALA D 488 1.38 28.36 53.76
N VAL D 489 0.32 28.24 52.96
CA VAL D 489 0.10 29.18 51.88
C VAL D 489 0.05 30.62 52.36
N VAL D 490 -0.37 30.83 53.59
CA VAL D 490 -0.45 32.19 54.14
C VAL D 490 0.91 32.67 54.60
N ALA D 491 1.64 31.83 55.33
CA ALA D 491 2.99 32.16 55.77
C ALA D 491 3.80 32.62 54.56
N GLY D 492 3.72 31.86 53.47
CA GLY D 492 4.38 32.23 52.23
C GLY D 492 4.06 33.64 51.75
N VAL D 493 2.77 33.99 51.68
CA VAL D 493 2.39 35.32 51.21
C VAL D 493 2.95 36.43 52.11
N MET D 494 3.05 36.14 53.41
CA MET D 494 3.58 37.10 54.36
C MET D 494 5.08 37.24 54.18
N LEU D 495 5.77 36.10 54.13
CA LEU D 495 7.21 36.09 53.98
C LEU D 495 7.60 36.94 52.79
N TYR D 496 6.84 36.81 51.70
CA TYR D 496 7.14 37.47 50.43
C TYR D 496 6.83 38.95 50.46
N LYS D 497 5.66 39.28 50.97
CA LYS D 497 5.25 40.67 51.08
C LYS D 497 6.21 41.38 52.06
N ALA D 498 6.82 40.61 52.94
CA ALA D 498 7.76 41.14 53.93
C ALA D 498 9.11 41.46 53.31
N ALA D 499 9.66 40.50 52.58
CA ALA D 499 10.82 40.74 51.75
C ALA D 499 10.51 41.86 50.76
N GLY D 500 9.26 41.90 50.31
CA GLY D 500 8.80 42.93 49.40
C GLY D 500 8.99 44.33 49.92
N LYS D 501 8.52 44.59 51.16
CA LYS D 501 8.70 45.89 51.80
C LYS D 501 10.18 46.22 52.06
N ILE D 502 10.95 45.24 52.52
CA ILE D 502 12.37 45.44 52.86
C ILE D 502 13.23 45.81 51.65
N ALA D 503 12.94 45.18 50.51
CA ALA D 503 13.66 45.46 49.28
C ALA D 503 13.36 46.84 48.75
N SER D 504 12.08 47.21 48.73
CA SER D 504 11.68 48.46 48.11
C SER D 504 12.31 49.67 48.80
N GLU D 505 12.83 49.45 50.00
CA GLU D 505 13.49 50.52 50.73
C GLU D 505 15.00 50.54 50.49
N LYS D 506 15.59 49.36 50.28
CA LYS D 506 17.04 49.25 50.10
C LYS D 506 17.51 49.35 48.65
N CYS D 507 16.60 49.59 47.72
CA CYS D 507 16.94 49.43 46.30
C CYS D 507 17.09 50.75 45.55
N ASN D 508 17.57 50.65 44.31
CA ASN D 508 17.82 51.81 43.46
C ASN D 508 17.02 51.82 42.17
N GLY D 509 16.15 50.83 42.01
CA GLY D 509 15.38 50.69 40.79
C GLY D 509 15.16 49.23 40.46
N SER D 510 14.43 48.99 39.39
CA SER D 510 13.94 47.66 39.06
C SER D 510 15.01 46.57 39.15
N GLY D 511 16.23 46.92 38.75
CA GLY D 511 17.34 46.00 38.76
C GLY D 511 17.70 45.52 40.15
N SER D 512 18.05 46.44 41.03
CA SER D 512 18.52 46.08 42.37
C SER D 512 17.38 45.66 43.31
N PHE D 513 16.15 46.05 43.00
CA PHE D 513 15.01 45.61 43.79
C PHE D 513 14.89 44.10 43.76
N GLN D 514 15.16 43.52 42.61
CA GLN D 514 14.99 42.10 42.43
C GLN D 514 16.05 41.30 43.19
N VAL D 515 17.26 41.84 43.28
CA VAL D 515 18.33 41.11 43.95
C VAL D 515 18.33 41.34 45.46
N GLU D 516 17.74 42.46 45.88
CA GLU D 516 17.55 42.70 47.31
C GLU D 516 16.32 41.96 47.83
N LEU D 517 15.42 41.57 46.92
CA LEU D 517 14.26 40.78 47.30
C LEU D 517 14.71 39.39 47.66
N ILE D 518 15.55 38.80 46.82
CA ILE D 518 16.11 37.50 47.11
C ILE D 518 16.97 37.55 48.35
N ASP D 519 17.62 38.68 48.57
CA ASP D 519 18.42 38.86 49.77
C ASP D 519 17.57 38.89 51.04
N ALA D 520 16.48 39.65 50.98
CA ALA D 520 15.58 39.79 52.11
C ALA D 520 14.95 38.45 52.48
N LEU D 521 14.55 37.69 51.46
CA LEU D 521 13.95 36.37 51.67
C LEU D 521 14.89 35.44 52.40
N TYR D 522 16.20 35.59 52.16
CA TYR D 522 17.20 34.78 52.82
C TYR D 522 17.42 35.18 54.28
N ARG D 523 17.67 36.47 54.52
CA ARG D 523 17.92 36.98 55.87
C ARG D 523 16.74 36.75 56.80
N LEU D 524 15.53 36.89 56.24
CA LEU D 524 14.28 36.78 56.99
C LEU D 524 14.07 35.37 57.51
N THR D 525 14.40 34.38 56.69
CA THR D 525 14.18 32.98 57.07
C THR D 525 15.40 32.37 57.73
N ARG D 526 16.50 33.11 57.77
CA ARG D 526 17.67 32.66 58.50
C ARG D 526 17.57 33.08 59.97
N GLU D 527 16.71 34.06 60.22
CA GLU D 527 16.33 34.47 61.57
C GLU D 527 14.80 34.48 61.71
N ASN D 528 14.26 33.42 62.30
CA ASN D 528 12.82 33.29 62.43
C ASN D 528 12.19 34.20 63.43
N THR D 529 12.14 35.49 63.14
CA THR D 529 11.55 36.41 64.08
C THR D 529 10.35 37.12 63.47
N PRO D 530 9.33 36.35 63.07
CA PRO D 530 8.20 36.90 62.32
C PRO D 530 7.51 38.02 63.09
N VAL D 531 7.75 38.11 64.40
CA VAL D 531 7.21 39.19 65.22
C VAL D 531 7.70 40.52 64.69
N THR D 532 8.67 40.49 63.78
CA THR D 532 9.30 41.68 63.20
C THR D 532 8.72 42.16 61.86
N TRP D 533 8.24 41.25 61.01
CA TRP D 533 7.87 41.63 59.64
C TRP D 533 6.60 42.48 59.48
N ALA D 534 6.71 43.43 58.55
CA ALA D 534 5.72 44.50 58.30
C ALA D 534 4.26 44.14 57.91
N PRO D 535 4.05 43.01 57.19
CA PRO D 535 2.70 42.72 56.69
C PRO D 535 1.69 42.49 57.80
N LYS D 536 0.51 43.06 57.61
CA LYS D 536 -0.57 42.99 58.58
C LYS D 536 -1.62 41.99 58.06
N LEU D 537 -2.00 41.04 58.91
CA LEU D 537 -2.86 39.95 58.50
C LEU D 537 -4.25 40.03 59.13
N THR D 538 -5.21 40.59 58.40
CA THR D 538 -6.58 40.72 58.92
C THR D 538 -7.52 39.64 58.36
N HIS D 539 -8.80 39.74 58.69
CA HIS D 539 -9.82 38.90 58.08
C HIS D 539 -10.46 39.63 56.90
N THR D 540 -10.86 38.87 55.87
CA THR D 540 -11.51 39.44 54.71
C THR D 540 -13.00 39.24 54.87
N LYS E 2 -56.28 8.52 8.78
CA LYS E 2 -56.20 7.11 9.14
C LYS E 2 -56.89 6.17 8.14
N PHE E 3 -56.16 5.17 7.65
CA PHE E 3 -56.67 4.18 6.70
C PHE E 3 -57.10 2.89 7.41
N SER E 4 -57.75 2.01 6.66
CA SER E 4 -58.05 0.66 7.14
C SER E 4 -57.27 -0.40 6.35
N LYS E 5 -57.04 -1.56 6.95
CA LYS E 5 -56.20 -2.59 6.33
C LYS E 5 -56.51 -2.84 4.85
N GLU E 6 -57.79 -2.78 4.50
CA GLU E 6 -58.27 -3.08 3.15
C GLU E 6 -58.25 -1.84 2.26
N GLN E 7 -57.72 -0.75 2.76
CA GLN E 7 -57.57 0.46 1.97
C GLN E 7 -56.15 0.54 1.42
N PHE E 8 -55.29 -0.37 1.87
CA PHE E 8 -53.90 -0.34 1.47
C PHE E 8 -53.74 -0.85 0.07
N ASP E 9 -53.26 0.01 -0.82
CA ASP E 9 -53.01 -0.38 -2.20
C ASP E 9 -51.53 -0.70 -2.38
N TYR E 10 -51.23 -1.97 -2.69
CA TYR E 10 -49.85 -2.44 -2.70
C TYR E 10 -49.18 -2.39 -4.07
N SER E 11 -49.89 -1.89 -5.08
CA SER E 11 -49.39 -1.79 -6.45
C SER E 11 -47.90 -1.46 -6.54
N LEU E 12 -47.55 -0.18 -6.49
CA LEU E 12 -46.16 0.23 -6.60
C LEU E 12 -45.70 0.77 -5.25
N TYR E 13 -44.96 -0.04 -4.52
CA TYR E 13 -44.64 0.20 -3.11
C TYR E 13 -43.23 0.71 -3.01
N LEU E 14 -43.06 1.97 -2.58
CA LEU E 14 -41.76 2.60 -2.59
C LEU E 14 -41.12 2.59 -1.22
N VAL E 15 -39.93 2.01 -1.11
CA VAL E 15 -39.13 2.04 0.10
C VAL E 15 -38.01 3.05 -0.11
N THR E 16 -37.80 3.92 0.87
CA THR E 16 -36.86 5.03 0.72
C THR E 16 -35.47 4.73 1.27
N ASP E 17 -34.48 5.36 0.65
CA ASP E 17 -33.10 5.28 1.10
C ASP E 17 -32.44 6.66 0.98
N SER E 18 -32.00 7.20 2.11
CA SER E 18 -31.47 8.57 2.13
C SER E 18 -30.14 8.72 1.39
N GLY E 19 -29.18 7.84 1.68
CA GLY E 19 -27.85 7.95 1.10
C GLY E 19 -27.69 7.25 -0.23
N MET E 20 -28.36 7.78 -1.25
CA MET E 20 -28.44 7.12 -2.55
C MET E 20 -29.08 8.09 -3.54
N ILE E 21 -29.47 9.24 -3.04
CA ILE E 21 -30.10 10.29 -3.84
C ILE E 21 -29.04 11.05 -4.65
N PRO E 22 -29.32 11.31 -5.93
CA PRO E 22 -28.38 11.99 -6.83
C PRO E 22 -28.11 13.40 -6.36
N GLU E 23 -26.88 13.88 -6.54
CA GLU E 23 -26.51 15.20 -6.02
C GLU E 23 -27.40 16.30 -6.59
N GLY E 24 -27.86 17.18 -5.72
CA GLY E 24 -28.73 18.27 -6.14
C GLY E 24 -30.19 17.97 -5.92
N LYS E 25 -30.48 16.75 -5.45
CA LYS E 25 -31.86 16.31 -5.25
C LYS E 25 -32.11 15.84 -3.81
N THR E 26 -33.39 15.84 -3.42
CA THR E 26 -33.78 15.60 -2.03
C THR E 26 -34.61 14.34 -1.87
N LEU E 27 -34.65 13.81 -0.65
CA LEU E 27 -35.47 12.64 -0.36
C LEU E 27 -36.95 13.02 -0.44
N TYR E 28 -37.23 14.30 -0.24
CA TYR E 28 -38.59 14.78 -0.42
C TYR E 28 -38.84 14.85 -1.91
N GLY E 29 -37.87 15.40 -2.63
CA GLY E 29 -37.95 15.55 -4.08
C GLY E 29 -38.33 14.28 -4.81
N GLN E 30 -37.54 13.23 -4.63
CA GLN E 30 -37.81 11.94 -5.24
C GLN E 30 -39.18 11.40 -4.83
N VAL E 31 -39.43 11.32 -3.52
CA VAL E 31 -40.67 10.72 -3.00
C VAL E 31 -41.93 11.51 -3.38
N GLU E 32 -41.73 12.71 -3.92
CA GLU E 32 -42.86 13.52 -4.39
C GLU E 32 -43.21 13.20 -5.84
N ALA E 33 -42.22 13.27 -6.71
CA ALA E 33 -42.40 12.90 -8.10
C ALA E 33 -42.92 11.47 -8.23
N GLY E 34 -42.61 10.63 -7.24
CA GLY E 34 -43.04 9.24 -7.26
C GLY E 34 -44.52 9.07 -6.98
N LEU E 35 -45.05 9.87 -6.06
CA LEU E 35 -46.46 9.84 -5.68
C LEU E 35 -47.35 10.34 -6.81
N GLN E 36 -46.83 11.32 -7.55
CA GLN E 36 -47.54 11.93 -8.68
C GLN E 36 -47.81 10.94 -9.83
N ASN E 37 -46.94 9.94 -9.97
CA ASN E 37 -47.10 8.95 -11.02
C ASN E 37 -47.28 7.51 -10.51
N GLY E 38 -47.93 7.31 -9.37
CA GLY E 38 -48.11 5.98 -8.82
C GLY E 38 -47.70 5.91 -7.35
N VAL E 39 -46.50 5.38 -7.10
CA VAL E 39 -46.00 5.14 -5.74
C VAL E 39 -47.12 5.07 -4.72
N THR E 40 -48.02 4.10 -4.91
CA THR E 40 -49.26 3.96 -4.16
C THR E 40 -49.10 3.50 -2.68
N LEU E 41 -47.87 3.48 -2.20
CA LEU E 41 -47.54 3.23 -0.78
C LEU E 41 -46.07 3.58 -0.52
N VAL E 42 -45.76 4.00 0.70
CA VAL E 42 -44.41 4.48 1.03
C VAL E 42 -43.92 3.96 2.39
N GLN E 43 -42.73 3.38 2.39
CA GLN E 43 -42.04 2.99 3.63
C GLN E 43 -40.79 3.86 3.78
N ILE E 44 -40.61 4.43 4.97
CA ILE E 44 -39.39 5.16 5.29
C ILE E 44 -38.43 4.15 5.90
N ARG E 45 -37.16 4.24 5.53
CA ARG E 45 -36.18 3.25 5.97
C ARG E 45 -34.89 3.96 6.40
N GLU E 46 -34.60 3.98 7.69
CA GLU E 46 -33.35 4.60 8.14
C GLU E 46 -32.54 3.70 9.05
N LYS E 47 -31.62 2.95 8.46
CA LYS E 47 -30.84 1.99 9.22
C LYS E 47 -29.65 2.63 9.91
N ASP E 48 -29.52 3.95 9.81
CA ASP E 48 -28.26 4.60 10.23
C ASP E 48 -28.44 5.94 10.94
N ALA E 49 -29.43 6.71 10.50
CA ALA E 49 -29.61 8.08 10.95
C ALA E 49 -30.00 8.20 12.42
N ASP E 50 -29.66 9.35 13.01
CA ASP E 50 -30.05 9.70 14.37
C ASP E 50 -31.56 9.54 14.54
N THR E 51 -31.98 8.79 15.55
CA THR E 51 -33.40 8.46 15.72
C THR E 51 -34.29 9.69 15.96
N LYS E 52 -33.68 10.87 15.88
CA LYS E 52 -34.43 12.13 15.96
C LYS E 52 -34.64 12.69 14.56
N PHE E 53 -33.54 12.85 13.81
CA PHE E 53 -33.65 13.29 12.43
C PHE E 53 -34.58 12.33 11.68
N PHE E 54 -34.64 11.10 12.16
CA PHE E 54 -35.56 10.10 11.65
C PHE E 54 -36.99 10.62 11.82
N ILE E 55 -37.33 10.95 13.06
CA ILE E 55 -38.66 11.46 13.40
C ILE E 55 -38.97 12.73 12.62
N GLU E 56 -38.03 13.66 12.60
CA GLU E 56 -38.16 14.89 11.84
C GLU E 56 -38.51 14.64 10.37
N GLU E 57 -37.67 13.86 9.69
CA GLU E 57 -37.81 13.58 8.26
C GLU E 57 -39.03 12.72 7.94
N ALA E 58 -39.53 11.99 8.92
CA ALA E 58 -40.69 11.12 8.74
C ALA E 58 -42.02 11.85 8.95
N LEU E 59 -41.98 12.95 9.67
CA LEU E 59 -43.16 13.80 9.82
C LEU E 59 -43.35 14.62 8.56
N GLN E 60 -42.26 15.08 7.99
CA GLN E 60 -42.25 15.92 6.79
C GLN E 60 -42.70 15.15 5.55
N ILE E 61 -42.46 13.84 5.54
CA ILE E 61 -42.89 13.00 4.42
C ILE E 61 -44.29 12.44 4.64
N LYS E 62 -44.76 12.44 5.89
CA LYS E 62 -46.10 11.99 6.20
C LYS E 62 -47.17 13.00 5.78
N GLU E 63 -46.81 14.29 5.77
CA GLU E 63 -47.70 15.32 5.24
C GLU E 63 -47.84 15.19 3.72
N LEU E 64 -46.71 15.01 3.04
CA LEU E 64 -46.67 14.82 1.59
C LEU E 64 -47.50 13.61 1.16
N CYS E 65 -47.29 12.48 1.83
CA CYS E 65 -47.98 11.25 1.47
C CYS E 65 -49.47 11.33 1.73
N HIS E 66 -49.81 11.69 2.97
CA HIS E 66 -51.21 11.81 3.35
C HIS E 66 -52.00 12.74 2.43
N ALA E 67 -51.31 13.66 1.76
CA ALA E 67 -51.95 14.66 0.91
C ALA E 67 -52.33 14.09 -0.46
N HIS E 68 -51.54 13.12 -0.93
CA HIS E 68 -51.87 12.35 -2.12
C HIS E 68 -52.63 11.11 -1.70
N ASN E 69 -52.98 11.05 -0.42
CA ASN E 69 -53.86 10.02 0.13
C ASN E 69 -53.27 8.62 0.14
N VAL E 70 -51.95 8.52 0.38
CA VAL E 70 -51.29 7.23 0.48
C VAL E 70 -50.62 7.07 1.83
N PRO E 71 -50.79 5.89 2.46
CA PRO E 71 -50.29 5.58 3.80
C PRO E 71 -48.78 5.78 3.96
N LEU E 72 -48.29 5.62 5.19
CA LEU E 72 -46.87 5.75 5.48
C LEU E 72 -46.49 4.66 6.45
N ILE E 73 -45.54 3.81 6.08
CA ILE E 73 -45.12 2.72 6.94
C ILE E 73 -43.67 2.90 7.40
N ILE E 74 -43.37 2.45 8.61
CA ILE E 74 -42.04 2.63 9.18
C ILE E 74 -41.29 1.33 9.45
N ASN E 75 -40.04 1.29 9.02
CA ASN E 75 -39.17 0.14 9.16
C ASN E 75 -37.91 0.65 9.82
N ASP E 76 -37.57 0.14 11.01
CA ASP E 76 -38.27 -0.93 11.70
C ASP E 76 -38.34 -0.57 13.19
N ARG E 77 -38.39 0.73 13.45
CA ARG E 77 -38.52 1.20 14.81
C ARG E 77 -39.99 1.42 15.14
N ILE E 78 -40.54 0.53 15.96
CA ILE E 78 -41.92 0.65 16.40
C ILE E 78 -42.10 1.96 17.16
N ASP E 79 -41.18 2.26 18.07
CA ASP E 79 -41.24 3.51 18.83
C ASP E 79 -41.45 4.73 17.93
N VAL E 80 -40.66 4.85 16.87
CA VAL E 80 -40.81 5.96 15.93
C VAL E 80 -42.18 5.94 15.28
N ALA E 81 -42.77 4.76 15.16
CA ALA E 81 -44.06 4.59 14.47
C ALA E 81 -45.20 5.10 15.33
N MET E 82 -45.29 4.57 16.55
CA MET E 82 -46.26 5.03 17.52
C MET E 82 -46.04 6.51 17.74
N ALA E 83 -44.79 6.88 17.95
CA ALA E 83 -44.45 8.27 18.22
C ALA E 83 -45.09 9.23 17.20
N ILE E 84 -44.86 9.03 15.91
CA ILE E 84 -45.36 9.98 14.92
C ILE E 84 -46.69 9.58 14.27
N GLY E 85 -47.41 8.66 14.91
CA GLY E 85 -48.69 8.22 14.38
C GLY E 85 -48.58 7.72 12.95
N ALA E 86 -47.81 6.66 12.75
CA ALA E 86 -47.64 6.07 11.43
C ALA E 86 -48.78 5.09 11.13
N ASP E 87 -48.87 4.65 9.89
CA ASP E 87 -49.97 3.79 9.44
C ASP E 87 -49.63 2.31 9.55
N GLY E 88 -48.35 2.00 9.43
CA GLY E 88 -47.90 0.63 9.51
C GLY E 88 -46.42 0.56 9.78
N ILE E 89 -45.93 -0.60 10.17
CA ILE E 89 -44.51 -0.80 10.36
C ILE E 89 -44.11 -2.12 9.76
N HIS E 90 -42.95 -2.15 9.12
CA HIS E 90 -42.42 -3.37 8.53
C HIS E 90 -41.23 -3.84 9.35
N VAL E 91 -41.23 -5.11 9.74
CA VAL E 91 -40.11 -5.64 10.50
C VAL E 91 -39.56 -6.90 9.86
N GLY E 92 -38.26 -7.09 9.98
CA GLY E 92 -37.57 -8.26 9.43
C GLY E 92 -37.51 -9.40 10.41
N GLN E 93 -36.86 -10.48 10.00
CA GLN E 93 -36.87 -11.71 10.79
C GLN E 93 -36.05 -11.58 12.09
N ASP E 94 -35.02 -10.75 12.05
CA ASP E 94 -34.14 -10.57 13.19
C ASP E 94 -34.54 -9.37 14.04
N ASP E 95 -35.76 -8.87 13.85
CA ASP E 95 -36.27 -7.71 14.60
C ASP E 95 -37.22 -8.16 15.72
N MET E 96 -37.91 -7.18 16.30
CA MET E 96 -38.87 -7.41 17.38
C MET E 96 -39.97 -8.41 17.00
N PRO E 97 -40.17 -9.45 17.84
CA PRO E 97 -41.16 -10.52 17.66
C PRO E 97 -42.54 -9.92 17.44
N ILE E 98 -43.36 -10.54 16.59
CA ILE E 98 -44.62 -9.91 16.21
C ILE E 98 -45.66 -9.81 17.32
N PRO E 99 -45.93 -10.92 18.03
CA PRO E 99 -46.81 -10.79 19.19
C PRO E 99 -46.49 -9.55 20.05
N MET E 100 -45.22 -9.29 20.32
CA MET E 100 -44.85 -8.11 21.11
C MET E 100 -45.26 -6.81 20.42
N ILE E 101 -45.13 -6.75 19.10
CA ILE E 101 -45.42 -5.51 18.39
C ILE E 101 -46.91 -5.24 18.43
N ARG E 102 -47.67 -6.29 18.17
CA ARG E 102 -49.12 -6.20 18.16
C ARG E 102 -49.59 -5.69 19.52
N LYS E 103 -48.93 -6.16 20.56
CA LYS E 103 -49.29 -5.81 21.92
C LYS E 103 -49.04 -4.32 22.20
N LEU E 104 -48.08 -3.72 21.52
CA LEU E 104 -47.77 -2.31 21.76
C LEU E 104 -48.49 -1.32 20.83
N VAL E 105 -48.99 -1.80 19.70
CA VAL E 105 -49.65 -0.90 18.74
C VAL E 105 -51.15 -1.17 18.71
N GLY E 106 -51.55 -2.30 19.26
CA GLY E 106 -52.94 -2.73 19.21
C GLY E 106 -53.36 -3.03 17.78
N PRO E 107 -54.40 -3.86 17.62
CA PRO E 107 -54.91 -4.15 16.28
C PRO E 107 -55.24 -2.86 15.52
N ASP E 108 -55.31 -2.92 14.20
CA ASP E 108 -55.64 -1.76 13.36
C ASP E 108 -54.44 -1.09 12.69
N MET E 109 -53.23 -1.44 13.13
CA MET E 109 -52.02 -0.96 12.46
C MET E 109 -51.49 -2.05 11.55
N VAL E 110 -51.05 -1.68 10.35
CA VAL E 110 -50.56 -2.65 9.38
C VAL E 110 -49.15 -3.11 9.70
N ILE E 111 -48.96 -4.42 9.82
CA ILE E 111 -47.64 -4.95 10.10
C ILE E 111 -47.08 -5.73 8.90
N GLY E 112 -45.81 -5.48 8.57
CA GLY E 112 -45.14 -6.15 7.48
C GLY E 112 -44.05 -7.07 7.98
N TRP E 113 -43.82 -8.17 7.29
CA TRP E 113 -42.87 -9.17 7.76
C TRP E 113 -42.04 -9.65 6.58
N SER E 114 -40.74 -9.40 6.64
CA SER E 114 -39.82 -9.86 5.61
C SER E 114 -39.72 -11.39 5.64
N VAL E 115 -40.40 -12.05 4.70
CA VAL E 115 -40.43 -13.50 4.63
C VAL E 115 -39.77 -13.99 3.36
N GLY E 116 -38.81 -14.90 3.48
CA GLY E 116 -38.12 -15.45 2.32
C GLY E 116 -38.13 -16.97 2.20
N PHE E 117 -38.71 -17.64 3.19
CA PHE E 117 -38.74 -19.09 3.23
C PHE E 117 -40.09 -19.58 3.70
N PRO E 118 -40.59 -20.68 3.11
CA PRO E 118 -41.89 -21.28 3.42
C PRO E 118 -42.09 -21.58 4.92
N GLU E 119 -41.02 -21.99 5.61
CA GLU E 119 -41.12 -22.32 7.03
C GLU E 119 -41.58 -21.15 7.87
N GLU E 120 -41.33 -19.92 7.39
CA GLU E 120 -41.73 -18.71 8.11
C GLU E 120 -43.18 -18.35 7.81
N VAL E 121 -43.71 -18.81 6.69
CA VAL E 121 -45.12 -18.60 6.42
C VAL E 121 -45.88 -19.46 7.40
N ASP E 122 -45.24 -20.53 7.86
CA ASP E 122 -45.86 -21.45 8.81
C ASP E 122 -46.03 -20.81 10.18
N GLU E 123 -45.03 -20.06 10.63
CA GLU E 123 -45.16 -19.32 11.90
C GLU E 123 -46.13 -18.13 11.79
N LEU E 124 -46.25 -17.56 10.60
CA LEU E 124 -47.15 -16.43 10.35
C LEU E 124 -48.62 -16.86 10.42
N SER E 125 -48.88 -18.12 10.11
CA SER E 125 -50.23 -18.66 10.20
C SER E 125 -50.57 -19.15 11.61
N LYS E 126 -49.57 -19.71 12.31
CA LYS E 126 -49.75 -20.17 13.69
C LYS E 126 -50.07 -19.00 14.62
N MET E 127 -50.23 -17.81 14.05
CA MET E 127 -50.49 -16.62 14.84
C MET E 127 -51.86 -16.06 14.48
N GLY E 128 -52.40 -16.49 13.34
CA GLY E 128 -53.73 -16.06 12.93
C GLY E 128 -53.77 -14.62 12.44
N PRO E 129 -54.95 -14.16 12.03
CA PRO E 129 -55.14 -12.80 11.48
C PRO E 129 -54.85 -11.74 12.51
N ASP E 130 -54.85 -10.48 12.09
CA ASP E 130 -54.60 -9.35 12.97
C ASP E 130 -53.15 -9.34 13.48
N MET E 131 -52.40 -10.39 13.16
CA MET E 131 -50.97 -10.40 13.41
C MET E 131 -50.24 -9.84 12.21
N VAL E 132 -49.76 -10.70 11.33
CA VAL E 132 -49.07 -10.22 10.13
C VAL E 132 -50.08 -9.91 9.04
N ASP E 133 -49.98 -8.72 8.48
CA ASP E 133 -50.99 -8.25 7.54
C ASP E 133 -50.51 -8.30 6.09
N TYR E 134 -49.21 -8.14 5.87
CA TYR E 134 -48.63 -8.36 4.54
C TYR E 134 -47.19 -8.80 4.73
N ILE E 135 -46.61 -9.38 3.70
CA ILE E 135 -45.21 -9.80 3.77
C ILE E 135 -44.42 -9.31 2.56
N GLY E 136 -43.12 -9.11 2.73
CA GLY E 136 -42.24 -8.87 1.59
C GLY E 136 -41.51 -10.17 1.25
N VAL E 137 -41.73 -10.70 0.04
CA VAL E 137 -41.13 -11.99 -0.29
C VAL E 137 -39.65 -11.91 -0.65
N GLY E 138 -38.88 -12.63 0.18
CA GLY E 138 -37.46 -12.93 0.00
C GLY E 138 -36.62 -11.82 -0.59
N THR E 139 -35.52 -12.21 -1.23
CA THR E 139 -34.80 -11.28 -2.08
C THR E 139 -34.82 -11.86 -3.48
N LEU E 140 -35.74 -11.37 -4.30
CA LEU E 140 -35.92 -11.97 -5.61
C LEU E 140 -34.64 -12.00 -6.46
N PHE E 141 -33.94 -10.87 -6.58
CA PHE E 141 -32.73 -10.86 -7.38
C PHE E 141 -31.60 -10.11 -6.68
N PRO E 142 -30.36 -10.28 -7.15
CA PRO E 142 -29.19 -9.64 -6.51
C PRO E 142 -29.33 -8.12 -6.46
N THR E 143 -29.07 -7.52 -5.29
CA THR E 143 -29.22 -6.06 -5.08
C THR E 143 -28.06 -5.47 -4.24
N LEU E 144 -27.70 -4.22 -4.49
CA LEU E 144 -26.61 -3.58 -3.75
C LEU E 144 -27.10 -2.57 -2.71
N THR E 145 -28.35 -2.68 -2.29
CA THR E 145 -28.93 -1.69 -1.38
C THR E 145 -28.99 -2.20 0.06
N LYS E 146 -29.21 -3.49 0.24
CA LYS E 146 -29.14 -4.07 1.58
C LYS E 146 -27.71 -4.54 1.88
N MET E 154 -32.62 -16.42 -4.66
CA MET E 154 -33.98 -16.92 -4.52
C MET E 154 -34.65 -17.09 -5.87
N GLY E 155 -34.98 -15.97 -6.51
CA GLY E 155 -35.63 -15.99 -7.81
C GLY E 155 -37.13 -16.13 -7.71
N THR E 156 -37.81 -16.06 -8.85
CA THR E 156 -39.25 -16.18 -8.88
C THR E 156 -39.69 -17.54 -8.38
N ALA E 157 -38.86 -18.56 -8.60
CA ALA E 157 -39.20 -19.89 -8.11
C ALA E 157 -39.21 -19.93 -6.59
N GLY E 158 -38.24 -19.26 -5.98
CA GLY E 158 -38.17 -19.21 -4.52
C GLY E 158 -39.37 -18.50 -3.91
N ALA E 159 -39.99 -17.59 -4.66
CA ALA E 159 -41.16 -16.85 -4.19
C ALA E 159 -42.38 -17.72 -4.28
N ILE E 160 -42.51 -18.45 -5.39
CA ILE E 160 -43.64 -19.34 -5.59
C ILE E 160 -43.80 -20.28 -4.42
N ARG E 161 -42.69 -20.83 -3.94
CA ARG E 161 -42.74 -21.74 -2.81
C ARG E 161 -43.40 -21.11 -1.57
N VAL E 162 -43.31 -19.78 -1.48
CA VAL E 162 -43.95 -19.02 -0.41
C VAL E 162 -45.43 -18.80 -0.70
N LEU E 163 -45.75 -18.22 -1.85
CA LEU E 163 -47.14 -18.07 -2.27
C LEU E 163 -47.90 -19.39 -2.21
N ASP E 164 -47.17 -20.51 -2.28
CA ASP E 164 -47.76 -21.84 -2.11
C ASP E 164 -48.04 -22.17 -0.64
N ALA E 165 -47.16 -21.76 0.26
CA ALA E 165 -47.37 -21.97 1.68
C ALA E 165 -48.51 -21.10 2.20
N LEU E 166 -48.75 -19.99 1.51
CA LEU E 166 -49.83 -19.09 1.90
C LEU E 166 -51.18 -19.64 1.50
N GLU E 167 -51.16 -20.70 0.73
CA GLU E 167 -52.38 -21.27 0.19
C GLU E 167 -52.70 -22.55 0.95
N ARG E 168 -51.67 -23.34 1.22
CA ARG E 168 -51.79 -24.55 1.99
C ARG E 168 -52.18 -24.26 3.45
N ASN E 169 -51.83 -23.07 3.93
CA ASN E 169 -52.22 -22.62 5.27
C ASN E 169 -53.45 -21.72 5.26
N ASN E 170 -54.04 -21.55 4.08
CA ASN E 170 -55.16 -20.64 3.89
C ASN E 170 -55.07 -19.40 4.77
N ALA E 171 -53.98 -18.67 4.64
CA ALA E 171 -53.83 -17.42 5.35
C ALA E 171 -54.35 -16.30 4.46
N HIS E 172 -55.66 -16.29 4.28
CA HIS E 172 -56.32 -15.31 3.43
C HIS E 172 -56.02 -13.85 3.78
N TRP E 173 -55.75 -13.58 5.05
CA TRP E 173 -55.62 -12.20 5.52
C TRP E 173 -54.32 -11.51 5.13
N CYS E 174 -53.38 -12.31 4.60
CA CYS E 174 -52.03 -11.84 4.34
C CYS E 174 -51.78 -11.48 2.88
N ARG E 175 -51.48 -10.20 2.64
CA ARG E 175 -51.13 -9.74 1.31
C ARG E 175 -49.67 -10.03 1.04
N THR E 176 -49.22 -9.85 -0.20
CA THR E 176 -47.80 -10.07 -0.53
C THR E 176 -47.23 -9.00 -1.43
N VAL E 177 -45.95 -8.72 -1.23
CA VAL E 177 -45.20 -7.90 -2.19
C VAL E 177 -43.84 -8.50 -2.45
N GLY E 178 -43.38 -8.36 -3.69
CA GLY E 178 -42.08 -8.86 -4.11
C GLY E 178 -41.06 -7.75 -4.01
N ILE E 179 -39.84 -8.10 -3.61
CA ILE E 179 -38.85 -7.06 -3.40
C ILE E 179 -37.43 -7.59 -3.64
N GLY E 180 -36.58 -6.73 -4.18
CA GLY E 180 -35.17 -7.03 -4.29
C GLY E 180 -34.67 -7.13 -5.72
N GLY E 181 -34.19 -6.01 -6.25
CA GLY E 181 -33.52 -6.06 -7.53
C GLY E 181 -34.47 -5.88 -8.68
N LEU E 182 -35.68 -5.46 -8.35
CA LEU E 182 -36.74 -5.28 -9.35
C LEU E 182 -36.53 -4.02 -10.18
N HIS E 183 -36.49 -4.18 -11.49
CA HIS E 183 -36.30 -3.07 -12.42
C HIS E 183 -37.12 -3.33 -13.67
N PRO E 184 -37.20 -2.35 -14.58
CA PRO E 184 -37.93 -2.50 -15.84
C PRO E 184 -37.50 -3.72 -16.65
N ASP E 185 -36.31 -4.26 -16.35
CA ASP E 185 -35.75 -5.34 -17.17
C ASP E 185 -36.19 -6.73 -16.73
N ASN E 186 -37.03 -6.80 -15.70
CA ASN E 186 -37.49 -8.08 -15.17
C ASN E 186 -38.81 -8.02 -14.39
N ILE E 187 -39.31 -6.81 -14.17
CA ILE E 187 -40.61 -6.66 -13.51
C ILE E 187 -41.70 -7.53 -14.15
N GLU E 188 -41.94 -7.37 -15.44
CA GLU E 188 -43.01 -8.13 -16.08
C GLU E 188 -42.87 -9.63 -15.90
N ARG E 189 -41.63 -10.14 -15.90
CA ARG E 189 -41.40 -11.57 -15.66
C ARG E 189 -41.70 -11.97 -14.23
N VAL E 190 -41.27 -11.16 -13.27
CA VAL E 190 -41.58 -11.45 -11.88
C VAL E 190 -43.08 -11.65 -11.79
N LEU E 191 -43.82 -10.56 -11.92
CA LEU E 191 -45.28 -10.59 -11.96
C LEU E 191 -45.88 -11.79 -12.70
N TYR E 192 -45.26 -12.17 -13.81
CA TYR E 192 -45.83 -13.17 -14.70
C TYR E 192 -45.74 -14.59 -14.17
N GLN E 193 -44.65 -14.92 -13.49
CA GLN E 193 -44.53 -16.28 -12.97
C GLN E 193 -44.65 -16.43 -11.46
N CYS E 194 -44.66 -15.31 -10.73
CA CYS E 194 -44.93 -15.32 -9.29
C CYS E 194 -46.40 -15.58 -8.98
N VAL E 195 -46.86 -16.79 -9.28
CA VAL E 195 -48.23 -17.20 -8.92
C VAL E 195 -48.20 -18.48 -8.13
N SER E 196 -49.23 -18.66 -7.32
CA SER E 196 -49.45 -19.88 -6.56
C SER E 196 -49.73 -21.01 -7.55
N SER E 197 -49.54 -22.26 -7.14
CA SER E 197 -49.65 -23.38 -8.07
C SER E 197 -51.09 -23.67 -8.45
N ASN E 198 -52.01 -23.31 -7.56
CA ASN E 198 -53.44 -23.46 -7.82
C ASN E 198 -54.01 -22.25 -8.55
N GLY E 199 -53.14 -21.31 -8.88
CA GLY E 199 -53.50 -20.17 -9.70
C GLY E 199 -54.43 -19.15 -9.06
N LYS E 200 -54.61 -19.23 -7.75
CA LYS E 200 -55.56 -18.34 -7.10
C LYS E 200 -54.95 -17.13 -6.44
N ARG E 201 -53.64 -17.16 -6.20
CA ARG E 201 -52.99 -16.00 -5.59
C ARG E 201 -51.78 -15.59 -6.39
N SER E 202 -51.52 -14.30 -6.49
CA SER E 202 -50.25 -13.81 -7.02
C SER E 202 -49.72 -12.67 -6.17
N LEU E 203 -48.65 -12.01 -6.62
CA LEU E 203 -48.12 -10.89 -5.85
C LEU E 203 -49.12 -9.75 -5.88
N ASP E 204 -49.36 -9.14 -4.73
CA ASP E 204 -50.29 -8.03 -4.64
C ASP E 204 -49.60 -6.76 -5.13
N GLY E 205 -48.27 -6.80 -5.17
CA GLY E 205 -47.51 -5.63 -5.54
C GLY E 205 -46.01 -5.81 -5.68
N ILE E 206 -45.42 -4.83 -6.34
CA ILE E 206 -44.01 -4.83 -6.65
C ILE E 206 -43.35 -3.76 -5.82
N CYS E 207 -42.19 -4.05 -5.25
CA CYS E 207 -41.55 -3.14 -4.34
C CYS E 207 -40.18 -2.71 -4.86
N VAL E 208 -39.96 -1.42 -5.01
CA VAL E 208 -38.65 -0.94 -5.47
C VAL E 208 -37.98 0.02 -4.53
N VAL E 209 -36.68 0.23 -4.75
CA VAL E 209 -35.93 1.27 -4.05
C VAL E 209 -34.95 1.95 -4.99
N SER E 210 -33.82 1.30 -5.27
CA SER E 210 -32.78 1.93 -6.07
C SER E 210 -33.29 2.39 -7.44
N ASP E 211 -34.53 2.05 -7.77
CA ASP E 211 -35.06 2.34 -9.09
C ASP E 211 -35.81 3.67 -9.20
N ILE E 212 -36.29 4.18 -8.09
CA ILE E 212 -36.88 5.51 -8.09
C ILE E 212 -36.01 6.49 -7.33
N ILE E 213 -35.59 6.10 -6.12
CA ILE E 213 -34.76 6.96 -5.31
C ILE E 213 -33.50 7.41 -6.04
N ALA E 214 -32.77 6.44 -6.58
CA ALA E 214 -31.49 6.71 -7.24
C ALA E 214 -31.64 7.08 -8.71
N SER E 215 -32.80 7.62 -9.08
CA SER E 215 -33.04 7.95 -10.47
C SER E 215 -32.75 9.42 -10.70
N LEU E 216 -32.01 9.69 -11.77
CA LEU E 216 -31.69 11.05 -12.16
C LEU E 216 -32.94 11.75 -12.67
N ASP E 217 -33.98 10.95 -12.90
CA ASP E 217 -35.28 11.48 -13.28
C ASP E 217 -36.40 10.68 -12.60
N ALA E 218 -36.51 10.81 -11.28
CA ALA E 218 -37.53 10.09 -10.52
C ALA E 218 -38.87 10.08 -11.25
N ALA E 219 -39.29 11.24 -11.74
CA ALA E 219 -40.59 11.36 -12.38
C ALA E 219 -40.82 10.31 -13.46
N LYS E 220 -39.80 10.12 -14.30
CA LYS E 220 -39.86 9.28 -15.48
C LYS E 220 -39.79 7.78 -15.16
N SER E 221 -38.94 7.42 -14.19
CA SER E 221 -38.81 6.02 -13.79
C SER E 221 -40.12 5.48 -13.21
N THR E 222 -40.83 6.31 -12.47
CA THR E 222 -42.06 5.88 -11.81
C THR E 222 -43.14 5.60 -12.84
N LYS E 223 -43.14 6.40 -13.92
CA LYS E 223 -44.16 6.29 -14.96
C LYS E 223 -43.96 5.04 -15.85
N ILE E 224 -42.73 4.53 -15.87
CA ILE E 224 -42.39 3.31 -16.62
C ILE E 224 -42.84 2.05 -15.87
N LEU E 225 -42.55 1.98 -14.58
CA LEU E 225 -42.98 0.85 -13.75
C LEU E 225 -44.49 0.77 -13.66
N ARG E 226 -45.16 1.91 -13.51
CA ARG E 226 -46.60 1.90 -13.56
C ARG E 226 -47.03 1.31 -14.88
N GLY E 227 -46.37 1.75 -15.95
CA GLY E 227 -46.61 1.21 -17.28
C GLY E 227 -46.71 -0.30 -17.31
N LEU E 228 -45.70 -0.99 -16.77
CA LEU E 228 -45.63 -2.45 -16.72
C LEU E 228 -46.55 -3.09 -15.69
N ILE E 229 -46.82 -2.39 -14.62
CA ILE E 229 -47.50 -3.00 -13.49
C ILE E 229 -48.97 -3.26 -13.77
N ASP E 230 -49.63 -2.32 -14.44
CA ASP E 230 -51.07 -2.46 -14.68
C ASP E 230 -51.39 -2.72 -16.14
N LYS E 231 -50.38 -3.13 -16.90
CA LYS E 231 -50.61 -3.79 -18.18
C LYS E 231 -50.90 -5.24 -17.82
N THR E 232 -51.35 -6.06 -18.77
CA THR E 232 -51.64 -7.46 -18.43
C THR E 232 -51.13 -8.49 -19.44
N ASP E 233 -50.34 -8.03 -20.42
CA ASP E 233 -49.78 -8.93 -21.42
C ASP E 233 -48.26 -8.94 -21.42
N TYR E 234 -47.68 -10.11 -21.19
CA TYR E 234 -46.24 -10.28 -21.35
C TYR E 234 -45.96 -10.91 -22.71
N LYS E 235 -45.99 -10.09 -23.74
CA LYS E 235 -45.62 -10.57 -25.05
C LYS E 235 -44.11 -10.80 -25.04
N PHE E 236 -43.68 -11.90 -24.43
CA PHE E 236 -42.23 -12.15 -24.23
C PHE E 236 -41.53 -12.71 -25.45
N VAL E 237 -42.31 -13.20 -26.40
CA VAL E 237 -41.74 -13.74 -27.60
C VAL E 237 -42.60 -13.36 -28.79
N ASN E 238 -41.94 -12.94 -29.87
CA ASN E 238 -42.60 -12.52 -31.11
C ASN E 238 -43.25 -13.70 -31.85
N ILE E 239 -44.17 -14.36 -31.15
CA ILE E 239 -44.94 -15.46 -31.71
C ILE E 239 -46.27 -15.41 -30.99
N GLY E 240 -47.30 -15.96 -31.60
CA GLY E 240 -48.59 -16.05 -30.93
C GLY E 240 -48.61 -17.07 -29.80
N LEU E 241 -49.24 -16.71 -28.69
CA LEU E 241 -49.29 -17.59 -27.53
C LEU E 241 -50.70 -18.10 -27.20
N SER E 242 -51.61 -17.99 -28.17
CA SER E 242 -53.02 -18.36 -27.96
C SER E 242 -53.14 -19.75 -27.37
N THR E 243 -54.16 -19.96 -26.54
CA THR E 243 -54.36 -21.29 -25.97
C THR E 243 -55.21 -22.12 -26.89
N LYS E 244 -54.56 -23.04 -27.59
CA LYS E 244 -55.25 -23.96 -28.49
C LYS E 244 -55.53 -25.28 -27.76
N ASN E 245 -56.78 -25.72 -27.81
CA ASN E 245 -57.16 -27.02 -27.26
C ASN E 245 -57.54 -28.02 -28.36
N SER E 246 -57.59 -27.53 -29.59
CA SER E 246 -57.78 -28.37 -30.76
C SER E 246 -56.43 -28.96 -31.15
N LEU E 247 -56.30 -30.29 -31.04
CA LEU E 247 -55.08 -30.97 -31.42
C LEU E 247 -54.50 -30.43 -32.72
N THR E 248 -53.18 -30.43 -32.79
CA THR E 248 -52.49 -29.88 -33.95
C THR E 248 -52.87 -30.71 -35.18
N THR E 249 -53.42 -30.06 -36.19
CA THR E 249 -53.85 -30.74 -37.40
C THR E 249 -52.73 -30.92 -38.39
N THR E 250 -52.98 -31.72 -39.43
CA THR E 250 -51.96 -32.03 -40.41
C THR E 250 -51.64 -30.85 -41.32
N ASP E 251 -52.57 -29.93 -41.46
CA ASP E 251 -52.35 -28.73 -42.27
C ASP E 251 -51.55 -27.71 -41.49
N GLU E 252 -51.74 -27.70 -40.17
CA GLU E 252 -50.97 -26.85 -39.27
C GLU E 252 -49.50 -27.28 -39.23
N ILE E 253 -49.25 -28.57 -38.97
CA ILE E 253 -47.89 -29.12 -38.98
C ILE E 253 -47.23 -28.81 -40.30
N GLN E 254 -48.01 -28.82 -41.35
CA GLN E 254 -47.48 -28.56 -42.68
C GLN E 254 -47.00 -27.13 -42.77
N SER E 255 -47.87 -26.19 -42.39
CA SER E 255 -47.56 -24.78 -42.53
C SER E 255 -46.35 -24.38 -41.68
N ILE E 256 -46.27 -24.97 -40.48
CA ILE E 256 -45.13 -24.71 -39.63
C ILE E 256 -43.85 -24.98 -40.41
N ILE E 257 -43.75 -26.18 -40.98
CA ILE E 257 -42.52 -26.61 -41.65
C ILE E 257 -42.21 -25.78 -42.90
N SER E 258 -43.24 -25.22 -43.53
CA SER E 258 -43.03 -24.35 -44.68
C SER E 258 -42.37 -23.06 -44.24
N ASN E 259 -42.83 -22.52 -43.12
CA ASN E 259 -42.29 -21.28 -42.56
C ASN E 259 -40.85 -21.41 -42.06
N THR E 260 -40.57 -22.49 -41.33
CA THR E 260 -39.20 -22.72 -40.88
C THR E 260 -38.26 -22.96 -42.07
N LEU E 261 -38.78 -23.52 -43.14
CA LEU E 261 -37.98 -23.78 -44.34
C LEU E 261 -37.75 -22.51 -45.18
N LYS E 262 -38.71 -21.58 -45.13
CA LYS E 262 -38.67 -20.37 -45.94
C LYS E 262 -37.96 -19.18 -45.27
N ALA E 263 -37.72 -19.28 -43.97
CA ALA E 263 -37.05 -18.18 -43.29
C ALA E 263 -35.66 -18.56 -42.81
N ARG E 264 -35.20 -19.75 -43.18
CA ARG E 264 -33.86 -20.22 -42.81
C ARG E 264 -33.38 -19.66 -41.45
N PRO E 265 -34.00 -20.13 -40.34
CA PRO E 265 -33.70 -19.64 -38.99
C PRO E 265 -32.24 -19.79 -38.60
N LEU E 266 -31.75 -18.90 -37.74
CA LEU E 266 -30.40 -18.98 -37.19
C LEU E 266 -30.47 -19.36 -35.72
N VAL E 267 -30.02 -20.57 -35.41
CA VAL E 267 -30.08 -21.07 -34.05
C VAL E 267 -28.73 -21.09 -33.38
N GLN E 268 -28.62 -20.35 -32.30
CA GLN E 268 -27.42 -20.32 -31.49
C GLN E 268 -27.40 -21.52 -30.57
N HIS E 269 -26.37 -22.35 -30.65
CA HIS E 269 -26.24 -23.49 -29.76
C HIS E 269 -25.18 -23.27 -28.69
N ILE E 270 -25.60 -23.10 -27.45
CA ILE E 270 -24.68 -23.05 -26.33
C ILE E 270 -24.73 -24.38 -25.57
N THR E 271 -24.02 -25.38 -26.05
CA THR E 271 -24.15 -26.73 -25.52
C THR E 271 -22.77 -27.39 -25.27
N ASN E 272 -22.75 -28.64 -24.83
CA ASN E 272 -21.50 -29.39 -24.58
C ASN E 272 -20.80 -29.71 -25.88
N LYS E 273 -19.62 -30.32 -25.79
CA LYS E 273 -18.84 -30.66 -26.98
C LYS E 273 -19.43 -31.84 -27.78
N VAL E 274 -20.07 -32.78 -27.09
CA VAL E 274 -20.61 -34.00 -27.69
C VAL E 274 -21.82 -33.73 -28.59
N HIS E 275 -22.63 -32.77 -28.18
CA HIS E 275 -23.82 -32.38 -28.91
C HIS E 275 -23.47 -31.37 -29.98
N GLN E 276 -22.46 -30.54 -29.72
CA GLN E 276 -22.00 -29.55 -30.69
C GLN E 276 -22.23 -30.06 -32.09
N ASN E 277 -21.41 -31.02 -32.51
CA ASN E 277 -21.45 -31.54 -33.87
C ASN E 277 -22.83 -32.05 -34.24
N PHE E 278 -23.34 -33.00 -33.46
CA PHE E 278 -24.60 -33.64 -33.79
C PHE E 278 -25.78 -32.67 -33.85
N GLY E 279 -25.77 -31.65 -33.00
CA GLY E 279 -26.85 -30.67 -32.96
C GLY E 279 -26.90 -29.81 -34.21
N ALA E 280 -25.72 -29.44 -34.72
CA ALA E 280 -25.63 -28.61 -35.92
C ALA E 280 -26.12 -29.35 -37.16
N ASN E 281 -25.91 -30.66 -37.18
CA ASN E 281 -26.40 -31.49 -38.28
C ASN E 281 -27.93 -31.49 -38.38
N VAL E 282 -28.58 -31.67 -37.23
CA VAL E 282 -30.03 -31.71 -37.16
C VAL E 282 -30.59 -30.38 -37.61
N THR E 283 -29.87 -29.31 -37.27
CA THR E 283 -30.28 -27.97 -37.68
C THR E 283 -30.17 -27.84 -39.20
N LEU E 284 -29.02 -28.24 -39.73
CA LEU E 284 -28.77 -28.18 -41.15
C LEU E 284 -29.84 -28.98 -41.90
N ALA E 285 -30.11 -30.17 -41.40
CA ALA E 285 -31.16 -31.01 -41.97
C ALA E 285 -32.45 -30.21 -42.15
N LEU E 286 -32.76 -29.36 -41.17
CA LEU E 286 -34.04 -28.67 -41.16
C LEU E 286 -34.06 -27.43 -42.04
N GLY E 287 -32.99 -27.22 -42.79
CA GLY E 287 -32.92 -26.08 -43.69
C GLY E 287 -32.63 -24.76 -42.99
N SER E 288 -31.70 -24.79 -42.04
CA SER E 288 -31.42 -23.61 -41.26
C SER E 288 -29.97 -23.64 -40.80
N SER E 289 -29.49 -22.50 -40.31
CA SER E 289 -28.07 -22.35 -40.00
C SER E 289 -27.78 -22.27 -38.51
N PRO E 290 -26.87 -23.12 -38.02
CA PRO E 290 -26.43 -23.18 -36.63
C PRO E 290 -25.27 -22.22 -36.39
N ILE E 291 -25.15 -21.67 -35.18
CA ILE E 291 -23.94 -20.95 -34.77
C ILE E 291 -23.54 -21.44 -33.39
N MET E 292 -22.27 -21.77 -33.20
CA MET E 292 -21.82 -22.29 -31.91
C MET E 292 -21.01 -21.27 -31.12
N SER E 293 -21.46 -20.01 -31.14
CA SER E 293 -20.79 -18.93 -30.45
C SER E 293 -21.07 -18.94 -28.94
N GLU E 294 -20.01 -18.81 -28.14
CA GLU E 294 -20.15 -18.62 -26.71
C GLU E 294 -19.42 -17.35 -26.28
N ILE E 295 -19.53 -16.32 -27.12
CA ILE E 295 -18.82 -15.05 -26.91
C ILE E 295 -19.79 -13.94 -26.52
N GLN E 296 -19.57 -13.33 -25.36
CA GLN E 296 -20.48 -12.32 -24.82
C GLN E 296 -20.78 -11.14 -25.72
N SER E 297 -19.72 -10.49 -26.20
CA SER E 297 -19.85 -9.31 -27.06
C SER E 297 -20.70 -9.56 -28.31
N GLU E 298 -20.51 -10.74 -28.91
CA GLU E 298 -21.27 -11.10 -30.10
C GLU E 298 -22.76 -11.26 -29.85
N VAL E 299 -23.14 -11.45 -28.59
CA VAL E 299 -24.48 -11.92 -28.27
C VAL E 299 -25.61 -11.01 -28.73
N ASN E 300 -25.43 -9.70 -28.58
CA ASN E 300 -26.47 -8.76 -28.99
C ASN E 300 -26.66 -8.72 -30.49
N ASP E 301 -25.55 -8.72 -31.22
CA ASP E 301 -25.57 -8.62 -32.67
C ASP E 301 -26.18 -9.88 -33.29
N LEU E 302 -25.83 -11.03 -32.73
CA LEU E 302 -26.34 -12.31 -33.18
C LEU E 302 -27.86 -12.35 -33.14
N ALA E 303 -28.40 -12.15 -31.93
CA ALA E 303 -29.84 -12.25 -31.67
C ALA E 303 -30.67 -11.17 -32.37
N ALA E 304 -30.02 -10.28 -33.13
CA ALA E 304 -30.75 -9.23 -33.83
C ALA E 304 -31.01 -9.62 -35.28
N ILE E 305 -30.25 -10.60 -35.77
CA ILE E 305 -30.47 -11.19 -37.08
C ILE E 305 -31.88 -11.76 -37.19
N PRO E 306 -32.48 -11.66 -38.39
CA PRO E 306 -33.86 -12.14 -38.57
C PRO E 306 -34.05 -13.63 -38.20
N HIS E 307 -35.19 -13.94 -37.58
CA HIS E 307 -35.51 -15.28 -37.11
C HIS E 307 -34.37 -15.98 -36.37
N ALA E 308 -33.84 -15.33 -35.34
CA ALA E 308 -32.80 -15.91 -34.51
C ALA E 308 -33.39 -16.73 -33.36
N THR E 309 -32.73 -17.81 -32.98
CA THR E 309 -33.23 -18.64 -31.91
C THR E 309 -32.10 -19.18 -31.06
N LEU E 310 -32.29 -19.16 -29.74
CA LEU E 310 -31.29 -19.66 -28.81
C LEU E 310 -31.64 -21.00 -28.26
N LEU E 311 -30.76 -21.98 -28.48
CA LEU E 311 -30.88 -23.28 -27.84
C LEU E 311 -29.82 -23.34 -26.76
N LEU E 312 -30.16 -23.89 -25.60
CA LEU E 312 -29.34 -23.72 -24.41
C LEU E 312 -29.18 -24.99 -23.58
N ASN E 313 -27.95 -25.45 -23.43
CA ASN E 313 -27.66 -26.59 -22.57
C ASN E 313 -27.03 -26.17 -21.27
N THR E 314 -27.16 -27.01 -20.26
CA THR E 314 -26.38 -26.88 -19.05
C THR E 314 -25.07 -27.61 -19.32
N GLY E 315 -24.12 -27.53 -18.38
CA GLY E 315 -22.87 -28.25 -18.53
C GLY E 315 -22.03 -27.83 -19.72
N SER E 316 -22.52 -26.84 -20.48
CA SER E 316 -21.67 -26.13 -21.43
C SER E 316 -20.55 -25.46 -20.64
N VAL E 317 -19.45 -25.13 -21.30
CA VAL E 317 -18.28 -24.63 -20.58
C VAL E 317 -18.35 -23.14 -20.33
N ALA E 318 -19.20 -22.45 -21.09
CA ALA E 318 -19.32 -20.99 -20.99
C ALA E 318 -19.77 -20.57 -19.59
N PRO E 319 -19.25 -19.44 -19.10
CA PRO E 319 -19.50 -18.89 -17.76
C PRO E 319 -20.94 -18.41 -17.58
N PRO E 320 -21.46 -18.49 -16.35
CA PRO E 320 -22.81 -17.98 -16.02
C PRO E 320 -23.01 -16.53 -16.46
N GLU E 321 -22.02 -15.69 -16.22
CA GLU E 321 -22.09 -14.27 -16.57
C GLU E 321 -22.48 -14.04 -18.04
N MET E 322 -22.06 -14.95 -18.93
CA MET E 322 -22.35 -14.86 -20.37
C MET E 322 -23.69 -15.50 -20.75
N LEU E 323 -24.05 -16.57 -20.04
CA LEU E 323 -25.39 -17.14 -20.20
C LEU E 323 -26.43 -16.11 -19.76
N LYS E 324 -26.24 -15.51 -18.59
CA LYS E 324 -27.05 -14.38 -18.19
C LYS E 324 -27.15 -13.40 -19.37
N ALA E 325 -26.00 -13.06 -19.96
CA ALA E 325 -25.93 -12.12 -21.08
C ALA E 325 -26.81 -12.51 -22.24
N ALA E 326 -26.65 -13.76 -22.69
CA ALA E 326 -27.35 -14.29 -23.86
C ALA E 326 -28.86 -14.30 -23.66
N ILE E 327 -29.30 -15.02 -22.64
CA ILE E 327 -30.70 -15.09 -22.29
C ILE E 327 -31.30 -13.69 -22.34
N ARG E 328 -30.60 -12.73 -21.75
CA ARG E 328 -31.08 -11.36 -21.74
C ARG E 328 -31.17 -10.78 -23.16
N ALA E 329 -30.10 -10.89 -23.93
CA ALA E 329 -30.09 -10.36 -25.30
C ALA E 329 -31.26 -10.82 -26.17
N TYR E 330 -31.70 -12.05 -25.95
CA TYR E 330 -32.76 -12.68 -26.75
C TYR E 330 -34.16 -12.33 -26.25
N ASN E 331 -34.33 -12.14 -24.94
CA ASN E 331 -35.61 -11.71 -24.39
C ASN E 331 -35.86 -10.23 -24.68
N ASP E 332 -34.78 -9.51 -24.98
CA ASP E 332 -34.84 -8.08 -25.29
C ASP E 332 -35.31 -7.84 -26.71
N VAL E 333 -34.92 -8.72 -27.62
CA VAL E 333 -35.39 -8.65 -29.00
C VAL E 333 -36.64 -9.51 -29.21
N LYS E 334 -37.23 -9.98 -28.10
CA LYS E 334 -38.43 -10.83 -28.09
C LYS E 334 -38.35 -12.03 -29.01
N ARG E 335 -37.26 -12.80 -28.91
CA ARG E 335 -37.08 -14.06 -29.63
C ARG E 335 -37.12 -15.26 -28.65
N PRO E 336 -37.29 -16.47 -29.19
CA PRO E 336 -37.54 -17.67 -28.39
C PRO E 336 -36.28 -18.37 -27.88
N ILE E 337 -36.25 -18.68 -26.58
CA ILE E 337 -35.18 -19.50 -26.00
C ILE E 337 -35.67 -20.90 -25.67
N VAL E 338 -34.87 -21.91 -25.99
CA VAL E 338 -35.22 -23.28 -25.68
C VAL E 338 -34.25 -23.82 -24.66
N PHE E 339 -34.76 -24.17 -23.49
CA PHE E 339 -33.92 -24.57 -22.38
C PHE E 339 -33.90 -26.09 -22.23
N ASP E 340 -32.73 -26.64 -21.89
CA ASP E 340 -32.56 -28.08 -21.76
C ASP E 340 -31.57 -28.42 -20.64
N PRO E 341 -32.07 -28.53 -19.40
CA PRO E 341 -31.16 -28.75 -18.28
C PRO E 341 -30.86 -30.24 -18.14
N VAL E 342 -29.71 -30.66 -18.63
CA VAL E 342 -29.22 -32.03 -18.47
C VAL E 342 -28.78 -32.21 -17.02
N GLY E 343 -29.70 -32.69 -16.17
CA GLY E 343 -29.56 -32.69 -14.68
C GLY E 343 -30.71 -31.98 -13.93
N ALA E 346 -29.68 -33.56 -10.12
CA ALA E 346 -28.84 -34.69 -10.55
C ALA E 346 -27.53 -34.81 -9.78
N THR E 347 -26.89 -33.66 -9.55
CA THR E 347 -25.73 -33.52 -8.67
C THR E 347 -25.82 -32.14 -8.07
N GLU E 348 -25.10 -31.91 -6.99
CA GLU E 348 -25.18 -30.62 -6.31
C GLU E 348 -24.79 -29.41 -7.16
N THR E 349 -23.74 -29.54 -7.96
CA THR E 349 -23.32 -28.41 -8.79
C THR E 349 -24.34 -28.05 -9.86
N ARG E 350 -24.83 -29.07 -10.58
CA ARG E 350 -25.77 -28.83 -11.68
C ARG E 350 -27.15 -28.38 -11.23
N LEU E 351 -27.57 -28.82 -10.05
CA LEU E 351 -28.79 -28.29 -9.45
C LEU E 351 -28.64 -26.79 -9.25
N LEU E 352 -27.60 -26.39 -8.54
CA LEU E 352 -27.35 -24.98 -8.28
C LEU E 352 -27.21 -24.11 -9.53
N LEU E 353 -26.59 -24.66 -10.57
CA LEU E 353 -26.33 -23.89 -11.78
C LEU E 353 -27.60 -23.66 -12.61
N ASN E 354 -28.43 -24.69 -12.72
CA ASN E 354 -29.68 -24.61 -13.46
C ASN E 354 -30.69 -23.69 -12.81
N ASN E 355 -30.79 -23.79 -11.49
CA ASN E 355 -31.69 -22.94 -10.73
C ASN E 355 -31.26 -21.47 -10.76
N LYS E 356 -30.01 -21.22 -11.10
CA LYS E 356 -29.54 -19.85 -11.28
C LYS E 356 -29.86 -19.37 -12.70
N LEU E 357 -29.74 -20.27 -13.67
CA LEU E 357 -30.05 -19.95 -15.06
C LEU E 357 -31.53 -19.68 -15.29
N LEU E 358 -32.37 -20.30 -14.46
CA LEU E 358 -33.80 -20.22 -14.66
C LEU E 358 -34.35 -18.90 -14.17
N THR E 359 -33.47 -18.08 -13.61
CA THR E 359 -33.89 -16.81 -13.05
C THR E 359 -33.29 -15.67 -13.82
N PHE E 360 -32.69 -15.98 -14.97
CA PHE E 360 -32.06 -14.99 -15.82
C PHE E 360 -33.00 -14.44 -16.90
N GLY E 361 -34.14 -15.10 -17.08
CA GLY E 361 -35.08 -14.69 -18.11
C GLY E 361 -36.11 -15.76 -18.42
N GLN E 362 -36.95 -15.47 -19.41
CA GLN E 362 -38.14 -16.28 -19.71
C GLN E 362 -37.88 -17.27 -20.82
N PHE E 363 -38.24 -18.54 -20.62
CA PHE E 363 -38.00 -19.55 -21.66
C PHE E 363 -39.25 -19.91 -22.47
N SER E 364 -39.07 -20.11 -23.76
CA SER E 364 -40.16 -20.46 -24.64
C SER E 364 -40.47 -21.96 -24.59
N CYS E 365 -39.49 -22.74 -24.13
CA CYS E 365 -39.65 -24.20 -24.00
C CYS E 365 -38.53 -24.92 -23.24
N ILE E 366 -38.91 -25.60 -22.16
CA ILE E 366 -37.98 -26.39 -21.36
C ILE E 366 -38.15 -27.86 -21.67
N LYS E 367 -37.08 -28.52 -22.07
CA LYS E 367 -37.15 -29.90 -22.58
C LYS E 367 -36.30 -30.87 -21.76
N GLY E 368 -36.93 -31.86 -21.15
CA GLY E 368 -36.19 -32.83 -20.37
C GLY E 368 -36.62 -34.26 -20.59
N ASN E 369 -35.86 -35.20 -20.03
CA ASN E 369 -36.32 -36.59 -19.96
C ASN E 369 -36.84 -36.88 -18.55
N SER E 370 -37.55 -37.99 -18.41
CA SER E 370 -38.20 -38.39 -17.15
C SER E 370 -37.57 -37.83 -15.87
N SER E 371 -36.28 -38.08 -15.69
CA SER E 371 -35.57 -37.70 -14.47
C SER E 371 -35.48 -36.17 -14.32
N GLU E 372 -34.99 -35.53 -15.38
CA GLU E 372 -34.93 -34.07 -15.42
C GLU E 372 -36.30 -33.44 -15.10
N ILE E 373 -37.35 -34.01 -15.68
CA ILE E 373 -38.70 -33.47 -15.49
C ILE E 373 -39.22 -33.57 -14.05
N LEU E 374 -38.93 -34.68 -13.37
CA LEU E 374 -39.39 -34.83 -11.99
C LEU E 374 -38.64 -33.91 -11.04
N GLY E 375 -37.36 -33.71 -11.32
CA GLY E 375 -36.54 -32.81 -10.54
C GLY E 375 -37.07 -31.39 -10.58
N LEU E 376 -37.27 -30.88 -11.79
CA LEU E 376 -37.81 -29.53 -12.00
C LEU E 376 -39.19 -29.33 -11.35
N ALA E 377 -40.02 -30.36 -11.43
CA ALA E 377 -41.37 -30.31 -10.88
C ALA E 377 -41.34 -30.46 -9.36
N GLU E 378 -40.18 -30.79 -8.82
CA GLU E 378 -40.02 -30.93 -7.38
C GLU E 378 -41.00 -31.98 -6.87
N LEU E 379 -40.80 -33.22 -7.30
CA LEU E 379 -41.60 -34.35 -6.86
C LEU E 379 -41.28 -34.66 -5.40
N SER E 394 -43.68 -44.23 -13.37
CA SER E 394 -45.12 -44.10 -13.64
C SER E 394 -45.37 -43.39 -14.96
N ASN E 395 -46.63 -43.28 -15.37
CA ASN E 395 -46.98 -42.59 -16.62
C ASN E 395 -47.94 -41.44 -16.37
N GLU E 396 -48.85 -41.63 -15.41
CA GLU E 396 -49.77 -40.58 -15.01
C GLU E 396 -48.98 -39.51 -14.28
N LEU E 397 -47.90 -39.97 -13.64
CA LEU E 397 -47.03 -39.11 -12.86
C LEU E 397 -46.20 -38.19 -13.76
N LEU E 398 -45.63 -38.75 -14.82
CA LEU E 398 -44.91 -37.95 -15.78
C LEU E 398 -45.82 -36.82 -16.23
N ILE E 399 -47.04 -37.18 -16.63
CA ILE E 399 -48.00 -36.20 -17.11
C ILE E 399 -48.21 -35.04 -16.13
N GLN E 400 -48.21 -35.33 -14.83
CA GLN E 400 -48.46 -34.31 -13.81
C GLN E 400 -47.26 -33.38 -13.67
N ALA E 401 -46.08 -33.98 -13.55
CA ALA E 401 -44.84 -33.23 -13.46
C ALA E 401 -44.63 -32.34 -14.68
N THR E 402 -44.85 -32.87 -15.87
CA THR E 402 -44.70 -32.09 -17.09
C THR E 402 -45.64 -30.88 -17.11
N LYS E 403 -46.82 -31.02 -16.53
CA LYS E 403 -47.69 -29.86 -16.42
C LYS E 403 -47.07 -28.91 -15.39
N ILE E 404 -46.75 -29.45 -14.22
CA ILE E 404 -46.15 -28.67 -13.15
C ILE E 404 -44.97 -27.79 -13.61
N VAL E 405 -44.00 -28.37 -14.32
CA VAL E 405 -42.90 -27.61 -14.89
C VAL E 405 -43.41 -26.53 -15.84
N ALA E 406 -44.40 -26.88 -16.65
CA ALA E 406 -44.91 -25.96 -17.65
C ALA E 406 -45.56 -24.78 -16.99
N PHE E 407 -46.33 -25.02 -15.95
CA PHE E 407 -47.01 -23.93 -15.26
C PHE E 407 -46.04 -23.15 -14.39
N LYS E 408 -45.12 -23.87 -13.74
CA LYS E 408 -44.21 -23.25 -12.80
C LYS E 408 -43.35 -22.17 -13.46
N TYR E 409 -42.86 -22.46 -14.67
CA TYR E 409 -41.97 -21.54 -15.40
C TYR E 409 -42.69 -20.84 -16.55
N LYS E 410 -44.01 -20.98 -16.58
CA LYS E 410 -44.82 -20.38 -17.63
C LYS E 410 -44.15 -20.62 -18.98
N THR E 411 -44.10 -21.88 -19.41
CA THR E 411 -43.46 -22.22 -20.67
C THR E 411 -44.07 -23.49 -21.28
N VAL E 412 -43.73 -23.79 -22.53
CA VAL E 412 -44.09 -25.08 -23.10
C VAL E 412 -43.08 -26.12 -22.62
N ALA E 413 -43.53 -27.11 -21.87
CA ALA E 413 -42.63 -28.09 -21.27
C ALA E 413 -42.73 -29.44 -21.94
N VAL E 414 -41.62 -29.93 -22.45
CA VAL E 414 -41.57 -31.23 -23.11
C VAL E 414 -40.94 -32.27 -22.19
N CYS E 415 -41.39 -33.51 -22.29
CA CYS E 415 -40.83 -34.61 -21.50
C CYS E 415 -40.65 -35.84 -22.37
N THR E 416 -39.42 -36.23 -22.61
CA THR E 416 -39.15 -37.32 -23.54
C THR E 416 -39.14 -38.72 -22.95
N GLY E 417 -39.34 -39.70 -23.82
CA GLY E 417 -39.49 -41.10 -23.45
C GLY E 417 -40.24 -41.85 -24.53
N GLU E 418 -40.73 -43.05 -24.21
CA GLU E 418 -41.55 -43.81 -25.15
C GLU E 418 -42.71 -42.91 -25.58
N PHE E 419 -43.35 -42.32 -24.58
CA PHE E 419 -44.32 -41.25 -24.79
C PHE E 419 -43.63 -39.91 -24.54
N ASP E 420 -43.96 -38.91 -25.35
CA ASP E 420 -43.51 -37.54 -25.14
C ASP E 420 -44.73 -36.72 -24.74
N PHE E 421 -44.64 -35.96 -23.67
CA PHE E 421 -45.78 -35.13 -23.26
C PHE E 421 -45.43 -33.68 -23.45
N ILE E 422 -46.33 -32.92 -24.06
CA ILE E 422 -46.12 -31.48 -24.26
C ILE E 422 -47.19 -30.73 -23.47
N ALA E 423 -46.78 -29.83 -22.59
CA ALA E 423 -47.72 -29.07 -21.78
C ALA E 423 -47.53 -27.57 -21.97
N ASP E 424 -48.64 -26.85 -22.06
CA ASP E 424 -48.62 -25.43 -22.37
C ASP E 424 -49.01 -24.60 -21.16
N GLY E 425 -48.04 -23.90 -20.59
CA GLY E 425 -48.30 -23.11 -19.40
C GLY E 425 -48.15 -21.63 -19.68
N THR E 426 -48.10 -21.25 -20.95
CA THR E 426 -47.91 -19.86 -21.32
C THR E 426 -49.14 -19.01 -20.99
N ILE E 427 -50.30 -19.66 -20.90
CA ILE E 427 -51.54 -18.97 -20.55
C ILE E 427 -51.70 -17.64 -21.26
N GLU E 428 -51.37 -17.59 -22.54
CA GLU E 428 -51.58 -16.40 -23.35
C GLU E 428 -50.74 -15.20 -22.93
N GLY E 429 -49.88 -15.39 -21.92
CA GLY E 429 -48.95 -14.36 -21.48
C GLY E 429 -49.54 -13.39 -20.47
N LYS E 430 -50.57 -13.82 -19.77
CA LYS E 430 -51.31 -12.94 -18.89
C LYS E 430 -50.79 -12.96 -17.46
N TYR E 431 -50.66 -11.77 -16.87
CA TYR E 431 -50.43 -11.68 -15.44
C TYR E 431 -51.40 -10.66 -14.85
N SER E 432 -51.41 -10.59 -13.52
CA SER E 432 -52.13 -9.52 -12.83
C SER E 432 -51.79 -9.59 -11.36
N LEU E 433 -51.98 -8.46 -10.67
CA LEU E 433 -51.69 -8.39 -9.25
C LEU E 433 -52.76 -9.14 -8.43
N SER E 434 -52.30 -9.81 -7.38
CA SER E 434 -53.14 -10.58 -6.44
C SER E 434 -54.16 -11.56 -7.00
N LYS E 435 -54.58 -11.38 -8.26
CA LYS E 435 -55.72 -12.12 -8.83
C LYS E 435 -55.79 -13.62 -8.49
N GLY E 436 -54.89 -14.46 -9.01
CA GLY E 436 -53.74 -14.03 -9.79
C GLY E 436 -53.86 -14.46 -11.22
N THR E 437 -53.86 -15.77 -11.44
CA THR E 437 -54.24 -16.27 -12.75
C THR E 437 -55.75 -16.35 -12.72
N ASN E 438 -56.37 -16.25 -13.89
CA ASN E 438 -57.82 -16.29 -13.97
C ASN E 438 -58.35 -17.61 -13.38
N GLY E 439 -57.98 -17.93 -12.15
CA GLY E 439 -58.24 -19.24 -11.58
C GLY E 439 -57.61 -20.44 -12.29
N THR E 440 -56.96 -20.22 -13.45
CA THR E 440 -56.35 -21.29 -14.23
C THR E 440 -55.17 -21.96 -13.51
N SER E 441 -55.38 -23.15 -12.96
CA SER E 441 -54.34 -23.81 -12.19
C SER E 441 -53.45 -24.76 -13.00
N VAL E 442 -52.53 -25.42 -12.30
CA VAL E 442 -51.64 -26.42 -12.88
C VAL E 442 -52.41 -27.57 -13.52
N GLU E 443 -53.54 -27.92 -12.93
CA GLU E 443 -54.23 -29.15 -13.31
C GLU E 443 -54.92 -29.04 -14.67
N ASP E 444 -55.38 -27.85 -15.02
CA ASP E 444 -56.20 -27.68 -16.22
C ASP E 444 -55.57 -26.90 -17.40
N ILE E 445 -54.28 -27.08 -17.64
CA ILE E 445 -53.65 -26.53 -18.86
C ILE E 445 -53.58 -27.64 -19.88
N PRO E 446 -53.64 -27.29 -21.19
CA PRO E 446 -53.52 -28.27 -22.27
C PRO E 446 -52.29 -29.15 -22.16
N CYS E 447 -52.46 -30.47 -22.19
CA CYS E 447 -51.35 -31.40 -22.24
C CYS E 447 -51.60 -32.55 -23.22
N VAL E 448 -50.80 -32.64 -24.28
CA VAL E 448 -50.98 -33.69 -25.27
C VAL E 448 -49.87 -34.72 -25.17
N ALA E 449 -50.00 -35.79 -25.96
CA ALA E 449 -48.98 -36.83 -25.98
C ALA E 449 -48.63 -37.20 -27.41
N VAL E 450 -47.46 -37.80 -27.59
CA VAL E 450 -47.04 -38.31 -28.89
C VAL E 450 -46.41 -39.66 -28.64
N GLU E 451 -46.65 -40.60 -29.54
CA GLU E 451 -46.01 -41.91 -29.43
C GLU E 451 -46.00 -42.67 -30.75
N ALA E 452 -44.99 -43.51 -30.92
CA ALA E 452 -44.82 -44.27 -32.15
C ALA E 452 -44.23 -45.65 -31.85
N GLY E 453 -44.59 -46.20 -30.71
CA GLY E 453 -44.12 -47.52 -30.30
C GLY E 453 -42.66 -47.49 -29.87
N PRO E 454 -42.24 -48.52 -29.12
CA PRO E 454 -40.86 -48.60 -28.62
C PRO E 454 -39.84 -48.62 -29.76
N ILE E 455 -38.61 -48.17 -29.47
CA ILE E 455 -37.55 -48.17 -30.47
C ILE E 455 -36.17 -48.46 -29.87
N GLY E 465 -31.99 -37.29 -28.20
CA GLY E 465 -31.78 -36.57 -26.96
C GLY E 465 -31.84 -35.07 -27.16
N CYS E 466 -30.65 -34.45 -27.24
CA CYS E 466 -30.49 -33.00 -27.47
C CYS E 466 -30.67 -32.65 -28.94
N SER E 467 -30.98 -33.66 -29.74
CA SER E 467 -31.35 -33.46 -31.13
C SER E 467 -32.78 -32.92 -31.15
N LEU E 468 -33.60 -33.40 -30.21
CA LEU E 468 -34.94 -32.83 -30.03
C LEU E 468 -34.87 -31.33 -29.74
N GLY E 469 -34.00 -30.93 -28.81
CA GLY E 469 -33.73 -29.54 -28.57
C GLY E 469 -33.61 -28.78 -29.88
N SER E 470 -32.69 -29.22 -30.73
CA SER E 470 -32.44 -28.55 -32.02
C SER E 470 -33.64 -28.55 -32.96
N THR E 471 -34.42 -29.62 -32.98
CA THR E 471 -35.59 -29.66 -33.84
C THR E 471 -36.61 -28.61 -33.41
N ILE E 472 -37.17 -28.80 -32.22
CA ILE E 472 -38.02 -27.81 -31.58
C ILE E 472 -37.51 -26.39 -31.84
N ALA E 473 -36.21 -26.20 -31.58
CA ALA E 473 -35.57 -24.91 -31.77
C ALA E 473 -35.84 -24.32 -33.15
N CYS E 474 -35.61 -25.12 -34.17
CA CYS E 474 -35.79 -24.67 -35.56
C CYS E 474 -37.24 -24.35 -35.88
N MET E 475 -38.15 -25.17 -35.38
CA MET E 475 -39.57 -25.04 -35.69
C MET E 475 -40.15 -23.74 -35.16
N ILE E 476 -39.82 -23.44 -33.90
CA ILE E 476 -40.28 -22.22 -33.26
C ILE E 476 -39.65 -21.02 -33.93
N GLY E 477 -38.45 -21.23 -34.45
CA GLY E 477 -37.66 -20.15 -35.04
C GLY E 477 -38.34 -19.53 -36.25
N GLY E 478 -38.83 -20.38 -37.15
CA GLY E 478 -39.44 -19.96 -38.40
C GLY E 478 -40.87 -19.42 -38.29
N GLN E 479 -41.44 -19.49 -37.09
CA GLN E 479 -42.78 -18.98 -36.89
C GLN E 479 -42.85 -17.46 -37.03
N PRO E 480 -43.85 -16.98 -37.80
CA PRO E 480 -44.16 -15.58 -38.07
C PRO E 480 -44.95 -15.00 -36.93
N SER E 481 -45.00 -13.67 -36.84
CA SER E 481 -45.74 -13.00 -35.78
C SER E 481 -47.09 -13.66 -35.48
N GLU E 482 -47.77 -14.12 -36.54
CA GLU E 482 -49.14 -14.65 -36.43
C GLU E 482 -49.22 -16.14 -36.16
N GLY E 483 -48.08 -16.77 -35.89
CA GLY E 483 -48.05 -18.20 -35.68
C GLY E 483 -48.55 -18.63 -34.30
N ASN E 484 -48.13 -19.83 -33.91
CA ASN E 484 -48.43 -20.31 -32.57
C ASN E 484 -47.28 -21.09 -31.96
N LEU E 485 -46.87 -20.70 -30.75
CA LEU E 485 -45.80 -21.39 -30.05
C LEU E 485 -46.16 -22.85 -29.82
N PHE E 486 -47.24 -23.10 -29.10
CA PHE E 486 -47.59 -24.46 -28.73
C PHE E 486 -47.62 -25.43 -29.91
N HIS E 487 -48.32 -25.06 -30.97
CA HIS E 487 -48.42 -25.93 -32.14
C HIS E 487 -47.04 -26.25 -32.70
N ALA E 488 -46.15 -25.27 -32.65
CA ALA E 488 -44.83 -25.46 -33.21
C ALA E 488 -44.00 -26.47 -32.41
N VAL E 489 -44.00 -26.31 -31.08
CA VAL E 489 -43.29 -27.24 -30.20
C VAL E 489 -43.80 -28.67 -30.40
N VAL E 490 -45.10 -28.83 -30.62
CA VAL E 490 -45.66 -30.15 -30.89
C VAL E 490 -45.25 -30.67 -32.26
N ALA E 491 -45.26 -29.79 -33.25
CA ALA E 491 -44.77 -30.14 -34.58
C ALA E 491 -43.36 -30.74 -34.47
N GLY E 492 -42.48 -30.02 -33.78
CA GLY E 492 -41.13 -30.51 -33.58
C GLY E 492 -41.08 -31.93 -33.04
N VAL E 493 -41.87 -32.20 -32.01
CA VAL E 493 -41.83 -33.51 -31.37
C VAL E 493 -42.36 -34.63 -32.25
N MET E 494 -43.31 -34.30 -33.13
CA MET E 494 -43.73 -35.27 -34.15
C MET E 494 -42.60 -35.54 -35.13
N LEU E 495 -42.17 -34.49 -35.84
CA LEU E 495 -41.14 -34.60 -36.85
C LEU E 495 -39.99 -35.44 -36.34
N TYR E 496 -39.53 -35.13 -35.13
CA TYR E 496 -38.44 -35.90 -34.54
C TYR E 496 -38.85 -37.35 -34.35
N LYS E 497 -39.87 -37.56 -33.52
CA LYS E 497 -40.40 -38.90 -33.32
C LYS E 497 -40.64 -39.64 -34.65
N ALA E 498 -41.02 -38.90 -35.69
CA ALA E 498 -41.30 -39.47 -37.00
C ALA E 498 -40.03 -39.88 -37.75
N ALA E 499 -39.05 -38.99 -37.77
CA ALA E 499 -37.77 -39.33 -38.36
C ALA E 499 -37.14 -40.50 -37.59
N GLY E 500 -37.50 -40.62 -36.31
CA GLY E 500 -37.01 -41.70 -35.47
C GLY E 500 -37.38 -43.10 -35.96
N LYS E 501 -38.68 -43.36 -36.14
CA LYS E 501 -39.15 -44.68 -36.60
C LYS E 501 -38.50 -45.06 -37.92
N ILE E 502 -38.51 -44.13 -38.87
CA ILE E 502 -37.89 -44.34 -40.19
C ILE E 502 -36.46 -44.86 -40.05
N ALA E 503 -35.66 -44.13 -39.28
CA ALA E 503 -34.27 -44.50 -39.05
C ALA E 503 -34.13 -45.92 -38.50
N SER E 504 -34.78 -46.17 -37.36
CA SER E 504 -34.69 -47.46 -36.69
C SER E 504 -34.97 -48.63 -37.62
N GLU E 505 -35.65 -48.35 -38.72
CA GLU E 505 -35.98 -49.38 -39.69
C GLU E 505 -34.92 -49.55 -40.76
N LYS E 506 -34.14 -48.50 -40.99
CA LYS E 506 -33.15 -48.52 -42.05
C LYS E 506 -31.72 -48.63 -41.55
N CYS E 507 -31.53 -49.04 -40.31
CA CYS E 507 -30.19 -49.01 -39.74
C CYS E 507 -29.62 -50.37 -39.33
N ASN E 508 -28.29 -50.42 -39.27
CA ASN E 508 -27.56 -51.62 -38.86
C ASN E 508 -27.02 -51.55 -37.44
N GLY E 509 -27.32 -50.46 -36.72
CA GLY E 509 -26.86 -50.28 -35.37
C GLY E 509 -26.81 -48.82 -34.92
N SER E 510 -26.40 -48.60 -33.68
CA SER E 510 -26.28 -47.27 -33.09
C SER E 510 -25.58 -46.27 -34.01
N GLY E 511 -24.57 -46.77 -34.73
CA GLY E 511 -23.79 -45.97 -35.65
C GLY E 511 -24.63 -45.36 -36.76
N SER E 512 -25.09 -46.21 -37.66
CA SER E 512 -25.86 -45.76 -38.83
C SER E 512 -27.26 -45.22 -38.48
N PHE E 513 -27.78 -45.58 -37.31
CA PHE E 513 -29.06 -45.06 -36.88
C PHE E 513 -28.97 -43.53 -36.84
N GLN E 514 -27.82 -43.05 -36.36
CA GLN E 514 -27.63 -41.64 -36.13
C GLN E 514 -27.58 -40.81 -37.43
N VAL E 515 -26.90 -41.32 -38.45
CA VAL E 515 -26.86 -40.62 -39.75
C VAL E 515 -28.21 -40.67 -40.44
N GLU E 516 -28.91 -41.80 -40.32
CA GLU E 516 -30.21 -41.95 -40.97
C GLU E 516 -31.30 -41.13 -40.29
N LEU E 517 -31.19 -40.93 -38.98
CA LEU E 517 -32.11 -40.04 -38.29
C LEU E 517 -32.00 -38.64 -38.88
N ILE E 518 -30.78 -38.24 -39.24
CA ILE E 518 -30.55 -36.93 -39.84
C ILE E 518 -31.04 -36.90 -41.27
N ASP E 519 -30.79 -37.99 -41.98
CA ASP E 519 -31.32 -38.15 -43.33
C ASP E 519 -32.85 -38.07 -43.37
N ALA E 520 -33.51 -38.85 -42.53
CA ALA E 520 -34.97 -38.91 -42.55
C ALA E 520 -35.58 -37.54 -42.20
N LEU E 521 -34.90 -36.80 -41.33
CA LEU E 521 -35.32 -35.45 -41.00
C LEU E 521 -35.27 -34.60 -42.25
N TYR E 522 -34.25 -34.83 -43.04
CA TYR E 522 -34.07 -34.08 -44.27
C TYR E 522 -35.10 -34.45 -45.33
N ARG E 523 -35.43 -35.75 -45.44
CA ARG E 523 -36.38 -36.22 -46.43
C ARG E 523 -37.81 -35.85 -46.05
N LEU E 524 -38.09 -35.87 -44.75
CA LEU E 524 -39.41 -35.56 -44.22
C LEU E 524 -39.81 -34.11 -44.43
N THR E 525 -38.92 -33.19 -44.08
CA THR E 525 -39.22 -31.76 -44.16
C THR E 525 -39.19 -31.27 -45.59
N ARG E 526 -38.49 -32.00 -46.45
CA ARG E 526 -38.43 -31.67 -47.87
C ARG E 526 -39.69 -32.11 -48.64
N GLU E 527 -40.48 -32.99 -48.03
CA GLU E 527 -41.80 -33.34 -48.55
C GLU E 527 -42.86 -33.15 -47.47
N ASN E 528 -43.57 -32.02 -47.51
CA ASN E 528 -44.57 -31.73 -46.49
C ASN E 528 -45.83 -32.58 -46.58
N THR E 529 -45.70 -33.86 -46.26
CA THR E 529 -46.86 -34.75 -46.26
C THR E 529 -47.03 -35.37 -44.88
N PRO E 530 -47.22 -34.54 -43.86
CA PRO E 530 -47.30 -35.02 -42.48
C PRO E 530 -48.43 -36.03 -42.31
N VAL E 531 -49.34 -36.08 -43.27
CA VAL E 531 -50.38 -37.11 -43.31
C VAL E 531 -49.79 -38.51 -43.48
N THR E 532 -48.50 -38.56 -43.83
CA THR E 532 -47.75 -39.80 -44.02
C THR E 532 -47.07 -40.32 -42.74
N TRP E 533 -46.80 -39.43 -41.79
CA TRP E 533 -45.97 -39.76 -40.63
C TRP E 533 -46.59 -40.69 -39.57
N ALA E 534 -45.77 -41.61 -39.06
CA ALA E 534 -46.17 -42.67 -38.12
C ALA E 534 -46.77 -42.28 -36.74
N PRO E 535 -46.27 -41.19 -36.12
CA PRO E 535 -46.63 -40.79 -34.75
C PRO E 535 -48.08 -40.34 -34.56
N LYS E 536 -48.71 -40.87 -33.53
CA LYS E 536 -50.10 -40.62 -33.21
C LYS E 536 -50.20 -39.60 -32.08
N LEU E 537 -51.03 -38.58 -32.25
CA LEU E 537 -51.10 -37.49 -31.28
C LEU E 537 -52.44 -37.40 -30.53
N THR E 538 -52.44 -37.81 -29.27
CA THR E 538 -53.67 -37.85 -28.47
C THR E 538 -53.68 -36.81 -27.34
N HIS E 539 -54.81 -36.72 -26.63
CA HIS E 539 -54.91 -35.86 -25.45
C HIS E 539 -54.43 -36.58 -24.19
N THR E 540 -54.05 -35.82 -23.18
CA THR E 540 -53.53 -36.37 -21.92
C THR E 540 -54.52 -36.15 -20.80
N LYS F 2 24.01 -47.57 21.87
CA LYS F 2 24.73 -47.61 20.60
C LYS F 2 24.34 -48.83 19.76
N PHE F 3 23.89 -48.57 18.53
CA PHE F 3 23.44 -49.63 17.65
C PHE F 3 24.51 -50.02 16.63
N SER F 4 24.13 -50.90 15.71
CA SER F 4 24.99 -51.29 14.59
C SER F 4 24.22 -51.04 13.30
N LYS F 5 24.95 -50.79 12.21
CA LYS F 5 24.34 -50.51 10.91
C LYS F 5 23.13 -51.39 10.55
N GLU F 6 23.14 -52.63 11.02
CA GLU F 6 22.10 -53.61 10.68
C GLU F 6 20.90 -53.58 11.61
N GLN F 7 21.03 -52.93 12.77
CA GLN F 7 19.90 -52.84 13.68
C GLN F 7 19.01 -51.64 13.36
N PHE F 8 19.19 -51.09 12.16
CA PHE F 8 18.43 -49.93 11.71
C PHE F 8 17.13 -50.30 10.98
N ASP F 9 16.02 -50.05 11.66
CA ASP F 9 14.69 -50.40 11.16
C ASP F 9 14.08 -49.19 10.46
N TYR F 10 14.23 -49.13 9.15
CA TYR F 10 13.78 -47.95 8.39
C TYR F 10 12.28 -47.90 8.12
N SER F 11 11.51 -48.78 8.75
CA SER F 11 10.07 -48.85 8.54
C SER F 11 9.37 -47.48 8.65
N LEU F 12 9.11 -47.03 9.87
CA LEU F 12 8.50 -45.72 10.07
C LEU F 12 9.52 -44.69 10.59
N TYR F 13 10.03 -43.87 9.68
CA TYR F 13 11.14 -42.96 9.95
C TYR F 13 10.63 -41.54 10.16
N LEU F 14 10.58 -41.12 11.43
CA LEU F 14 10.10 -39.79 11.81
C LEU F 14 11.17 -38.69 11.68
N VAL F 15 10.79 -37.53 11.16
CA VAL F 15 11.73 -36.43 10.94
C VAL F 15 11.19 -35.13 11.56
N THR F 16 11.74 -34.72 12.70
CA THR F 16 11.14 -33.61 13.42
C THR F 16 11.14 -32.27 12.68
N ASP F 17 10.22 -31.40 13.10
CA ASP F 17 10.25 -29.99 12.75
C ASP F 17 9.67 -29.23 13.92
N SER F 18 10.43 -28.30 14.47
CA SER F 18 10.01 -27.66 15.71
C SER F 18 8.86 -26.66 15.55
N GLY F 19 8.86 -25.89 14.47
CA GLY F 19 7.87 -24.83 14.31
C GLY F 19 6.68 -25.23 13.47
N MET F 20 5.88 -26.16 14.00
CA MET F 20 4.78 -26.75 13.24
C MET F 20 3.97 -27.62 14.20
N ILE F 21 4.36 -27.60 15.47
CA ILE F 21 3.63 -28.31 16.51
C ILE F 21 2.38 -27.54 16.90
N PRO F 22 1.23 -28.24 16.95
CA PRO F 22 -0.05 -27.58 17.25
C PRO F 22 0.00 -26.92 18.63
N GLU F 23 -0.60 -25.74 18.74
CA GLU F 23 -0.64 -25.01 20.01
C GLU F 23 -1.15 -25.91 21.13
N GLY F 24 -0.34 -26.07 22.17
CA GLY F 24 -0.72 -26.91 23.29
C GLY F 24 0.09 -28.19 23.36
N LYS F 25 1.03 -28.35 22.44
CA LYS F 25 1.81 -29.58 22.38
C LYS F 25 3.32 -29.34 22.32
N THR F 26 4.08 -30.38 22.65
CA THR F 26 5.54 -30.29 22.65
C THR F 26 6.15 -31.24 21.63
N LEU F 27 7.31 -30.88 21.10
CA LEU F 27 8.05 -31.78 20.23
C LEU F 27 8.37 -33.07 20.97
N TYR F 28 8.46 -32.97 22.29
CA TYR F 28 8.67 -34.14 23.12
C TYR F 28 7.40 -35.00 23.10
N GLY F 29 6.26 -34.34 23.29
CA GLY F 29 4.96 -34.99 23.30
C GLY F 29 4.63 -35.78 22.04
N GLN F 30 4.85 -35.18 20.87
CA GLN F 30 4.64 -35.86 19.60
C GLN F 30 5.63 -37.01 19.44
N VAL F 31 6.91 -36.68 19.39
CA VAL F 31 7.95 -37.70 19.18
C VAL F 31 7.81 -38.87 20.16
N GLU F 32 7.25 -38.60 21.34
CA GLU F 32 6.93 -39.69 22.27
C GLU F 32 5.73 -40.46 21.73
N ALA F 33 4.62 -39.75 21.62
CA ALA F 33 3.36 -40.28 21.09
C ALA F 33 3.54 -41.25 19.91
N GLY F 34 4.54 -41.02 19.08
CA GLY F 34 4.73 -41.83 17.89
C GLY F 34 5.58 -43.04 18.16
N LEU F 35 6.46 -42.92 19.15
CA LEU F 35 7.35 -44.01 19.50
C LEU F 35 6.54 -45.19 19.98
N GLN F 36 5.39 -44.89 20.58
CA GLN F 36 4.52 -45.91 21.17
C GLN F 36 3.61 -46.59 20.14
N ASN F 37 3.71 -46.18 18.87
CA ASN F 37 2.85 -46.73 17.84
C ASN F 37 3.57 -47.06 16.52
N GLY F 38 4.90 -47.03 16.54
CA GLY F 38 5.72 -47.29 15.36
C GLY F 38 7.02 -46.51 15.39
N VAL F 39 6.99 -45.29 14.84
CA VAL F 39 8.13 -44.36 14.82
C VAL F 39 9.48 -45.02 15.09
N THR F 40 9.83 -46.03 14.31
CA THR F 40 10.96 -46.90 14.59
C THR F 40 12.35 -46.33 14.26
N LEU F 41 12.42 -45.05 13.94
CA LEU F 41 13.69 -44.35 13.71
C LEU F 41 13.47 -42.85 13.63
N VAL F 42 14.23 -42.09 14.42
CA VAL F 42 14.04 -40.64 14.54
C VAL F 42 15.21 -39.81 14.01
N GLN F 43 14.90 -38.74 13.31
CA GLN F 43 15.90 -37.78 12.91
C GLN F 43 15.54 -36.44 13.52
N ILE F 44 16.55 -35.64 13.83
CA ILE F 44 16.35 -34.32 14.40
C ILE F 44 16.72 -33.24 13.39
N ARG F 45 15.81 -32.29 13.23
CA ARG F 45 15.92 -31.34 12.13
C ARG F 45 15.66 -29.94 12.64
N GLU F 46 16.74 -29.17 12.68
CA GLU F 46 16.68 -27.78 13.09
C GLU F 46 17.46 -26.96 12.10
N LYS F 47 16.76 -26.43 11.10
CA LYS F 47 17.41 -25.68 10.06
C LYS F 47 17.46 -24.20 10.45
N ASP F 48 17.15 -23.91 11.72
CA ASP F 48 17.01 -22.51 12.15
C ASP F 48 17.36 -22.11 13.58
N ALA F 49 17.33 -23.04 14.53
CA ALA F 49 17.50 -22.67 15.94
C ALA F 49 18.96 -22.46 16.36
N ASP F 50 19.15 -21.67 17.41
CA ASP F 50 20.47 -21.48 18.02
C ASP F 50 21.15 -22.83 18.17
N THR F 51 22.33 -23.01 17.59
CA THR F 51 22.97 -24.33 17.66
C THR F 51 23.28 -24.75 19.10
N LYS F 52 22.81 -23.97 20.08
CA LYS F 52 22.82 -24.40 21.48
C LYS F 52 21.53 -25.13 21.82
N PHE F 53 20.42 -24.40 21.80
CA PHE F 53 19.09 -24.96 22.00
C PHE F 53 18.91 -26.26 21.22
N PHE F 54 19.32 -26.25 19.97
CA PHE F 54 19.44 -27.46 19.17
C PHE F 54 20.03 -28.56 20.03
N ILE F 55 21.25 -28.35 20.53
CA ILE F 55 21.97 -29.34 21.33
C ILE F 55 21.18 -29.84 22.55
N GLU F 56 20.53 -28.92 23.25
CA GLU F 56 19.77 -29.29 24.44
C GLU F 56 18.64 -30.21 24.07
N GLU F 57 18.03 -29.92 22.92
CA GLU F 57 16.82 -30.60 22.49
C GLU F 57 17.13 -31.93 21.83
N ALA F 58 18.36 -32.08 21.35
CA ALA F 58 18.79 -33.33 20.74
C ALA F 58 19.25 -34.30 21.80
N LEU F 59 19.42 -33.79 23.02
CA LEU F 59 19.79 -34.62 24.16
C LEU F 59 18.52 -35.10 24.85
N GLN F 60 17.69 -34.14 25.24
CA GLN F 60 16.39 -34.41 25.82
C GLN F 60 15.69 -35.49 25.02
N ILE F 61 15.82 -35.43 23.69
CA ILE F 61 15.12 -36.37 22.82
C ILE F 61 15.90 -37.66 22.54
N LYS F 62 17.17 -37.72 22.94
CA LYS F 62 17.93 -38.94 22.77
C LYS F 62 17.69 -39.91 23.92
N GLU F 63 17.23 -39.36 25.05
CA GLU F 63 16.79 -40.20 26.15
C GLU F 63 15.49 -40.89 25.73
N LEU F 64 14.44 -40.08 25.54
CA LEU F 64 13.14 -40.55 25.07
C LEU F 64 13.26 -41.60 23.94
N CYS F 65 14.25 -41.43 23.08
CA CYS F 65 14.45 -42.38 21.99
C CYS F 65 15.21 -43.63 22.43
N HIS F 66 16.34 -43.43 23.10
CA HIS F 66 17.14 -44.56 23.57
C HIS F 66 16.35 -45.46 24.52
N ALA F 67 15.34 -44.88 25.17
CA ALA F 67 14.47 -45.62 26.08
C ALA F 67 13.49 -46.58 25.36
N HIS F 68 12.99 -46.17 24.20
CA HIS F 68 12.17 -47.06 23.37
C HIS F 68 13.07 -47.81 22.38
N ASN F 69 14.34 -47.98 22.76
CA ASN F 69 15.34 -48.69 21.95
C ASN F 69 15.49 -48.21 20.50
N VAL F 70 15.19 -46.96 20.24
CA VAL F 70 15.25 -46.44 18.87
C VAL F 70 16.33 -45.37 18.67
N PRO F 71 17.15 -45.52 17.61
CA PRO F 71 18.27 -44.63 17.30
C PRO F 71 17.83 -43.18 17.15
N LEU F 72 18.81 -42.33 16.84
CA LEU F 72 18.58 -40.90 16.65
C LEU F 72 19.56 -40.39 15.61
N ILE F 73 19.04 -39.69 14.60
CA ILE F 73 19.87 -39.17 13.54
C ILE F 73 19.83 -37.64 13.50
N ILE F 74 20.97 -37.03 13.20
CA ILE F 74 21.05 -35.58 13.14
C ILE F 74 21.38 -35.09 11.74
N ASN F 75 20.73 -34.00 11.37
CA ASN F 75 20.85 -33.42 10.04
C ASN F 75 20.78 -31.90 10.18
N ASP F 76 21.80 -31.22 9.69
CA ASP F 76 22.91 -31.85 9.00
C ASP F 76 24.23 -31.35 9.57
N ARG F 77 24.20 -31.07 10.86
CA ARG F 77 25.36 -30.57 11.58
C ARG F 77 26.10 -31.71 12.24
N ILE F 78 27.21 -32.12 11.62
CA ILE F 78 28.06 -33.20 12.12
C ILE F 78 28.57 -32.98 13.54
N ASP F 79 29.16 -31.82 13.79
CA ASP F 79 29.59 -31.44 15.13
C ASP F 79 28.57 -31.80 16.23
N VAL F 80 27.33 -31.39 16.04
CA VAL F 80 26.27 -31.68 17.01
C VAL F 80 26.01 -33.17 17.14
N ALA F 81 26.30 -33.94 16.09
CA ALA F 81 26.12 -35.38 16.15
C ALA F 81 27.25 -36.04 16.94
N MET F 82 28.49 -35.66 16.64
CA MET F 82 29.61 -36.14 17.45
C MET F 82 29.47 -35.63 18.87
N ALA F 83 28.93 -34.43 19.01
CA ALA F 83 28.87 -33.73 20.29
C ALA F 83 27.94 -34.38 21.31
N ILE F 84 26.77 -34.85 20.87
CA ILE F 84 25.81 -35.44 21.79
C ILE F 84 25.76 -36.96 21.61
N GLY F 85 26.77 -37.52 20.96
CA GLY F 85 26.83 -38.96 20.76
C GLY F 85 25.60 -39.48 20.04
N ALA F 86 25.44 -39.03 18.81
CA ALA F 86 24.32 -39.45 17.96
C ALA F 86 24.69 -40.74 17.22
N ASP F 87 23.66 -41.41 16.73
CA ASP F 87 23.80 -42.74 16.11
C ASP F 87 24.06 -42.65 14.62
N GLY F 88 23.80 -41.47 14.05
CA GLY F 88 24.02 -41.25 12.63
C GLY F 88 23.66 -39.83 12.22
N ILE F 89 24.20 -39.40 11.10
CA ILE F 89 23.94 -38.07 10.54
C ILE F 89 23.31 -38.17 9.16
N HIS F 90 22.26 -37.38 8.89
CA HIS F 90 21.73 -37.29 7.52
C HIS F 90 22.18 -35.99 6.91
N VAL F 91 22.78 -36.07 5.73
CA VAL F 91 23.25 -34.87 5.03
C VAL F 91 22.70 -34.84 3.60
N GLY F 92 22.53 -33.66 3.05
CA GLY F 92 22.05 -33.54 1.68
C GLY F 92 23.16 -33.36 0.65
N GLN F 93 22.75 -32.94 -0.53
CA GLN F 93 23.64 -32.76 -1.68
C GLN F 93 24.42 -31.46 -1.55
N ASP F 94 23.83 -30.49 -0.88
CA ASP F 94 24.44 -29.17 -0.74
C ASP F 94 25.20 -29.06 0.58
N ASP F 95 25.49 -30.19 1.17
CA ASP F 95 26.13 -30.19 2.47
C ASP F 95 27.53 -30.80 2.37
N MET F 96 28.14 -31.04 3.53
CA MET F 96 29.50 -31.56 3.62
C MET F 96 29.70 -32.85 2.83
N PRO F 97 30.62 -32.84 1.86
CA PRO F 97 30.93 -34.03 1.06
C PRO F 97 31.04 -35.26 1.94
N ILE F 98 30.77 -36.44 1.39
CA ILE F 98 30.68 -37.64 2.21
C ILE F 98 32.03 -38.11 2.77
N PRO F 99 33.07 -38.15 1.91
CA PRO F 99 34.41 -38.49 2.40
C PRO F 99 34.80 -37.72 3.66
N MET F 100 34.80 -36.39 3.61
CA MET F 100 35.14 -35.58 4.77
C MET F 100 34.42 -36.02 6.04
N ILE F 101 33.15 -36.37 5.90
CA ILE F 101 32.38 -36.77 7.07
C ILE F 101 32.91 -38.06 7.67
N ARG F 102 33.11 -39.06 6.81
CA ARG F 102 33.52 -40.42 7.21
C ARG F 102 34.90 -40.41 7.90
N LYS F 103 35.66 -39.35 7.66
CA LYS F 103 36.95 -39.17 8.29
C LYS F 103 36.81 -38.64 9.73
N LEU F 104 35.88 -37.72 9.94
CA LEU F 104 35.70 -37.10 11.26
C LEU F 104 34.86 -37.95 12.20
N VAL F 105 33.98 -38.77 11.65
CA VAL F 105 33.12 -39.59 12.50
C VAL F 105 33.55 -41.05 12.44
N GLY F 106 34.27 -41.42 11.37
CA GLY F 106 34.77 -42.77 11.21
C GLY F 106 33.69 -43.83 11.20
N PRO F 107 33.94 -44.93 10.48
CA PRO F 107 32.99 -46.06 10.38
C PRO F 107 32.30 -46.41 11.71
N ASP F 108 31.24 -47.20 11.63
CA ASP F 108 30.42 -47.51 12.80
C ASP F 108 29.33 -46.45 13.06
N MET F 109 29.44 -45.29 12.42
CA MET F 109 28.34 -44.32 12.44
C MET F 109 27.59 -44.30 11.11
N VAL F 110 26.29 -43.98 11.17
CA VAL F 110 25.42 -44.03 10.00
C VAL F 110 25.36 -42.72 9.25
N ILE F 111 25.54 -42.80 7.93
CA ILE F 111 25.49 -41.62 7.08
C ILE F 111 24.41 -41.76 6.01
N GLY F 112 23.37 -40.94 6.12
CA GLY F 112 22.28 -40.93 5.16
C GLY F 112 22.38 -39.78 4.17
N TRP F 113 22.14 -40.06 2.90
CA TRP F 113 22.29 -39.07 1.84
C TRP F 113 20.96 -38.75 1.15
N SER F 114 20.74 -37.48 0.84
CA SER F 114 19.59 -37.07 0.04
C SER F 114 19.85 -37.23 -1.46
N VAL F 115 19.31 -38.31 -2.04
CA VAL F 115 19.49 -38.61 -3.46
C VAL F 115 18.15 -38.49 -4.17
N GLY F 116 18.18 -37.97 -5.39
CA GLY F 116 16.95 -37.78 -6.15
C GLY F 116 17.14 -37.95 -7.65
N PHE F 117 18.34 -38.36 -8.04
CA PHE F 117 18.65 -38.66 -9.43
C PHE F 117 19.56 -39.88 -9.46
N PRO F 118 19.57 -40.62 -10.57
CA PRO F 118 20.42 -41.81 -10.73
C PRO F 118 21.90 -41.45 -10.60
N GLU F 119 22.31 -40.39 -11.31
CA GLU F 119 23.70 -39.92 -11.31
C GLU F 119 24.27 -39.88 -9.90
N GLU F 120 23.46 -39.45 -8.95
CA GLU F 120 23.93 -39.35 -7.57
C GLU F 120 24.12 -40.71 -6.95
N VAL F 121 23.52 -41.73 -7.57
CA VAL F 121 23.74 -43.08 -7.10
C VAL F 121 25.07 -43.59 -7.66
N ASP F 122 25.44 -43.14 -8.86
CA ASP F 122 26.74 -43.45 -9.44
C ASP F 122 27.88 -42.97 -8.54
N GLU F 123 27.85 -41.69 -8.19
CA GLU F 123 28.80 -41.11 -7.24
C GLU F 123 28.86 -42.02 -6.02
N LEU F 124 27.68 -42.33 -5.48
CA LEU F 124 27.52 -43.10 -4.24
C LEU F 124 28.02 -44.54 -4.34
N SER F 125 28.17 -45.04 -5.56
CA SER F 125 28.72 -46.37 -5.80
C SER F 125 30.26 -46.38 -5.75
N LYS F 126 30.88 -45.49 -6.53
CA LYS F 126 32.33 -45.39 -6.63
C LYS F 126 32.98 -44.94 -5.33
N MET F 127 32.22 -44.99 -4.23
CA MET F 127 32.76 -44.66 -2.92
C MET F 127 32.76 -45.91 -2.05
N GLY F 128 32.02 -46.93 -2.50
CA GLY F 128 31.97 -48.21 -1.82
C GLY F 128 31.17 -48.22 -0.52
N PRO F 129 31.20 -49.36 0.18
CA PRO F 129 30.51 -49.54 1.47
C PRO F 129 31.17 -48.72 2.55
N ASP F 130 30.55 -48.69 3.74
CA ASP F 130 31.06 -47.93 4.87
C ASP F 130 30.98 -46.42 4.63
N MET F 131 30.74 -46.02 3.39
CA MET F 131 30.47 -44.62 3.10
C MET F 131 28.99 -44.29 3.34
N VAL F 132 28.18 -44.32 2.29
CA VAL F 132 26.76 -44.04 2.45
C VAL F 132 26.00 -45.27 2.90
N ASP F 133 25.27 -45.16 4.00
CA ASP F 133 24.56 -46.33 4.53
C ASP F 133 23.13 -46.42 3.99
N TYR F 134 22.36 -45.35 4.16
CA TYR F 134 21.04 -45.26 3.56
C TYR F 134 20.85 -43.95 2.79
N ILE F 135 19.76 -43.85 2.03
CA ILE F 135 19.46 -42.63 1.28
C ILE F 135 17.97 -42.34 1.22
N GLY F 136 17.60 -41.11 1.55
CA GLY F 136 16.24 -40.62 1.35
C GLY F 136 16.09 -40.24 -0.12
N VAL F 137 15.05 -40.78 -0.76
CA VAL F 137 14.88 -40.60 -2.21
C VAL F 137 14.05 -39.36 -2.57
N GLY F 138 14.70 -38.45 -3.31
CA GLY F 138 14.18 -37.19 -3.84
C GLY F 138 13.09 -36.55 -3.02
N THR F 139 12.31 -35.67 -3.62
CA THR F 139 11.03 -35.31 -3.02
C THR F 139 9.96 -35.97 -3.88
N LEU F 140 9.12 -36.78 -3.26
CA LEU F 140 8.18 -37.59 -4.02
C LEU F 140 6.94 -36.85 -4.50
N PHE F 141 6.38 -36.02 -3.64
CA PHE F 141 5.19 -35.27 -4.00
C PHE F 141 5.34 -33.87 -3.44
N PRO F 142 4.55 -32.91 -3.95
CA PRO F 142 4.73 -31.53 -3.50
C PRO F 142 4.60 -31.47 -1.98
N THR F 143 5.47 -30.69 -1.33
CA THR F 143 5.37 -30.49 0.12
C THR F 143 5.63 -29.04 0.53
N LEU F 144 5.13 -28.68 1.70
CA LEU F 144 5.32 -27.33 2.25
C LEU F 144 6.40 -27.24 3.32
N THR F 145 7.03 -28.35 3.65
CA THR F 145 7.98 -28.38 4.77
C THR F 145 9.44 -28.02 4.43
N LYS F 146 9.85 -28.22 3.18
CA LYS F 146 11.17 -27.79 2.73
C LYS F 146 11.02 -26.48 1.95
N MET F 154 8.84 -35.23 -8.76
CA MET F 154 9.57 -36.41 -9.20
C MET F 154 8.63 -37.61 -9.37
N GLY F 155 7.77 -37.82 -8.39
CA GLY F 155 6.83 -38.93 -8.44
C GLY F 155 7.47 -40.27 -8.19
N THR F 156 6.65 -41.32 -8.18
CA THR F 156 7.14 -42.66 -7.89
C THR F 156 7.90 -43.23 -9.07
N ALA F 157 7.84 -42.52 -10.20
CA ALA F 157 8.63 -42.89 -11.36
C ALA F 157 10.07 -42.41 -11.17
N GLY F 158 10.23 -41.19 -10.67
CA GLY F 158 11.56 -40.66 -10.42
C GLY F 158 12.29 -41.57 -9.46
N ALA F 159 11.53 -42.07 -8.48
CA ALA F 159 12.07 -42.95 -7.46
C ALA F 159 12.56 -44.23 -8.08
N ILE F 160 11.79 -44.74 -9.04
CA ILE F 160 12.15 -46.01 -9.68
C ILE F 160 13.50 -45.91 -10.32
N ARG F 161 13.69 -44.88 -11.14
CA ARG F 161 14.95 -44.69 -11.86
C ARG F 161 16.17 -44.80 -10.92
N VAL F 162 16.00 -44.30 -9.70
CA VAL F 162 17.02 -44.33 -8.65
C VAL F 162 17.23 -45.74 -8.10
N LEU F 163 16.12 -46.40 -7.76
CA LEU F 163 16.16 -47.80 -7.31
C LEU F 163 16.69 -48.74 -8.40
N ASP F 164 16.73 -48.25 -9.63
CA ASP F 164 17.37 -49.01 -10.68
C ASP F 164 18.88 -48.89 -10.60
N ALA F 165 19.37 -47.65 -10.61
CA ALA F 165 20.80 -47.41 -10.46
C ALA F 165 21.41 -48.15 -9.25
N LEU F 166 20.71 -48.10 -8.11
CA LEU F 166 21.13 -48.86 -6.93
C LEU F 166 21.28 -50.34 -7.22
N GLU F 167 20.84 -50.77 -8.40
CA GLU F 167 20.93 -52.17 -8.76
C GLU F 167 21.93 -52.39 -9.89
N ARG F 168 21.85 -51.57 -10.91
CA ARG F 168 22.83 -51.60 -11.99
C ARG F 168 24.24 -51.40 -11.42
N ASN F 169 24.33 -50.77 -10.26
CA ASN F 169 25.61 -50.53 -9.60
C ASN F 169 25.89 -51.53 -8.47
N ASN F 170 24.85 -52.26 -8.08
CA ASN F 170 24.95 -53.25 -7.02
C ASN F 170 25.46 -52.68 -5.70
N ALA F 171 24.75 -51.69 -5.20
CA ALA F 171 25.08 -51.09 -3.92
C ALA F 171 24.31 -51.77 -2.78
N HIS F 172 24.52 -53.07 -2.63
CA HIS F 172 23.82 -53.88 -1.62
C HIS F 172 23.90 -53.35 -0.19
N TRP F 173 24.82 -52.43 0.05
CA TRP F 173 25.07 -51.94 1.40
C TRP F 173 24.15 -50.77 1.76
N CYS F 174 23.33 -50.38 0.79
CA CYS F 174 22.58 -49.12 0.86
C CYS F 174 21.08 -49.34 1.03
N ARG F 175 20.53 -48.92 2.16
CA ARG F 175 19.07 -48.92 2.34
C ARG F 175 18.43 -47.69 1.67
N THR F 176 17.10 -47.66 1.66
CA THR F 176 16.35 -46.57 1.04
C THR F 176 15.10 -46.29 1.84
N VAL F 177 14.81 -45.00 2.05
CA VAL F 177 13.51 -44.59 2.51
C VAL F 177 12.95 -43.64 1.47
N GLY F 178 11.63 -43.58 1.37
CA GLY F 178 10.99 -42.60 0.52
C GLY F 178 10.61 -41.41 1.37
N ILE F 179 10.70 -40.20 0.82
CA ILE F 179 10.29 -39.02 1.58
C ILE F 179 9.63 -37.97 0.68
N GLY F 180 8.76 -37.15 1.26
CA GLY F 180 8.18 -35.99 0.57
C GLY F 180 6.68 -36.01 0.20
N GLY F 181 5.84 -35.57 1.13
CA GLY F 181 4.42 -35.50 0.88
C GLY F 181 3.72 -36.82 1.15
N LEU F 182 4.38 -37.66 1.93
CA LEU F 182 3.84 -38.97 2.28
C LEU F 182 2.74 -38.87 3.32
N HIS F 183 1.53 -39.24 2.91
CA HIS F 183 0.35 -39.17 3.76
C HIS F 183 -0.50 -40.42 3.51
N PRO F 184 -1.53 -40.65 4.34
CA PRO F 184 -2.42 -41.81 4.21
C PRO F 184 -3.06 -41.97 2.82
N ASP F 185 -3.29 -40.85 2.14
CA ASP F 185 -3.91 -40.86 0.82
C ASP F 185 -2.99 -41.30 -0.33
N ASN F 186 -1.76 -41.69 -0.01
CA ASN F 186 -0.78 -42.00 -1.06
C ASN F 186 0.42 -42.84 -0.61
N ILE F 187 0.37 -43.36 0.61
CA ILE F 187 1.49 -44.17 1.10
C ILE F 187 1.52 -45.55 0.46
N GLU F 188 0.37 -46.19 0.36
CA GLU F 188 0.30 -47.53 -0.22
C GLU F 188 0.65 -47.54 -1.69
N ARG F 189 0.18 -46.55 -2.45
CA ARG F 189 0.61 -46.42 -3.83
C ARG F 189 2.12 -46.30 -3.95
N VAL F 190 2.73 -45.54 -3.05
CA VAL F 190 4.17 -45.35 -3.06
C VAL F 190 4.88 -46.66 -2.75
N LEU F 191 4.43 -47.30 -1.67
CA LEU F 191 4.98 -48.58 -1.24
C LEU F 191 4.81 -49.63 -2.34
N TYR F 192 3.79 -49.47 -3.17
CA TYR F 192 3.37 -50.50 -4.12
C TYR F 192 4.09 -50.45 -5.46
N GLN F 193 4.10 -49.29 -6.10
CA GLN F 193 4.79 -49.19 -7.39
C GLN F 193 6.27 -48.81 -7.29
N CYS F 194 6.76 -48.57 -6.07
CA CYS F 194 8.18 -48.27 -5.84
C CYS F 194 9.06 -49.50 -5.61
N VAL F 195 9.26 -50.28 -6.67
CA VAL F 195 10.13 -51.45 -6.64
C VAL F 195 11.16 -51.30 -7.73
N SER F 196 12.16 -52.16 -7.72
CA SER F 196 13.18 -52.12 -8.76
C SER F 196 12.59 -52.66 -10.05
N SER F 197 13.20 -52.35 -11.18
CA SER F 197 12.73 -52.91 -12.45
C SER F 197 12.97 -54.41 -12.51
N ASN F 198 14.01 -54.89 -11.82
CA ASN F 198 14.26 -56.33 -11.72
C ASN F 198 13.53 -56.98 -10.54
N GLY F 199 12.63 -56.22 -9.90
CA GLY F 199 11.79 -56.75 -8.86
C GLY F 199 12.49 -57.13 -7.56
N LYS F 200 13.81 -57.00 -7.51
CA LYS F 200 14.53 -57.42 -6.31
C LYS F 200 14.68 -56.34 -5.23
N ARG F 201 14.47 -55.07 -5.58
CA ARG F 201 14.60 -53.99 -4.59
C ARG F 201 13.32 -53.20 -4.38
N SER F 202 13.10 -52.74 -3.14
CA SER F 202 12.00 -51.82 -2.86
C SER F 202 12.34 -50.95 -1.67
N LEU F 203 11.45 -50.05 -1.27
CA LEU F 203 11.70 -49.13 -0.16
C LEU F 203 11.76 -49.83 1.21
N ASP F 204 12.81 -49.53 1.98
CA ASP F 204 12.95 -50.11 3.32
C ASP F 204 12.11 -49.37 4.40
N GLY F 205 11.51 -48.26 4.02
CA GLY F 205 10.62 -47.56 4.93
C GLY F 205 10.14 -46.22 4.43
N ILE F 206 9.33 -45.57 5.25
CA ILE F 206 8.64 -44.34 4.86
C ILE F 206 8.92 -43.16 5.79
N CYS F 207 9.31 -42.03 5.21
CA CYS F 207 9.54 -40.79 5.95
C CYS F 207 8.38 -39.80 5.95
N VAL F 208 7.78 -39.61 7.13
CA VAL F 208 6.95 -38.44 7.40
C VAL F 208 7.89 -37.21 7.34
N VAL F 209 7.53 -36.00 7.81
CA VAL F 209 6.39 -35.69 8.70
C VAL F 209 5.26 -34.71 8.27
N SER F 210 5.15 -33.58 8.96
CA SER F 210 3.92 -32.77 8.90
C SER F 210 2.69 -33.68 8.89
N ASP F 211 2.87 -34.92 9.34
CA ASP F 211 1.78 -35.87 9.33
C ASP F 211 1.68 -36.49 10.70
N ILE F 212 2.80 -36.45 11.42
CA ILE F 212 2.80 -36.84 12.82
C ILE F 212 3.04 -35.65 13.75
N ILE F 213 4.01 -34.80 13.41
CA ILE F 213 4.31 -33.62 14.21
C ILE F 213 3.20 -32.57 14.14
N ALA F 214 2.68 -32.35 12.95
CA ALA F 214 1.66 -31.34 12.71
C ALA F 214 0.31 -31.82 13.20
N SER F 215 0.25 -33.10 13.56
CA SER F 215 -1.01 -33.77 13.86
C SER F 215 -1.64 -33.32 15.17
N LEU F 216 -2.94 -32.98 15.11
CA LEU F 216 -3.70 -32.60 16.31
C LEU F 216 -3.83 -33.78 17.25
N ASP F 217 -3.41 -34.94 16.78
CA ASP F 217 -3.36 -36.17 17.57
C ASP F 217 -2.29 -37.09 17.00
N ALA F 218 -1.09 -37.04 17.58
CA ALA F 218 0.05 -37.77 17.04
C ALA F 218 0.00 -39.28 17.27
N ALA F 219 -0.79 -39.73 18.23
CA ALA F 219 -0.89 -41.15 18.51
C ALA F 219 -1.66 -41.86 17.40
N LYS F 220 -2.83 -41.31 17.05
CA LYS F 220 -3.69 -41.86 16.00
C LYS F 220 -2.99 -41.82 14.65
N SER F 221 -2.42 -40.67 14.31
CA SER F 221 -1.70 -40.51 13.05
C SER F 221 -0.65 -41.59 12.87
N THR F 222 -0.01 -42.00 13.97
CA THR F 222 1.10 -42.95 13.88
C THR F 222 0.61 -44.39 13.83
N LYS F 223 -0.52 -44.65 14.48
CA LYS F 223 -1.14 -45.96 14.41
C LYS F 223 -1.57 -46.26 12.95
N ILE F 224 -2.24 -45.28 12.34
CA ILE F 224 -2.67 -45.36 10.93
C ILE F 224 -1.51 -45.67 9.99
N LEU F 225 -0.48 -44.82 10.04
CA LEU F 225 0.68 -44.98 9.18
C LEU F 225 1.30 -46.36 9.38
N ARG F 226 1.16 -46.90 10.58
CA ARG F 226 1.62 -48.26 10.80
C ARG F 226 0.76 -49.23 10.02
N GLY F 227 -0.55 -49.14 10.21
CA GLY F 227 -1.51 -49.98 9.51
C GLY F 227 -1.09 -50.21 8.06
N LEU F 228 -0.95 -49.11 7.32
CA LEU F 228 -0.60 -49.15 5.91
C LEU F 228 0.73 -49.87 5.59
N ILE F 229 1.77 -49.60 6.37
CA ILE F 229 3.13 -50.04 6.02
C ILE F 229 3.36 -51.56 6.03
N ASP F 230 2.86 -52.23 7.07
CA ASP F 230 3.09 -53.67 7.22
C ASP F 230 1.89 -54.54 6.79
N LYS F 231 0.85 -53.90 6.25
CA LYS F 231 -0.17 -54.58 5.46
C LYS F 231 0.49 -54.97 4.14
N THR F 232 -0.04 -55.96 3.42
CA THR F 232 0.55 -56.30 2.12
C THR F 232 -0.44 -56.36 0.95
N ASP F 233 -1.51 -55.58 1.01
CA ASP F 233 -2.53 -55.57 -0.04
C ASP F 233 -3.00 -54.19 -0.46
N TYR F 234 -2.61 -53.77 -1.67
CA TYR F 234 -3.22 -52.58 -2.22
C TYR F 234 -4.43 -52.92 -3.14
N LYS F 235 -5.60 -53.08 -2.53
CA LYS F 235 -6.86 -53.16 -3.28
C LYS F 235 -7.25 -51.78 -3.80
N PHE F 236 -6.81 -51.42 -5.00
CA PHE F 236 -7.02 -50.05 -5.49
C PHE F 236 -8.23 -49.94 -6.41
N VAL F 237 -8.66 -51.08 -6.90
CA VAL F 237 -9.85 -51.18 -7.74
C VAL F 237 -10.72 -52.32 -7.22
N ASN F 238 -11.99 -52.02 -6.99
CA ASN F 238 -12.96 -52.98 -6.48
C ASN F 238 -13.31 -54.06 -7.53
N ILE F 239 -12.28 -54.79 -7.93
CA ILE F 239 -12.37 -55.78 -9.00
C ILE F 239 -11.29 -56.83 -8.75
N GLY F 240 -11.45 -58.00 -9.35
CA GLY F 240 -10.48 -59.06 -9.18
C GLY F 240 -9.11 -58.62 -9.65
N LEU F 241 -8.08 -58.94 -8.87
CA LEU F 241 -6.73 -58.61 -9.27
C LEU F 241 -5.86 -59.85 -9.42
N SER F 242 -6.51 -61.02 -9.46
CA SER F 242 -5.78 -62.28 -9.52
C SER F 242 -4.98 -62.43 -10.82
N THR F 243 -3.78 -62.98 -10.68
CA THR F 243 -2.98 -63.26 -11.86
C THR F 243 -3.58 -64.49 -12.53
N LYS F 244 -3.83 -64.38 -13.81
CA LYS F 244 -4.34 -65.49 -14.59
C LYS F 244 -3.38 -65.74 -15.74
N ASN F 245 -2.82 -66.95 -15.80
CA ASN F 245 -1.95 -67.31 -16.91
C ASN F 245 -2.68 -68.13 -17.96
N SER F 246 -3.94 -68.43 -17.68
CA SER F 246 -4.79 -69.12 -18.63
C SER F 246 -5.34 -68.11 -19.61
N LEU F 247 -5.01 -68.27 -20.88
CA LEU F 247 -5.58 -67.41 -21.92
C LEU F 247 -7.08 -67.20 -21.67
N THR F 248 -7.56 -65.98 -21.88
CA THR F 248 -8.94 -65.66 -21.60
C THR F 248 -9.88 -66.44 -22.51
N THR F 249 -10.66 -67.33 -21.91
CA THR F 249 -11.53 -68.22 -22.69
C THR F 249 -12.74 -67.49 -23.26
N THR F 250 -13.33 -68.08 -24.29
CA THR F 250 -14.55 -67.56 -24.88
C THR F 250 -15.66 -67.37 -23.84
N ASP F 251 -15.79 -68.30 -22.92
CA ASP F 251 -16.83 -68.18 -21.89
C ASP F 251 -16.66 -66.90 -21.07
N GLU F 252 -15.42 -66.57 -20.74
CA GLU F 252 -15.16 -65.39 -19.93
C GLU F 252 -15.51 -64.11 -20.69
N ILE F 253 -14.98 -63.96 -21.91
CA ILE F 253 -15.31 -62.84 -22.78
C ILE F 253 -16.81 -62.62 -22.92
N GLN F 254 -17.57 -63.71 -22.82
CA GLN F 254 -19.02 -63.67 -22.99
C GLN F 254 -19.66 -63.20 -21.69
N SER F 255 -19.15 -63.71 -20.58
CA SER F 255 -19.60 -63.25 -19.29
C SER F 255 -19.24 -61.78 -19.13
N ILE F 256 -18.03 -61.43 -19.57
CA ILE F 256 -17.59 -60.04 -19.45
C ILE F 256 -18.63 -59.13 -20.07
N ILE F 257 -19.06 -59.47 -21.28
CA ILE F 257 -19.97 -58.62 -22.04
C ILE F 257 -21.37 -58.55 -21.45
N SER F 258 -21.87 -59.64 -20.90
CA SER F 258 -23.17 -59.61 -20.23
C SER F 258 -23.17 -58.67 -19.03
N ASN F 259 -22.14 -58.78 -18.19
CA ASN F 259 -22.05 -57.97 -16.98
C ASN F 259 -22.12 -56.50 -17.31
N THR F 260 -21.46 -56.10 -18.40
CA THR F 260 -21.42 -54.69 -18.79
C THR F 260 -22.68 -54.19 -19.51
N LEU F 261 -23.37 -55.05 -20.25
CA LEU F 261 -24.65 -54.63 -20.83
C LEU F 261 -25.68 -54.46 -19.72
N LYS F 262 -25.64 -55.39 -18.77
CA LYS F 262 -26.58 -55.46 -17.65
C LYS F 262 -26.38 -54.36 -16.59
N ALA F 263 -25.13 -53.94 -16.40
CA ALA F 263 -24.81 -52.96 -15.35
C ALA F 263 -24.76 -51.51 -15.85
N ARG F 264 -24.93 -51.33 -17.15
CA ARG F 264 -24.97 -50.01 -17.78
C ARG F 264 -24.04 -48.98 -17.11
N PRO F 265 -22.71 -49.23 -17.17
CA PRO F 265 -21.72 -48.40 -16.48
C PRO F 265 -21.71 -46.97 -16.97
N LEU F 266 -21.32 -46.08 -16.07
CA LEU F 266 -21.21 -44.65 -16.34
C LEU F 266 -19.76 -44.25 -16.57
N VAL F 267 -19.41 -44.03 -17.84
CA VAL F 267 -18.05 -43.73 -18.26
C VAL F 267 -17.83 -42.25 -18.44
N GLN F 268 -17.14 -41.62 -17.48
CA GLN F 268 -16.82 -40.21 -17.59
C GLN F 268 -15.58 -40.02 -18.45
N HIS F 269 -15.76 -39.36 -19.59
CA HIS F 269 -14.65 -39.07 -20.50
C HIS F 269 -14.07 -37.70 -20.23
N ILE F 270 -12.76 -37.61 -20.05
CA ILE F 270 -12.09 -36.33 -20.01
C ILE F 270 -11.13 -36.29 -21.17
N THR F 271 -11.52 -35.64 -22.27
CA THR F 271 -10.73 -35.73 -23.50
C THR F 271 -10.81 -34.47 -24.38
N ASN F 272 -10.09 -34.46 -25.50
CA ASN F 272 -10.09 -33.33 -26.43
C ASN F 272 -11.46 -33.14 -27.06
N LYS F 273 -11.53 -32.32 -28.10
CA LYS F 273 -12.80 -32.10 -28.79
C LYS F 273 -13.16 -33.23 -29.79
N VAL F 274 -12.14 -33.76 -30.48
CA VAL F 274 -12.34 -34.70 -31.58
C VAL F 274 -12.71 -36.11 -31.15
N HIS F 275 -12.43 -36.44 -29.89
CA HIS F 275 -12.80 -37.74 -29.35
C HIS F 275 -14.06 -37.65 -28.50
N GLN F 276 -14.52 -36.42 -28.24
CA GLN F 276 -15.75 -36.21 -27.52
C GLN F 276 -16.83 -37.02 -28.23
N ASN F 277 -17.34 -36.48 -29.35
CA ASN F 277 -18.43 -37.11 -30.07
C ASN F 277 -18.17 -38.60 -30.29
N PHE F 278 -17.22 -38.91 -31.16
CA PHE F 278 -16.88 -40.30 -31.46
C PHE F 278 -16.79 -41.18 -30.19
N GLY F 279 -16.26 -40.64 -29.11
CA GLY F 279 -16.10 -41.39 -27.86
C GLY F 279 -17.42 -41.82 -27.25
N ALA F 280 -18.36 -40.88 -27.16
CA ALA F 280 -19.66 -41.17 -26.58
C ALA F 280 -20.43 -42.22 -27.38
N ASN F 281 -20.25 -42.20 -28.70
CA ASN F 281 -20.93 -43.14 -29.59
C ASN F 281 -20.55 -44.58 -29.32
N VAL F 282 -19.25 -44.82 -29.18
CA VAL F 282 -18.74 -46.14 -28.87
C VAL F 282 -19.30 -46.64 -27.53
N THR F 283 -19.19 -45.82 -26.50
CA THR F 283 -19.77 -46.13 -25.20
C THR F 283 -21.25 -46.46 -25.30
N LEU F 284 -22.00 -45.61 -26.01
CA LEU F 284 -23.41 -45.85 -26.31
C LEU F 284 -23.62 -47.21 -26.94
N ALA F 285 -22.98 -47.44 -28.08
CA ALA F 285 -23.06 -48.74 -28.73
C ALA F 285 -22.89 -49.86 -27.71
N LEU F 286 -21.90 -49.74 -26.83
CA LEU F 286 -21.70 -50.76 -25.80
C LEU F 286 -22.74 -50.72 -24.68
N GLY F 287 -23.84 -50.00 -24.91
CA GLY F 287 -24.90 -49.91 -23.93
C GLY F 287 -24.51 -49.37 -22.56
N SER F 288 -23.78 -48.26 -22.56
CA SER F 288 -23.43 -47.56 -21.33
C SER F 288 -23.48 -46.05 -21.52
N SER F 289 -23.60 -45.31 -20.43
CA SER F 289 -23.83 -43.87 -20.49
C SER F 289 -22.54 -43.08 -20.38
N PRO F 290 -22.27 -42.22 -21.37
CA PRO F 290 -21.14 -41.28 -21.42
C PRO F 290 -21.42 -39.93 -20.76
N ILE F 291 -20.53 -39.48 -19.90
CA ILE F 291 -20.59 -38.13 -19.36
C ILE F 291 -19.34 -37.36 -19.78
N MET F 292 -19.50 -36.15 -20.30
CA MET F 292 -18.35 -35.35 -20.72
C MET F 292 -18.03 -34.20 -19.78
N SER F 293 -18.01 -34.47 -18.48
CA SER F 293 -17.75 -33.44 -17.50
C SER F 293 -16.27 -33.14 -17.35
N GLU F 294 -15.95 -31.85 -17.33
CA GLU F 294 -14.64 -31.36 -16.90
C GLU F 294 -14.86 -30.40 -15.73
N ILE F 295 -15.83 -30.72 -14.89
CA ILE F 295 -16.26 -29.81 -13.83
C ILE F 295 -15.81 -30.33 -12.46
N GLN F 296 -15.01 -29.52 -11.77
CA GLN F 296 -14.28 -29.95 -10.56
C GLN F 296 -15.13 -30.40 -9.37
N SER F 297 -16.21 -29.67 -9.11
CA SER F 297 -17.11 -29.93 -7.97
C SER F 297 -17.99 -31.18 -8.14
N GLU F 298 -18.33 -31.47 -9.39
CA GLU F 298 -19.16 -32.62 -9.73
C GLU F 298 -18.43 -33.93 -9.57
N VAL F 299 -17.10 -33.87 -9.63
CA VAL F 299 -16.27 -35.05 -9.79
C VAL F 299 -16.39 -36.13 -8.68
N ASN F 300 -16.62 -35.69 -7.44
CA ASN F 300 -16.85 -36.63 -6.35
C ASN F 300 -18.23 -37.27 -6.39
N ASP F 301 -19.21 -36.48 -6.83
CA ASP F 301 -20.59 -36.93 -7.02
C ASP F 301 -20.68 -37.98 -8.13
N LEU F 302 -20.05 -37.70 -9.27
CA LEU F 302 -20.05 -38.64 -10.39
C LEU F 302 -19.52 -40.02 -9.99
N ALA F 303 -18.37 -40.06 -9.33
CA ALA F 303 -17.72 -41.33 -8.99
C ALA F 303 -18.44 -42.15 -7.91
N ALA F 304 -19.46 -41.57 -7.30
CA ALA F 304 -20.25 -42.28 -6.29
C ALA F 304 -21.35 -43.11 -6.95
N ILE F 305 -21.77 -42.68 -8.14
CA ILE F 305 -22.72 -43.45 -8.93
C ILE F 305 -22.15 -44.85 -9.15
N PRO F 306 -23.02 -45.87 -9.16
CA PRO F 306 -22.63 -47.27 -9.30
C PRO F 306 -21.94 -47.61 -10.63
N HIS F 307 -20.99 -48.54 -10.57
CA HIS F 307 -20.27 -48.99 -11.76
C HIS F 307 -19.70 -47.83 -12.61
N ALA F 308 -19.10 -46.84 -11.94
CA ALA F 308 -18.55 -45.67 -12.63
C ALA F 308 -17.11 -45.89 -13.03
N THR F 309 -16.67 -45.16 -14.06
CA THR F 309 -15.38 -45.39 -14.67
C THR F 309 -14.84 -44.12 -15.28
N LEU F 310 -13.55 -43.90 -15.12
CA LEU F 310 -12.94 -42.68 -15.61
C LEU F 310 -12.01 -42.96 -16.79
N LEU F 311 -12.34 -42.39 -17.94
CA LEU F 311 -11.45 -42.49 -19.09
C LEU F 311 -10.72 -41.18 -19.20
N LEU F 312 -9.40 -41.24 -19.19
CA LEU F 312 -8.61 -40.03 -19.13
C LEU F 312 -7.67 -39.90 -20.32
N ASN F 313 -7.78 -38.79 -21.04
CA ASN F 313 -6.84 -38.44 -22.10
C ASN F 313 -5.91 -37.34 -21.63
N THR F 314 -4.90 -37.06 -22.42
CA THR F 314 -4.10 -35.86 -22.21
C THR F 314 -4.59 -34.89 -23.27
N GLY F 315 -3.96 -33.73 -23.38
CA GLY F 315 -4.36 -32.77 -24.38
C GLY F 315 -5.82 -32.36 -24.25
N SER F 316 -6.48 -32.81 -23.18
CA SER F 316 -7.74 -32.23 -22.75
C SER F 316 -7.46 -30.81 -22.30
N VAL F 317 -8.46 -29.94 -22.39
CA VAL F 317 -8.26 -28.55 -22.01
C VAL F 317 -8.45 -28.33 -20.51
N ALA F 318 -8.87 -29.38 -19.80
CA ALA F 318 -9.05 -29.31 -18.35
C ALA F 318 -7.75 -28.93 -17.65
N PRO F 319 -7.85 -28.08 -16.60
CA PRO F 319 -6.69 -27.66 -15.80
C PRO F 319 -6.13 -28.83 -14.98
N PRO F 320 -4.80 -28.92 -14.87
CA PRO F 320 -4.13 -30.02 -14.15
C PRO F 320 -4.69 -30.22 -12.74
N GLU F 321 -4.93 -29.11 -12.04
CA GLU F 321 -5.54 -29.13 -10.72
C GLU F 321 -6.84 -29.97 -10.66
N MET F 322 -7.56 -30.04 -11.77
CA MET F 322 -8.83 -30.77 -11.82
C MET F 322 -8.63 -32.26 -12.09
N LEU F 323 -7.73 -32.60 -13.01
CA LEU F 323 -7.40 -34.00 -13.29
C LEU F 323 -6.90 -34.69 -12.01
N LYS F 324 -6.18 -33.93 -11.18
CA LYS F 324 -5.77 -34.38 -9.85
C LYS F 324 -7.00 -34.65 -8.96
N ALA F 325 -7.90 -33.68 -8.94
CA ALA F 325 -9.19 -33.83 -8.26
C ALA F 325 -9.87 -35.13 -8.64
N ALA F 326 -10.01 -35.35 -9.94
CA ALA F 326 -10.73 -36.51 -10.46
C ALA F 326 -10.01 -37.81 -10.18
N ILE F 327 -8.72 -37.87 -10.50
CA ILE F 327 -7.98 -39.11 -10.34
C ILE F 327 -8.02 -39.57 -8.89
N ARG F 328 -7.88 -38.64 -7.96
CA ARG F 328 -8.04 -39.00 -6.57
C ARG F 328 -9.46 -39.48 -6.29
N ALA F 329 -10.45 -38.77 -6.84
CA ALA F 329 -11.86 -39.07 -6.54
C ALA F 329 -12.26 -40.52 -6.82
N TYR F 330 -11.79 -41.06 -7.96
CA TYR F 330 -12.07 -42.44 -8.34
C TYR F 330 -11.24 -43.46 -7.57
N ASN F 331 -10.09 -43.03 -7.07
CA ASN F 331 -9.26 -43.90 -6.25
C ASN F 331 -9.81 -44.02 -4.83
N ASP F 332 -10.44 -42.94 -4.38
CA ASP F 332 -11.02 -42.90 -3.06
C ASP F 332 -12.14 -43.91 -2.90
N VAL F 333 -12.86 -44.16 -3.99
CA VAL F 333 -14.01 -45.07 -3.98
C VAL F 333 -13.66 -46.41 -4.64
N LYS F 334 -12.43 -46.54 -5.10
CA LYS F 334 -11.90 -47.78 -5.66
C LYS F 334 -12.57 -48.19 -6.95
N ARG F 335 -12.68 -47.25 -7.88
CA ARG F 335 -13.23 -47.52 -9.19
C ARG F 335 -12.12 -47.34 -10.22
N PRO F 336 -12.23 -48.04 -11.37
CA PRO F 336 -11.20 -48.17 -12.41
C PRO F 336 -10.93 -46.87 -13.15
N ILE F 337 -9.67 -46.64 -13.48
CA ILE F 337 -9.27 -45.52 -14.33
C ILE F 337 -8.50 -46.02 -15.55
N VAL F 338 -8.85 -45.52 -16.72
CA VAL F 338 -8.15 -45.87 -17.95
C VAL F 338 -7.41 -44.65 -18.47
N PHE F 339 -6.10 -44.79 -18.63
CA PHE F 339 -5.25 -43.67 -18.99
C PHE F 339 -4.82 -43.81 -20.43
N ASP F 340 -4.94 -42.73 -21.19
CA ASP F 340 -4.51 -42.73 -22.58
C ASP F 340 -3.75 -41.47 -22.92
N PRO F 341 -2.41 -41.49 -22.70
CA PRO F 341 -1.56 -40.35 -23.03
C PRO F 341 -1.31 -40.27 -24.53
N VAL F 342 -1.82 -39.22 -25.19
CA VAL F 342 -1.56 -39.06 -26.61
C VAL F 342 -0.30 -38.20 -26.80
N GLY F 343 0.86 -38.81 -26.54
CA GLY F 343 2.18 -38.17 -26.60
C GLY F 343 3.19 -38.89 -25.69
N ALA F 346 6.30 -36.99 -26.86
CA ALA F 346 5.98 -36.42 -28.17
C ALA F 346 6.40 -34.96 -28.36
N THR F 347 6.06 -34.10 -27.41
CA THR F 347 6.57 -32.72 -27.35
C THR F 347 6.89 -32.36 -25.91
N GLU F 348 7.75 -31.37 -25.72
CA GLU F 348 8.23 -31.02 -24.38
C GLU F 348 7.09 -30.81 -23.39
N THR F 349 6.13 -29.96 -23.74
CA THR F 349 5.02 -29.63 -22.83
C THR F 349 4.15 -30.83 -22.44
N ARG F 350 3.90 -31.72 -23.41
CA ARG F 350 3.04 -32.90 -23.19
C ARG F 350 3.74 -33.97 -22.36
N LEU F 351 4.98 -34.27 -22.73
CA LEU F 351 5.84 -35.12 -21.90
C LEU F 351 5.76 -34.73 -20.43
N LEU F 352 5.80 -33.44 -20.14
CA LEU F 352 5.67 -32.95 -18.78
C LEU F 352 4.31 -33.27 -18.14
N LEU F 353 3.27 -32.70 -18.74
CA LEU F 353 1.90 -32.90 -18.26
C LEU F 353 1.56 -34.37 -17.94
N ASN F 354 2.00 -35.27 -18.82
CA ASN F 354 1.74 -36.70 -18.65
C ASN F 354 2.43 -37.29 -17.44
N ASN F 355 3.75 -37.22 -17.40
CA ASN F 355 4.47 -37.70 -16.23
C ASN F 355 3.86 -37.15 -14.95
N LYS F 356 3.31 -35.94 -15.03
CA LYS F 356 2.69 -35.32 -13.87
C LYS F 356 1.38 -36.00 -13.44
N LEU F 357 0.56 -36.41 -14.40
CA LEU F 357 -0.69 -37.10 -14.07
C LEU F 357 -0.40 -38.48 -13.51
N LEU F 358 0.63 -39.14 -14.05
CA LEU F 358 0.98 -40.49 -13.62
C LEU F 358 1.47 -40.55 -12.16
N THR F 359 1.39 -39.42 -11.47
CA THR F 359 1.76 -39.38 -10.06
C THR F 359 0.61 -38.83 -9.21
N PHE F 360 -0.58 -38.73 -9.81
CA PHE F 360 -1.74 -38.25 -9.08
C PHE F 360 -2.52 -39.38 -8.42
N GLY F 361 -2.40 -40.59 -8.97
CA GLY F 361 -3.11 -41.74 -8.47
C GLY F 361 -2.79 -43.05 -9.18
N GLN F 362 -3.55 -44.10 -8.85
CA GLN F 362 -3.30 -45.46 -9.34
C GLN F 362 -4.23 -45.86 -10.49
N PHE F 363 -3.65 -46.07 -11.66
CA PHE F 363 -4.42 -46.43 -12.85
C PHE F 363 -4.62 -47.93 -12.98
N SER F 364 -5.74 -48.31 -13.59
CA SER F 364 -6.05 -49.72 -13.88
C SER F 364 -5.60 -50.14 -15.28
N CYS F 365 -5.54 -49.20 -16.20
CA CYS F 365 -5.02 -49.56 -17.52
C CYS F 365 -4.45 -48.36 -18.28
N ILE F 366 -3.29 -48.58 -18.90
CA ILE F 366 -2.65 -47.57 -19.74
C ILE F 366 -2.65 -48.05 -21.17
N LYS F 367 -3.12 -47.21 -22.07
CA LYS F 367 -3.20 -47.57 -23.48
C LYS F 367 -2.31 -46.67 -24.33
N GLY F 368 -1.53 -47.25 -25.22
CA GLY F 368 -0.72 -46.46 -26.13
C GLY F 368 -0.42 -47.18 -27.42
N ASN F 369 0.15 -46.46 -28.38
CA ASN F 369 0.64 -47.07 -29.61
C ASN F 369 2.16 -47.11 -29.61
N SER F 370 2.74 -47.80 -30.59
CA SER F 370 4.20 -47.93 -30.70
C SER F 370 4.99 -46.76 -30.07
N SER F 371 4.75 -45.55 -30.55
CA SER F 371 5.43 -44.36 -30.04
C SER F 371 5.21 -44.19 -28.54
N GLU F 372 3.95 -43.96 -28.17
CA GLU F 372 3.56 -43.74 -26.77
C GLU F 372 4.07 -44.83 -25.84
N ILE F 373 3.95 -46.08 -26.24
CA ILE F 373 4.41 -47.17 -25.38
C ILE F 373 5.93 -47.22 -25.24
N LEU F 374 6.65 -46.75 -26.24
CA LEU F 374 8.11 -46.75 -26.17
C LEU F 374 8.67 -45.73 -25.19
N GLY F 375 8.08 -44.54 -25.19
CA GLY F 375 8.54 -43.48 -24.31
C GLY F 375 8.25 -43.77 -22.86
N LEU F 376 7.07 -44.35 -22.60
CA LEU F 376 6.67 -44.63 -21.24
C LEU F 376 7.59 -45.68 -20.62
N ALA F 377 8.21 -46.49 -21.47
CA ALA F 377 9.17 -47.49 -21.01
C ALA F 377 10.56 -46.88 -20.86
N GLU F 378 10.77 -45.76 -21.54
CA GLU F 378 12.06 -45.06 -21.50
C GLU F 378 13.08 -45.84 -22.31
N LEU F 379 12.77 -46.09 -23.58
CA LEU F 379 13.64 -46.91 -24.41
C LEU F 379 14.99 -46.23 -24.67
N SER F 394 10.05 -52.66 -34.62
CA SER F 394 10.34 -54.06 -34.30
C SER F 394 9.15 -54.69 -33.62
N ASN F 395 9.16 -56.03 -33.46
CA ASN F 395 8.05 -56.70 -32.77
C ASN F 395 8.40 -57.35 -31.42
N GLU F 396 9.66 -57.77 -31.28
CA GLU F 396 10.12 -58.26 -29.99
C GLU F 396 10.32 -57.09 -29.05
N LEU F 397 10.58 -55.92 -29.65
CA LEU F 397 10.82 -54.70 -28.92
C LEU F 397 9.56 -54.15 -28.28
N LEU F 398 8.46 -54.19 -29.04
CA LEU F 398 7.17 -53.70 -28.55
C LEU F 398 6.60 -54.57 -27.44
N ILE F 399 7.03 -55.83 -27.38
CA ILE F 399 6.61 -56.72 -26.29
C ILE F 399 7.36 -56.46 -24.98
N GLN F 400 8.65 -56.14 -25.09
CA GLN F 400 9.45 -55.88 -23.90
C GLN F 400 9.08 -54.54 -23.26
N ALA F 401 8.69 -53.57 -24.10
CA ALA F 401 8.28 -52.24 -23.64
C ALA F 401 6.90 -52.31 -22.98
N THR F 402 5.96 -52.97 -23.64
CA THR F 402 4.67 -53.20 -23.04
C THR F 402 4.78 -53.86 -21.66
N LYS F 403 5.74 -54.75 -21.49
CA LYS F 403 5.92 -55.39 -20.19
C LYS F 403 6.51 -54.40 -19.20
N ILE F 404 7.48 -53.61 -19.66
CA ILE F 404 8.12 -52.59 -18.82
C ILE F 404 7.09 -51.58 -18.29
N VAL F 405 6.27 -51.05 -19.21
CA VAL F 405 5.24 -50.10 -18.83
C VAL F 405 4.27 -50.70 -17.83
N ALA F 406 3.75 -51.88 -18.17
CA ALA F 406 2.82 -52.57 -17.29
C ALA F 406 3.40 -52.76 -15.90
N PHE F 407 4.68 -53.09 -15.83
CA PHE F 407 5.28 -53.33 -14.52
C PHE F 407 5.63 -52.04 -13.79
N LYS F 408 6.21 -51.09 -14.51
CA LYS F 408 6.63 -49.81 -13.94
C LYS F 408 5.50 -49.11 -13.19
N TYR F 409 4.34 -48.99 -13.86
CA TYR F 409 3.21 -48.23 -13.34
C TYR F 409 2.16 -49.10 -12.69
N LYS F 410 2.50 -50.37 -12.46
CA LYS F 410 1.62 -51.34 -11.81
C LYS F 410 0.16 -51.35 -12.31
N THR F 411 -0.04 -51.97 -13.47
CA THR F 411 -1.27 -51.82 -14.23
C THR F 411 -1.30 -52.79 -15.43
N VAL F 412 -2.47 -52.93 -16.06
CA VAL F 412 -2.56 -53.62 -17.33
C VAL F 412 -2.28 -52.61 -18.44
N ALA F 413 -1.34 -52.94 -19.35
CA ALA F 413 -0.93 -51.99 -20.39
C ALA F 413 -1.13 -52.53 -21.80
N VAL F 414 -1.54 -51.66 -22.72
CA VAL F 414 -2.00 -52.11 -24.02
C VAL F 414 -1.30 -51.36 -25.14
N CYS F 415 -0.52 -52.08 -25.94
CA CYS F 415 0.16 -51.51 -27.10
C CYS F 415 -0.60 -51.85 -28.37
N THR F 416 -1.07 -50.81 -29.06
CA THR F 416 -1.89 -50.97 -30.25
C THR F 416 -1.11 -50.83 -31.56
N GLY F 417 -1.32 -51.79 -32.46
CA GLY F 417 -0.65 -51.85 -33.76
C GLY F 417 -1.39 -52.83 -34.66
N GLU F 418 -0.68 -53.47 -35.59
CA GLU F 418 -1.27 -54.58 -36.34
C GLU F 418 -1.52 -55.69 -35.33
N PHE F 419 -0.51 -55.94 -34.51
CA PHE F 419 -0.67 -56.77 -33.33
C PHE F 419 -0.91 -55.85 -32.17
N ASP F 420 -1.81 -56.26 -31.27
CA ASP F 420 -1.98 -55.57 -30.01
C ASP F 420 -1.39 -56.44 -28.90
N PHE F 421 -0.67 -55.81 -27.97
CA PHE F 421 -0.04 -56.52 -26.87
C PHE F 421 -0.61 -56.08 -25.53
N ILE F 422 -0.96 -57.03 -24.69
CA ILE F 422 -1.51 -56.74 -23.39
C ILE F 422 -0.66 -57.39 -22.31
N ALA F 423 -0.35 -56.64 -21.25
CA ALA F 423 0.56 -57.10 -20.20
C ALA F 423 0.04 -56.79 -18.79
N ASP F 424 -0.21 -57.81 -17.98
CA ASP F 424 -0.70 -57.62 -16.61
C ASP F 424 0.43 -57.42 -15.61
N GLY F 425 0.71 -56.17 -15.29
CA GLY F 425 1.78 -55.87 -14.37
C GLY F 425 1.32 -55.64 -12.95
N THR F 426 0.12 -56.08 -12.60
CA THR F 426 -0.44 -55.75 -11.28
C THR F 426 0.04 -56.65 -10.13
N ILE F 427 0.49 -57.85 -10.45
CA ILE F 427 1.04 -58.74 -9.43
C ILE F 427 0.14 -58.87 -8.21
N GLU F 428 -1.18 -58.77 -8.43
CA GLU F 428 -2.15 -58.96 -7.35
C GLU F 428 -2.11 -57.85 -6.28
N GLY F 429 -1.57 -56.69 -6.66
CA GLY F 429 -1.53 -55.55 -5.78
C GLY F 429 -0.71 -55.81 -4.53
N LYS F 430 0.41 -56.49 -4.73
CA LYS F 430 1.26 -56.92 -3.64
C LYS F 430 2.43 -55.96 -3.40
N TYR F 431 2.61 -55.55 -2.15
CA TYR F 431 3.77 -54.76 -1.77
C TYR F 431 4.35 -55.15 -0.42
N SER F 432 5.65 -54.93 -0.28
CA SER F 432 6.35 -55.22 0.96
C SER F 432 7.66 -54.43 1.01
N LEU F 433 8.05 -54.06 2.21
CA LEU F 433 9.29 -53.32 2.43
C LEU F 433 10.53 -54.05 1.91
N SER F 434 11.36 -53.32 1.16
CA SER F 434 12.71 -53.76 0.75
C SER F 434 12.84 -55.07 -0.03
N LYS F 435 11.89 -55.98 0.19
CA LYS F 435 11.97 -57.37 -0.32
C LYS F 435 12.34 -57.52 -1.81
N GLY F 436 11.58 -56.92 -2.73
CA GLY F 436 10.41 -56.13 -2.41
C GLY F 436 9.18 -56.75 -3.04
N THR F 437 9.33 -57.24 -4.27
CA THR F 437 8.32 -58.08 -4.91
C THR F 437 8.65 -59.52 -4.59
N ASN F 438 7.88 -60.45 -5.15
CA ASN F 438 8.16 -61.87 -4.98
C ASN F 438 8.90 -62.45 -6.18
N GLY F 439 10.05 -61.85 -6.50
CA GLY F 439 10.88 -62.27 -7.62
C GLY F 439 10.21 -62.14 -8.98
N THR F 440 9.12 -61.38 -9.04
CA THR F 440 8.40 -61.12 -10.28
C THR F 440 8.92 -59.86 -10.94
N SER F 441 9.72 -60.02 -11.99
CA SER F 441 10.40 -58.88 -12.61
C SER F 441 9.64 -58.32 -13.79
N VAL F 442 10.26 -57.38 -14.48
CA VAL F 442 9.70 -56.81 -15.70
C VAL F 442 9.63 -57.88 -16.79
N GLU F 443 10.50 -58.88 -16.70
CA GLU F 443 10.65 -59.86 -17.78
C GLU F 443 9.64 -61.01 -17.76
N ASP F 444 8.98 -61.21 -16.62
CA ASP F 444 8.15 -62.40 -16.42
C ASP F 444 6.74 -62.16 -15.87
N ILE F 445 6.08 -61.10 -16.32
CA ILE F 445 4.65 -60.92 -16.08
C ILE F 445 3.89 -61.52 -17.24
N PRO F 446 2.64 -61.96 -17.01
CA PRO F 446 1.80 -62.41 -18.13
C PRO F 446 1.62 -61.33 -19.20
N CYS F 447 2.06 -61.62 -20.42
CA CYS F 447 1.81 -60.75 -21.56
C CYS F 447 1.31 -61.54 -22.75
N VAL F 448 0.15 -61.15 -23.28
CA VAL F 448 -0.50 -61.85 -24.38
C VAL F 448 -0.69 -60.94 -25.59
N ALA F 449 -0.90 -61.53 -26.76
CA ALA F 449 -1.07 -60.78 -28.01
C ALA F 449 -2.40 -61.05 -28.73
N VAL F 450 -2.78 -60.15 -29.62
CA VAL F 450 -4.06 -60.22 -30.32
C VAL F 450 -3.94 -59.66 -31.75
N GLU F 451 -4.24 -60.48 -32.75
CA GLU F 451 -4.12 -60.05 -34.15
C GLU F 451 -5.22 -60.60 -35.05
N ALA F 452 -5.45 -59.93 -36.19
CA ALA F 452 -6.43 -60.40 -37.14
C ALA F 452 -6.09 -60.05 -38.60
N GLY F 453 -4.82 -59.75 -38.87
CA GLY F 453 -4.38 -59.43 -40.22
C GLY F 453 -4.30 -57.94 -40.45
N PRO F 454 -3.90 -57.54 -41.67
CA PRO F 454 -3.78 -56.12 -42.09
C PRO F 454 -5.13 -55.44 -42.33
N ILE F 455 -5.26 -54.18 -41.91
CA ILE F 455 -6.53 -53.45 -42.02
C ILE F 455 -6.36 -51.99 -42.49
N GLY F 465 -8.58 -46.04 -31.92
CA GLY F 465 -7.59 -45.20 -31.27
C GLY F 465 -7.94 -44.86 -29.83
N CYS F 466 -8.60 -43.72 -29.63
CA CYS F 466 -9.21 -43.37 -28.34
C CYS F 466 -10.53 -44.10 -28.17
N SER F 467 -10.96 -44.75 -29.25
CA SER F 467 -12.11 -45.63 -29.24
C SER F 467 -11.80 -46.84 -28.35
N LEU F 468 -10.67 -47.48 -28.60
CA LEU F 468 -10.22 -48.59 -27.78
C LEU F 468 -10.16 -48.24 -26.29
N GLY F 469 -9.90 -46.98 -25.98
CA GLY F 469 -9.96 -46.51 -24.62
C GLY F 469 -11.36 -46.66 -24.06
N SER F 470 -12.33 -46.06 -24.75
CA SER F 470 -13.73 -46.12 -24.37
C SER F 470 -14.25 -47.56 -24.28
N THR F 471 -13.83 -48.40 -25.23
CA THR F 471 -14.21 -49.80 -25.23
C THR F 471 -13.71 -50.52 -23.98
N ILE F 472 -12.41 -50.41 -23.72
CA ILE F 472 -11.82 -50.99 -22.51
C ILE F 472 -12.50 -50.45 -21.27
N ALA F 473 -12.76 -49.15 -21.26
CA ALA F 473 -13.30 -48.52 -20.06
C ALA F 473 -14.67 -49.08 -19.70
N CYS F 474 -15.42 -49.48 -20.74
CA CYS F 474 -16.74 -50.08 -20.58
C CYS F 474 -16.70 -51.53 -20.11
N MET F 475 -15.79 -52.32 -20.68
CA MET F 475 -15.63 -53.71 -20.29
C MET F 475 -15.12 -53.88 -18.87
N ILE F 476 -14.24 -52.97 -18.42
CA ILE F 476 -13.80 -52.94 -17.03
C ILE F 476 -14.88 -52.38 -16.11
N GLY F 477 -15.61 -51.38 -16.61
CA GLY F 477 -16.65 -50.73 -15.83
C GLY F 477 -17.70 -51.71 -15.36
N GLY F 478 -18.09 -52.60 -16.26
CA GLY F 478 -19.13 -53.57 -15.99
C GLY F 478 -18.80 -54.61 -14.92
N GLN F 479 -17.53 -55.01 -14.88
CA GLN F 479 -17.09 -56.03 -13.92
C GLN F 479 -17.55 -55.78 -12.49
N PRO F 480 -18.02 -56.87 -11.82
CA PRO F 480 -18.45 -56.90 -10.43
C PRO F 480 -17.30 -57.31 -9.51
N SER F 481 -17.55 -57.32 -8.21
CA SER F 481 -16.55 -57.62 -7.20
C SER F 481 -15.68 -58.86 -7.52
N GLU F 482 -16.24 -59.83 -8.25
CA GLU F 482 -15.60 -61.12 -8.45
C GLU F 482 -14.87 -61.22 -9.78
N GLY F 483 -15.03 -60.20 -10.61
CA GLY F 483 -14.53 -60.23 -11.97
C GLY F 483 -13.02 -60.27 -12.05
N ASN F 484 -12.49 -59.83 -13.18
CA ASN F 484 -11.06 -59.80 -13.37
C ASN F 484 -10.65 -58.67 -14.28
N LEU F 485 -9.78 -57.79 -13.77
CA LEU F 485 -9.30 -56.64 -14.53
C LEU F 485 -8.65 -57.09 -15.83
N PHE F 486 -7.69 -57.99 -15.72
CA PHE F 486 -6.93 -58.45 -16.89
C PHE F 486 -7.83 -58.99 -18.01
N HIS F 487 -8.66 -59.99 -17.69
CA HIS F 487 -9.56 -60.58 -18.66
C HIS F 487 -10.45 -59.54 -19.32
N ALA F 488 -10.89 -58.55 -18.53
CA ALA F 488 -11.74 -57.50 -19.06
C ALA F 488 -10.98 -56.62 -20.05
N VAL F 489 -9.76 -56.24 -19.70
CA VAL F 489 -8.96 -55.43 -20.62
C VAL F 489 -8.82 -56.13 -21.95
N VAL F 490 -8.54 -57.43 -21.89
CA VAL F 490 -8.38 -58.25 -23.09
C VAL F 490 -9.70 -58.34 -23.84
N ALA F 491 -10.77 -58.64 -23.11
CA ALA F 491 -12.10 -58.68 -23.69
C ALA F 491 -12.30 -57.46 -24.58
N GLY F 492 -11.98 -56.28 -24.06
CA GLY F 492 -12.18 -55.06 -24.81
C GLY F 492 -11.37 -55.03 -26.08
N VAL F 493 -10.09 -55.38 -25.98
CA VAL F 493 -9.21 -55.37 -27.13
C VAL F 493 -9.71 -56.32 -28.23
N MET F 494 -10.19 -57.49 -27.82
CA MET F 494 -10.77 -58.45 -28.76
C MET F 494 -11.95 -57.84 -29.48
N LEU F 495 -12.97 -57.49 -28.70
CA LEU F 495 -14.13 -56.77 -29.20
C LEU F 495 -13.74 -55.69 -30.22
N TYR F 496 -12.81 -54.83 -29.86
CA TYR F 496 -12.49 -53.70 -30.72
C TYR F 496 -11.78 -54.15 -31.98
N LYS F 497 -10.93 -55.14 -31.81
CA LYS F 497 -10.22 -55.78 -32.93
C LYS F 497 -11.21 -56.44 -33.90
N ALA F 498 -12.12 -57.26 -33.37
CA ALA F 498 -13.11 -57.94 -34.19
C ALA F 498 -13.98 -56.95 -34.96
N ALA F 499 -14.43 -55.91 -34.27
CA ALA F 499 -15.24 -54.87 -34.89
C ALA F 499 -14.45 -54.13 -35.97
N GLY F 500 -13.13 -54.25 -35.90
CA GLY F 500 -12.25 -53.69 -36.90
C GLY F 500 -12.36 -54.43 -38.22
N LYS F 501 -12.14 -55.75 -38.20
CA LYS F 501 -12.16 -56.54 -39.43
C LYS F 501 -13.51 -56.43 -40.12
N ILE F 502 -14.57 -56.46 -39.32
CA ILE F 502 -15.93 -56.43 -39.84
C ILE F 502 -16.25 -55.11 -40.55
N ALA F 503 -15.83 -54.01 -39.96
CA ALA F 503 -16.06 -52.70 -40.56
C ALA F 503 -15.26 -52.55 -41.85
N SER F 504 -14.00 -52.95 -41.81
CA SER F 504 -13.11 -52.77 -42.96
C SER F 504 -13.71 -53.40 -44.22
N GLU F 505 -14.54 -54.42 -44.03
CA GLU F 505 -15.11 -55.12 -45.15
C GLU F 505 -16.37 -54.46 -45.71
N LYS F 506 -17.26 -54.03 -44.82
CA LYS F 506 -18.55 -53.46 -45.23
C LYS F 506 -18.51 -51.95 -45.48
N CYS F 507 -17.36 -51.42 -45.88
CA CYS F 507 -17.23 -49.98 -46.01
C CYS F 507 -16.67 -49.49 -47.34
N ASN F 508 -16.87 -48.21 -47.61
CA ASN F 508 -16.46 -47.61 -48.87
C ASN F 508 -15.41 -46.52 -48.69
N GLY F 509 -14.94 -46.33 -47.47
CA GLY F 509 -13.96 -45.27 -47.18
C GLY F 509 -13.82 -44.89 -45.70
N SER F 510 -12.99 -43.89 -45.41
CA SER F 510 -12.76 -43.45 -44.05
C SER F 510 -14.06 -43.27 -43.30
N GLY F 511 -14.91 -42.41 -43.86
CA GLY F 511 -16.21 -42.11 -43.31
C GLY F 511 -17.05 -43.33 -43.02
N SER F 512 -17.44 -44.07 -44.06
CA SER F 512 -18.29 -45.22 -43.82
C SER F 512 -17.63 -46.19 -42.86
N PHE F 513 -16.30 -46.22 -42.83
CA PHE F 513 -15.60 -47.13 -41.92
C PHE F 513 -15.95 -46.79 -40.49
N GLN F 514 -15.82 -45.52 -40.16
CA GLN F 514 -16.05 -45.09 -38.80
C GLN F 514 -17.46 -45.49 -38.31
N VAL F 515 -18.49 -45.11 -39.06
CA VAL F 515 -19.85 -45.44 -38.68
C VAL F 515 -20.06 -46.96 -38.62
N GLU F 516 -19.62 -47.67 -39.64
CA GLU F 516 -19.71 -49.14 -39.64
C GLU F 516 -19.06 -49.79 -38.42
N LEU F 517 -17.96 -49.22 -37.93
CA LEU F 517 -17.24 -49.73 -36.77
C LEU F 517 -18.12 -49.68 -35.53
N ILE F 518 -18.77 -48.54 -35.36
CA ILE F 518 -19.66 -48.35 -34.23
C ILE F 518 -20.82 -49.34 -34.32
N ASP F 519 -21.34 -49.52 -35.53
CA ASP F 519 -22.41 -50.50 -35.77
C ASP F 519 -21.98 -51.91 -35.38
N ALA F 520 -20.77 -52.29 -35.74
CA ALA F 520 -20.30 -53.65 -35.47
C ALA F 520 -20.08 -53.88 -33.98
N LEU F 521 -19.82 -52.83 -33.23
CA LEU F 521 -19.69 -52.95 -31.79
C LEU F 521 -21.05 -53.26 -31.23
N TYR F 522 -22.04 -52.49 -31.69
CA TYR F 522 -23.43 -52.72 -31.33
C TYR F 522 -23.87 -54.17 -31.59
N ARG F 523 -23.78 -54.61 -32.85
CA ARG F 523 -24.16 -55.97 -33.23
C ARG F 523 -23.46 -57.06 -32.41
N LEU F 524 -22.13 -57.05 -32.44
CA LEU F 524 -21.32 -58.05 -31.73
C LEU F 524 -21.69 -58.28 -30.26
N THR F 525 -22.02 -57.20 -29.54
CA THR F 525 -22.33 -57.30 -28.11
C THR F 525 -23.79 -57.65 -27.84
N ARG F 526 -24.68 -57.28 -28.76
CA ARG F 526 -26.08 -57.68 -28.68
C ARG F 526 -26.26 -59.19 -28.92
N GLU F 527 -25.19 -59.85 -29.35
CA GLU F 527 -25.18 -61.29 -29.48
C GLU F 527 -23.84 -61.82 -29.04
N ASN F 528 -23.66 -62.00 -27.74
CA ASN F 528 -22.40 -62.54 -27.24
C ASN F 528 -22.04 -63.87 -27.85
N THR F 529 -21.47 -63.87 -29.04
CA THR F 529 -20.95 -65.11 -29.59
C THR F 529 -19.50 -64.90 -29.95
N PRO F 530 -18.63 -64.85 -28.93
CA PRO F 530 -17.19 -64.66 -29.12
C PRO F 530 -16.60 -65.80 -29.94
N VAL F 531 -17.11 -67.03 -29.76
CA VAL F 531 -16.64 -68.17 -30.53
C VAL F 531 -16.65 -67.85 -32.03
N THR F 532 -17.38 -66.80 -32.39
CA THR F 532 -17.56 -66.39 -33.78
C THR F 532 -16.47 -65.46 -34.28
N TRP F 533 -15.84 -64.71 -33.37
CA TRP F 533 -14.96 -63.61 -33.73
C TRP F 533 -13.65 -63.99 -34.43
N ALA F 534 -13.23 -63.12 -35.35
CA ALA F 534 -12.01 -63.30 -36.15
C ALA F 534 -10.65 -63.14 -35.43
N PRO F 535 -10.58 -62.30 -34.38
CA PRO F 535 -9.33 -62.07 -33.64
C PRO F 535 -8.79 -63.28 -32.87
N LYS F 536 -7.50 -63.56 -33.08
CA LYS F 536 -6.80 -64.74 -32.58
C LYS F 536 -5.94 -64.41 -31.35
N LEU F 537 -6.20 -65.11 -30.25
CA LEU F 537 -5.55 -64.80 -28.96
C LEU F 537 -4.45 -65.78 -28.56
N THR F 538 -3.19 -65.38 -28.77
CA THR F 538 -2.02 -66.21 -28.51
C THR F 538 -1.14 -65.62 -27.41
N HIS F 539 -0.27 -66.43 -26.82
CA HIS F 539 0.69 -65.92 -25.84
C HIS F 539 1.75 -65.06 -26.48
N THR F 540 2.40 -64.23 -25.66
CA THR F 540 3.47 -63.37 -26.14
C THR F 540 4.80 -63.81 -25.57
MG MG G . 4.40 15.80 -32.03
CM2 TPS H . 8.92 9.74 -39.37
N3 TPS H . 5.74 8.44 -33.92
C2 TPS H . 4.58 7.49 -33.71
S1 TPS H . 5.28 5.84 -33.87
C5 TPS H . 6.75 6.19 -33.25
C4 TPS H . 7.12 7.69 -33.65
CM4 TPS H . 8.37 8.36 -33.10
C6 TPS H . 7.58 5.36 -32.24
C7 TPS H . 8.03 4.02 -32.82
O7 TPS H . 8.94 3.40 -31.96
N1A TPS H . 6.82 9.15 -38.11
C2A TPS H . 8.03 9.77 -38.12
N3A TPS H . 8.51 10.43 -37.01
C4A TPS H . 7.72 10.42 -35.83
N4A TPS H . 8.19 11.08 -34.62
C5A TPS H . 6.46 9.75 -35.81
C6A TPS H . 6.01 9.13 -36.86
C7A TPS H . 5.66 9.76 -34.49
P1 TPS H . 9.41 1.84 -32.16
O1 TPS H . 8.08 0.97 -32.50
O2 TPS H . 10.00 1.34 -30.74
O3 TPS H . 10.38 1.67 -33.21
P1 POP I . 3.25 12.99 -33.90
O1 POP I . 1.88 12.41 -33.63
O2 POP I . 3.31 14.42 -33.40
O3 POP I . 3.53 12.91 -35.39
O POP I . 4.39 12.07 -33.21
P2 POP I . 5.48 12.85 -32.32
O4 POP I . 4.68 13.38 -31.15
O5 POP I . 6.60 11.93 -31.86
O6 POP I . 5.99 13.99 -33.19
MG MG J . 28.42 -17.42 16.76
CM2 TPS K . 36.04 -11.76 16.71
N3 TPS K . 29.76 -10.00 16.21
C2 TPS K . 29.27 -8.94 17.17
S1 TPS K . 29.51 -7.36 16.36
C5 TPS K . 29.49 -7.85 14.80
C4 TPS K . 29.99 -9.36 14.78
CM4 TPS K . 30.27 -10.15 13.52
C6 TPS K . 29.35 -6.93 13.57
C7 TPS K . 30.42 -5.88 13.46
O7 TPS K . 30.64 -5.46 12.15
N1A TPS K . 33.83 -11.01 17.69
C2A TPS K . 34.51 -11.65 16.69
N3A TPS K . 33.86 -12.21 15.62
C4A TPS K . 32.44 -12.11 15.57
N4A TPS K . 31.72 -12.71 14.45
C5A TPS K . 31.73 -11.45 16.61
C6A TPS K . 32.37 -10.91 17.62
C7A TPS K . 30.19 -11.33 16.54
P1 TPS K . 31.12 -3.92 11.82
O1 TPS K . 30.34 -2.86 12.78
O2 TPS K . 30.79 -3.61 10.25
O3 TPS K . 32.54 -3.79 12.05
P1 POP L . 27.72 -14.48 17.94
O1 POP L . 27.57 -13.48 19.06
O2 POP L . 26.48 -15.35 17.73
O3 POP L . 28.90 -15.34 18.29
O POP L . 28.14 -13.72 16.59
P2 POP L . 27.63 -14.35 15.19
O4 POP L . 26.47 -13.54 14.66
O5 POP L . 28.75 -14.29 14.16
O6 POP L . 27.16 -15.77 15.47
MG MG M . 10.86 28.49 -20.13
CM2 TPS N . 7.51 37.72 -17.45
N3 TPS N . 8.50 32.29 -14.23
C2 TPS N . 9.28 32.12 -12.94
S1 TPS N . 8.10 32.29 -11.61
C5 TPS N . 6.68 32.08 -12.37
C4 TPS N . 6.90 32.34 -13.92
CM4 TPS N . 5.77 32.29 -14.93
C6 TPS N . 5.36 31.77 -11.68
C7 TPS N . 4.48 32.94 -11.21
O7 TPS N . 3.14 32.65 -10.90
N1A TPS N . 8.94 36.23 -16.03
C2A TPS N . 7.98 36.34 -16.98
N3A TPS N . 7.40 35.20 -17.52
C4A TPS N . 7.81 33.92 -17.08
N4A TPS N . 7.25 32.69 -17.62
C5A TPS N . 8.81 33.81 -16.08
C6A TPS N . 9.37 34.89 -15.57
C7A TPS N . 9.15 32.43 -15.52
P1 TPS N . 2.46 33.03 -9.43
O1 TPS N . 3.66 33.00 -8.36
O2 TPS N . 1.31 31.93 -9.04
O3 TPS N . 1.92 34.36 -9.29
P1 POP O . 11.36 30.00 -17.52
O1 POP O . 12.39 30.70 -16.64
O2 POP O . 11.92 28.71 -18.09
O3 POP O . 10.96 30.95 -18.65
O POP O . 9.99 29.66 -16.70
P2 POP O . 8.77 29.12 -17.61
O4 POP O . 8.76 27.62 -17.56
O5 POP O . 7.47 29.68 -17.03
O6 POP O . 9.00 29.51 -19.04
MG MG P . -28.38 8.05 22.53
CM2 TPS Q . -26.58 7.23 32.16
N3 TPS Q . -22.65 8.31 27.35
C2 TPS Q . -21.68 9.43 27.68
S1 TPS Q . -20.04 8.72 27.65
C5 TPS Q . -20.31 7.12 27.47
C4 TPS Q . -21.91 6.90 27.45
CM4 TPS Q . -22.56 5.57 27.09
C6 TPS Q . -19.30 5.98 27.67
C7 TPS Q . -18.82 5.69 29.12
O7 TPS Q . -18.08 4.51 29.20
N1A TPS Q . -25.33 8.72 30.60
C2A TPS Q . -25.94 7.53 30.79
N3A TPS Q . -26.03 6.58 29.80
C4A TPS Q . -25.46 6.87 28.53
N4A TPS Q . -25.55 5.90 27.44
C5A TPS Q . -24.82 8.12 28.33
C6A TPS Q . -24.73 9.02 29.28
C7A TPS Q . -24.05 8.42 27.03
P1 TPS Q . -16.61 4.57 29.97
O1 TPS Q . -15.87 6.01 29.71
O2 TPS Q . -15.73 3.34 29.32
O3 TPS Q . -16.78 4.46 31.43
P1 POP R . -26.27 9.52 24.11
O1 POP R . -25.71 10.80 24.65
O2 POP R . -26.69 9.77 22.68
O3 POP R . -27.45 9.06 24.92
O POP R . -25.15 8.39 24.26
P2 POP R . -25.48 6.90 23.72
O4 POP R . -24.95 6.74 22.31
O5 POP R . -24.83 5.89 24.65
O6 POP R . -26.97 6.74 23.69
MG MG S . -35.26 -5.18 9.62
CM2 TPS T . -41.50 -3.98 2.50
N3 TPS T . -35.35 -5.62 2.14
C2 TPS T . -35.34 -6.71 1.11
S1 TPS T . -34.47 -6.07 -0.32
C5 TPS T . -34.05 -4.57 0.15
C4 TPS T . -34.92 -4.25 1.45
CM4 TPS T . -34.95 -2.89 2.14
C6 TPS T . -33.48 -3.51 -0.80
C7 TPS T . -34.52 -2.99 -1.82
O7 TPS T . -34.01 -1.98 -2.66
N1A TPS T . -39.66 -5.69 2.38
C2A TPS T . -40.08 -4.45 2.77
N3A TPS T . -39.22 -3.58 3.41
C4A TPS T . -37.88 -3.96 3.67
N4A TPS T . -36.98 -3.06 4.37
C5A TPS T . -37.45 -5.26 3.29
C6A TPS T . -38.26 -6.09 2.66
C7A TPS T . -35.97 -5.67 3.45
P1 TPS T . -33.52 -2.47 -4.17
O1 TPS T . -33.42 -4.11 -4.19
O2 TPS T . -32.04 -1.79 -4.47
O3 TPS T . -34.51 -2.11 -5.21
P1 POP U . -35.19 -6.86 7.00
O1 POP U . -35.46 -8.17 6.28
O2 POP U . -34.54 -7.13 8.34
O3 POP U . -36.49 -6.14 7.26
O POP U . -34.29 -5.87 6.07
P2 POP U . -34.10 -4.35 6.58
O4 POP U . -32.74 -4.11 7.20
O5 POP U . -34.30 -3.44 5.39
O6 POP U . -35.13 -4.06 7.62
MG MG V . 20.52 -30.30 3.96
CM2 TPS W . 16.07 -39.30 5.31
N3 TPS W . 14.11 -33.52 3.03
C2 TPS W . 13.37 -34.05 1.82
S1 TPS W . 11.63 -33.73 2.06
C5 TPS W . 11.60 -33.01 3.51
C4 TPS W . 13.05 -33.05 4.14
CM4 TPS W . 13.31 -33.08 5.63
C6 TPS W . 10.27 -32.72 4.26
C7 TPS W . 9.10 -33.69 4.01
O7 TPS W . 8.18 -33.84 5.06
N1A TPS W . 15.56 -37.65 3.49
C2A TPS W . 15.95 -37.85 4.78
N3A TPS W . 16.22 -36.78 5.60
C4A TPS W . 16.11 -35.43 5.13
N4A TPS W . 16.39 -34.28 5.99
C5A TPS W . 15.72 -35.23 3.79
C6A TPS W . 15.44 -36.25 2.99
C7A TPS W . 15.51 -33.77 3.28
P1 TPS W . 6.59 -33.86 4.63
O1 TPS W . 6.52 -33.87 3.02
O2 TPS W . 5.96 -32.50 5.28
O3 TPS W . 5.84 -35.02 5.00
P1 POP X . 18.56 -31.71 2.24
O1 POP X . 17.97 -32.73 1.30
O2 POP X . 19.55 -30.82 1.50
O3 POP X . 19.29 -32.43 3.35
O POP X . 17.31 -30.86 2.81
P2 POP X . 17.26 -30.58 4.39
O4 POP X . 17.63 -29.13 4.61
O5 POP X . 15.93 -30.86 5.07
O6 POP X . 18.37 -31.36 5.04
#